data_4LF2
#
_entry.id   4LF2
#
_cell.length_a   74.221
_cell.length_b   99.777
_cell.length_c   100.000
_cell.angle_alpha   67.300
_cell.angle_beta   71.280
_cell.angle_gamma   86.630
#
_symmetry.space_group_name_H-M   'P 1'
#
loop_
_entity.id
_entity.type
_entity.pdbx_description
1 polymer 'Ribulose bisphosphate carboxylase'
2 non-polymer 'MAGNESIUM ION'
3 non-polymer 'SULFATE ION'
4 non-polymer 'CARBONATE ION'
5 water water
#
_entity_poly.entity_id   1
_entity_poly.type   'polypeptide(L)'
_entity_poly.pdbx_seq_one_letter_code
;MGSSHHHHHHSSGLVPRGSHMDQSNRYANLNLKESELIAGGRHVLCAYIMKPKAGFGNFIQTAAHFAAESSTGTNVEVST
TDDFTRGVDALVYEVDEANSLMKIAYPIELFDRNVIDGRAMIASFLTLTIGNNQGMGDVEYAKMYDFYVPPAYLKLFDGP
STTIKDLWRVLGRPVINGGFIVGTIIKPKLGLRPQPFANACYDFWLGGDFI(KCX)NDEPQGNQVFAPFKDTVRAVADAM
RRAQDKTGEAKLFSFNITADDHYEMLARGEFILETFADNADHIAFLVDGYVAGPAAVTTARRAFPKQYLHYHRAGHGAVT
SPQSKRGYTAFVLSKMARLQGASGIHTGTMGFGKMEGEAADRAIAYMITEDAADGPYFHQEWLGMNPTTPIISGGMNALR
MPGFFDNLGHSNLIMTAGGGAFGHVDGGAAGAKSLRQAEQCWKQGADPVEFAKDHREFARAFESFPQDADKLYPNWRAKL
KPQAA
;
_entity_poly.pdbx_strand_id   A,B,C,D,E,F
#
# COMPACT_ATOMS: atom_id res chain seq x y z
N MET A 21 -15.70 -16.06 47.02
CA MET A 21 -14.40 -16.68 47.45
C MET A 21 -13.29 -15.67 47.77
N ASP A 22 -12.45 -16.04 48.71
CA ASP A 22 -11.32 -15.24 49.18
C ASP A 22 -10.07 -15.66 48.39
N GLN A 23 -9.54 -14.74 47.59
CA GLN A 23 -8.34 -14.97 46.74
C GLN A 23 -7.07 -14.25 47.23
N SER A 24 -7.07 -13.85 48.49
CA SER A 24 -5.94 -13.10 49.09
C SER A 24 -4.66 -13.91 49.26
N ASN A 25 -4.79 -15.22 49.47
CA ASN A 25 -3.62 -16.10 49.58
C ASN A 25 -2.78 -16.12 48.29
N ARG A 26 -3.47 -16.14 47.15
CA ARG A 26 -2.82 -16.17 45.83
C ARG A 26 -2.43 -14.79 45.28
N TYR A 27 -3.35 -13.84 45.34
CA TYR A 27 -3.18 -12.50 44.72
C TYR A 27 -2.75 -11.35 45.65
N ALA A 28 -2.39 -11.68 46.89
CA ALA A 28 -1.82 -10.70 47.82
C ALA A 28 -0.57 -11.29 48.45
N ASN A 29 0.49 -10.49 48.45
CA ASN A 29 1.74 -10.81 49.12
C ASN A 29 2.32 -9.50 49.67
N LEU A 30 1.81 -9.14 50.84
CA LEU A 30 2.24 -7.91 51.55
C LEU A 30 3.69 -7.92 52.08
N ASN A 31 4.27 -9.11 52.16
CA ASN A 31 5.69 -9.26 52.52
C ASN A 31 6.67 -8.88 51.41
N LEU A 32 6.19 -8.72 50.17
CA LEU A 32 7.04 -8.23 49.07
C LEU A 32 7.43 -6.79 49.35
N LYS A 33 8.67 -6.46 49.07
CA LYS A 33 9.21 -5.11 49.28
C LYS A 33 9.21 -4.37 47.96
N GLU A 34 8.66 -3.17 47.96
CA GLU A 34 8.60 -2.29 46.78
C GLU A 34 9.97 -2.04 46.15
N SER A 35 10.95 -1.78 47.00
CA SER A 35 12.33 -1.54 46.58
C SER A 35 12.95 -2.73 45.81
N GLU A 36 12.61 -3.94 46.22
CA GLU A 36 13.06 -5.17 45.54
C GLU A 36 12.31 -5.42 44.22
N LEU A 37 11.02 -5.08 44.21
CA LEU A 37 10.20 -5.15 42.98
C LEU A 37 10.73 -4.20 41.91
N ILE A 38 11.07 -2.99 42.33
CA ILE A 38 11.71 -1.98 41.44
C ILE A 38 13.11 -2.47 40.99
N ALA A 39 13.93 -2.90 41.93
CA ALA A 39 15.30 -3.39 41.64
C ALA A 39 15.32 -4.60 40.69
N GLY A 40 14.34 -5.49 40.85
CA GLY A 40 14.19 -6.65 39.96
C GLY A 40 13.91 -6.32 38.50
N GLY A 41 13.25 -5.18 38.26
CA GLY A 41 12.93 -4.71 36.88
C GLY A 41 12.01 -5.60 36.06
N ARG A 42 11.21 -6.41 36.76
CA ARG A 42 10.29 -7.38 36.13
C ARG A 42 8.81 -7.08 36.35
N HIS A 43 8.50 -5.97 37.00
CA HIS A 43 7.11 -5.63 37.35
C HIS A 43 6.74 -4.19 37.06
N VAL A 44 5.55 -4.02 36.48
CA VAL A 44 4.92 -2.70 36.38
C VAL A 44 4.19 -2.56 37.72
N LEU A 45 4.31 -1.40 38.34
CA LEU A 45 3.66 -1.14 39.65
C LEU A 45 2.61 -0.08 39.44
N CYS A 46 1.45 -0.27 40.04
CA CYS A 46 0.35 0.70 39.95
C CYS A 46 -0.16 1.02 41.35
N ALA A 47 -0.41 2.30 41.58
CA ALA A 47 -0.92 2.81 42.86
C ALA A 47 -2.33 3.36 42.65
N TYR A 48 -3.28 2.77 43.38
CA TYR A 48 -4.71 3.15 43.30
C TYR A 48 -5.28 3.62 44.63
N ILE A 49 -6.23 4.55 44.54
CA ILE A 49 -7.08 4.96 45.68
C ILE A 49 -8.40 4.23 45.46
N MET A 50 -8.68 3.25 46.32
CA MET A 50 -9.80 2.32 46.16
C MET A 50 -10.65 2.24 47.43
N LYS A 51 -11.95 2.02 47.24
CA LYS A 51 -12.90 1.80 48.35
C LYS A 51 -13.81 0.61 48.03
N PRO A 52 -13.84 -0.42 48.91
CA PRO A 52 -14.75 -1.52 48.65
C PRO A 52 -16.20 -1.13 48.88
N LYS A 53 -17.10 -1.76 48.12
CA LYS A 53 -18.54 -1.60 48.36
CA LYS A 53 -18.55 -1.60 48.35
C LYS A 53 -18.91 -2.28 49.66
N ALA A 54 -19.92 -1.75 50.35
CA ALA A 54 -20.41 -2.37 51.59
C ALA A 54 -21.07 -3.71 51.25
N GLY A 55 -20.85 -4.70 52.10
CA GLY A 55 -21.48 -6.03 51.95
C GLY A 55 -20.73 -7.10 51.18
N PHE A 56 -19.44 -6.89 50.95
CA PHE A 56 -18.62 -7.87 50.21
C PHE A 56 -17.38 -8.18 51.08
N GLY A 57 -16.22 -8.39 50.47
CA GLY A 57 -15.01 -8.68 51.23
C GLY A 57 -14.42 -7.44 51.88
N ASN A 58 -13.42 -7.68 52.72
CA ASN A 58 -12.66 -6.60 53.37
C ASN A 58 -11.70 -5.91 52.37
N PHE A 59 -10.91 -4.95 52.83
CA PHE A 59 -10.00 -4.19 51.95
C PHE A 59 -8.99 -5.06 51.19
N ILE A 60 -8.28 -5.93 51.92
CA ILE A 60 -7.28 -6.84 51.31
C ILE A 60 -7.92 -7.88 50.39
N GLN A 61 -9.09 -8.38 50.78
CA GLN A 61 -9.88 -9.34 49.96
C GLN A 61 -10.34 -8.73 48.64
N THR A 62 -10.81 -7.50 48.73
CA THR A 62 -11.28 -6.72 47.56
C THR A 62 -10.08 -6.36 46.65
N ALA A 63 -8.98 -5.98 47.27
CA ALA A 63 -7.74 -5.68 46.54
C ALA A 63 -7.20 -6.91 45.79
N ALA A 64 -7.26 -8.06 46.44
CA ALA A 64 -6.82 -9.33 45.84
C ALA A 64 -7.69 -9.72 44.65
N HIS A 65 -8.99 -9.54 44.81
CA HIS A 65 -9.96 -9.76 43.73
C HIS A 65 -9.71 -8.79 42.55
N PHE A 66 -9.45 -7.54 42.88
CA PHE A 66 -9.08 -6.47 41.92
C PHE A 66 -7.86 -6.88 41.10
N ALA A 67 -6.83 -7.34 41.80
CA ALA A 67 -5.60 -7.87 41.18
C ALA A 67 -5.85 -9.08 40.26
N ALA A 68 -6.71 -9.97 40.72
CA ALA A 68 -7.13 -11.17 39.94
C ALA A 68 -7.87 -10.79 38.65
N GLU A 69 -8.82 -9.88 38.77
CA GLU A 69 -9.60 -9.36 37.62
C GLU A 69 -8.73 -8.57 36.62
N SER A 70 -7.67 -7.99 37.14
CA SER A 70 -6.69 -7.22 36.36
C SER A 70 -5.52 -8.03 35.80
N SER A 71 -5.56 -9.35 35.94
CA SER A 71 -4.46 -10.21 35.46
C SER A 71 -4.93 -11.59 34.98
N THR A 72 -4.90 -12.58 35.86
CA THR A 72 -5.12 -13.99 35.46
C THR A 72 -6.44 -14.61 35.90
N GLY A 73 -7.18 -13.91 36.75
CA GLY A 73 -8.31 -14.51 37.44
C GLY A 73 -9.70 -14.19 36.97
N THR A 74 -10.62 -14.72 37.77
CA THR A 74 -12.05 -14.48 37.64
C THR A 74 -12.65 -14.73 39.04
N ASN A 75 -13.96 -14.54 39.16
CA ASN A 75 -14.71 -14.74 40.45
C ASN A 75 -14.88 -16.18 41.00
N VAL A 76 -14.46 -17.17 40.24
CA VAL A 76 -14.52 -18.60 40.62
C VAL A 76 -13.24 -19.35 40.23
N GLU A 77 -13.01 -20.50 40.85
CA GLU A 77 -11.88 -21.37 40.52
C GLU A 77 -12.22 -22.11 39.21
N VAL A 78 -11.24 -22.15 38.32
CA VAL A 78 -11.38 -22.78 36.98
C VAL A 78 -10.43 -23.98 36.85
N SER A 79 -10.92 -25.04 36.21
CA SER A 79 -10.17 -26.31 36.02
C SER A 79 -8.90 -26.18 35.17
N THR A 80 -8.89 -25.21 34.26
CA THR A 80 -7.76 -24.95 33.35
C THR A 80 -6.51 -24.36 34.02
N THR A 81 -6.68 -23.70 35.17
CA THR A 81 -5.56 -23.07 35.93
C THR A 81 -4.47 -24.08 36.29
N ASP A 82 -3.26 -23.83 35.80
CA ASP A 82 -2.07 -24.67 36.06
C ASP A 82 -0.94 -23.84 36.74
N ASP A 83 0.24 -24.44 36.90
CA ASP A 83 1.45 -23.85 37.53
C ASP A 83 1.95 -22.56 36.94
N PHE A 84 2.02 -22.54 35.61
CA PHE A 84 2.61 -21.43 34.88
C PHE A 84 1.82 -20.15 35.13
N THR A 85 0.50 -20.27 35.14
CA THR A 85 -0.43 -19.15 35.39
C THR A 85 -0.12 -18.38 36.69
N ARG A 86 0.20 -19.11 37.75
CA ARG A 86 0.51 -18.53 39.07
C ARG A 86 1.67 -17.51 39.02
N GLY A 87 2.68 -17.83 38.22
CA GLY A 87 3.87 -16.96 38.05
C GLY A 87 3.65 -15.61 37.39
N VAL A 88 2.54 -15.46 36.66
CA VAL A 88 2.16 -14.19 35.98
C VAL A 88 1.00 -13.45 36.66
N ASP A 89 0.59 -13.91 37.84
CA ASP A 89 -0.46 -13.24 38.62
C ASP A 89 0.00 -11.84 39.03
N ALA A 90 -0.93 -10.88 39.00
CA ALA A 90 -0.66 -9.56 39.53
C ALA A 90 -0.79 -9.72 41.04
N LEU A 91 0.02 -8.99 41.79
CA LEU A 91 0.04 -9.12 43.25
C LEU A 91 -0.11 -7.80 43.99
N VAL A 92 -1.03 -7.78 44.94
CA VAL A 92 -1.19 -6.66 45.88
C VAL A 92 0.00 -6.80 46.83
N TYR A 93 0.92 -5.85 46.78
CA TYR A 93 2.13 -5.89 47.63
C TYR A 93 2.13 -4.88 48.78
N GLU A 94 1.22 -3.92 48.73
CA GLU A 94 1.13 -2.90 49.76
C GLU A 94 -0.31 -2.39 49.84
N VAL A 95 -0.83 -2.29 51.06
CA VAL A 95 -2.16 -1.70 51.32
C VAL A 95 -2.08 -0.75 52.50
N ASP A 96 -2.89 0.30 52.45
CA ASP A 96 -3.06 1.26 53.55
C ASP A 96 -4.54 1.67 53.57
N GLU A 97 -5.33 0.84 54.22
CA GLU A 97 -6.81 1.00 54.29
C GLU A 97 -7.28 2.35 54.81
N ALA A 98 -6.57 2.88 55.80
CA ALA A 98 -6.90 4.20 56.39
C ALA A 98 -6.89 5.32 55.34
N ASN A 99 -5.93 5.25 54.42
CA ASN A 99 -5.81 6.19 53.28
C ASN A 99 -6.32 5.65 51.95
N SER A 100 -7.04 4.54 52.01
CA SER A 100 -7.65 3.89 50.83
C SER A 100 -6.65 3.46 49.74
N LEU A 101 -5.40 3.22 50.15
CA LEU A 101 -4.31 2.96 49.21
C LEU A 101 -4.09 1.47 48.97
N MET A 102 -3.91 1.15 47.70
CA MET A 102 -3.67 -0.21 47.22
C MET A 102 -2.61 -0.09 46.14
N LYS A 103 -1.55 -0.88 46.28
CA LYS A 103 -0.49 -0.97 45.28
C LYS A 103 -0.41 -2.38 44.75
N ILE A 104 -0.36 -2.51 43.42
CA ILE A 104 -0.36 -3.81 42.72
C ILE A 104 0.86 -3.93 41.79
N ALA A 105 1.49 -5.09 41.81
CA ALA A 105 2.66 -5.41 40.97
C ALA A 105 2.20 -6.34 39.85
N TYR A 106 2.40 -5.89 38.62
CA TYR A 106 2.02 -6.62 37.41
C TYR A 106 3.27 -7.15 36.72
N PRO A 107 3.44 -8.48 36.65
CA PRO A 107 4.58 -9.00 35.91
C PRO A 107 4.55 -8.52 34.47
N ILE A 108 5.68 -8.06 33.98
CA ILE A 108 5.78 -7.44 32.61
C ILE A 108 5.39 -8.36 31.44
N GLU A 109 5.46 -9.66 31.68
CA GLU A 109 5.03 -10.71 30.73
C GLU A 109 3.52 -10.71 30.44
N LEU A 110 2.72 -10.09 31.28
CA LEU A 110 1.27 -9.94 31.04
C LEU A 110 0.93 -9.06 29.85
N PHE A 111 1.77 -8.06 29.61
CA PHE A 111 1.45 -7.00 28.64
C PHE A 111 1.70 -7.43 27.21
N ASP A 112 0.72 -7.12 26.37
CA ASP A 112 0.69 -7.52 24.96
C ASP A 112 1.80 -6.80 24.19
N ARG A 113 2.30 -7.48 23.18
CA ARG A 113 3.42 -6.98 22.35
C ARG A 113 3.04 -7.15 20.89
N ASN A 114 3.52 -6.24 20.05
CA ASN A 114 3.27 -6.34 18.61
C ASN A 114 3.99 -7.54 17.99
N VAL A 115 3.24 -8.29 17.20
CA VAL A 115 3.79 -9.33 16.33
C VAL A 115 4.77 -8.71 15.31
N ILE A 116 4.40 -7.57 14.74
CA ILE A 116 5.18 -6.97 13.65
C ILE A 116 6.58 -6.47 14.07
N ASP A 117 6.67 -5.85 15.23
CA ASP A 117 7.95 -5.28 15.69
C ASP A 117 8.38 -5.53 17.16
N GLY A 118 7.65 -6.38 17.87
CA GLY A 118 7.95 -6.68 19.28
C GLY A 118 7.84 -5.56 20.29
N ARG A 119 7.24 -4.45 19.89
CA ARG A 119 7.13 -3.28 20.76
C ARG A 119 5.85 -3.35 21.61
N ALA A 120 5.85 -2.56 22.66
CA ALA A 120 4.73 -2.48 23.59
C ALA A 120 3.59 -1.66 23.01
N MET A 121 2.42 -1.83 23.60
CA MET A 121 1.20 -1.09 23.25
C MET A 121 0.53 -0.60 24.54
N ILE A 122 0.15 0.66 24.58
CA ILE A 122 -0.51 1.24 25.77
C ILE A 122 -1.91 0.65 25.98
N ALA A 123 -2.56 0.23 24.89
CA ALA A 123 -3.89 -0.40 24.92
C ALA A 123 -3.95 -1.61 25.87
N SER A 124 -2.87 -2.39 25.86
CA SER A 124 -2.73 -3.56 26.75
C SER A 124 -2.51 -3.16 28.20
N PHE A 125 -1.67 -2.16 28.41
CA PHE A 125 -1.45 -1.58 29.74
C PHE A 125 -2.78 -1.12 30.36
N LEU A 126 -3.55 -0.39 29.57
CA LEU A 126 -4.89 0.12 29.97
C LEU A 126 -5.92 -0.99 30.23
N THR A 127 -5.96 -1.97 29.34
CA THR A 127 -6.87 -3.12 29.47
C THR A 127 -6.64 -3.89 30.77
N LEU A 128 -5.39 -4.14 31.12
CA LEU A 128 -5.07 -4.89 32.35
C LEU A 128 -5.23 -4.03 33.61
N THR A 129 -4.57 -2.87 33.62
CA THR A 129 -4.45 -2.04 34.83
C THR A 129 -5.64 -1.13 35.15
N ILE A 130 -6.46 -0.80 34.15
CA ILE A 130 -7.63 0.07 34.37
C ILE A 130 -8.84 -0.33 33.49
N GLY A 131 -8.96 -1.62 33.23
CA GLY A 131 -9.99 -2.16 32.34
C GLY A 131 -11.23 -2.67 33.06
N ASN A 132 -11.45 -3.99 33.01
CA ASN A 132 -12.59 -4.64 33.71
C ASN A 132 -12.68 -4.35 35.21
N ASN A 133 -11.55 -4.06 35.85
CA ASN A 133 -11.54 -3.66 37.27
C ASN A 133 -12.39 -2.42 37.61
N GLN A 134 -12.68 -1.60 36.59
CA GLN A 134 -13.55 -0.42 36.71
C GLN A 134 -15.06 -0.70 36.74
N GLY A 135 -15.47 -1.93 36.45
CA GLY A 135 -16.89 -2.33 36.53
C GLY A 135 -17.25 -3.38 37.57
N MET A 136 -16.29 -3.71 38.44
CA MET A 136 -16.46 -4.74 39.47
C MET A 136 -17.58 -4.37 40.42
N GLY A 137 -18.43 -5.35 40.72
CA GLY A 137 -19.60 -5.14 41.58
C GLY A 137 -19.31 -4.97 43.06
N ASP A 138 -18.17 -5.46 43.50
CA ASP A 138 -17.74 -5.36 44.93
C ASP A 138 -16.81 -4.18 45.25
N VAL A 139 -16.56 -3.35 44.25
CA VAL A 139 -15.72 -2.16 44.38
C VAL A 139 -16.61 -0.93 44.20
N GLU A 140 -16.56 0.00 45.14
CA GLU A 140 -17.31 1.25 45.01
C GLU A 140 -16.64 2.12 43.95
N TYR A 141 -15.34 2.28 44.10
CA TYR A 141 -14.51 3.01 43.15
C TYR A 141 -13.04 2.64 43.30
N ALA A 142 -12.29 2.88 42.23
CA ALA A 142 -10.84 2.67 42.19
C ALA A 142 -10.25 3.55 41.08
N LYS A 143 -9.27 4.36 41.45
CA LYS A 143 -8.63 5.32 40.53
C LYS A 143 -7.13 5.20 40.62
N MET A 144 -6.46 5.13 39.48
CA MET A 144 -4.99 5.04 39.43
C MET A 144 -4.39 6.44 39.58
N TYR A 145 -3.46 6.56 40.53
CA TYR A 145 -2.74 7.83 40.81
C TYR A 145 -1.32 7.86 40.30
N ASP A 146 -0.72 6.70 40.10
CA ASP A 146 0.65 6.63 39.63
C ASP A 146 0.93 5.23 39.14
N PHE A 147 1.95 5.12 38.30
CA PHE A 147 2.44 3.82 37.84
C PHE A 147 3.94 3.88 37.62
N TYR A 148 4.59 2.73 37.78
CA TYR A 148 6.03 2.61 37.55
C TYR A 148 6.29 1.63 36.40
N VAL A 149 7.13 2.05 35.46
CA VAL A 149 7.50 1.22 34.29
C VAL A 149 9.01 0.89 34.38
N PRO A 150 9.38 -0.41 34.47
CA PRO A 150 10.79 -0.76 34.54
C PRO A 150 11.46 -0.67 33.17
N PRO A 151 12.82 -0.61 33.13
CA PRO A 151 13.55 -0.50 31.87
C PRO A 151 13.16 -1.49 30.77
N ALA A 152 12.98 -2.74 31.14
CA ALA A 152 12.64 -3.83 30.20
C ALA A 152 11.32 -3.64 29.44
N TYR A 153 10.39 -2.92 30.07
CA TYR A 153 9.09 -2.60 29.45
C TYR A 153 9.12 -1.18 28.82
N LEU A 154 9.71 -0.24 29.54
CA LEU A 154 9.86 1.17 29.10
C LEU A 154 10.51 1.32 27.73
N LYS A 155 11.61 0.60 27.53
CA LYS A 155 12.35 0.64 26.26
C LYS A 155 11.58 0.15 25.04
N LEU A 156 10.50 -0.59 25.27
CA LEU A 156 9.62 -1.11 24.22
C LEU A 156 8.53 -0.13 23.76
N PHE A 157 8.43 1.01 24.42
CA PHE A 157 7.48 2.06 24.00
C PHE A 157 8.09 2.98 22.97
N ASP A 158 7.24 3.52 22.11
CA ASP A 158 7.68 4.38 21.01
C ASP A 158 8.44 5.59 21.55
N GLY A 159 7.84 6.28 22.50
CA GLY A 159 8.39 7.53 23.02
C GLY A 159 8.27 8.64 21.98
N PRO A 160 8.48 9.90 22.38
CA PRO A 160 8.34 10.94 21.38
C PRO A 160 9.49 10.93 20.38
N SER A 161 9.15 11.21 19.12
CA SER A 161 10.12 11.30 18.02
CA SER A 161 10.16 11.30 18.03
C SER A 161 10.53 12.75 17.72
N THR A 162 9.57 13.65 17.87
CA THR A 162 9.75 15.09 17.67
C THR A 162 9.46 15.76 19.00
N THR A 163 10.23 16.80 19.31
CA THR A 163 10.13 17.53 20.58
C THR A 163 10.07 19.04 20.29
N ILE A 164 9.94 19.83 21.35
CA ILE A 164 9.99 21.31 21.28
C ILE A 164 11.30 21.81 20.63
N LYS A 165 12.37 21.05 20.85
CA LYS A 165 13.69 21.25 20.20
C LYS A 165 13.56 21.51 18.70
N ASP A 166 12.75 20.69 18.06
CA ASP A 166 12.49 20.78 16.61
C ASP A 166 11.68 22.04 16.24
N LEU A 167 10.80 22.46 17.14
CA LEU A 167 10.05 23.73 16.97
C LEU A 167 10.97 24.94 17.18
N TRP A 168 11.81 24.88 18.21
CA TRP A 168 12.83 25.92 18.46
C TRP A 168 13.76 26.10 17.24
N ARG A 169 14.23 24.99 16.69
CA ARG A 169 15.10 25.01 15.51
C ARG A 169 14.46 25.71 14.32
N VAL A 170 13.19 25.41 14.08
CA VAL A 170 12.39 26.06 13.01
C VAL A 170 12.22 27.57 13.25
N LEU A 171 11.95 27.94 14.49
CA LEU A 171 11.86 29.35 14.89
C LEU A 171 13.19 30.13 14.91
N GLY A 172 14.32 29.42 14.84
CA GLY A 172 15.65 30.04 14.92
C GLY A 172 16.11 30.30 16.36
N ARG A 173 15.51 29.59 17.29
CA ARG A 173 15.82 29.68 18.72
C ARG A 173 16.92 28.67 19.05
N PRO A 174 17.59 28.82 20.22
CA PRO A 174 18.55 27.80 20.63
C PRO A 174 17.83 26.49 20.91
N VAL A 175 18.44 25.39 20.49
CA VAL A 175 17.84 24.06 20.65
C VAL A 175 17.80 23.54 22.10
N ILE A 176 18.58 24.18 22.97
CA ILE A 176 18.54 23.93 24.42
C ILE A 176 18.03 25.22 25.06
N ASN A 177 16.97 25.10 25.87
CA ASN A 177 16.32 26.27 26.54
C ASN A 177 15.98 27.39 25.55
N GLY A 178 15.32 27.02 24.47
CA GLY A 178 14.87 27.95 23.43
C GLY A 178 13.73 28.87 23.81
N GLY A 179 13.09 28.57 24.93
CA GLY A 179 12.13 29.48 25.54
C GLY A 179 10.68 29.33 25.14
N PHE A 180 9.95 30.41 25.38
CA PHE A 180 8.50 30.48 25.28
C PHE A 180 8.00 30.59 23.84
N ILE A 181 7.06 29.71 23.50
CA ILE A 181 6.41 29.71 22.19
C ILE A 181 5.04 30.36 22.42
N VAL A 182 4.86 31.53 21.84
CA VAL A 182 3.63 32.33 21.98
C VAL A 182 2.60 31.76 21.02
N GLY A 183 1.53 31.23 21.58
CA GLY A 183 0.48 30.61 20.78
C GLY A 183 -0.92 31.12 20.97
N THR A 184 -1.79 30.65 20.10
CA THR A 184 -3.22 30.92 20.21
C THR A 184 -4.08 29.87 19.54
N ILE A 185 -5.36 29.98 19.81
CA ILE A 185 -6.40 29.20 19.17
C ILE A 185 -7.25 30.24 18.43
N ILE A 186 -7.53 30.01 17.15
CA ILE A 186 -8.40 30.92 16.39
C ILE A 186 -9.81 30.64 16.88
N LYS A 187 -10.37 31.63 17.55
CA LYS A 187 -11.75 31.63 17.97
C LYS A 187 -12.51 32.47 16.93
N PRO A 188 -13.82 32.22 16.71
CA PRO A 188 -14.67 31.20 17.34
C PRO A 188 -14.19 29.77 17.11
N LYS A 189 -14.44 28.91 18.08
CA LYS A 189 -14.07 27.47 18.06
C LYS A 189 -14.41 26.78 16.73
N LEU A 190 -15.60 27.09 16.24
CA LEU A 190 -16.09 26.67 14.93
C LEU A 190 -16.93 27.80 14.39
N GLY A 191 -17.04 27.87 13.07
CA GLY A 191 -17.93 28.85 12.41
C GLY A 191 -17.27 29.73 11.39
N LEU A 192 -15.98 29.98 11.54
CA LEU A 192 -15.24 30.78 10.56
C LEU A 192 -15.05 30.01 9.27
N ARG A 193 -15.30 30.70 8.17
CA ARG A 193 -15.08 30.17 6.82
C ARG A 193 -13.58 30.23 6.53
N PRO A 194 -13.10 29.51 5.48
CA PRO A 194 -11.65 29.42 5.25
C PRO A 194 -10.86 30.73 5.20
N GLN A 195 -11.33 31.70 4.43
CA GLN A 195 -10.57 32.96 4.28
C GLN A 195 -10.58 33.84 5.56
N PRO A 196 -11.76 34.07 6.19
CA PRO A 196 -11.78 34.74 7.49
C PRO A 196 -10.91 34.05 8.56
N PHE A 197 -10.91 32.72 8.56
CA PHE A 197 -10.06 31.92 9.45
C PHE A 197 -8.58 32.25 9.18
N ALA A 198 -8.20 32.17 7.91
CA ALA A 198 -6.83 32.46 7.49
C ALA A 198 -6.38 33.91 7.76
N ASN A 199 -7.29 34.87 7.56
CA ASN A 199 -7.03 36.30 7.88
C ASN A 199 -6.72 36.51 9.37
N ALA A 200 -7.49 35.84 10.23
CA ALA A 200 -7.24 35.85 11.68
C ALA A 200 -5.88 35.23 12.05
N CYS A 201 -5.49 34.19 11.31
CA CYS A 201 -4.16 33.55 11.50
C CYS A 201 -3.04 34.51 11.19
N TYR A 202 -3.14 35.13 10.02
CA TYR A 202 -2.18 36.16 9.56
C TYR A 202 -2.03 37.26 10.62
N ASP A 203 -3.16 37.80 11.08
CA ASP A 203 -3.20 38.87 12.12
C ASP A 203 -2.44 38.46 13.37
N PHE A 204 -2.77 37.29 13.92
CA PHE A 204 -2.08 36.79 15.12
C PHE A 204 -0.59 36.61 14.87
N TRP A 205 -0.26 36.03 13.73
CA TRP A 205 1.15 35.72 13.37
C TRP A 205 2.07 36.95 13.23
N LEU A 206 1.50 38.14 13.03
CA LEU A 206 2.27 39.40 13.05
C LEU A 206 2.94 39.65 14.41
N GLY A 207 2.32 39.14 15.47
CA GLY A 207 2.88 39.19 16.84
C GLY A 207 3.25 37.89 17.52
N GLY A 208 2.70 36.77 17.07
CA GLY A 208 2.91 35.45 17.74
C GLY A 208 3.57 34.39 16.87
N ASP A 209 3.84 33.25 17.49
CA ASP A 209 4.56 32.11 16.85
C ASP A 209 3.68 30.98 16.30
N PHE A 210 2.73 30.58 17.12
CA PHE A 210 2.05 29.29 17.01
C PHE A 210 0.53 29.43 17.03
N ILE A 211 -0.12 28.74 16.11
CA ILE A 211 -1.58 28.66 16.09
C ILE A 211 -1.99 27.21 16.04
N ASN A 213 -5.39 24.53 15.59
CA ASN A 213 -6.82 24.33 15.34
C ASN A 213 -7.46 24.14 16.69
N ASP A 214 -8.69 24.62 16.84
CA ASP A 214 -9.49 24.24 17.99
C ASP A 214 -9.79 22.73 17.82
N GLU A 215 -9.95 22.01 18.92
CA GLU A 215 -10.13 20.52 18.89
C GLU A 215 -11.12 19.91 17.86
N PRO A 216 -12.30 20.54 17.63
CA PRO A 216 -13.21 19.97 16.64
C PRO A 216 -13.06 20.44 15.19
N GLN A 217 -12.22 21.45 14.95
CA GLN A 217 -12.01 22.01 13.58
C GLN A 217 -11.40 20.99 12.66
N GLY A 218 -11.99 20.81 11.49
CA GLY A 218 -11.48 19.86 10.50
C GLY A 218 -12.02 20.10 9.10
N ASN A 219 -13.01 19.29 8.75
CA ASN A 219 -13.64 19.31 7.42
C ASN A 219 -15.16 19.52 7.56
N GLN A 220 -15.54 20.57 8.29
CA GLN A 220 -16.95 20.93 8.41
C GLN A 220 -17.43 21.46 7.06
N VAL A 221 -18.72 21.27 6.77
CA VAL A 221 -19.32 21.67 5.46
C VAL A 221 -19.19 23.17 5.10
N PHE A 222 -19.17 24.02 6.12
CA PHE A 222 -18.96 25.49 5.96
C PHE A 222 -17.49 25.95 5.87
N ALA A 223 -16.59 25.06 6.26
CA ALA A 223 -15.13 25.30 6.22
C ALA A 223 -14.41 24.02 5.81
N PRO A 224 -14.49 23.66 4.51
CA PRO A 224 -13.86 22.42 4.06
C PRO A 224 -12.37 22.39 4.34
N PHE A 225 -11.88 21.20 4.69
CA PHE A 225 -10.49 20.97 5.11
C PHE A 225 -9.48 21.46 4.11
N LYS A 226 -9.65 21.09 2.85
CA LYS A 226 -8.68 21.47 1.82
C LYS A 226 -8.63 22.98 1.56
N ASP A 227 -9.79 23.61 1.55
CA ASP A 227 -9.88 25.08 1.36
C ASP A 227 -9.22 25.82 2.53
N THR A 228 -9.50 25.35 3.74
CA THR A 228 -8.90 25.94 4.95
C THR A 228 -7.38 25.75 4.98
N VAL A 229 -6.91 24.54 4.74
CA VAL A 229 -5.45 24.25 4.72
C VAL A 229 -4.72 25.16 3.72
N ARG A 230 -5.26 25.28 2.51
CA ARG A 230 -4.69 26.18 1.47
C ARG A 230 -4.65 27.66 1.88
N ALA A 231 -5.73 28.14 2.47
CA ALA A 231 -5.81 29.53 2.94
C ALA A 231 -4.81 29.80 4.07
N VAL A 232 -4.70 28.88 4.99
CA VAL A 232 -3.73 28.99 6.11
C VAL A 232 -2.28 28.98 5.59
N ALA A 233 -2.00 28.11 4.62
CA ALA A 233 -0.68 28.04 3.97
C ALA A 233 -0.29 29.38 3.31
N ASP A 234 -1.26 29.98 2.64
CA ASP A 234 -1.08 31.33 2.06
C ASP A 234 -0.83 32.37 3.17
N ALA A 235 -1.64 32.32 4.22
CA ALA A 235 -1.50 33.22 5.40
C ALA A 235 -0.14 33.10 6.10
N MET A 236 0.36 31.88 6.24
CA MET A 236 1.69 31.62 6.84
C MET A 236 2.77 32.27 5.98
N ARG A 237 2.70 32.04 4.67
CA ARG A 237 3.67 32.60 3.69
C ARG A 237 3.70 34.14 3.77
N ARG A 238 2.51 34.73 3.79
CA ARG A 238 2.37 36.20 3.89
C ARG A 238 2.91 36.75 5.22
N ALA A 239 2.57 36.08 6.31
CA ALA A 239 3.02 36.51 7.65
C ALA A 239 4.55 36.41 7.82
N GLN A 240 5.12 35.35 7.26
CA GLN A 240 6.59 35.13 7.27
C GLN A 240 7.34 36.15 6.40
N ASP A 241 6.78 36.46 5.25
CA ASP A 241 7.34 37.51 4.37
C ASP A 241 7.32 38.89 5.02
N LYS A 242 6.23 39.20 5.73
CA LYS A 242 6.08 40.49 6.41
C LYS A 242 6.99 40.65 7.63
N THR A 243 6.97 39.65 8.49
CA THR A 243 7.72 39.69 9.77
C THR A 243 9.18 39.26 9.68
N GLY A 244 9.50 38.44 8.67
CA GLY A 244 10.84 37.83 8.55
C GLY A 244 11.13 36.77 9.64
N GLU A 245 10.08 36.25 10.26
CA GLU A 245 10.17 35.23 11.30
CA GLU A 245 10.18 35.24 11.31
C GLU A 245 9.33 34.01 10.92
N ALA A 246 9.77 32.84 11.36
CA ALA A 246 9.07 31.58 11.06
C ALA A 246 7.83 31.47 11.92
N LYS A 247 6.79 30.88 11.36
CA LYS A 247 5.49 30.68 12.02
C LYS A 247 5.11 29.22 12.00
N LEU A 248 4.32 28.82 12.99
CA LEU A 248 3.94 27.42 13.18
C LEU A 248 2.44 27.28 13.21
N PHE A 249 1.96 26.14 12.68
CA PHE A 249 0.53 25.78 12.76
C PHE A 249 0.36 24.31 13.18
N SER A 250 -0.59 24.07 14.09
CA SER A 250 -0.95 22.72 14.54
C SER A 250 -2.35 22.37 14.01
N PHE A 251 -2.38 21.53 12.99
CA PHE A 251 -3.63 21.07 12.34
C PHE A 251 -4.22 19.80 12.97
N ASN A 252 -5.53 19.84 13.19
CA ASN A 252 -6.27 18.66 13.63
C ASN A 252 -6.42 17.65 12.46
N ILE A 253 -5.81 16.49 12.62
CA ILE A 253 -5.93 15.40 11.64
C ILE A 253 -6.71 14.21 12.19
N THR A 254 -7.36 14.40 13.34
CA THR A 254 -8.13 13.32 14.00
C THR A 254 -9.23 12.77 13.10
N ALA A 255 -9.36 11.45 13.14
CA ALA A 255 -10.44 10.74 12.45
C ALA A 255 -10.56 9.35 13.03
N ASP A 256 -11.74 8.75 12.86
CA ASP A 256 -11.98 7.34 13.21
C ASP A 256 -11.16 6.47 12.27
N ASP A 257 -11.17 6.85 11.00
CA ASP A 257 -10.50 6.09 9.94
C ASP A 257 -9.03 6.48 9.82
N HIS A 258 -8.17 5.50 10.08
CA HIS A 258 -6.72 5.60 9.90
C HIS A 258 -6.32 6.26 8.58
N TYR A 259 -6.96 5.84 7.50
CA TYR A 259 -6.68 6.34 6.15
C TYR A 259 -7.10 7.81 5.95
N GLU A 260 -8.12 8.24 6.66
CA GLU A 260 -8.52 9.66 6.66
C GLU A 260 -7.42 10.51 7.32
N MET A 261 -6.90 10.02 8.45
CA MET A 261 -5.79 10.71 9.16
C MET A 261 -4.58 10.85 8.24
N LEU A 262 -4.26 9.78 7.50
CA LEU A 262 -3.16 9.81 6.53
C LEU A 262 -3.42 10.80 5.39
N ALA A 263 -4.62 10.76 4.84
CA ALA A 263 -5.03 11.68 3.74
C ALA A 263 -4.88 13.16 4.15
N ARG A 264 -5.32 13.48 5.36
CA ARG A 264 -5.23 14.85 5.91
C ARG A 264 -3.79 15.30 6.10
N GLY A 265 -3.02 14.46 6.77
CA GLY A 265 -1.60 14.72 7.03
C GLY A 265 -0.80 14.92 5.74
N GLU A 266 -0.95 13.97 4.80
CA GLU A 266 -0.25 14.01 3.49
C GLU A 266 -0.62 15.26 2.69
N PHE A 267 -1.90 15.61 2.68
CA PHE A 267 -2.36 16.81 1.98
C PHE A 267 -1.71 18.08 2.57
N ILE A 268 -1.70 18.19 3.89
CA ILE A 268 -1.12 19.35 4.59
C ILE A 268 0.37 19.54 4.23
N LEU A 269 1.14 18.47 4.34
CA LEU A 269 2.60 18.55 4.12
C LEU A 269 2.95 18.91 2.70
N GLU A 270 2.21 18.34 1.75
CA GLU A 270 2.41 18.66 0.34
C GLU A 270 2.01 20.10 0.03
N THR A 271 0.91 20.55 0.65
CA THR A 271 0.41 21.93 0.47
C THR A 271 1.39 22.97 1.04
N PHE A 272 1.86 22.74 2.26
CA PHE A 272 2.81 23.67 2.90
C PHE A 272 4.21 23.67 2.29
N ALA A 273 4.59 22.55 1.66
CA ALA A 273 5.79 22.44 0.82
C ALA A 273 7.08 22.79 1.59
N ASP A 274 7.75 23.87 1.24
CA ASP A 274 8.97 24.33 1.98
C ASP A 274 8.69 24.75 3.43
N ASN A 275 7.42 24.99 3.75
CA ASN A 275 6.97 25.23 5.13
C ASN A 275 6.42 23.98 5.82
N ALA A 276 6.65 22.79 5.26
CA ALA A 276 6.13 21.53 5.86
C ALA A 276 6.70 21.21 7.24
N ASP A 277 7.94 21.63 7.51
CA ASP A 277 8.55 21.47 8.86
C ASP A 277 8.02 22.49 9.91
N HIS A 278 7.14 23.38 9.49
CA HIS A 278 6.46 24.34 10.38
C HIS A 278 5.13 23.80 10.92
N ILE A 279 4.81 22.57 10.55
CA ILE A 279 3.51 21.96 10.82
C ILE A 279 3.57 20.92 11.91
N ALA A 280 2.70 21.09 12.90
CA ALA A 280 2.44 20.08 13.90
C ALA A 280 1.13 19.41 13.53
N PHE A 281 0.93 18.19 14.03
CA PHE A 281 -0.32 17.47 13.85
C PHE A 281 -1.00 17.26 15.19
N LEU A 282 -2.19 17.79 15.29
CA LEU A 282 -3.02 17.68 16.50
C LEU A 282 -3.91 16.45 16.41
N VAL A 283 -3.95 15.69 17.51
CA VAL A 283 -4.80 14.50 17.61
C VAL A 283 -5.58 14.59 18.90
N ASP A 284 -6.90 14.40 18.80
CA ASP A 284 -7.78 14.34 19.98
C ASP A 284 -7.59 12.94 20.58
N GLY A 285 -6.49 12.80 21.29
CA GLY A 285 -5.99 11.52 21.78
C GLY A 285 -6.83 10.80 22.82
N TYR A 286 -7.52 11.55 23.67
CA TYR A 286 -8.38 10.92 24.69
C TYR A 286 -9.64 10.33 24.06
N VAL A 287 -10.35 11.12 23.26
CA VAL A 287 -11.61 10.64 22.64
C VAL A 287 -11.42 9.69 21.45
N ALA A 288 -10.45 9.96 20.59
CA ALA A 288 -10.14 9.08 19.43
C ALA A 288 -9.35 7.83 19.85
N GLY A 289 -8.57 7.98 20.91
CA GLY A 289 -7.89 6.87 21.55
C GLY A 289 -6.44 6.70 21.17
N PRO A 290 -5.73 5.78 21.87
CA PRO A 290 -4.34 5.45 21.57
C PRO A 290 -4.03 5.06 20.14
N ALA A 291 -4.98 4.38 19.51
CA ALA A 291 -4.86 3.99 18.09
C ALA A 291 -4.66 5.18 17.16
N ALA A 292 -5.42 6.25 17.40
CA ALA A 292 -5.29 7.51 16.60
C ALA A 292 -3.95 8.20 16.83
N VAL A 293 -3.53 8.22 18.08
CA VAL A 293 -2.25 8.84 18.48
C VAL A 293 -1.08 8.14 17.78
N THR A 294 -1.11 6.82 17.83
CA THR A 294 -0.08 5.97 17.21
C THR A 294 -0.07 6.09 15.68
N THR A 295 -1.22 6.22 15.06
CA THR A 295 -1.30 6.47 13.62
C THR A 295 -0.45 7.69 13.24
N ALA A 296 -0.70 8.79 13.93
CA ALA A 296 0.05 10.03 13.72
C ALA A 296 1.52 9.89 14.09
N ARG A 297 1.78 9.24 15.22
CA ARG A 297 3.15 9.01 15.71
C ARG A 297 4.00 8.19 14.73
N ARG A 298 3.43 7.09 14.24
CA ARG A 298 4.15 6.17 13.37
C ARG A 298 4.17 6.57 11.90
N ALA A 299 3.09 7.15 11.40
CA ALA A 299 3.06 7.61 10.00
C ALA A 299 3.81 8.92 9.79
N PHE A 300 3.81 9.80 10.80
CA PHE A 300 4.47 11.12 10.70
C PHE A 300 5.42 11.44 11.88
N PRO A 301 6.47 10.63 12.08
CA PRO A 301 7.40 10.83 13.22
C PRO A 301 8.21 12.15 13.20
N LYS A 302 8.40 12.72 12.02
CA LYS A 302 9.09 14.03 11.83
C LYS A 302 8.19 15.27 11.99
N GLN A 303 6.93 15.06 12.31
CA GLN A 303 6.00 16.18 12.53
C GLN A 303 5.60 16.14 13.99
N TYR A 304 5.73 17.28 14.66
CA TYR A 304 5.36 17.44 16.07
C TYR A 304 3.93 16.95 16.31
N LEU A 305 3.81 15.95 17.18
CA LEU A 305 2.54 15.34 17.54
C LEU A 305 1.94 16.04 18.78
N HIS A 306 0.87 16.77 18.53
CA HIS A 306 0.17 17.59 19.52
C HIS A 306 -1.03 16.80 20.06
N TYR A 307 -0.87 16.23 21.24
CA TYR A 307 -1.92 15.45 21.88
C TYR A 307 -2.87 16.44 22.53
N HIS A 308 -4.10 16.51 22.01
CA HIS A 308 -5.18 17.32 22.61
C HIS A 308 -6.02 16.35 23.43
N ARG A 309 -6.24 16.66 24.70
CA ARG A 309 -6.89 15.73 25.67
C ARG A 309 -8.39 15.91 25.95
N ALA A 310 -9.07 16.66 25.09
CA ALA A 310 -10.53 16.91 25.17
C ALA A 310 -11.29 15.65 25.57
N GLY A 311 -12.09 15.77 26.62
CA GLY A 311 -12.86 14.65 27.17
C GLY A 311 -12.25 13.99 28.38
N HIS A 312 -10.95 14.19 28.60
CA HIS A 312 -10.19 13.57 29.73
C HIS A 312 -10.81 13.83 31.11
N GLY A 313 -11.42 15.01 31.27
CA GLY A 313 -12.05 15.43 32.53
C GLY A 313 -13.12 14.49 33.07
N ALA A 314 -13.68 13.65 32.19
CA ALA A 314 -14.65 12.64 32.60
C ALA A 314 -14.08 11.67 33.64
N VAL A 315 -12.79 11.40 33.56
CA VAL A 315 -12.10 10.53 34.56
C VAL A 315 -11.04 11.25 35.40
N THR A 316 -10.30 12.18 34.81
CA THR A 316 -9.16 12.84 35.49
C THR A 316 -9.56 13.86 36.54
N SER A 317 -10.76 14.42 36.45
CA SER A 317 -11.22 15.41 37.42
C SER A 317 -11.10 14.87 38.85
N PRO A 318 -10.69 15.71 39.83
CA PRO A 318 -10.69 15.27 41.23
C PRO A 318 -12.08 14.89 41.76
N GLN A 319 -13.11 15.45 41.14
CA GLN A 319 -14.51 15.06 41.39
C GLN A 319 -14.73 13.56 41.10
N SER A 320 -14.03 13.03 40.10
CA SER A 320 -14.08 11.60 39.77
C SER A 320 -13.22 10.79 40.71
N LYS A 321 -13.78 9.69 41.20
CA LYS A 321 -13.07 8.73 42.06
C LYS A 321 -12.69 7.47 41.27
N ARG A 322 -12.80 7.54 39.95
CA ARG A 322 -12.59 6.38 39.05
C ARG A 322 -11.58 6.70 37.95
N GLY A 323 -11.14 5.64 37.29
CA GLY A 323 -10.25 5.74 36.14
C GLY A 323 -8.83 6.07 36.51
N TYR A 324 -8.36 7.22 36.06
CA TYR A 324 -6.99 7.64 36.34
C TYR A 324 -6.90 9.15 36.34
N THR A 325 -5.84 9.64 36.97
CA THR A 325 -5.60 11.07 37.11
C THR A 325 -4.96 11.64 35.84
N ALA A 326 -4.93 12.96 35.77
CA ALA A 326 -4.28 13.70 34.66
C ALA A 326 -2.78 13.42 34.60
N PHE A 327 -2.20 13.17 35.77
CA PHE A 327 -0.80 12.81 35.90
C PHE A 327 -0.50 11.50 35.14
N VAL A 328 -1.31 10.49 35.42
CA VAL A 328 -1.23 9.17 34.78
C VAL A 328 -1.40 9.28 33.26
N LEU A 329 -2.42 10.04 32.85
CA LEU A 329 -2.69 10.29 31.42
C LEU A 329 -1.49 10.88 30.70
N SER A 330 -0.93 11.92 31.30
CA SER A 330 0.25 12.63 30.77
C SER A 330 1.46 11.73 30.65
N LYS A 331 1.67 10.91 31.68
CA LYS A 331 2.80 9.96 31.71
C LYS A 331 2.66 8.90 30.60
N MET A 332 1.44 8.40 30.42
CA MET A 332 1.12 7.47 29.33
C MET A 332 1.37 8.11 27.96
N ALA A 333 0.97 9.36 27.81
CA ALA A 333 1.12 10.11 26.53
C ALA A 333 2.56 10.23 26.06
N ARG A 334 3.48 10.35 27.01
CA ARG A 334 4.90 10.42 26.72
C ARG A 334 5.37 9.08 26.15
N LEU A 335 5.00 7.99 26.81
CA LEU A 335 5.23 6.62 26.31
C LEU A 335 4.65 6.37 24.92
N GLN A 336 3.43 6.87 24.69
CA GLN A 336 2.76 6.77 23.37
C GLN A 336 3.47 7.53 22.27
N GLY A 337 4.17 8.59 22.65
CA GLY A 337 4.94 9.40 21.70
C GLY A 337 4.42 10.78 21.38
N ALA A 338 3.59 11.32 22.25
CA ALA A 338 3.15 12.71 22.10
C ALA A 338 4.36 13.65 22.20
N SER A 339 4.47 14.56 21.26
CA SER A 339 5.53 15.58 21.27
C SER A 339 5.19 16.65 22.30
N GLY A 340 3.91 16.86 22.47
CA GLY A 340 3.38 17.74 23.50
C GLY A 340 2.00 17.27 23.92
N ILE A 341 1.65 17.63 25.14
CA ILE A 341 0.30 17.36 25.65
C ILE A 341 -0.16 18.51 26.52
N HIS A 342 -1.46 18.77 26.47
CA HIS A 342 -2.09 19.74 27.36
C HIS A 342 -1.96 19.23 28.78
N THR A 343 -1.38 20.04 29.64
CA THR A 343 -1.24 19.73 31.08
C THR A 343 -2.15 20.61 31.96
N GLY A 344 -2.90 21.49 31.32
CA GLY A 344 -3.81 22.39 32.01
C GLY A 344 -3.07 23.60 32.51
N THR A 345 -3.83 24.57 33.00
CA THR A 345 -3.30 25.84 33.49
C THR A 345 -2.91 25.83 34.97
N MET A 346 -3.04 24.68 35.62
CA MET A 346 -2.59 24.47 37.02
C MET A 346 -3.23 25.46 38.01
N GLY A 347 -4.54 25.64 37.84
CA GLY A 347 -5.33 26.56 38.66
C GLY A 347 -5.33 28.04 38.26
N PHE A 348 -4.62 28.40 37.18
CA PHE A 348 -4.48 29.82 36.73
C PHE A 348 -5.36 30.23 35.57
N GLY A 349 -6.05 29.26 34.97
CA GLY A 349 -6.99 29.52 33.87
C GLY A 349 -8.43 29.16 34.22
N LYS A 350 -9.24 28.97 33.18
CA LYS A 350 -10.69 28.68 33.31
C LYS A 350 -11.07 27.22 33.61
N MET A 351 -10.22 26.28 33.23
CA MET A 351 -10.50 24.84 33.40
C MET A 351 -10.05 24.35 34.76
N GLU A 352 -10.54 23.18 35.14
CA GLU A 352 -10.16 22.55 36.41
C GLU A 352 -8.67 22.25 36.44
N GLY A 353 -8.03 22.60 37.55
CA GLY A 353 -6.61 22.39 37.73
C GLY A 353 -6.12 22.90 39.07
N GLU A 354 -4.95 22.43 39.48
CA GLU A 354 -4.32 22.77 40.76
CA GLU A 354 -4.32 22.77 40.76
C GLU A 354 -2.84 23.15 40.57
N ALA A 355 -2.34 23.98 41.48
CA ALA A 355 -0.92 24.39 41.46
C ALA A 355 0.07 23.20 41.55
N ALA A 356 -0.31 22.16 42.29
CA ALA A 356 0.47 20.91 42.41
C ALA A 356 0.66 20.13 41.10
N ASP A 357 -0.15 20.45 40.09
CA ASP A 357 -0.02 19.87 38.73
C ASP A 357 1.30 20.23 38.01
N ARG A 358 2.09 21.13 38.57
CA ARG A 358 3.46 21.39 38.09
C ARG A 358 4.28 20.09 38.00
N ALA A 359 4.05 19.18 38.94
CA ALA A 359 4.70 17.85 38.95
C ALA A 359 4.40 17.02 37.67
N ILE A 360 3.25 17.27 37.05
CA ILE A 360 2.89 16.63 35.77
C ILE A 360 3.90 17.09 34.71
N ALA A 361 4.11 18.40 34.64
CA ALA A 361 5.07 18.98 33.67
C ALA A 361 6.48 18.37 33.82
N TYR A 362 6.97 18.31 35.03
CA TYR A 362 8.32 17.74 35.28
C TYR A 362 8.42 16.24 35.00
N MET A 363 7.35 15.49 35.23
CA MET A 363 7.31 14.06 34.86
C MET A 363 7.45 13.83 33.34
N ILE A 364 6.85 14.73 32.56
CA ILE A 364 6.88 14.63 31.08
C ILE A 364 8.11 15.27 30.40
N THR A 365 8.79 16.19 31.09
CA THR A 365 9.97 16.90 30.53
C THR A 365 11.35 16.40 31.01
N GLU A 366 11.42 15.81 32.20
CA GLU A 366 12.72 15.42 32.78
C GLU A 366 13.06 13.96 32.54
N ASP A 367 14.36 13.67 32.59
CA ASP A 367 14.86 12.28 32.45
C ASP A 367 14.63 11.49 33.73
N ALA A 368 14.50 12.19 34.84
CA ALA A 368 14.17 11.57 36.14
C ALA A 368 13.18 12.48 36.85
N ALA A 369 12.16 11.90 37.45
CA ALA A 369 11.15 12.66 38.17
C ALA A 369 10.35 11.80 39.13
N ASP A 370 9.74 12.48 40.10
CA ASP A 370 8.94 11.84 41.14
C ASP A 370 7.46 12.04 40.86
N GLY A 371 6.72 10.93 40.89
CA GLY A 371 5.27 10.98 40.84
C GLY A 371 4.79 11.02 42.29
N PRO A 372 3.47 10.99 42.52
CA PRO A 372 2.96 10.96 43.91
C PRO A 372 3.38 9.71 44.70
N TYR A 373 3.61 8.60 44.01
CA TYR A 373 4.03 7.31 44.63
C TYR A 373 5.33 6.68 44.12
N PHE A 374 5.68 6.91 42.86
CA PHE A 374 6.87 6.28 42.25
C PHE A 374 7.83 7.25 41.62
N HIS A 375 9.11 6.99 41.81
CA HIS A 375 10.17 7.70 41.09
C HIS A 375 10.31 7.02 39.74
N GLN A 376 10.47 7.81 38.69
CA GLN A 376 10.63 7.26 37.34
C GLN A 376 11.90 7.74 36.67
N GLU A 377 12.68 6.78 36.17
CA GLU A 377 13.82 7.04 35.27
C GLU A 377 13.31 6.81 33.84
N TRP A 378 13.54 7.78 32.96
CA TRP A 378 13.08 7.72 31.55
C TRP A 378 14.11 7.15 30.56
N LEU A 379 15.33 6.91 31.05
CA LEU A 379 16.42 6.28 30.27
C LEU A 379 16.69 6.98 28.93
N GLY A 380 16.65 8.30 28.95
CA GLY A 380 16.88 9.11 27.73
C GLY A 380 15.74 9.18 26.74
N MET A 381 14.57 8.66 27.10
CA MET A 381 13.37 8.80 26.27
C MET A 381 13.09 10.30 26.14
N ASN A 382 12.74 10.73 24.94
CA ASN A 382 12.48 12.16 24.67
C ASN A 382 11.41 12.76 25.57
N PRO A 383 11.51 14.07 25.86
CA PRO A 383 10.46 14.73 26.61
C PRO A 383 9.24 15.07 25.77
N THR A 384 8.12 15.23 26.47
CA THR A 384 6.85 15.71 25.92
C THR A 384 6.67 17.13 26.48
N THR A 385 6.37 18.08 25.60
CA THR A 385 6.20 19.48 26.00
C THR A 385 4.90 19.72 26.78
N PRO A 386 4.94 20.53 27.85
CA PRO A 386 3.69 20.94 28.46
C PRO A 386 3.05 22.00 27.58
N ILE A 387 1.82 21.77 27.13
CA ILE A 387 1.08 22.76 26.32
C ILE A 387 0.05 23.40 27.28
N ILE A 388 0.11 24.71 27.42
CA ILE A 388 -0.72 25.46 28.38
C ILE A 388 -1.83 26.17 27.66
N SER A 389 -3.06 25.81 28.00
CA SER A 389 -4.24 26.33 27.29
C SER A 389 -5.47 26.36 28.16
N GLY A 390 -6.32 27.35 27.92
CA GLY A 390 -7.63 27.49 28.57
C GLY A 390 -7.78 28.68 29.51
N GLY A 391 -8.30 29.77 28.97
CA GLY A 391 -8.58 30.97 29.78
C GLY A 391 -7.37 31.70 30.33
N MET A 392 -6.30 31.70 29.55
CA MET A 392 -5.07 32.43 29.89
C MET A 392 -5.03 33.76 29.14
N ASN A 393 -4.32 34.71 29.73
CA ASN A 393 -4.03 36.00 29.10
C ASN A 393 -2.71 36.51 29.66
N ALA A 394 -2.24 37.63 29.13
CA ALA A 394 -0.97 38.26 29.58
C ALA A 394 -0.90 38.53 31.10
N LEU A 395 -2.04 38.88 31.69
CA LEU A 395 -2.11 39.23 33.13
C LEU A 395 -1.94 38.02 34.04
N ARG A 396 -2.52 36.90 33.64
CA ARG A 396 -2.46 35.65 34.41
C ARG A 396 -1.14 34.86 34.28
N MET A 397 -0.30 35.25 33.32
CA MET A 397 0.94 34.50 32.98
C MET A 397 2.09 34.53 33.99
N PRO A 398 2.46 35.71 34.52
CA PRO A 398 3.56 35.74 35.49
C PRO A 398 3.34 34.86 36.72
N GLY A 399 2.10 34.81 37.20
CA GLY A 399 1.72 33.93 38.30
C GLY A 399 1.86 32.45 37.93
N PHE A 400 1.44 32.11 36.71
CA PHE A 400 1.58 30.73 36.18
C PHE A 400 3.04 30.29 36.10
N PHE A 401 3.88 31.12 35.51
CA PHE A 401 5.31 30.82 35.37
C PHE A 401 6.04 30.70 36.71
N ASP A 402 5.66 31.54 37.68
CA ASP A 402 6.21 31.48 39.06
C ASP A 402 5.97 30.11 39.69
N ASN A 403 4.74 29.62 39.55
CA ASN A 403 4.39 28.29 40.08
C ASN A 403 5.14 27.14 39.39
N LEU A 404 5.24 27.21 38.05
CA LEU A 404 5.91 26.14 37.26
C LEU A 404 7.42 26.13 37.42
N GLY A 405 8.03 27.29 37.24
CA GLY A 405 9.49 27.47 37.38
C GLY A 405 10.25 27.66 36.08
N HIS A 406 9.57 27.53 34.95
CA HIS A 406 10.18 27.72 33.62
C HIS A 406 9.15 28.10 32.56
N SER A 407 9.65 28.58 31.43
CA SER A 407 8.83 29.00 30.27
C SER A 407 9.19 28.32 28.91
N ASN A 408 9.90 27.20 29.00
CA ASN A 408 10.17 26.28 27.86
C ASN A 408 8.92 25.46 27.57
N LEU A 409 7.98 26.10 26.91
CA LEU A 409 6.67 25.51 26.68
C LEU A 409 5.92 26.27 25.63
N ILE A 410 4.80 25.68 25.24
CA ILE A 410 3.85 26.30 24.34
C ILE A 410 2.67 26.75 25.19
N MET A 411 2.24 27.98 24.99
CA MET A 411 1.01 28.47 25.59
C MET A 411 0.11 29.04 24.51
N THR A 412 -1.12 28.58 24.51
CA THR A 412 -2.14 29.03 23.57
C THR A 412 -3.22 29.78 24.33
N ALA A 413 -3.44 31.02 23.94
CA ALA A 413 -4.46 31.91 24.52
C ALA A 413 -5.35 32.46 23.42
N GLY A 414 -6.52 31.85 23.27
CA GLY A 414 -7.51 32.27 22.26
C GLY A 414 -8.13 33.61 22.63
N GLY A 415 -8.85 33.57 23.75
CA GLY A 415 -9.47 34.77 24.33
C GLY A 415 -8.48 35.83 24.77
N GLY A 416 -7.34 35.37 25.30
CA GLY A 416 -6.24 36.26 25.70
C GLY A 416 -5.55 37.03 24.57
N ALA A 417 -5.70 36.55 23.33
CA ALA A 417 -5.11 37.21 22.15
C ALA A 417 -6.15 38.03 21.37
N PHE A 418 -7.17 37.34 20.86
CA PHE A 418 -8.23 37.99 20.05
C PHE A 418 -9.23 38.85 20.85
N GLY A 419 -9.25 38.66 22.16
CA GLY A 419 -10.04 39.51 23.08
C GLY A 419 -9.32 40.77 23.53
N HIS A 420 -8.06 40.94 23.12
CA HIS A 420 -7.26 42.15 23.41
C HIS A 420 -7.94 43.32 22.68
N VAL A 421 -8.02 44.46 23.35
CA VAL A 421 -8.71 45.67 22.83
C VAL A 421 -8.25 46.09 21.40
N ASP A 422 -6.94 46.10 21.21
CA ASP A 422 -6.28 46.46 19.92
C ASP A 422 -6.24 45.34 18.86
N GLY A 423 -6.63 44.12 19.22
CA GLY A 423 -6.71 42.99 18.26
C GLY A 423 -5.70 41.88 18.48
N GLY A 424 -5.74 40.89 17.58
CA GLY A 424 -4.93 39.65 17.67
C GLY A 424 -3.42 39.82 17.75
N ALA A 425 -2.87 40.62 16.85
CA ALA A 425 -1.42 40.90 16.81
C ALA A 425 -0.93 41.52 18.11
N ALA A 426 -1.65 42.53 18.58
CA ALA A 426 -1.34 43.22 19.85
C ALA A 426 -1.53 42.27 21.04
N GLY A 427 -2.56 41.43 20.94
CA GLY A 427 -2.80 40.36 21.90
C GLY A 427 -1.62 39.42 22.01
N ALA A 428 -1.10 39.00 20.87
CA ALA A 428 0.11 38.14 20.80
C ALA A 428 1.31 38.78 21.48
N LYS A 429 1.53 40.05 21.16
CA LYS A 429 2.64 40.84 21.76
C LYS A 429 2.53 40.98 23.30
N SER A 430 1.31 41.14 23.80
CA SER A 430 1.10 41.22 25.27
C SER A 430 1.49 39.90 25.97
N LEU A 431 1.24 38.78 25.29
CA LEU A 431 1.64 37.45 25.77
C LEU A 431 3.17 37.32 25.76
N ARG A 432 3.78 37.70 24.64
CA ARG A 432 5.26 37.78 24.49
C ARG A 432 5.88 38.56 25.65
N GLN A 433 5.37 39.78 25.82
CA GLN A 433 5.87 40.74 26.85
C GLN A 433 5.66 40.26 28.29
N ALA A 434 4.52 39.62 28.54
CA ALA A 434 4.21 39.02 29.85
C ALA A 434 5.25 38.00 30.28
N GLU A 435 5.71 37.19 29.35
CA GLU A 435 6.79 36.21 29.62
C GLU A 435 8.15 36.92 29.78
N GLN A 436 8.38 37.95 28.96
CA GLN A 436 9.62 38.77 29.09
C GLN A 436 9.68 39.41 30.47
N CYS A 437 8.55 39.93 30.92
CA CYS A 437 8.40 40.49 32.27
C CYS A 437 8.74 39.49 33.37
N TRP A 438 8.18 38.28 33.26
CA TRP A 438 8.45 37.19 34.22
C TRP A 438 9.93 36.79 34.25
N LYS A 439 10.49 36.64 33.05
CA LYS A 439 11.89 36.20 32.87
C LYS A 439 12.91 37.14 33.52
N GLN A 440 12.67 38.45 33.40
CA GLN A 440 13.53 39.48 34.04
C GLN A 440 13.11 39.93 35.44
N GLY A 441 12.14 39.24 36.03
CA GLY A 441 11.76 39.42 37.45
C GLY A 441 11.22 40.78 37.81
N ALA A 442 10.61 41.43 36.82
CA ALA A 442 10.09 42.77 36.97
C ALA A 442 8.68 42.73 37.52
N ASP A 443 8.25 43.88 38.04
CA ASP A 443 6.88 44.06 38.55
C ASP A 443 5.99 44.30 37.33
N PRO A 444 4.96 43.44 37.09
CA PRO A 444 4.06 43.61 35.93
C PRO A 444 3.49 45.01 35.71
N VAL A 445 3.09 45.66 36.80
CA VAL A 445 2.49 47.02 36.74
C VAL A 445 3.53 48.05 36.25
N GLU A 446 4.74 47.98 36.80
CA GLU A 446 5.86 48.87 36.39
C GLU A 446 6.40 48.53 35.00
N PHE A 447 6.46 47.24 34.71
CA PHE A 447 6.85 46.74 33.39
C PHE A 447 5.92 47.28 32.30
N ALA A 448 4.63 47.24 32.59
CA ALA A 448 3.57 47.73 31.66
C ALA A 448 3.70 49.19 31.22
N LYS A 449 4.29 50.04 32.08
CA LYS A 449 4.50 51.48 31.76
C LYS A 449 5.27 51.68 30.44
N ASP A 450 6.27 50.83 30.21
CA ASP A 450 7.15 50.89 29.02
C ASP A 450 6.85 49.86 27.92
N HIS A 451 5.75 49.15 28.07
CA HIS A 451 5.32 48.11 27.11
C HIS A 451 3.81 48.24 26.84
N ARG A 452 3.49 48.95 25.77
CA ARG A 452 2.11 49.32 25.39
C ARG A 452 1.13 48.17 25.37
N GLU A 453 1.44 47.16 24.56
CA GLU A 453 0.56 46.00 24.32
C GLU A 453 0.18 45.29 25.63
N PHE A 454 1.18 45.11 26.49
CA PHE A 454 1.00 44.51 27.82
C PHE A 454 0.14 45.40 28.73
N ALA A 455 0.38 46.70 28.68
CA ALA A 455 -0.42 47.69 29.44
C ALA A 455 -1.87 47.72 28.98
N ARG A 456 -2.07 47.55 27.68
CA ARG A 456 -3.42 47.48 27.08
C ARG A 456 -4.21 46.19 27.41
N ALA A 457 -3.50 45.16 27.86
CA ALA A 457 -4.14 43.92 28.35
C ALA A 457 -4.92 44.17 29.65
N PHE A 458 -4.41 45.08 30.50
CA PHE A 458 -5.08 45.50 31.76
C PHE A 458 -6.45 46.10 31.47
N GLU A 459 -6.51 46.90 30.42
CA GLU A 459 -7.76 47.51 29.94
C GLU A 459 -8.67 46.52 29.22
N SER A 460 -8.05 45.55 28.54
CA SER A 460 -8.78 44.48 27.80
C SER A 460 -9.52 43.51 28.72
N PHE A 461 -8.88 43.21 29.85
CA PHE A 461 -9.41 42.27 30.86
C PHE A 461 -9.37 42.92 32.27
N PRO A 462 -10.20 43.96 32.50
CA PRO A 462 -10.20 44.72 33.77
C PRO A 462 -10.55 43.93 35.04
N GLN A 463 -11.47 42.97 34.93
CA GLN A 463 -11.83 42.11 36.07
C GLN A 463 -10.60 41.39 36.63
N ASP A 464 -9.83 40.80 35.73
CA ASP A 464 -8.56 40.10 36.08
C ASP A 464 -7.51 41.08 36.62
N ALA A 465 -7.42 42.24 35.98
CA ALA A 465 -6.47 43.30 36.38
C ALA A 465 -6.71 43.82 37.80
N ASP A 466 -7.99 43.91 38.19
CA ASP A 466 -8.38 44.35 39.56
C ASP A 466 -8.11 43.30 40.64
N LYS A 467 -8.25 42.04 40.29
CA LYS A 467 -8.03 40.91 41.21
C LYS A 467 -6.51 40.67 41.44
N LEU A 468 -5.76 40.66 40.35
CA LEU A 468 -4.31 40.34 40.34
C LEU A 468 -3.38 41.51 40.65
N TYR A 469 -3.74 42.69 40.14
CA TYR A 469 -2.95 43.92 40.31
C TYR A 469 -3.85 45.05 40.87
N PRO A 470 -4.29 44.93 42.14
CA PRO A 470 -5.35 45.79 42.76
C PRO A 470 -5.36 47.29 42.46
N ASN A 471 -4.20 47.91 42.58
CA ASN A 471 -4.06 49.36 42.37
C ASN A 471 -3.33 49.72 41.05
N TRP A 472 -3.65 48.99 39.98
CA TRP A 472 -3.02 49.22 38.65
C TRP A 472 -3.36 50.56 37.98
N ARG A 473 -4.63 50.96 38.10
CA ARG A 473 -5.18 52.16 37.44
C ARG A 473 -4.54 53.48 37.87
N ALA A 474 -4.23 53.56 39.16
CA ALA A 474 -3.53 54.71 39.77
C ALA A 474 -2.12 54.89 39.20
N LYS A 475 -1.38 53.78 39.12
CA LYS A 475 0.00 53.76 38.54
C LYS A 475 0.10 53.92 37.03
N LEU A 476 -0.85 53.34 36.32
CA LEU A 476 -0.76 53.16 34.87
C LEU A 476 -1.48 54.23 34.04
N LYS A 477 -2.71 54.58 34.43
CA LYS A 477 -3.47 55.68 33.79
C LYS A 477 -3.74 56.78 34.80
N MET B 21 -18.79 36.95 31.43
CA MET B 21 -19.63 36.79 30.21
C MET B 21 -20.83 35.92 30.54
N ASP B 22 -22.02 36.52 30.54
CA ASP B 22 -23.29 35.78 30.55
C ASP B 22 -23.57 35.59 29.06
N GLN B 23 -23.53 34.32 28.63
CA GLN B 23 -23.74 33.95 27.21
CA GLN B 23 -23.74 33.96 27.21
C GLN B 23 -25.09 33.27 26.94
N SER B 24 -26.03 33.45 27.86
CA SER B 24 -27.37 32.82 27.74
C SER B 24 -28.23 33.37 26.61
N ASN B 25 -28.07 34.65 26.29
CA ASN B 25 -28.83 35.28 25.19
C ASN B 25 -28.54 34.61 23.85
N ARG B 26 -27.28 34.28 23.63
CA ARG B 26 -26.81 33.65 22.39
C ARG B 26 -26.95 32.11 22.37
N TYR B 27 -26.51 31.46 23.44
CA TYR B 27 -26.44 29.98 23.51
C TYR B 27 -27.58 29.26 24.25
N ALA B 28 -28.62 30.00 24.60
CA ALA B 28 -29.83 29.42 25.17
C ALA B 28 -31.05 29.98 24.44
N ASN B 29 -31.93 29.07 24.05
CA ASN B 29 -33.24 29.41 23.45
C ASN B 29 -34.26 28.39 23.94
N LEU B 30 -34.78 28.64 25.13
CA LEU B 30 -35.77 27.76 25.79
C LEU B 30 -37.14 27.74 25.11
N ASN B 31 -37.41 28.73 24.26
CA ASN B 31 -38.63 28.77 23.43
C ASN B 31 -38.62 27.80 22.24
N LEU B 32 -37.47 27.24 21.89
CA LEU B 32 -37.41 26.18 20.87
C LEU B 32 -38.14 24.93 21.39
N LYS B 33 -38.90 24.30 20.50
CA LYS B 33 -39.65 23.08 20.82
C LYS B 33 -38.87 21.88 20.33
N GLU B 34 -38.70 20.90 21.21
CA GLU B 34 -37.99 19.64 20.90
C GLU B 34 -38.59 18.91 19.68
N SER B 35 -39.91 18.85 19.63
CA SER B 35 -40.64 18.22 18.53
C SER B 35 -40.33 18.84 17.16
N GLU B 36 -40.15 20.17 17.14
CA GLU B 36 -39.80 20.91 15.91
C GLU B 36 -38.32 20.72 15.53
N LEU B 37 -37.46 20.62 16.54
CA LEU B 37 -36.04 20.33 16.34
C LEU B 37 -35.86 18.94 15.71
N ILE B 38 -36.61 17.96 16.23
CA ILE B 38 -36.62 16.57 15.69
C ILE B 38 -37.19 16.56 14.28
N ALA B 39 -38.35 17.19 14.10
CA ALA B 39 -39.01 17.28 12.78
C ALA B 39 -38.14 17.96 11.70
N GLY B 40 -37.39 18.97 12.10
CA GLY B 40 -36.47 19.69 11.19
C GLY B 40 -35.33 18.83 10.64
N GLY B 41 -34.91 17.83 11.41
CA GLY B 41 -33.82 16.91 11.02
C GLY B 41 -32.43 17.53 10.80
N ARG B 42 -32.20 18.69 11.42
CA ARG B 42 -30.95 19.46 11.26
C ARG B 42 -30.12 19.55 12.53
N HIS B 43 -30.55 18.88 13.59
CA HIS B 43 -29.87 18.96 14.89
C HIS B 43 -29.66 17.62 15.58
N VAL B 44 -28.47 17.43 16.12
CA VAL B 44 -28.20 16.33 17.04
C VAL B 44 -28.66 16.92 18.38
N LEU B 45 -29.38 16.12 19.16
CA LEU B 45 -29.84 16.54 20.50
C LEU B 45 -29.13 15.69 21.54
N CYS B 46 -28.68 16.31 22.61
CA CYS B 46 -28.02 15.61 23.72
C CYS B 46 -28.68 15.99 25.03
N ALA B 47 -28.90 14.99 25.88
CA ALA B 47 -29.51 15.15 27.20
C ALA B 47 -28.48 14.82 28.26
N TYR B 48 -28.19 15.82 29.11
CA TYR B 48 -27.21 15.68 30.19
C TYR B 48 -27.81 15.92 31.58
N ILE B 49 -27.22 15.23 32.57
CA ILE B 49 -27.47 15.49 33.99
C ILE B 49 -26.24 16.30 34.45
N MET B 50 -26.45 17.58 34.74
CA MET B 50 -25.40 18.54 35.05
C MET B 50 -25.65 19.30 36.37
N LYS B 51 -24.57 19.64 37.06
CA LYS B 51 -24.61 20.47 38.28
C LYS B 51 -23.55 21.56 38.21
N PRO B 52 -23.94 22.86 38.32
CA PRO B 52 -22.91 23.89 38.36
C PRO B 52 -22.12 23.89 39.63
N LYS B 53 -20.87 24.31 39.55
CA LYS B 53 -20.04 24.50 40.75
C LYS B 53 -20.54 25.74 41.49
N ALA B 54 -20.37 25.73 42.81
CA ALA B 54 -20.73 26.91 43.62
C ALA B 54 -19.78 28.05 43.28
N GLY B 55 -20.33 29.26 43.22
CA GLY B 55 -19.53 30.47 42.99
C GLY B 55 -19.37 30.99 41.57
N PHE B 56 -20.18 30.48 40.65
CA PHE B 56 -20.09 30.89 39.24
C PHE B 56 -21.50 31.33 38.79
N GLY B 57 -21.88 31.05 37.54
CA GLY B 57 -23.20 31.42 37.03
C GLY B 57 -24.28 30.46 37.52
N ASN B 58 -25.53 30.85 37.26
CA ASN B 58 -26.70 30.02 37.60
C ASN B 58 -26.83 28.83 36.62
N PHE B 59 -27.86 28.02 36.78
CA PHE B 59 -28.05 26.81 35.95
C PHE B 59 -28.09 27.07 34.44
N ILE B 60 -28.93 28.03 34.04
CA ILE B 60 -29.06 28.42 32.62
C ILE B 60 -27.78 29.07 32.06
N GLN B 61 -27.14 29.90 32.89
CA GLN B 61 -25.86 30.55 32.53
C GLN B 61 -24.73 29.53 32.32
N THR B 62 -24.66 28.57 33.22
CA THR B 62 -23.68 27.46 33.15
C THR B 62 -23.97 26.55 31.95
N ALA B 63 -25.25 26.26 31.72
CA ALA B 63 -25.68 25.46 30.55
C ALA B 63 -25.34 26.15 29.23
N ALA B 64 -25.52 27.46 29.18
CA ALA B 64 -25.20 28.26 27.98
C ALA B 64 -23.69 28.27 27.73
N HIS B 65 -22.92 28.39 28.81
CA HIS B 65 -21.47 28.34 28.72
C HIS B 65 -20.99 26.94 28.24
N PHE B 66 -21.62 25.91 28.78
CA PHE B 66 -21.41 24.50 28.39
C PHE B 66 -21.64 24.31 26.89
N ALA B 67 -22.77 24.81 26.42
CA ALA B 67 -23.13 24.80 24.98
C ALA B 67 -22.09 25.56 24.11
N ALA B 68 -21.64 26.69 24.61
CA ALA B 68 -20.60 27.50 23.93
C ALA B 68 -19.25 26.77 23.82
N GLU B 69 -18.82 26.19 24.92
CA GLU B 69 -17.58 25.39 24.99
C GLU B 69 -17.66 24.12 24.12
N SER B 70 -18.87 23.61 23.94
CA SER B 70 -19.16 22.42 23.13
C SER B 70 -19.47 22.69 21.65
N SER B 71 -19.30 23.94 21.22
CA SER B 71 -19.59 24.33 19.83
C SER B 71 -18.69 25.44 19.29
N THR B 72 -19.14 26.68 19.37
CA THR B 72 -18.45 27.82 18.71
C THR B 72 -17.71 28.80 19.62
N GLY B 73 -17.87 28.66 20.92
CA GLY B 73 -17.46 29.70 21.86
C GLY B 73 -16.21 29.51 22.65
N THR B 74 -16.02 30.49 23.52
CA THR B 74 -14.96 30.52 24.52
C THR B 74 -15.47 31.39 25.68
N ASN B 75 -14.67 31.51 26.73
CA ASN B 75 -15.01 32.32 27.95
C ASN B 75 -15.06 33.86 27.84
N VAL B 76 -14.64 34.41 26.69
CA VAL B 76 -14.56 35.86 26.42
C VAL B 76 -15.09 36.17 24.99
N GLU B 77 -15.55 37.40 24.77
CA GLU B 77 -15.94 37.87 23.45
C GLU B 77 -14.68 38.08 22.60
N VAL B 78 -14.74 37.61 21.37
CA VAL B 78 -13.62 37.69 20.40
C VAL B 78 -14.02 38.54 19.18
N SER B 79 -13.09 39.35 18.70
CA SER B 79 -13.31 40.27 17.55
C SER B 79 -13.63 39.58 16.21
N THR B 80 -13.11 38.37 16.06
CA THR B 80 -13.32 37.57 14.84
C THR B 80 -14.74 37.01 14.61
N THR B 81 -15.51 36.87 15.70
CA THR B 81 -16.90 36.35 15.64
C THR B 81 -17.77 37.17 14.68
N ASP B 82 -18.28 36.50 13.65
CA ASP B 82 -19.16 37.11 12.64
C ASP B 82 -20.56 36.51 12.73
N ASP B 83 -21.45 36.93 11.86
CA ASP B 83 -22.83 36.44 11.99
C ASP B 83 -23.07 35.01 11.46
N PHE B 84 -22.23 34.50 10.57
CA PHE B 84 -22.29 33.07 10.11
C PHE B 84 -22.10 32.11 11.28
N THR B 85 -21.13 32.44 12.15
CA THR B 85 -20.82 31.66 13.36
C THR B 85 -22.05 31.41 14.24
N ARG B 86 -22.89 32.43 14.38
CA ARG B 86 -24.13 32.37 15.20
C ARG B 86 -25.09 31.26 14.76
N GLY B 87 -25.19 31.03 13.44
CA GLY B 87 -26.05 29.97 12.86
C GLY B 87 -25.68 28.52 13.18
N VAL B 88 -24.43 28.29 13.58
CA VAL B 88 -23.93 26.94 13.95
C VAL B 88 -23.71 26.75 15.45
N ASP B 89 -24.14 27.71 16.26
CA ASP B 89 -24.04 27.62 17.71
C ASP B 89 -24.88 26.46 18.21
N ALA B 90 -24.38 25.75 19.20
CA ALA B 90 -25.19 24.75 19.91
C ALA B 90 -26.11 25.54 20.84
N LEU B 91 -27.33 25.06 21.03
CA LEU B 91 -28.32 25.78 21.83
C LEU B 91 -28.96 24.94 22.92
N VAL B 92 -28.95 25.47 24.13
CA VAL B 92 -29.68 24.89 25.27
C VAL B 92 -31.15 25.21 24.96
N TYR B 93 -31.94 24.17 24.70
CA TYR B 93 -33.37 24.35 24.36
C TYR B 93 -34.33 23.95 25.48
N GLU B 94 -33.83 23.25 26.49
CA GLU B 94 -34.65 22.78 27.58
C GLU B 94 -33.77 22.60 28.81
N VAL B 95 -34.26 23.09 29.94
CA VAL B 95 -33.60 22.92 31.25
C VAL B 95 -34.65 22.53 32.29
N ASP B 96 -34.21 21.72 33.26
CA ASP B 96 -35.01 21.36 34.44
C ASP B 96 -34.04 21.27 35.63
N GLU B 97 -33.78 22.43 36.22
CA GLU B 97 -32.81 22.57 37.34
C GLU B 97 -33.06 21.65 38.53
N ALA B 98 -34.33 21.46 38.88
CA ALA B 98 -34.72 20.58 40.01
C ALA B 98 -34.21 19.14 39.83
N ASN B 99 -34.26 18.66 38.59
CA ASN B 99 -33.74 17.32 38.20
C ASN B 99 -32.38 17.35 37.51
N SER B 100 -31.72 18.51 37.56
CA SER B 100 -30.36 18.71 37.03
C SER B 100 -30.25 18.45 35.51
N LEU B 101 -31.36 18.61 34.80
CA LEU B 101 -31.46 18.26 33.37
C LEU B 101 -31.19 19.45 32.48
N MET B 102 -30.39 19.18 31.46
CA MET B 102 -30.00 20.14 30.45
C MET B 102 -30.03 19.41 29.12
N LYS B 103 -30.73 19.97 28.15
CA LYS B 103 -30.79 19.45 26.79
C LYS B 103 -30.23 20.48 25.82
N ILE B 104 -29.34 20.03 24.94
CA ILE B 104 -28.63 20.89 23.98
C ILE B 104 -28.83 20.39 22.56
N ALA B 105 -29.07 21.32 21.65
CA ALA B 105 -29.26 21.06 20.21
C ALA B 105 -28.00 21.51 19.47
N TYR B 106 -27.38 20.56 18.79
CA TYR B 106 -26.14 20.78 18.02
C TYR B 106 -26.45 20.74 16.54
N PRO B 107 -26.29 21.87 15.83
CA PRO B 107 -26.50 21.83 14.40
C PRO B 107 -25.57 20.80 13.75
N ILE B 108 -26.11 19.98 12.85
CA ILE B 108 -25.36 18.85 12.26
C ILE B 108 -24.12 19.26 11.45
N GLU B 109 -24.09 20.52 10.99
CA GLU B 109 -22.95 21.14 10.29
C GLU B 109 -21.68 21.28 11.15
N LEU B 110 -21.83 21.22 12.47
CA LEU B 110 -20.66 21.25 13.38
C LEU B 110 -19.76 20.01 13.27
N PHE B 111 -20.37 18.87 12.98
CA PHE B 111 -19.68 17.58 13.06
C PHE B 111 -18.78 17.34 11.85
N ASP B 112 -17.57 16.90 12.16
CA ASP B 112 -16.53 16.66 11.17
C ASP B 112 -16.93 15.50 10.25
N ARG B 113 -16.46 15.59 9.01
CA ARG B 113 -16.76 14.60 7.96
C ARG B 113 -15.45 14.19 7.30
N ASN B 114 -15.37 12.95 6.82
CA ASN B 114 -14.17 12.49 6.11
C ASN B 114 -14.03 13.20 4.76
N VAL B 115 -12.83 13.69 4.51
CA VAL B 115 -12.42 14.16 3.19
C VAL B 115 -12.52 13.00 2.16
N ILE B 116 -12.07 11.81 2.54
CA ILE B 116 -11.98 10.68 1.57
C ILE B 116 -13.33 10.15 1.07
N ASP B 117 -14.31 10.08 1.96
CA ASP B 117 -15.64 9.52 1.59
C ASP B 117 -16.89 10.27 2.05
N GLY B 118 -16.72 11.47 2.63
CA GLY B 118 -17.85 12.26 3.14
C GLY B 118 -18.67 11.70 4.29
N ARG B 119 -18.16 10.65 4.94
CA ARG B 119 -18.89 9.98 6.00
C ARG B 119 -18.57 10.60 7.36
N ALA B 120 -19.44 10.32 8.32
CA ALA B 120 -19.31 10.85 9.65
C ALA B 120 -18.26 10.09 10.43
N MET B 121 -17.84 10.69 11.53
CA MET B 121 -16.87 10.08 12.47
C MET B 121 -17.37 10.31 13.89
N ILE B 122 -17.37 9.26 14.70
CA ILE B 122 -17.82 9.37 16.10
C ILE B 122 -16.86 10.23 16.94
N ALA B 123 -15.58 10.26 16.56
CA ALA B 123 -14.56 11.08 17.24
C ALA B 123 -14.96 12.56 17.34
N SER B 124 -15.55 13.07 16.27
CA SER B 124 -16.04 14.45 16.22
C SER B 124 -17.27 14.66 17.09
N PHE B 125 -18.18 13.69 17.06
CA PHE B 125 -19.38 13.69 17.95
C PHE B 125 -18.94 13.78 19.42
N LEU B 126 -17.99 12.93 19.79
CA LEU B 126 -17.42 12.89 21.16
C LEU B 126 -16.67 14.17 21.55
N THR B 127 -15.86 14.68 20.64
CA THR B 127 -15.08 15.91 20.86
C THR B 127 -16.00 17.09 21.18
N LEU B 128 -17.07 17.25 20.42
CA LEU B 128 -18.00 18.37 20.63
C LEU B 128 -18.91 18.15 21.83
N THR B 129 -19.58 17.02 21.87
CA THR B 129 -20.64 16.75 22.85
C THR B 129 -20.18 16.28 24.22
N ILE B 130 -18.99 15.71 24.33
CA ILE B 130 -18.48 15.23 25.63
C ILE B 130 -16.95 15.43 25.76
N GLY B 131 -16.46 16.51 25.17
CA GLY B 131 -15.02 16.79 25.13
C GLY B 131 -14.57 17.78 26.20
N ASN B 132 -14.13 18.96 25.78
CA ASN B 132 -13.67 20.05 26.69
C ASN B 132 -14.67 20.41 27.77
N ASN B 133 -15.97 20.21 27.49
CA ASN B 133 -17.02 20.45 28.50
C ASN B 133 -16.87 19.65 29.79
N GLN B 134 -16.14 18.55 29.72
CA GLN B 134 -15.83 17.69 30.89
C GLN B 134 -14.74 18.23 31.83
N GLY B 135 -14.04 19.27 31.42
CA GLY B 135 -12.98 19.91 32.27
C GLY B 135 -13.25 21.35 32.69
N MET B 136 -14.45 21.85 32.42
CA MET B 136 -14.84 23.23 32.72
C MET B 136 -14.77 23.49 34.23
N GLY B 137 -14.19 24.62 34.57
CA GLY B 137 -13.99 25.00 35.98
C GLY B 137 -15.25 25.42 36.73
N ASP B 138 -16.27 25.84 36.00
CA ASP B 138 -17.57 26.27 36.59
C ASP B 138 -18.65 25.19 36.63
N VAL B 139 -18.30 23.98 36.22
CA VAL B 139 -19.20 22.84 36.22
C VAL B 139 -18.66 21.83 37.23
N GLU B 140 -19.52 21.39 38.15
CA GLU B 140 -19.13 20.34 39.12
C GLU B 140 -19.04 19.01 38.40
N TYR B 141 -20.10 18.71 37.63
CA TYR B 141 -20.17 17.50 36.81
C TYR B 141 -21.23 17.63 35.73
N ALA B 142 -21.08 16.83 34.70
CA ALA B 142 -22.04 16.74 33.58
C ALA B 142 -21.85 15.39 32.88
N LYS B 143 -22.94 14.64 32.75
CA LYS B 143 -22.96 13.29 32.17
C LYS B 143 -24.05 13.19 31.13
N MET B 144 -23.73 12.65 29.97
CA MET B 144 -24.71 12.45 28.90
C MET B 144 -25.50 11.15 29.15
N TYR B 145 -26.81 11.27 29.13
CA TYR B 145 -27.75 10.13 29.32
C TYR B 145 -28.41 9.63 28.05
N ASP B 146 -28.45 10.47 27.03
CA ASP B 146 -29.10 10.11 25.78
C ASP B 146 -28.71 11.12 24.71
N PHE B 147 -28.82 10.68 23.47
CA PHE B 147 -28.62 11.57 22.33
C PHE B 147 -29.55 11.16 21.19
N TYR B 148 -29.91 12.14 20.37
CA TYR B 148 -30.75 11.91 19.18
C TYR B 148 -29.96 12.25 17.92
N VAL B 149 -29.99 11.33 16.95
CA VAL B 149 -29.29 11.52 15.65
C VAL B 149 -30.34 11.58 14.53
N PRO B 150 -30.42 12.72 13.80
CA PRO B 150 -31.42 12.80 12.73
C PRO B 150 -30.97 12.02 11.50
N PRO B 151 -31.90 11.70 10.57
CA PRO B 151 -31.56 10.96 9.35
C PRO B 151 -30.36 11.46 8.54
N ALA B 152 -30.26 12.77 8.36
CA ALA B 152 -29.18 13.40 7.58
C ALA B 152 -27.77 13.15 8.13
N TYR B 153 -27.67 12.93 9.43
CA TYR B 153 -26.39 12.62 10.09
C TYR B 153 -26.24 11.10 10.27
N LEU B 154 -27.32 10.45 10.70
CA LEU B 154 -27.37 8.98 10.92
C LEU B 154 -26.89 8.17 9.71
N LYS B 155 -27.39 8.53 8.53
CA LYS B 155 -27.06 7.83 7.29
C LYS B 155 -25.60 7.91 6.87
N LEU B 156 -24.87 8.86 7.44
CA LEU B 156 -23.43 9.03 7.21
C LEU B 156 -22.54 8.13 8.10
N PHE B 157 -23.12 7.42 9.04
CA PHE B 157 -22.35 6.49 9.89
C PHE B 157 -22.25 5.11 9.25
N ASP B 158 -21.15 4.43 9.54
CA ASP B 158 -20.87 3.12 8.94
C ASP B 158 -21.97 2.13 9.23
N GLY B 159 -22.32 2.02 10.50
CA GLY B 159 -23.32 1.03 10.94
C GLY B 159 -22.71 -0.36 10.86
N PRO B 160 -23.38 -1.38 11.46
CA PRO B 160 -22.76 -2.70 11.41
C PRO B 160 -22.89 -3.32 10.02
N SER B 161 -21.83 -4.01 9.62
CA SER B 161 -21.76 -4.72 8.33
CA SER B 161 -21.79 -4.72 8.30
C SER B 161 -22.11 -6.20 8.45
N THR B 162 -21.72 -6.78 9.58
CA THR B 162 -21.98 -8.18 9.93
C THR B 162 -22.82 -8.16 11.19
N THR B 163 -23.75 -9.10 11.27
CA THR B 163 -24.70 -9.22 12.40
C THR B 163 -24.75 -10.68 12.87
N ILE B 164 -25.55 -10.94 13.91
CA ILE B 164 -25.77 -12.30 14.44
C ILE B 164 -26.33 -13.25 13.38
N LYS B 165 -27.10 -12.68 12.45
CA LYS B 165 -27.64 -13.36 11.26
C LYS B 165 -26.55 -14.19 10.55
N ASP B 166 -25.39 -13.56 10.39
CA ASP B 166 -24.21 -14.19 9.75
C ASP B 166 -23.60 -15.31 10.61
N LEU B 167 -23.68 -15.18 11.93
CA LEU B 167 -23.25 -16.24 12.86
C LEU B 167 -24.24 -17.41 12.84
N TRP B 168 -25.53 -17.10 12.86
CA TRP B 168 -26.59 -18.11 12.74
C TRP B 168 -26.44 -18.93 11.44
N ARG B 169 -26.20 -18.24 10.34
CA ARG B 169 -25.99 -18.90 9.03
C ARG B 169 -24.81 -19.89 9.06
N VAL B 170 -23.71 -19.49 9.66
CA VAL B 170 -22.52 -20.36 9.85
C VAL B 170 -22.84 -21.58 10.74
N LEU B 171 -23.58 -21.35 11.81
CA LEU B 171 -24.03 -22.45 12.71
C LEU B 171 -25.12 -23.38 12.13
N GLY B 172 -25.71 -23.00 11.01
CA GLY B 172 -26.79 -23.77 10.37
C GLY B 172 -28.15 -23.51 11.00
N ARG B 173 -28.26 -22.38 11.70
CA ARG B 173 -29.50 -21.96 12.39
C ARG B 173 -30.33 -21.14 11.41
N PRO B 174 -31.64 -20.97 11.70
CA PRO B 174 -32.43 -20.06 10.89
C PRO B 174 -31.91 -18.64 11.00
N VAL B 175 -31.87 -17.94 9.89
CA VAL B 175 -31.36 -16.55 9.85
C VAL B 175 -32.28 -15.53 10.52
N ILE B 176 -33.52 -15.92 10.75
CA ILE B 176 -34.51 -15.13 11.52
C ILE B 176 -34.78 -15.90 12.79
N ASN B 177 -34.60 -15.25 13.94
CA ASN B 177 -34.77 -15.88 15.27
C ASN B 177 -33.99 -17.20 15.39
N GLY B 178 -32.71 -17.15 15.02
CA GLY B 178 -31.82 -18.32 15.12
C GLY B 178 -31.46 -18.75 16.51
N GLY B 179 -31.75 -17.90 17.49
CA GLY B 179 -31.63 -18.26 18.89
C GLY B 179 -30.30 -18.00 19.59
N PHE B 180 -30.15 -18.73 20.69
CA PHE B 180 -29.06 -18.57 21.66
C PHE B 180 -27.74 -19.15 21.20
N ILE B 181 -26.69 -18.32 21.26
CA ILE B 181 -25.32 -18.75 20.94
C ILE B 181 -24.63 -18.97 22.29
N VAL B 182 -24.31 -20.23 22.56
CA VAL B 182 -23.68 -20.65 23.83
C VAL B 182 -22.19 -20.36 23.73
N GLY B 183 -21.73 -19.46 24.60
CA GLY B 183 -20.34 -19.04 24.56
C GLY B 183 -19.57 -19.14 25.86
N THR B 184 -18.28 -18.94 25.75
CA THR B 184 -17.39 -18.87 26.91
C THR B 184 -16.14 -18.07 26.65
N ILE B 185 -15.44 -17.82 27.75
CA ILE B 185 -14.13 -17.19 27.77
C ILE B 185 -13.22 -18.26 28.35
N ILE B 186 -12.09 -18.53 27.69
CA ILE B 186 -11.12 -19.48 28.24
C ILE B 186 -10.40 -18.76 29.38
N LYS B 187 -10.67 -19.24 30.58
CA LYS B 187 -9.99 -18.80 31.79
C LYS B 187 -8.87 -19.85 32.00
N PRO B 188 -7.75 -19.48 32.66
CA PRO B 188 -7.42 -18.19 33.25
C PRO B 188 -7.33 -17.11 32.20
N LYS B 189 -7.67 -15.89 32.61
CA LYS B 189 -7.67 -14.69 31.75
C LYS B 189 -6.39 -14.56 30.92
N LEU B 190 -5.28 -14.80 31.57
CA LEU B 190 -3.96 -14.90 30.94
C LEU B 190 -3.19 -15.98 31.67
N GLY B 191 -2.23 -16.59 30.99
CA GLY B 191 -1.34 -17.58 31.60
C GLY B 191 -1.26 -18.92 30.90
N LEU B 192 -2.31 -19.30 30.19
CA LEU B 192 -2.29 -20.56 29.44
C LEU B 192 -1.40 -20.44 28.22
N ARG B 193 -0.60 -21.48 28.02
CA ARG B 193 0.28 -21.60 26.86
C ARG B 193 -0.57 -22.05 25.68
N PRO B 194 -0.06 -21.93 24.43
CA PRO B 194 -0.89 -22.21 23.24
C PRO B 194 -1.63 -23.55 23.21
N GLN B 195 -0.94 -24.65 23.48
CA GLN B 195 -1.59 -25.99 23.43
C GLN B 195 -2.63 -26.23 24.54
N PRO B 196 -2.29 -25.98 25.83
CA PRO B 196 -3.31 -26.01 26.89
C PRO B 196 -4.53 -25.10 26.63
N PHE B 197 -4.28 -23.92 26.08
CA PHE B 197 -5.36 -22.99 25.67
C PHE B 197 -6.26 -23.65 24.63
N ALA B 198 -5.64 -24.18 23.59
CA ALA B 198 -6.35 -24.89 22.51
C ALA B 198 -7.12 -26.14 22.97
N ASN B 199 -6.51 -26.91 23.89
CA ASN B 199 -7.16 -28.10 24.49
C ASN B 199 -8.44 -27.73 25.25
N ALA B 200 -8.37 -26.64 26.02
CA ALA B 200 -9.56 -26.07 26.69
C ALA B 200 -10.66 -25.61 25.71
N CYS B 201 -10.25 -25.09 24.56
CA CYS B 201 -11.19 -24.66 23.50
C CYS B 201 -11.93 -25.86 22.93
N TYR B 202 -11.16 -26.87 22.55
CA TYR B 202 -11.69 -28.16 22.06
C TYR B 202 -12.72 -28.73 23.05
N ASP B 203 -12.33 -28.81 24.33
CA ASP B 203 -13.22 -29.32 25.41
C ASP B 203 -14.54 -28.57 25.45
N PHE B 204 -14.47 -27.25 25.53
CA PHE B 204 -15.69 -26.43 25.55
C PHE B 204 -16.54 -26.64 24.31
N TRP B 205 -15.89 -26.66 23.14
CA TRP B 205 -16.58 -26.80 21.84
C TRP B 205 -17.35 -28.11 21.63
N LEU B 206 -17.01 -29.14 22.41
CA LEU B 206 -17.79 -30.39 22.42
C LEU B 206 -19.24 -30.18 22.87
N GLY B 207 -19.44 -29.18 23.72
CA GLY B 207 -20.79 -28.77 24.18
C GLY B 207 -21.29 -27.39 23.77
N GLY B 208 -20.39 -26.47 23.41
CA GLY B 208 -20.77 -25.06 23.09
C GLY B 208 -20.46 -24.60 21.69
N ASP B 209 -20.88 -23.37 21.39
CA ASP B 209 -20.74 -22.76 20.06
C ASP B 209 -19.56 -21.82 19.87
N PHE B 210 -19.38 -20.95 20.85
CA PHE B 210 -18.60 -19.71 20.72
C PHE B 210 -17.59 -19.55 21.82
N ILE B 211 -16.37 -19.20 21.45
CA ILE B 211 -15.31 -18.89 22.42
C ILE B 211 -14.74 -17.51 22.06
N ASN B 213 -11.55 -14.71 23.05
CA ASN B 213 -10.34 -14.39 23.81
C ASN B 213 -10.80 -13.53 24.99
N ASP B 214 -10.12 -13.68 26.12
CA ASP B 214 -10.29 -12.71 27.20
C ASP B 214 -9.68 -11.39 26.68
N GLU B 215 -10.21 -10.27 27.14
CA GLU B 215 -9.79 -8.92 26.63
C GLU B 215 -8.28 -8.62 26.44
N PRO B 216 -7.40 -9.06 27.38
CA PRO B 216 -5.97 -8.79 27.20
C PRO B 216 -5.16 -9.86 26.44
N GLN B 217 -5.76 -11.01 26.13
CA GLN B 217 -5.07 -12.11 25.41
C GLN B 217 -4.69 -11.70 24.00
N GLY B 218 -3.43 -11.93 23.65
CA GLY B 218 -2.93 -11.59 22.32
C GLY B 218 -1.63 -12.28 21.98
N ASN B 219 -0.54 -11.53 22.12
CA ASN B 219 0.81 -11.97 21.75
C ASN B 219 1.73 -11.81 22.96
N GLN B 220 1.32 -12.36 24.08
CA GLN B 220 2.17 -12.38 25.28
C GLN B 220 3.35 -13.33 25.02
N VAL B 221 4.47 -13.05 25.66
CA VAL B 221 5.73 -13.84 25.49
C VAL B 221 5.61 -15.34 25.80
N PHE B 222 4.73 -15.69 26.73
CA PHE B 222 4.44 -17.10 27.10
C PHE B 222 3.40 -17.81 26.21
N ALA B 223 2.65 -17.02 25.46
CA ALA B 223 1.61 -17.52 24.52
C ALA B 223 1.63 -16.68 23.26
N PRO B 224 2.65 -16.89 22.39
CA PRO B 224 2.73 -16.07 21.18
C PRO B 224 1.49 -16.21 20.31
N PHE B 225 1.11 -15.09 19.70
CA PHE B 225 -0.11 -14.96 18.89
C PHE B 225 -0.22 -16.01 17.79
N LYS B 226 0.83 -16.15 17.00
CA LYS B 226 0.81 -17.10 15.87
C LYS B 226 0.70 -18.56 16.31
N ASP B 227 1.42 -18.93 17.36
CA ASP B 227 1.34 -20.30 17.94
C ASP B 227 -0.07 -20.59 18.48
N THR B 228 -0.63 -19.61 19.19
CA THR B 228 -1.99 -19.74 19.75
C THR B 228 -3.04 -19.85 18.64
N VAL B 229 -2.98 -18.94 17.66
CA VAL B 229 -3.96 -18.96 16.54
C VAL B 229 -3.94 -20.34 15.83
N ARG B 230 -2.75 -20.85 15.54
CA ARG B 230 -2.59 -22.16 14.87
C ARG B 230 -3.16 -23.33 15.70
N ALA B 231 -2.89 -23.31 16.99
CA ALA B 231 -3.40 -24.35 17.91
C ALA B 231 -4.92 -24.31 18.01
N VAL B 232 -5.47 -23.10 18.10
CA VAL B 232 -6.95 -22.92 18.13
C VAL B 232 -7.60 -23.39 16.82
N ALA B 233 -6.97 -23.08 15.70
CA ALA B 233 -7.46 -23.52 14.37
C ALA B 233 -7.51 -25.05 14.28
N ASP B 234 -6.47 -25.69 14.79
CA ASP B 234 -6.43 -27.15 14.88
C ASP B 234 -7.55 -27.69 15.79
N ALA B 235 -7.69 -27.06 16.95
CA ALA B 235 -8.78 -27.39 17.92
C ALA B 235 -10.19 -27.25 17.35
N MET B 236 -10.42 -26.18 16.58
CA MET B 236 -11.72 -25.96 15.90
C MET B 236 -12.01 -27.10 14.90
N ARG B 237 -11.00 -27.42 14.09
CA ARG B 237 -11.13 -28.51 13.08
C ARG B 237 -11.47 -29.83 13.73
N ARG B 238 -10.75 -30.15 14.80
CA ARG B 238 -10.98 -31.39 15.58
C ARG B 238 -12.37 -31.42 16.22
N ALA B 239 -12.78 -30.31 16.82
CA ALA B 239 -14.10 -30.21 17.49
C ALA B 239 -15.26 -30.32 16.50
N GLN B 240 -15.10 -29.72 15.33
CA GLN B 240 -16.09 -29.78 14.24
C GLN B 240 -16.20 -31.19 13.63
N ASP B 241 -15.06 -31.85 13.46
CA ASP B 241 -15.04 -33.26 12.99
C ASP B 241 -15.73 -34.21 13.98
N LYS B 242 -15.51 -33.99 15.27
CA LYS B 242 -16.09 -34.84 16.33
C LYS B 242 -17.60 -34.63 16.49
N THR B 243 -18.00 -33.38 16.60
CA THR B 243 -19.42 -33.02 16.85
C THR B 243 -20.30 -32.94 15.60
N GLY B 244 -19.69 -32.70 14.45
CA GLY B 244 -20.44 -32.45 13.20
C GLY B 244 -21.19 -31.12 13.18
N GLU B 245 -20.79 -30.19 14.06
CA GLU B 245 -21.40 -28.85 14.18
C GLU B 245 -20.33 -27.78 14.02
N ALA B 246 -20.73 -26.63 13.48
CA ALA B 246 -19.81 -25.50 13.27
C ALA B 246 -19.51 -24.83 14.60
N LYS B 247 -18.28 -24.36 14.74
CA LYS B 247 -17.80 -23.67 15.95
C LYS B 247 -17.26 -22.29 15.60
N LEU B 248 -17.34 -21.37 16.56
CA LEU B 248 -16.97 -19.97 16.36
C LEU B 248 -15.91 -19.55 17.36
N PHE B 249 -15.00 -18.68 16.91
CA PHE B 249 -13.98 -18.06 17.80
C PHE B 249 -13.90 -16.55 17.56
N SER B 250 -13.82 -15.79 18.65
CA SER B 250 -13.64 -14.33 18.62
C SER B 250 -12.23 -13.97 19.12
N PHE B 251 -11.35 -13.64 18.18
CA PHE B 251 -9.95 -13.29 18.49
C PHE B 251 -9.74 -11.80 18.75
N ASN B 252 -8.97 -11.51 19.78
CA ASN B 252 -8.55 -10.14 20.06
C ASN B 252 -7.46 -9.70 19.06
N ILE B 253 -7.79 -8.71 18.26
CA ILE B 253 -6.83 -8.13 17.31
C ILE B 253 -6.44 -6.69 17.70
N THR B 254 -6.81 -6.27 18.91
CA THR B 254 -6.55 -4.91 19.39
C THR B 254 -5.07 -4.59 19.40
N ALA B 255 -4.75 -3.37 18.97
CA ALA B 255 -3.40 -2.83 19.02
C ALA B 255 -3.47 -1.32 18.89
N ASP B 256 -2.42 -0.66 19.37
CA ASP B 256 -2.25 0.79 19.15
C ASP B 256 -2.02 1.03 17.65
N ASP B 257 -1.20 0.18 17.06
CA ASP B 257 -0.79 0.31 15.66
C ASP B 257 -1.81 -0.35 14.73
N HIS B 258 -2.42 0.48 13.88
CA HIS B 258 -3.34 0.06 12.82
C HIS B 258 -2.82 -1.14 12.03
N TYR B 259 -1.53 -1.09 11.68
CA TYR B 259 -0.89 -2.15 10.87
C TYR B 259 -0.73 -3.48 11.63
N GLU B 260 -0.58 -3.39 12.95
CA GLU B 260 -0.56 -4.57 13.82
C GLU B 260 -1.93 -5.27 13.81
N MET B 261 -2.98 -4.47 13.91
CA MET B 261 -4.37 -4.99 13.84
C MET B 261 -4.61 -5.72 12.50
N LEU B 262 -4.15 -5.12 11.41
CA LEU B 262 -4.24 -5.74 10.08
C LEU B 262 -3.44 -7.04 9.98
N ALA B 263 -2.21 -7.01 10.47
CA ALA B 263 -1.35 -8.21 10.49
C ALA B 263 -2.01 -9.39 11.24
N ARG B 264 -2.59 -9.11 12.39
CA ARG B 264 -3.28 -10.12 13.21
C ARG B 264 -4.49 -10.69 12.53
N GLY B 265 -5.34 -9.80 12.03
CA GLY B 265 -6.56 -10.18 11.30
C GLY B 265 -6.27 -11.03 10.07
N GLU B 266 -5.36 -10.55 9.24
CA GLU B 266 -4.94 -11.26 8.00
C GLU B 266 -4.35 -12.64 8.30
N PHE B 267 -3.50 -12.71 9.32
CA PHE B 267 -2.91 -13.99 9.72
C PHE B 267 -3.99 -15.00 10.15
N ILE B 268 -4.93 -14.55 10.98
CA ILE B 268 -6.02 -15.42 11.46
C ILE B 268 -6.85 -15.99 10.29
N LEU B 269 -7.29 -15.11 9.38
CA LEU B 269 -8.15 -15.53 8.27
C LEU B 269 -7.47 -16.52 7.32
N GLU B 270 -6.19 -16.27 7.01
CA GLU B 270 -5.37 -17.15 6.16
C GLU B 270 -5.17 -18.52 6.88
N THR B 271 -4.94 -18.48 8.19
CA THR B 271 -4.72 -19.70 8.99
C THR B 271 -5.98 -20.57 9.09
N PHE B 272 -7.11 -19.95 9.39
CA PHE B 272 -8.39 -20.68 9.50
C PHE B 272 -8.93 -21.19 8.16
N ALA B 273 -8.57 -20.50 7.07
CA ALA B 273 -8.82 -20.96 5.70
C ALA B 273 -10.32 -21.18 5.41
N ASP B 274 -10.74 -22.43 5.19
CA ASP B 274 -12.18 -22.75 4.98
C ASP B 274 -13.07 -22.48 6.20
N ASN B 275 -12.43 -22.33 7.35
CA ASN B 275 -13.12 -21.88 8.58
C ASN B 275 -12.99 -20.38 8.87
N ALA B 276 -12.54 -19.59 7.89
CA ALA B 276 -12.38 -18.13 8.07
C ALA B 276 -13.68 -17.37 8.36
N ASP B 277 -14.81 -17.85 7.83
CA ASP B 277 -16.14 -17.27 8.16
C ASP B 277 -16.68 -17.67 9.56
N HIS B 278 -15.93 -18.49 10.29
CA HIS B 278 -16.25 -18.85 11.69
C HIS B 278 -15.59 -17.91 12.70
N ILE B 279 -14.88 -16.90 12.19
CA ILE B 279 -14.05 -16.01 13.01
C ILE B 279 -14.67 -14.64 13.19
N ALA B 280 -14.77 -14.23 14.45
CA ALA B 280 -15.11 -12.86 14.81
C ALA B 280 -13.81 -12.18 15.24
N PHE B 281 -13.79 -10.86 15.16
CA PHE B 281 -12.65 -10.06 15.63
C PHE B 281 -13.08 -9.20 16.78
N LEU B 282 -12.40 -9.41 17.91
CA LEU B 282 -12.63 -8.67 19.14
C LEU B 282 -11.73 -7.46 19.21
N VAL B 283 -12.32 -6.32 19.55
CA VAL B 283 -11.59 -5.07 19.71
C VAL B 283 -11.95 -4.48 21.06
N ASP B 284 -10.92 -4.13 21.84
CA ASP B 284 -11.09 -3.41 23.12
C ASP B 284 -11.40 -1.95 22.76
N GLY B 285 -12.64 -1.73 22.36
CA GLY B 285 -13.08 -0.46 21.79
C GLY B 285 -13.09 0.75 22.70
N TYR B 286 -13.29 0.55 23.99
CA TYR B 286 -13.29 1.66 24.94
C TYR B 286 -11.87 2.17 25.19
N VAL B 287 -10.96 1.26 25.54
CA VAL B 287 -9.55 1.66 25.84
C VAL B 287 -8.69 1.99 24.62
N ALA B 288 -8.84 1.23 23.54
CA ALA B 288 -8.10 1.49 22.28
C ALA B 288 -8.71 2.64 21.48
N GLY B 289 -10.01 2.81 21.62
CA GLY B 289 -10.76 3.92 21.06
C GLY B 289 -11.48 3.66 19.75
N PRO B 290 -12.30 4.62 19.29
CA PRO B 290 -13.00 4.55 18.01
C PRO B 290 -12.13 4.24 16.79
N ALA B 291 -10.91 4.77 16.77
CA ALA B 291 -9.96 4.52 15.69
C ALA B 291 -9.67 3.03 15.50
N ALA B 292 -9.49 2.31 16.61
CA ALA B 292 -9.27 0.85 16.58
C ALA B 292 -10.50 0.07 16.09
N VAL B 293 -11.66 0.51 16.53
CA VAL B 293 -12.94 -0.10 16.14
C VAL B 293 -13.15 0.02 14.63
N THR B 294 -12.94 1.23 14.13
CA THR B 294 -13.09 1.54 12.71
C THR B 294 -12.07 0.79 11.84
N THR B 295 -10.85 0.64 12.33
CA THR B 295 -9.84 -0.17 11.63
C THR B 295 -10.40 -1.56 11.31
N ALA B 296 -10.91 -2.21 12.35
CA ALA B 296 -11.50 -3.56 12.23
C ALA B 296 -12.77 -3.53 11.36
N ARG B 297 -13.62 -2.55 11.59
CA ARG B 297 -14.88 -2.38 10.83
C ARG B 297 -14.66 -2.19 9.34
N ARG B 298 -13.74 -1.31 8.98
CA ARG B 298 -13.46 -0.96 7.57
C ARG B 298 -12.53 -1.95 6.86
N ALA B 299 -11.52 -2.46 7.56
CA ALA B 299 -10.62 -3.46 6.94
C ALA B 299 -11.25 -4.83 6.81
N PHE B 300 -12.10 -5.20 7.77
CA PHE B 300 -12.72 -6.55 7.81
C PHE B 300 -14.25 -6.53 8.00
N PRO B 301 -14.98 -5.90 7.05
CA PRO B 301 -16.44 -5.79 7.16
C PRO B 301 -17.23 -7.11 7.15
N LYS B 302 -16.63 -8.15 6.59
CA LYS B 302 -17.23 -9.50 6.51
C LYS B 302 -16.94 -10.39 7.70
N GLN B 303 -16.24 -9.86 8.70
CA GLN B 303 -15.95 -10.61 9.93
C GLN B 303 -16.68 -9.89 11.06
N TYR B 304 -17.44 -10.65 11.84
CA TYR B 304 -18.19 -10.15 12.97
C TYR B 304 -17.27 -9.35 13.91
N LEU B 305 -17.62 -8.09 14.12
CA LEU B 305 -16.86 -7.14 14.96
C LEU B 305 -17.41 -7.14 16.39
N HIS B 306 -16.62 -7.71 17.28
CA HIS B 306 -16.95 -7.91 18.67
C HIS B 306 -16.34 -6.77 19.51
N TYR B 307 -17.15 -5.80 19.86
CA TYR B 307 -16.73 -4.66 20.66
C TYR B 307 -16.69 -5.09 22.11
N HIS B 308 -15.49 -5.16 22.67
CA HIS B 308 -15.29 -5.43 24.10
C HIS B 308 -15.08 -4.08 24.78
N ARG B 309 -15.87 -3.79 25.80
CA ARG B 309 -15.89 -2.45 26.45
C ARG B 309 -15.06 -2.23 27.72
N ALA B 310 -14.14 -3.14 28.01
CA ALA B 310 -13.23 -3.08 29.17
C ALA B 310 -12.73 -1.67 29.42
N GLY B 311 -12.91 -1.21 30.65
CA GLY B 311 -12.54 0.15 31.06
C GLY B 311 -13.68 1.14 31.08
N HIS B 312 -14.78 0.83 30.38
CA HIS B 312 -15.97 1.72 30.28
C HIS B 312 -16.53 2.16 31.64
N GLY B 313 -16.43 1.30 32.64
CA GLY B 313 -16.93 1.55 34.00
C GLY B 313 -16.37 2.79 34.69
N ALA B 314 -15.21 3.25 34.24
CA ALA B 314 -14.63 4.52 34.71
C ALA B 314 -15.56 5.72 34.52
N VAL B 315 -16.37 5.70 33.47
CA VAL B 315 -17.39 6.76 33.21
C VAL B 315 -18.84 6.29 33.29
N THR B 316 -19.12 5.08 32.80
CA THR B 316 -20.51 4.58 32.68
C THR B 316 -21.15 4.18 34.00
N SER B 317 -20.34 3.87 35.00
CA SER B 317 -20.86 3.47 36.33
C SER B 317 -21.84 4.54 36.86
N PRO B 318 -22.94 4.12 37.52
CA PRO B 318 -23.81 5.11 38.19
C PRO B 318 -23.11 5.92 39.29
N GLN B 319 -22.06 5.33 39.86
CA GLN B 319 -21.17 6.04 40.81
C GLN B 319 -20.53 7.28 40.17
N SER B 320 -20.25 7.21 38.88
CA SER B 320 -19.74 8.36 38.10
C SER B 320 -20.86 9.31 37.74
N LYS B 321 -20.59 10.60 37.95
CA LYS B 321 -21.51 11.68 37.56
C LYS B 321 -21.01 12.40 36.30
N ARG B 322 -20.03 11.81 35.61
CA ARG B 322 -19.37 12.42 34.47
C ARG B 322 -19.38 11.52 33.25
N GLY B 323 -19.05 12.11 32.12
CA GLY B 323 -18.88 11.38 30.86
C GLY B 323 -20.20 10.98 30.25
N TYR B 324 -20.43 9.70 30.13
CA TYR B 324 -21.67 9.19 29.53
C TYR B 324 -22.02 7.83 30.09
N THR B 325 -23.27 7.48 29.92
CA THR B 325 -23.80 6.20 30.44
C THR B 325 -23.49 5.05 29.48
N ALA B 326 -23.70 3.84 29.96
CA ALA B 326 -23.53 2.62 29.16
C ALA B 326 -24.51 2.58 27.98
N PHE B 327 -25.66 3.18 28.18
CA PHE B 327 -26.67 3.31 27.12
C PHE B 327 -26.12 4.12 25.93
N VAL B 328 -25.54 5.27 26.24
CA VAL B 328 -24.93 6.17 25.25
C VAL B 328 -23.78 5.46 24.52
N LEU B 329 -22.93 4.78 25.28
CA LEU B 329 -21.81 4.02 24.73
C LEU B 329 -22.26 2.98 23.72
N SER B 330 -23.26 2.19 24.12
CA SER B 330 -23.86 1.14 23.28
C SER B 330 -24.48 1.69 22.01
N LYS B 331 -25.18 2.80 22.14
CA LYS B 331 -25.81 3.46 20.98
C LYS B 331 -24.76 3.99 19.98
N MET B 332 -23.69 4.57 20.50
CA MET B 332 -22.55 5.00 19.68
C MET B 332 -21.89 3.82 18.96
N ALA B 333 -21.74 2.71 19.67
CA ALA B 333 -21.09 1.50 19.11
C ALA B 333 -21.80 0.95 17.88
N ARG B 334 -23.12 1.05 17.88
CA ARG B 334 -23.94 0.62 16.73
C ARG B 334 -23.62 1.48 15.52
N LEU B 335 -23.61 2.80 15.72
CA LEU B 335 -23.20 3.78 14.68
C LEU B 335 -21.79 3.51 14.15
N GLN B 336 -20.87 3.18 15.07
CA GLN B 336 -19.47 2.86 14.71
C GLN B 336 -19.35 1.59 13.88
N GLY B 337 -20.28 0.67 14.07
CA GLY B 337 -20.34 -0.58 13.31
C GLY B 337 -20.02 -1.84 14.04
N ALA B 338 -20.11 -1.81 15.36
CA ALA B 338 -19.94 -3.02 16.15
C ALA B 338 -21.04 -4.03 15.76
N SER B 339 -20.62 -5.26 15.49
CA SER B 339 -21.55 -6.36 15.20
C SER B 339 -22.23 -6.83 16.47
N GLY B 340 -21.47 -6.72 17.55
CA GLY B 340 -21.98 -6.97 18.88
C GLY B 340 -21.22 -6.15 19.89
N ILE B 341 -21.88 -5.87 21.01
CA ILE B 341 -21.25 -5.18 22.13
C ILE B 341 -21.73 -5.79 23.44
N HIS B 342 -20.83 -5.80 24.41
CA HIS B 342 -21.17 -6.19 25.78
C HIS B 342 -22.14 -5.16 26.33
N THR B 343 -23.30 -5.63 26.78
CA THR B 343 -24.33 -4.78 27.40
C THR B 343 -24.46 -5.03 28.89
N GLY B 344 -23.64 -5.94 29.40
CA GLY B 344 -23.65 -6.30 30.80
C GLY B 344 -24.74 -7.30 31.08
N THR B 345 -24.69 -7.81 32.30
CA THR B 345 -25.64 -8.84 32.76
C THR B 345 -26.94 -8.30 33.36
N MET B 346 -27.11 -6.98 33.36
CA MET B 346 -28.35 -6.30 33.79
C MET B 346 -28.75 -6.65 35.22
N GLY B 347 -27.76 -6.65 36.09
CA GLY B 347 -27.92 -6.99 37.51
C GLY B 347 -27.92 -8.47 37.87
N PHE B 348 -27.77 -9.35 36.89
CA PHE B 348 -27.78 -10.81 37.12
C PHE B 348 -26.41 -11.49 37.23
N GLY B 349 -25.34 -10.75 36.95
CA GLY B 349 -23.96 -11.26 37.04
C GLY B 349 -23.13 -10.56 38.10
N LYS B 350 -21.81 -10.68 37.97
CA LYS B 350 -20.84 -10.12 38.95
C LYS B 350 -20.53 -8.63 38.80
N MET B 351 -20.69 -8.10 37.60
CA MET B 351 -20.34 -6.70 37.32
C MET B 351 -21.50 -5.76 37.64
N GLU B 352 -21.22 -4.48 37.71
CA GLU B 352 -22.26 -3.47 37.94
C GLU B 352 -23.25 -3.44 36.79
N GLY B 353 -24.54 -3.42 37.12
CA GLY B 353 -25.62 -3.43 36.13
C GLY B 353 -26.99 -3.42 36.80
N GLU B 354 -28.01 -3.05 36.03
CA GLU B 354 -29.40 -2.93 36.49
C GLU B 354 -30.38 -3.60 35.53
N ALA B 355 -31.51 -4.06 36.06
CA ALA B 355 -32.58 -4.70 35.23
C ALA B 355 -33.13 -3.78 34.13
N ALA B 356 -33.17 -2.48 34.40
CA ALA B 356 -33.57 -1.45 33.41
C ALA B 356 -32.67 -1.34 32.18
N ASP B 357 -31.46 -1.88 32.27
CA ASP B 357 -30.50 -1.96 31.14
C ASP B 357 -30.99 -2.81 29.94
N ARG B 358 -32.11 -3.52 30.11
CA ARG B 358 -32.78 -4.19 28.98
C ARG B 358 -33.07 -3.22 27.83
N ALA B 359 -33.38 -1.97 28.17
CA ALA B 359 -33.58 -0.89 27.19
C ALA B 359 -32.34 -0.65 26.30
N ILE B 360 -31.14 -0.94 26.83
CA ILE B 360 -29.90 -0.83 26.06
C ILE B 360 -29.96 -1.83 24.92
N ALA B 361 -30.31 -3.07 25.26
CA ALA B 361 -30.42 -4.16 24.26
C ALA B 361 -31.38 -3.80 23.12
N TYR B 362 -32.56 -3.32 23.48
CA TYR B 362 -33.58 -2.94 22.48
C TYR B 362 -33.17 -1.74 21.61
N MET B 363 -32.43 -0.80 22.18
CA MET B 363 -31.88 0.34 21.40
C MET B 363 -30.88 -0.12 20.33
N ILE B 364 -30.10 -1.15 20.64
CA ILE B 364 -29.10 -1.68 19.69
C ILE B 364 -29.61 -2.74 18.70
N THR B 365 -30.73 -3.40 19.02
CA THR B 365 -31.31 -4.47 18.17
C THR B 365 -32.52 -4.08 17.29
N GLU B 366 -33.27 -3.06 17.70
CA GLU B 366 -34.51 -2.69 16.98
C GLU B 366 -34.30 -1.56 15.99
N ASP B 367 -35.19 -1.51 15.02
CA ASP B 367 -35.21 -0.41 14.03
C ASP B 367 -35.79 0.88 14.62
N ALA B 368 -36.59 0.74 15.67
CA ALA B 368 -37.14 1.89 16.41
C ALA B 368 -37.15 1.56 17.88
N ALA B 369 -36.71 2.51 18.70
CA ALA B 369 -36.61 2.30 20.15
C ALA B 369 -36.58 3.61 20.91
N ASP B 370 -36.93 3.52 22.19
CA ASP B 370 -36.95 4.67 23.11
C ASP B 370 -35.75 4.63 24.03
N GLY B 371 -35.05 5.76 24.12
CA GLY B 371 -34.00 5.95 25.10
C GLY B 371 -34.66 6.60 26.31
N PRO B 372 -33.89 6.95 27.34
CA PRO B 372 -34.48 7.63 28.50
C PRO B 372 -35.10 9.02 28.16
N TYR B 373 -34.58 9.67 27.14
CA TYR B 373 -35.06 11.00 26.70
C TYR B 373 -35.51 11.12 25.25
N PHE B 374 -34.93 10.33 24.35
CA PHE B 374 -35.24 10.43 22.91
C PHE B 374 -35.65 9.12 22.28
N HIS B 375 -36.64 9.21 21.40
CA HIS B 375 -37.04 8.11 20.53
C HIS B 375 -36.08 8.14 19.33
N GLN B 376 -35.62 6.96 18.91
CA GLN B 376 -34.68 6.85 17.78
C GLN B 376 -35.21 5.92 16.70
N GLU B 377 -35.24 6.42 15.47
CA GLU B 377 -35.48 5.64 14.27
C GLU B 377 -34.08 5.33 13.67
N TRP B 378 -33.83 4.06 13.39
CA TRP B 378 -32.51 3.60 12.84
C TRP B 378 -32.45 3.51 11.31
N LEU B 379 -33.60 3.70 10.67
CA LEU B 379 -33.72 3.75 9.19
C LEU B 379 -33.12 2.53 8.48
N GLY B 380 -33.32 1.36 9.07
CA GLY B 380 -32.81 0.11 8.54
C GLY B 380 -31.33 -0.20 8.77
N MET B 381 -30.65 0.64 9.57
CA MET B 381 -29.26 0.37 9.97
C MET B 381 -29.26 -0.97 10.69
N ASN B 382 -28.27 -1.81 10.38
CA ASN B 382 -28.17 -3.14 10.99
C ASN B 382 -28.13 -3.11 12.51
N PRO B 383 -28.64 -4.18 13.16
CA PRO B 383 -28.55 -4.27 14.59
C PRO B 383 -27.17 -4.69 15.09
N THR B 384 -26.90 -4.35 16.34
CA THR B 384 -25.72 -4.80 17.09
C THR B 384 -26.23 -5.79 18.12
N THR B 385 -25.59 -6.95 18.19
CA THR B 385 -26.01 -8.01 19.13
C THR B 385 -25.67 -7.66 20.59
N PRO B 386 -26.61 -7.93 21.52
CA PRO B 386 -26.21 -7.84 22.93
C PRO B 386 -25.35 -9.04 23.26
N ILE B 387 -24.14 -8.80 23.77
CA ILE B 387 -23.25 -9.87 24.22
C ILE B 387 -23.30 -9.84 25.75
N ILE B 388 -23.67 -10.97 26.33
CA ILE B 388 -23.89 -11.09 27.79
C ILE B 388 -22.72 -11.82 28.42
N SER B 389 -22.01 -11.13 29.32
CA SER B 389 -20.78 -11.67 29.92
C SER B 389 -20.51 -11.11 31.31
N GLY B 390 -19.91 -11.93 32.17
CA GLY B 390 -19.47 -11.52 33.51
C GLY B 390 -20.22 -12.17 34.66
N GLY B 391 -19.68 -13.28 35.15
CA GLY B 391 -20.25 -13.98 36.31
C GLY B 391 -21.60 -14.63 36.10
N MET B 392 -21.82 -15.13 34.89
CA MET B 392 -23.05 -15.85 34.55
C MET B 392 -22.79 -17.34 34.61
N ASN B 393 -23.85 -18.07 34.86
CA ASN B 393 -23.84 -19.52 34.84
C ASN B 393 -25.24 -20.00 34.48
N ALA B 394 -25.39 -21.30 34.34
CA ALA B 394 -26.71 -21.91 34.00
C ALA B 394 -27.84 -21.54 34.96
N LEU B 395 -27.51 -21.39 36.23
CA LEU B 395 -28.49 -21.09 37.30
C LEU B 395 -29.06 -19.67 37.22
N ARG B 396 -28.19 -18.72 36.91
CA ARG B 396 -28.57 -17.30 36.78
C ARG B 396 -29.28 -16.92 35.45
N MET B 397 -29.26 -17.81 34.47
CA MET B 397 -29.78 -17.55 33.10
C MET B 397 -31.29 -17.36 32.91
N PRO B 398 -32.12 -18.27 33.47
CA PRO B 398 -33.58 -18.11 33.30
C PRO B 398 -34.14 -16.78 33.79
N GLY B 399 -33.59 -16.31 34.91
CA GLY B 399 -33.92 -14.99 35.46
C GLY B 399 -33.52 -13.86 34.52
N PHE B 400 -32.32 -13.97 33.94
CA PHE B 400 -31.81 -12.99 32.97
C PHE B 400 -32.70 -12.89 31.73
N PHE B 401 -33.03 -14.04 31.15
CA PHE B 401 -33.89 -14.08 29.95
C PHE B 401 -35.30 -13.56 30.19
N ASP B 402 -35.85 -13.84 31.37
CA ASP B 402 -37.18 -13.31 31.80
C ASP B 402 -37.21 -11.78 31.78
N ASN B 403 -36.17 -11.17 32.34
CA ASN B 403 -36.04 -9.71 32.35
C ASN B 403 -35.86 -9.10 30.94
N LEU B 404 -35.04 -9.73 30.10
CA LEU B 404 -34.76 -9.24 28.73
C LEU B 404 -35.93 -9.43 27.76
N GLY B 405 -36.43 -10.65 27.72
CA GLY B 405 -37.60 -11.01 26.86
C GLY B 405 -37.27 -11.85 25.63
N HIS B 406 -35.99 -12.09 25.38
CA HIS B 406 -35.54 -12.92 24.25
C HIS B 406 -34.15 -13.52 24.49
N SER B 407 -33.80 -14.51 23.66
CA SER B 407 -32.50 -15.23 23.74
C SER B 407 -31.70 -15.24 22.41
N ASN B 408 -32.05 -14.35 21.50
CA ASN B 408 -31.30 -14.06 20.26
C ASN B 408 -30.07 -13.21 20.58
N LEU B 409 -29.07 -13.87 21.12
CA LEU B 409 -27.89 -13.19 21.66
C LEU B 409 -26.77 -14.17 21.88
N ILE B 410 -25.62 -13.60 22.18
CA ILE B 410 -24.43 -14.36 22.56
C ILE B 410 -24.26 -14.19 24.07
N MET B 411 -24.02 -15.30 24.75
CA MET B 411 -23.68 -15.26 26.17
C MET B 411 -22.40 -16.04 26.37
N THR B 412 -21.44 -15.40 27.03
CA THR B 412 -20.16 -16.01 27.36
C THR B 412 -20.06 -16.15 28.87
N ALA B 413 -19.82 -17.37 29.29
CA ALA B 413 -19.66 -17.71 30.72
C ALA B 413 -18.37 -18.49 30.91
N GLY B 414 -17.34 -17.80 31.38
CA GLY B 414 -16.03 -18.41 31.63
C GLY B 414 -16.07 -19.30 32.84
N GLY B 415 -16.31 -18.67 33.97
CA GLY B 415 -16.48 -19.36 35.24
C GLY B 415 -17.67 -20.30 35.26
N GLY B 416 -18.75 -19.90 34.60
CA GLY B 416 -19.95 -20.75 34.45
C GLY B 416 -19.79 -22.03 33.64
N ALA B 417 -18.76 -22.08 32.80
CA ALA B 417 -18.46 -23.27 31.98
C ALA B 417 -17.32 -24.13 32.56
N PHE B 418 -16.13 -23.53 32.67
CA PHE B 418 -14.94 -24.24 33.20
C PHE B 418 -14.90 -24.45 34.70
N GLY B 419 -15.76 -23.73 35.42
CA GLY B 419 -15.97 -23.94 36.87
C GLY B 419 -17.01 -25.01 37.20
N HIS B 420 -17.65 -25.56 36.15
CA HIS B 420 -18.59 -26.68 36.29
C HIS B 420 -17.80 -27.88 36.81
N VAL B 421 -18.40 -28.60 37.74
CA VAL B 421 -17.74 -29.77 38.41
C VAL B 421 -17.15 -30.82 37.43
N ASP B 422 -17.94 -31.16 36.43
CA ASP B 422 -17.59 -32.14 35.38
C ASP B 422 -16.71 -31.60 34.23
N GLY B 423 -16.48 -30.29 34.20
CA GLY B 423 -15.59 -29.68 33.20
C GLY B 423 -16.29 -28.80 32.17
N GLY B 424 -15.49 -28.30 31.23
CA GLY B 424 -15.92 -27.33 30.20
C GLY B 424 -17.08 -27.74 29.30
N ALA B 425 -16.97 -28.94 28.71
CA ALA B 425 -18.01 -29.48 27.82
C ALA B 425 -19.36 -29.59 28.51
N ALA B 426 -19.33 -30.15 29.71
CA ALA B 426 -20.53 -30.27 30.57
C ALA B 426 -21.05 -28.91 30.99
N GLY B 427 -20.12 -28.01 31.28
CA GLY B 427 -20.45 -26.61 31.57
C GLY B 427 -21.21 -25.97 30.41
N ALA B 428 -20.71 -26.17 29.21
CA ALA B 428 -21.38 -25.65 27.98
C ALA B 428 -22.79 -26.16 27.82
N LYS B 429 -22.95 -27.46 28.03
CA LYS B 429 -24.27 -28.13 27.97
C LYS B 429 -25.27 -27.60 29.00
N SER B 430 -24.78 -27.30 30.21
CA SER B 430 -25.64 -26.72 31.27
C SER B 430 -26.19 -25.33 30.85
N LEU B 431 -25.37 -24.56 30.14
CA LEU B 431 -25.77 -23.25 29.58
C LEU B 431 -26.81 -23.43 28.48
N ARG B 432 -26.52 -24.34 27.56
CA ARG B 432 -27.47 -24.76 26.49
C ARG B 432 -28.84 -25.11 27.08
N GLN B 433 -28.81 -26.02 28.04
CA GLN B 433 -30.02 -26.54 28.72
C GLN B 433 -30.79 -25.47 29.50
N ALA B 434 -30.06 -24.60 30.17
CA ALA B 434 -30.65 -23.45 30.91
C ALA B 434 -31.52 -22.55 30.02
N GLU B 435 -31.06 -22.31 28.79
CA GLU B 435 -31.85 -21.54 27.80
C GLU B 435 -33.01 -22.36 27.25
N GLN B 436 -32.80 -23.66 27.05
CA GLN B 436 -33.88 -24.59 26.65
C GLN B 436 -34.99 -24.60 27.70
N CYS B 437 -34.58 -24.66 28.96
CA CYS B 437 -35.50 -24.57 30.11
C CYS B 437 -36.35 -23.29 30.11
N TRP B 438 -35.69 -22.16 29.88
CA TRP B 438 -36.38 -20.85 29.79
C TRP B 438 -37.36 -20.78 28.63
N LYS B 439 -36.90 -21.24 27.47
CA LYS B 439 -37.68 -21.22 26.22
C LYS B 439 -38.99 -22.01 26.32
N GLN B 440 -38.92 -23.16 26.99
CA GLN B 440 -40.09 -24.04 27.24
C GLN B 440 -41.00 -23.62 28.44
N GLY B 441 -40.52 -22.68 29.24
CA GLY B 441 -41.25 -22.20 30.45
C GLY B 441 -41.25 -23.07 31.70
N ALA B 442 -40.32 -24.00 31.74
CA ALA B 442 -40.27 -25.03 32.79
C ALA B 442 -39.64 -24.50 34.06
N ASP B 443 -39.87 -25.22 35.16
CA ASP B 443 -39.29 -24.90 36.48
C ASP B 443 -37.86 -25.43 36.47
N PRO B 444 -36.84 -24.56 36.67
CA PRO B 444 -35.43 -25.01 36.64
C PRO B 444 -35.08 -26.22 37.52
N VAL B 445 -35.64 -26.27 38.71
CA VAL B 445 -35.40 -27.39 39.66
C VAL B 445 -35.96 -28.72 39.09
N GLU B 446 -37.17 -28.66 38.57
CA GLU B 446 -37.82 -29.85 37.94
C GLU B 446 -37.20 -30.23 36.60
N PHE B 447 -36.86 -29.20 35.83
CA PHE B 447 -36.15 -29.36 34.54
C PHE B 447 -34.83 -30.12 34.74
N ALA B 448 -34.10 -29.73 35.78
CA ALA B 448 -32.80 -30.34 36.15
C ALA B 448 -32.82 -31.86 36.40
N LYS B 449 -33.94 -32.41 36.86
CA LYS B 449 -34.07 -33.89 37.04
C LYS B 449 -33.79 -34.70 35.77
N ASP B 450 -34.28 -34.19 34.65
CA ASP B 450 -34.15 -34.85 33.33
C ASP B 450 -32.92 -34.40 32.52
N HIS B 451 -32.11 -33.50 33.09
CA HIS B 451 -30.96 -32.88 32.39
C HIS B 451 -29.74 -32.82 33.31
N ARG B 452 -28.90 -33.83 33.21
CA ARG B 452 -27.77 -34.02 34.11
C ARG B 452 -26.86 -32.81 34.27
N GLU B 453 -26.36 -32.33 33.14
CA GLU B 453 -25.36 -31.23 33.10
C GLU B 453 -25.88 -29.97 33.82
N PHE B 454 -27.14 -29.66 33.58
CA PHE B 454 -27.84 -28.55 34.25
C PHE B 454 -28.01 -28.81 35.76
N ALA B 455 -28.36 -30.02 36.12
CA ALA B 455 -28.48 -30.43 37.53
C ALA B 455 -27.13 -30.35 38.27
N ARG B 456 -26.08 -30.68 37.56
CA ARG B 456 -24.69 -30.62 38.10
C ARG B 456 -24.15 -29.20 38.28
N ALA B 457 -24.80 -28.23 37.64
CA ALA B 457 -24.50 -26.80 37.84
C ALA B 457 -24.89 -26.31 39.25
N PHE B 458 -25.97 -26.87 39.78
CA PHE B 458 -26.43 -26.61 41.18
C PHE B 458 -25.35 -26.99 42.20
N GLU B 459 -24.72 -28.14 41.95
CA GLU B 459 -23.61 -28.65 42.78
C GLU B 459 -22.31 -27.86 42.54
N SER B 460 -22.11 -27.40 41.32
CA SER B 460 -20.92 -26.61 40.92
C SER B 460 -20.89 -25.23 41.57
N PHE B 461 -22.06 -24.62 41.66
CA PHE B 461 -22.24 -23.25 42.21
C PHE B 461 -23.35 -23.24 43.30
N PRO B 462 -23.08 -23.89 44.46
CA PRO B 462 -24.09 -24.03 45.53
C PRO B 462 -24.59 -22.75 46.19
N GLN B 463 -23.69 -21.78 46.35
CA GLN B 463 -24.04 -20.45 46.90
C GLN B 463 -25.17 -19.81 46.07
N ASP B 464 -25.01 -19.83 44.75
CA ASP B 464 -26.04 -19.33 43.80
C ASP B 464 -27.33 -20.16 43.81
N ALA B 465 -27.13 -21.48 43.87
CA ALA B 465 -28.26 -22.44 43.93
C ALA B 465 -29.15 -22.25 45.18
N ASP B 466 -28.53 -21.91 46.30
CA ASP B 466 -29.26 -21.63 47.57
C ASP B 466 -30.03 -20.30 47.56
N LYS B 467 -29.48 -19.29 46.91
CA LYS B 467 -30.14 -17.96 46.81
C LYS B 467 -31.34 -18.00 45.87
N LEU B 468 -31.11 -18.60 44.70
CA LEU B 468 -32.08 -18.59 43.60
C LEU B 468 -33.12 -19.71 43.64
N TYR B 469 -32.69 -20.89 44.07
CA TYR B 469 -33.55 -22.08 44.16
C TYR B 469 -33.47 -22.68 45.59
N PRO B 470 -34.04 -21.96 46.61
CA PRO B 470 -33.86 -22.27 48.06
C PRO B 470 -33.91 -23.72 48.53
N ASN B 471 -34.90 -24.46 48.04
CA ASN B 471 -35.13 -25.85 48.43
C ASN B 471 -34.75 -26.87 47.32
N TRP B 472 -33.66 -26.58 46.61
CA TRP B 472 -33.21 -27.47 45.52
C TRP B 472 -32.76 -28.87 45.98
N ARG B 473 -32.26 -28.98 47.21
CA ARG B 473 -31.77 -30.26 47.78
C ARG B 473 -32.93 -31.24 48.02
N MET C 21 -13.77 -43.47 -25.52
CA MET C 21 -13.95 -43.91 -24.10
C MET C 21 -15.36 -43.56 -23.60
N ASP C 22 -16.09 -44.57 -23.12
CA ASP C 22 -17.42 -44.38 -22.51
C ASP C 22 -17.15 -44.21 -21.01
N GLN C 23 -17.45 -43.02 -20.50
CA GLN C 23 -17.24 -42.66 -19.08
C GLN C 23 -18.53 -42.54 -18.24
N SER C 24 -19.60 -43.13 -18.76
CA SER C 24 -20.93 -43.06 -18.10
C SER C 24 -21.01 -43.81 -16.77
N ASN C 25 -20.26 -44.90 -16.63
CA ASN C 25 -20.26 -45.66 -15.36
C ASN C 25 -19.78 -44.81 -14.20
N ARG C 26 -18.74 -44.02 -14.45
CA ARG C 26 -18.11 -43.17 -13.43
C ARG C 26 -18.80 -41.80 -13.24
N TYR C 27 -19.09 -41.13 -14.35
CA TYR C 27 -19.64 -39.74 -14.32
C TYR C 27 -21.15 -39.58 -14.51
N ALA C 28 -21.87 -40.70 -14.50
CA ALA C 28 -23.35 -40.68 -14.52
C ALA C 28 -23.87 -41.59 -13.44
N ASN C 29 -24.81 -41.07 -12.67
CA ASN C 29 -25.54 -41.83 -11.66
C ASN C 29 -26.98 -41.32 -11.64
N LEU C 30 -27.77 -41.85 -12.56
CA LEU C 30 -29.20 -41.47 -12.71
C LEU C 30 -30.11 -41.93 -11.56
N ASN C 31 -29.62 -42.87 -10.75
CA ASN C 31 -30.33 -43.31 -9.54
C ASN C 31 -30.26 -42.32 -8.37
N LEU C 32 -29.38 -41.31 -8.45
CA LEU C 32 -29.33 -40.24 -7.44
C LEU C 32 -30.62 -39.42 -7.54
N LYS C 33 -31.16 -39.07 -6.38
CA LYS C 33 -32.38 -38.27 -6.31
C LYS C 33 -32.01 -36.81 -6.05
N GLU C 34 -32.59 -35.92 -6.85
CA GLU C 34 -32.37 -34.47 -6.73
C GLU C 34 -32.69 -33.93 -5.35
N SER C 35 -33.80 -34.38 -4.79
CA SER C 35 -34.24 -33.99 -3.44
C SER C 35 -33.21 -34.34 -2.34
N GLU C 36 -32.55 -35.49 -2.50
CA GLU C 36 -31.49 -35.93 -1.55
C GLU C 36 -30.18 -35.14 -1.75
N LEU C 37 -29.88 -34.81 -3.00
CA LEU C 37 -28.71 -33.98 -3.33
C LEU C 37 -28.87 -32.58 -2.73
N ILE C 38 -30.07 -32.01 -2.85
CA ILE C 38 -30.41 -30.70 -2.23
C ILE C 38 -30.36 -30.81 -0.69
N ALA C 39 -31.02 -31.83 -0.14
CA ALA C 39 -31.05 -32.06 1.33
C ALA C 39 -29.66 -32.26 1.95
N GLY C 40 -28.78 -32.93 1.22
CA GLY C 40 -27.39 -33.15 1.64
C GLY C 40 -26.55 -31.88 1.79
N GLY C 41 -26.87 -30.86 0.98
CA GLY C 41 -26.17 -29.56 1.00
C GLY C 41 -24.69 -29.58 0.63
N ARG C 42 -24.27 -30.60 -0.12
CA ARG C 42 -22.87 -30.83 -0.50
C ARG C 42 -22.61 -30.69 -2.00
N HIS C 43 -23.64 -30.33 -2.76
CA HIS C 43 -23.53 -30.24 -4.22
C HIS C 43 -24.13 -28.98 -4.82
N VAL C 44 -23.39 -28.39 -5.75
CA VAL C 44 -23.94 -27.35 -6.62
C VAL C 44 -24.61 -28.16 -7.73
N LEU C 45 -25.81 -27.76 -8.13
CA LEU C 45 -26.54 -28.43 -9.22
C LEU C 45 -26.67 -27.48 -10.37
N CYS C 46 -26.45 -27.96 -11.59
CA CYS C 46 -26.60 -27.15 -12.80
C CYS C 46 -27.49 -27.85 -13.80
N ALA C 47 -28.39 -27.09 -14.40
CA ALA C 47 -29.34 -27.58 -15.41
C ALA C 47 -28.99 -26.97 -16.75
N TYR C 48 -28.69 -27.84 -17.71
CA TYR C 48 -28.31 -27.44 -19.08
C TYR C 48 -29.25 -27.99 -20.16
N ILE C 49 -29.42 -27.21 -21.23
CA ILE C 49 -30.06 -27.66 -22.48
C ILE C 49 -28.88 -27.98 -23.42
N MET C 50 -28.68 -29.25 -23.71
CA MET C 50 -27.53 -29.77 -24.47
C MET C 50 -27.94 -30.67 -25.63
N LYS C 51 -27.15 -30.63 -26.70
CA LYS C 51 -27.35 -31.50 -27.88
C LYS C 51 -25.99 -32.09 -28.30
N PRO C 52 -25.87 -33.44 -28.35
CA PRO C 52 -24.62 -33.99 -28.85
C PRO C 52 -24.43 -33.78 -30.34
N LYS C 53 -23.18 -33.66 -30.76
CA LYS C 53 -22.85 -33.62 -32.19
C LYS C 53 -23.07 -35.01 -32.78
N ALA C 54 -23.44 -35.06 -34.06
CA ALA C 54 -23.59 -36.33 -34.77
C ALA C 54 -22.23 -37.00 -34.90
N GLY C 55 -22.19 -38.31 -34.74
CA GLY C 55 -20.97 -39.10 -34.93
C GLY C 55 -20.10 -39.40 -33.72
N PHE C 56 -20.64 -39.16 -32.52
CA PHE C 56 -19.88 -39.41 -31.28
C PHE C 56 -20.72 -40.31 -30.38
N GLY C 57 -20.69 -40.10 -29.06
CA GLY C 57 -21.48 -40.90 -28.12
C GLY C 57 -22.94 -40.49 -28.10
N ASN C 58 -23.74 -41.30 -27.41
CA ASN C 58 -25.17 -41.02 -27.21
C ASN C 58 -25.37 -39.90 -26.16
N PHE C 59 -26.61 -39.57 -25.84
CA PHE C 59 -26.91 -38.46 -24.92
C PHE C 59 -26.28 -38.60 -23.55
N ILE C 60 -26.46 -39.76 -22.94
CA ILE C 60 -25.89 -40.05 -21.59
C ILE C 60 -24.35 -40.13 -21.62
N GLN C 61 -23.80 -40.70 -22.69
CA GLN C 61 -22.34 -40.77 -22.90
C GLN C 61 -21.71 -39.38 -23.03
N THR C 62 -22.35 -38.54 -23.82
CA THR C 62 -21.94 -37.15 -24.03
C THR C 62 -22.07 -36.33 -22.75
N ALA C 63 -23.17 -36.54 -22.03
CA ALA C 63 -23.40 -35.87 -20.73
C ALA C 63 -22.35 -36.26 -19.71
N ALA C 64 -21.99 -37.54 -19.70
CA ALA C 64 -20.96 -38.06 -18.78
C ALA C 64 -19.58 -37.47 -19.10
N HIS C 65 -19.28 -37.35 -20.39
CA HIS C 65 -18.04 -36.74 -20.86
C HIS C 65 -18.00 -35.23 -20.49
N PHE C 66 -19.14 -34.58 -20.67
CA PHE C 66 -19.36 -33.16 -20.28
C PHE C 66 -19.06 -32.95 -18.79
N ALA C 67 -19.63 -33.82 -17.97
CA ALA C 67 -19.40 -33.83 -16.50
C ALA C 67 -17.92 -34.06 -16.15
N ALA C 68 -17.27 -34.97 -16.87
CA ALA C 68 -15.83 -35.26 -16.72
C ALA C 68 -14.94 -34.06 -17.07
N GLU C 69 -15.22 -33.44 -18.20
CA GLU C 69 -14.50 -32.23 -18.66
C GLU C 69 -14.74 -31.02 -17.73
N SER C 70 -15.89 -31.00 -17.08
CA SER C 70 -16.28 -29.94 -16.12
C SER C 70 -15.87 -30.22 -14.65
N SER C 71 -15.08 -31.26 -14.42
CA SER C 71 -14.65 -31.62 -13.06
C SER C 71 -13.26 -32.25 -12.98
N THR C 72 -13.20 -33.57 -12.99
CA THR C 72 -11.93 -34.30 -12.73
C THR C 72 -11.27 -34.99 -13.93
N GLY C 73 -11.97 -35.03 -15.05
CA GLY C 73 -11.57 -35.90 -16.16
C GLY C 73 -10.88 -35.31 -17.36
N THR C 74 -10.67 -36.20 -18.31
CA THR C 74 -10.14 -35.90 -19.64
C THR C 74 -10.67 -36.99 -20.58
N ASN C 75 -10.35 -36.88 -21.87
CA ASN C 75 -10.80 -37.85 -22.92
C ASN C 75 -10.20 -39.28 -22.92
N VAL C 76 -9.21 -39.53 -22.06
CA VAL C 76 -8.52 -40.82 -21.96
C VAL C 76 -8.26 -41.19 -20.48
N GLU C 77 -7.98 -42.47 -20.27
CA GLU C 77 -7.61 -43.00 -18.95
C GLU C 77 -6.20 -42.56 -18.62
N VAL C 78 -6.01 -42.07 -17.40
CA VAL C 78 -4.69 -41.64 -16.90
C VAL C 78 -4.26 -42.48 -15.70
N SER C 79 -2.98 -42.82 -15.66
CA SER C 79 -2.39 -43.67 -14.59
C SER C 79 -2.42 -43.06 -13.18
N THR C 80 -2.40 -41.73 -13.13
CA THR C 80 -2.41 -40.96 -11.87
C THR C 80 -3.75 -41.00 -11.09
N THR C 81 -4.86 -41.26 -11.78
CA THR C 81 -6.20 -41.31 -11.16
C THR C 81 -6.26 -42.32 -10.02
N ASP C 82 -6.56 -41.82 -8.83
CA ASP C 82 -6.67 -42.64 -7.60
C ASP C 82 -8.13 -42.63 -7.08
N ASP C 83 -8.35 -43.27 -5.94
CA ASP C 83 -9.69 -43.41 -5.30
C ASP C 83 -10.29 -42.09 -4.82
N PHE C 84 -9.43 -41.21 -4.30
CA PHE C 84 -9.86 -39.90 -3.76
C PHE C 84 -10.52 -39.04 -4.85
N THR C 85 -9.92 -39.04 -6.03
CA THR C 85 -10.43 -38.31 -7.21
C THR C 85 -11.90 -38.63 -7.54
N ARG C 86 -12.26 -39.90 -7.42
CA ARG C 86 -13.63 -40.40 -7.71
C ARG C 86 -14.70 -39.71 -6.86
N GLY C 87 -14.38 -39.44 -5.59
CA GLY C 87 -15.30 -38.75 -4.64
C GLY C 87 -15.66 -37.29 -4.96
N VAL C 88 -14.85 -36.63 -5.78
CA VAL C 88 -15.07 -35.23 -6.21
C VAL C 88 -15.54 -35.08 -7.67
N ASP C 89 -15.83 -36.20 -8.32
CA ASP C 89 -16.34 -36.19 -9.69
C ASP C 89 -17.69 -35.50 -9.75
N ALA C 90 -17.92 -34.72 -10.80
CA ALA C 90 -19.24 -34.16 -11.05
C ALA C 90 -20.05 -35.31 -11.64
N LEU C 91 -21.33 -35.36 -11.31
CA LEU C 91 -22.20 -36.47 -11.73
C LEU C 91 -23.48 -36.03 -12.42
N VAL C 92 -23.72 -36.62 -13.59
CA VAL C 92 -24.99 -36.45 -14.31
C VAL C 92 -25.98 -37.28 -13.51
N TYR C 93 -26.96 -36.61 -12.88
CA TYR C 93 -27.97 -37.29 -12.04
C TYR C 93 -29.35 -37.39 -12.68
N GLU C 94 -29.58 -36.63 -13.72
CA GLU C 94 -30.87 -36.60 -14.40
C GLU C 94 -30.66 -36.20 -15.86
N VAL C 95 -31.30 -36.93 -16.76
CA VAL C 95 -31.32 -36.62 -18.18
C VAL C 95 -32.74 -36.75 -18.72
N ASP C 96 -33.05 -35.92 -19.71
CA ASP C 96 -34.31 -36.00 -20.46
C ASP C 96 -33.98 -35.64 -21.92
N GLU C 97 -33.53 -36.66 -22.66
CA GLU C 97 -33.08 -36.50 -24.06
C GLU C 97 -34.11 -35.87 -24.99
N ALA C 98 -35.37 -36.22 -24.82
CA ALA C 98 -36.48 -35.66 -25.65
C ALA C 98 -36.54 -34.12 -25.56
N ASN C 99 -36.29 -33.59 -24.36
CA ASN C 99 -36.23 -32.13 -24.11
C ASN C 99 -34.81 -31.58 -23.98
N SER C 100 -33.83 -32.38 -24.38
CA SER C 100 -32.40 -31.99 -24.42
C SER C 100 -31.84 -31.58 -23.04
N LEU C 101 -32.44 -32.10 -21.97
CA LEU C 101 -32.12 -31.70 -20.60
C LEU C 101 -31.09 -32.61 -19.97
N MET C 102 -30.14 -31.99 -19.31
CA MET C 102 -29.05 -32.63 -18.60
C MET C 102 -28.85 -31.85 -17.30
N LYS C 103 -28.85 -32.57 -16.19
CA LYS C 103 -28.59 -31.99 -14.86
C LYS C 103 -27.37 -32.65 -14.25
N ILE C 104 -26.45 -31.81 -13.75
CA ILE C 104 -25.15 -32.27 -13.21
C ILE C 104 -24.97 -31.76 -11.79
N ALA C 105 -24.49 -32.64 -10.93
CA ALA C 105 -24.20 -32.37 -9.51
C ALA C 105 -22.70 -32.24 -9.33
N TYR C 106 -22.28 -31.07 -8.87
CA TYR C 106 -20.86 -30.73 -8.66
C TYR C 106 -20.57 -30.69 -7.16
N PRO C 107 -19.75 -31.63 -6.65
CA PRO C 107 -19.39 -31.54 -5.25
C PRO C 107 -18.77 -30.20 -4.94
N ILE C 108 -19.21 -29.58 -3.84
CA ILE C 108 -18.77 -28.19 -3.48
C ILE C 108 -17.26 -28.02 -3.23
N GLU C 109 -16.58 -29.13 -2.92
CA GLU C 109 -15.12 -29.21 -2.75
C GLU C 109 -14.32 -28.93 -4.04
N LEU C 110 -14.95 -29.03 -5.20
CA LEU C 110 -14.30 -28.68 -6.47
C LEU C 110 -13.98 -27.19 -6.60
N PHE C 111 -14.82 -26.34 -6.00
CA PHE C 111 -14.76 -24.90 -6.26
C PHE C 111 -13.66 -24.23 -5.46
N ASP C 112 -12.92 -23.39 -6.18
CA ASP C 112 -11.76 -22.68 -5.64
C ASP C 112 -12.19 -21.69 -4.55
N ARG C 113 -11.31 -21.49 -3.59
CA ARG C 113 -11.54 -20.62 -2.45
C ARG C 113 -10.34 -19.68 -2.29
N ASN C 114 -10.57 -18.48 -1.79
CA ASN C 114 -9.48 -17.55 -1.54
C ASN C 114 -8.57 -18.02 -0.40
N VAL C 115 -7.28 -17.98 -0.65
CA VAL C 115 -6.26 -18.16 0.37
C VAL C 115 -6.38 -17.06 1.46
N ILE C 116 -6.62 -15.81 1.04
CA ILE C 116 -6.61 -14.66 1.97
C ILE C 116 -7.77 -14.68 2.97
N ASP C 117 -8.95 -15.07 2.54
CA ASP C 117 -10.16 -15.02 3.41
C ASP C 117 -11.11 -16.23 3.39
N GLY C 118 -10.72 -17.29 2.70
CA GLY C 118 -11.55 -18.51 2.61
C GLY C 118 -12.88 -18.40 1.90
N ARG C 119 -13.10 -17.31 1.19
CA ARG C 119 -14.39 -17.06 0.56
C ARG C 119 -14.38 -17.60 -0.87
N ALA C 120 -15.59 -17.77 -1.40
CA ALA C 120 -15.79 -18.30 -2.74
C ALA C 120 -15.49 -17.24 -3.79
N MET C 121 -15.30 -17.72 -5.01
CA MET C 121 -15.08 -16.87 -6.19
C MET C 121 -15.94 -17.38 -7.34
N ILE C 122 -16.66 -16.47 -8.02
CA ILE C 122 -17.52 -16.85 -9.14
C ILE C 122 -16.71 -17.34 -10.35
N ALA C 123 -15.47 -16.86 -10.46
CA ALA C 123 -14.54 -17.28 -11.55
C ALA C 123 -14.35 -18.80 -11.60
N SER C 124 -14.26 -19.41 -10.42
CA SER C 124 -14.12 -20.86 -10.30
C SER C 124 -15.41 -21.60 -10.67
N PHE C 125 -16.54 -21.06 -10.22
CA PHE C 125 -17.87 -21.59 -10.58
C PHE C 125 -18.03 -21.63 -12.11
N LEU C 126 -17.69 -20.51 -12.75
CA LEU C 126 -17.74 -20.36 -14.21
C LEU C 126 -16.77 -21.30 -14.94
N THR C 127 -15.54 -21.39 -14.44
CA THR C 127 -14.50 -22.22 -15.05
C THR C 127 -14.92 -23.69 -15.08
N LEU C 128 -15.48 -24.18 -14.00
CA LEU C 128 -15.92 -25.59 -13.93
C LEU C 128 -17.22 -25.83 -14.69
N THR C 129 -18.23 -25.04 -14.39
CA THR C 129 -19.60 -25.29 -14.87
C THR C 129 -19.92 -24.80 -16.27
N ILE C 130 -19.18 -23.82 -16.77
CA ILE C 130 -19.42 -23.29 -18.12
C ILE C 130 -18.11 -22.88 -18.83
N GLY C 131 -17.05 -23.64 -18.55
CA GLY C 131 -15.72 -23.36 -19.08
C GLY C 131 -15.37 -24.17 -20.31
N ASN C 132 -14.39 -25.07 -20.18
CA ASN C 132 -13.93 -25.95 -21.27
C ASN C 132 -15.03 -26.77 -21.92
N ASN C 133 -16.09 -27.06 -21.17
CA ASN C 133 -17.27 -27.76 -21.72
C ASN C 133 -17.94 -27.08 -22.91
N GLN C 134 -17.72 -25.77 -23.03
CA GLN C 134 -18.23 -24.97 -24.17
C GLN C 134 -17.46 -25.10 -25.48
N GLY C 135 -16.31 -25.76 -25.45
CA GLY C 135 -15.51 -26.01 -26.68
C GLY C 135 -15.33 -27.47 -27.09
N MET C 136 -16.05 -28.36 -26.41
CA MET C 136 -15.96 -29.81 -26.65
C MET C 136 -16.37 -30.15 -28.09
N GLY C 137 -15.57 -31.00 -28.72
CA GLY C 137 -15.77 -31.39 -30.11
C GLY C 137 -16.95 -32.32 -30.34
N ASP C 138 -17.38 -33.04 -29.32
CA ASP C 138 -18.53 -33.99 -29.41
C ASP C 138 -19.88 -33.41 -28.96
N VAL C 139 -19.88 -32.12 -28.62
CA VAL C 139 -21.10 -31.41 -28.19
C VAL C 139 -21.42 -30.36 -29.24
N GLU C 140 -22.65 -30.37 -29.74
CA GLU C 140 -23.08 -29.34 -30.70
C GLU C 140 -23.26 -28.00 -29.96
N TYR C 141 -23.98 -28.07 -28.85
CA TYR C 141 -24.19 -26.93 -27.97
C TYR C 141 -24.63 -27.38 -26.59
N ALA C 142 -24.41 -26.50 -25.63
CA ALA C 142 -24.84 -26.69 -24.22
C ALA C 142 -24.95 -25.32 -23.55
N LYS C 143 -26.10 -25.04 -22.95
CA LYS C 143 -26.40 -23.74 -22.32
C LYS C 143 -26.98 -23.98 -20.95
N MET C 144 -26.47 -23.26 -19.95
CA MET C 144 -26.97 -23.37 -18.58
C MET C 144 -28.22 -22.51 -18.41
N TYR C 145 -29.28 -23.12 -17.89
CA TYR C 145 -30.58 -22.45 -17.63
C TYR C 145 -30.84 -22.14 -16.19
N ASP C 146 -30.17 -22.86 -15.29
CA ASP C 146 -30.39 -22.67 -13.88
C ASP C 146 -29.28 -23.37 -13.11
N PHE C 147 -29.07 -22.91 -11.88
CA PHE C 147 -28.13 -23.56 -10.98
C PHE C 147 -28.64 -23.45 -9.55
N TYR C 148 -28.25 -24.41 -8.73
CA TYR C 148 -28.60 -24.42 -7.30
C TYR C 148 -27.32 -24.33 -6.46
N VAL C 149 -27.33 -23.43 -5.48
CA VAL C 149 -26.20 -23.23 -4.56
C VAL C 149 -26.64 -23.60 -3.14
N PRO C 150 -25.98 -24.62 -2.52
CA PRO C 150 -26.37 -25.00 -1.17
C PRO C 150 -25.83 -24.00 -0.12
N PRO C 151 -26.38 -24.00 1.11
CA PRO C 151 -25.94 -23.10 2.15
C PRO C 151 -24.43 -23.02 2.40
N ALA C 152 -23.78 -24.18 2.43
CA ALA C 152 -22.34 -24.27 2.70
C ALA C 152 -21.45 -23.54 1.68
N TYR C 153 -21.95 -23.41 0.46
CA TYR C 153 -21.23 -22.69 -0.61
C TYR C 153 -21.75 -21.23 -0.71
N LEU C 154 -23.07 -21.09 -0.64
CA LEU C 154 -23.76 -19.78 -0.72
C LEU C 154 -23.23 -18.76 0.27
N LYS C 155 -23.07 -19.20 1.52
CA LYS C 155 -22.59 -18.33 2.61
C LYS C 155 -21.17 -17.80 2.43
N LEU C 156 -20.40 -18.42 1.54
CA LEU C 156 -19.03 -18.00 1.21
C LEU C 156 -18.95 -16.91 0.13
N PHE C 157 -20.09 -16.56 -0.48
CA PHE C 157 -20.11 -15.48 -1.48
C PHE C 157 -20.31 -14.13 -0.81
N ASP C 158 -19.77 -13.09 -1.43
CA ASP C 158 -19.82 -11.73 -0.88
C ASP C 158 -21.24 -11.27 -0.65
N GLY C 159 -22.06 -11.39 -1.69
CA GLY C 159 -23.44 -10.91 -1.64
C GLY C 159 -23.43 -9.38 -1.70
N PRO C 160 -24.60 -8.76 -1.92
CA PRO C 160 -24.59 -7.31 -1.99
C PRO C 160 -24.39 -6.69 -0.61
N SER C 161 -23.62 -5.62 -0.57
CA SER C 161 -23.37 -4.84 0.66
C SER C 161 -24.28 -3.60 0.77
N THR C 162 -24.60 -3.01 -0.39
CA THR C 162 -25.48 -1.86 -0.50
C THR C 162 -26.67 -2.29 -1.35
N THR C 163 -27.85 -1.79 -1.00
CA THR C 163 -29.11 -2.14 -1.68
C THR C 163 -29.90 -0.86 -1.98
N ILE C 164 -31.05 -1.00 -2.63
CA ILE C 164 -31.99 0.12 -2.92
C ILE C 164 -32.42 0.86 -1.65
N LYS C 165 -32.49 0.10 -0.55
CA LYS C 165 -32.77 0.61 0.82
C LYS C 165 -31.89 1.84 1.14
N ASP C 166 -30.61 1.73 0.79
CA ASP C 166 -29.63 2.81 0.98
C ASP C 166 -29.88 4.02 0.05
N LEU C 167 -30.38 3.76 -1.15
CA LEU C 167 -30.78 4.83 -2.09
C LEU C 167 -32.06 5.52 -1.62
N TRP C 168 -33.02 4.74 -1.17
CA TRP C 168 -34.26 5.27 -0.58
C TRP C 168 -33.97 6.18 0.62
N ARG C 169 -33.08 5.73 1.50
CA ARG C 169 -32.66 6.52 2.68
C ARG C 169 -32.07 7.89 2.29
N VAL C 170 -31.22 7.89 1.28
CA VAL C 170 -30.61 9.13 0.74
C VAL C 170 -31.68 10.07 0.13
N LEU C 171 -32.62 9.49 -0.59
CA LEU C 171 -33.76 10.24 -1.17
C LEU C 171 -34.80 10.74 -0.16
N GLY C 172 -34.74 10.24 1.07
CA GLY C 172 -35.73 10.58 2.12
C GLY C 172 -37.01 9.76 2.02
N ARG C 173 -36.94 8.63 1.33
CA ARG C 173 -38.08 7.72 1.14
C ARG C 173 -38.09 6.71 2.28
N PRO C 174 -39.22 6.02 2.47
CA PRO C 174 -39.22 4.96 3.47
C PRO C 174 -38.28 3.84 3.06
N VAL C 175 -37.56 3.29 4.02
CA VAL C 175 -36.57 2.23 3.76
C VAL C 175 -37.21 0.86 3.42
N ILE C 176 -38.50 0.72 3.72
CA ILE C 176 -39.32 -0.44 3.31
C ILE C 176 -40.32 0.07 2.29
N ASN C 177 -40.34 -0.55 1.11
CA ASN C 177 -41.23 -0.14 -0.02
C ASN C 177 -41.15 1.37 -0.32
N GLY C 178 -39.92 1.84 -0.46
CA GLY C 178 -39.65 3.25 -0.79
C GLY C 178 -40.03 3.68 -2.18
N GLY C 179 -40.30 2.71 -3.04
CA GLY C 179 -40.89 2.98 -4.35
C GLY C 179 -39.93 3.21 -5.51
N PHE C 180 -40.50 3.84 -6.52
CA PHE C 180 -39.90 4.03 -7.84
C PHE C 180 -38.84 5.12 -7.88
N ILE C 181 -37.67 4.77 -8.39
CA ILE C 181 -36.56 5.71 -8.58
C ILE C 181 -36.56 6.07 -10.06
N VAL C 182 -36.87 7.33 -10.33
CA VAL C 182 -36.99 7.84 -11.69
C VAL C 182 -35.60 8.15 -12.18
N GLY C 183 -35.17 7.44 -13.22
CA GLY C 183 -33.85 7.61 -13.77
C GLY C 183 -33.74 7.91 -15.24
N THR C 184 -32.52 8.22 -15.65
CA THR C 184 -32.19 8.41 -17.06
C THR C 184 -30.73 8.16 -17.37
N ILE C 185 -30.46 8.12 -18.66
CA ILE C 185 -29.12 8.06 -19.22
C ILE C 185 -28.99 9.35 -20.01
N ILE C 186 -27.90 10.08 -19.81
CA ILE C 186 -27.65 11.29 -20.59
C ILE C 186 -27.20 10.82 -21.97
N LYS C 187 -28.06 11.08 -22.94
CA LYS C 187 -27.76 10.85 -24.33
C LYS C 187 -27.30 12.21 -24.89
N PRO C 188 -26.48 12.24 -25.94
CA PRO C 188 -25.91 11.14 -26.70
C PRO C 188 -25.01 10.26 -25.85
N LYS C 189 -24.99 8.98 -26.19
CA LYS C 189 -24.19 7.93 -25.49
C LYS C 189 -22.75 8.38 -25.21
N LEU C 190 -22.16 8.99 -26.22
CA LEU C 190 -20.85 9.62 -26.14
C LEU C 190 -20.89 10.86 -27.02
N GLY C 191 -20.05 11.84 -26.71
CA GLY C 191 -19.92 13.05 -27.52
C GLY C 191 -20.10 14.36 -26.81
N LEU C 192 -20.87 14.37 -25.72
CA LEU C 192 -21.07 15.58 -24.93
C LEU C 192 -19.81 15.92 -24.15
N ARG C 193 -19.45 17.20 -24.21
CA ARG C 193 -18.33 17.75 -23.45
C ARG C 193 -18.78 17.92 -22.00
N PRO C 194 -17.83 18.09 -21.04
CA PRO C 194 -18.19 18.14 -19.62
C PRO C 194 -19.34 19.08 -19.21
N GLN C 195 -19.28 20.34 -19.64
CA GLN C 195 -20.33 21.31 -19.22
C GLN C 195 -21.72 21.05 -19.85
N PRO C 196 -21.81 20.86 -21.18
CA PRO C 196 -23.08 20.41 -21.77
C PRO C 196 -23.66 19.12 -21.15
N PHE C 197 -22.78 18.17 -20.82
CA PHE C 197 -23.18 16.94 -20.11
C PHE C 197 -23.81 17.28 -18.78
N ALA C 198 -23.09 18.09 -18.01
CA ALA C 198 -23.56 18.54 -16.67
C ALA C 198 -24.85 19.37 -16.71
N ASN C 199 -24.98 20.23 -17.73
CA ASN C 199 -26.22 21.03 -17.94
C ASN C 199 -27.44 20.13 -18.18
N ALA C 200 -27.26 19.10 -19.01
CA ALA C 200 -28.30 18.07 -19.23
C ALA C 200 -28.67 17.29 -17.94
N CYS C 201 -27.69 17.07 -17.07
CA CYS C 201 -27.92 16.39 -15.78
C CYS C 201 -28.79 17.25 -14.88
N TYR C 202 -28.39 18.50 -14.74
CA TYR C 202 -29.15 19.52 -13.98
C TYR C 202 -30.60 19.57 -14.44
N ASP C 203 -30.80 19.69 -15.76
CA ASP C 203 -32.15 19.75 -16.39
C ASP C 203 -32.99 18.54 -15.98
N PHE C 204 -32.44 17.35 -16.19
CA PHE C 204 -33.17 16.13 -15.82
C PHE C 204 -33.50 16.08 -14.33
N TRP C 205 -32.51 16.45 -13.51
CA TRP C 205 -32.65 16.40 -12.03
C TRP C 205 -33.73 17.33 -11.45
N LEU C 206 -34.13 18.35 -12.20
CA LEU C 206 -35.28 19.20 -11.81
C LEU C 206 -36.58 18.40 -11.69
N GLY C 207 -36.69 17.33 -12.47
CA GLY C 207 -37.84 16.40 -12.42
C GLY C 207 -37.58 14.96 -11.97
N GLY C 208 -36.33 14.49 -12.07
CA GLY C 208 -35.98 13.09 -11.75
C GLY C 208 -35.00 12.90 -10.61
N ASP C 209 -34.77 11.63 -10.29
CA ASP C 209 -33.91 11.22 -9.15
C ASP C 209 -32.47 10.83 -9.51
N PHE C 210 -32.34 10.03 -10.55
CA PHE C 210 -31.17 9.20 -10.82
C PHE C 210 -30.67 9.35 -12.24
N ILE C 211 -29.36 9.52 -12.38
CA ILE C 211 -28.74 9.57 -13.69
C ILE C 211 -27.58 8.57 -13.70
N ASN C 213 -24.19 7.15 -16.01
CA ASN C 213 -23.34 7.25 -17.19
C ASN C 213 -23.81 6.19 -18.17
N ASP C 214 -23.73 6.50 -19.46
CA ASP C 214 -23.91 5.46 -20.46
C ASP C 214 -22.68 4.52 -20.32
N GLU C 215 -22.87 3.25 -20.64
CA GLU C 215 -21.82 2.21 -20.43
C GLU C 215 -20.35 2.53 -20.86
N PRO C 216 -20.13 3.19 -22.03
CA PRO C 216 -18.76 3.52 -22.40
C PRO C 216 -18.20 4.87 -21.92
N GLN C 217 -19.04 5.72 -21.32
CA GLN C 217 -18.61 7.06 -20.82
C GLN C 217 -17.59 6.94 -19.71
N GLY C 218 -16.48 7.65 -19.84
CA GLY C 218 -15.43 7.64 -18.82
C GLY C 218 -14.47 8.79 -18.93
N ASN C 219 -13.32 8.52 -19.52
CA ASN C 219 -12.23 9.48 -19.68
C ASN C 219 -11.85 9.60 -21.15
N GLN C 220 -12.82 9.87 -21.99
CA GLN C 220 -12.58 10.13 -23.41
C GLN C 220 -11.86 11.47 -23.54
N VAL C 221 -11.03 11.60 -24.59
CA VAL C 221 -10.22 12.82 -24.82
C VAL C 221 -11.02 14.15 -24.94
N PHE C 222 -12.25 14.04 -25.44
CA PHE C 222 -13.18 15.20 -25.57
C PHE C 222 -14.00 15.50 -24.31
N ALA C 223 -14.04 14.54 -23.38
CA ALA C 223 -14.76 14.68 -22.10
C ALA C 223 -13.93 14.01 -21.01
N PRO C 224 -12.84 14.66 -20.57
CA PRO C 224 -11.99 14.05 -19.55
C PRO C 224 -12.75 13.77 -18.26
N PHE C 225 -12.41 12.65 -17.64
CA PHE C 225 -13.08 12.13 -16.45
C PHE C 225 -13.16 13.13 -15.31
N LYS C 226 -12.03 13.74 -14.97
CA LYS C 226 -11.99 14.68 -13.84
C LYS C 226 -12.82 15.94 -14.09
N ASP C 227 -12.77 16.47 -15.31
CA ASP C 227 -13.58 17.65 -15.69
C ASP C 227 -15.07 17.33 -15.64
N THR C 228 -15.44 16.16 -16.16
CA THR C 228 -16.84 15.72 -16.16
C THR C 228 -17.35 15.49 -14.74
N VAL C 229 -16.59 14.75 -13.92
CA VAL C 229 -16.99 14.49 -12.52
C VAL C 229 -17.23 15.81 -11.76
N ARG C 230 -16.32 16.76 -11.89
CA ARG C 230 -16.46 18.09 -11.25
C ARG C 230 -17.69 18.86 -11.71
N ALA C 231 -17.95 18.86 -13.01
CA ALA C 231 -19.12 19.55 -13.59
C ALA C 231 -20.43 18.91 -13.11
N VAL C 232 -20.47 17.58 -13.07
CA VAL C 232 -21.64 16.85 -12.56
C VAL C 232 -21.87 17.13 -11.07
N ALA C 233 -20.80 17.19 -10.29
CA ALA C 233 -20.88 17.50 -8.84
C ALA C 233 -21.48 18.89 -8.61
N ASP C 234 -21.03 19.84 -9.42
CA ASP C 234 -21.60 21.19 -9.40
C ASP C 234 -23.10 21.17 -9.79
N ALA C 235 -23.42 20.45 -10.86
CA ALA C 235 -24.83 20.28 -11.31
C ALA C 235 -25.75 19.65 -10.26
N MET C 236 -25.23 18.64 -9.55
CA MET C 236 -25.98 17.98 -8.46
C MET C 236 -26.28 19.00 -7.35
N ARG C 237 -25.26 19.75 -6.96
CA ARG C 237 -25.36 20.76 -5.90
CA ARG C 237 -25.37 20.77 -5.91
C ARG C 237 -26.43 21.80 -6.27
N ARG C 238 -26.36 22.29 -7.50
CA ARG C 238 -27.33 23.27 -8.02
C ARG C 238 -28.75 22.72 -8.09
N ALA C 239 -28.89 21.49 -8.56
CA ALA C 239 -30.21 20.84 -8.68
C ALA C 239 -30.86 20.58 -7.32
N GLN C 240 -30.03 20.18 -6.36
CA GLN C 240 -30.48 19.94 -4.98
C GLN C 240 -30.89 21.24 -4.27
N ASP C 241 -30.13 22.30 -4.49
CA ASP C 241 -30.46 23.64 -3.95
C ASP C 241 -31.78 24.18 -4.51
N LYS C 242 -32.01 23.96 -5.80
CA LYS C 242 -33.23 24.43 -6.49
C LYS C 242 -34.48 23.64 -6.08
N THR C 243 -34.38 22.32 -6.13
CA THR C 243 -35.52 21.42 -5.84
C THR C 243 -35.77 21.11 -4.36
N GLY C 244 -34.71 21.21 -3.55
CA GLY C 244 -34.75 20.79 -2.14
C GLY C 244 -34.84 19.27 -1.94
N GLU C 245 -34.50 18.51 -2.98
CA GLU C 245 -34.55 17.04 -2.98
C GLU C 245 -33.19 16.47 -3.33
N ALA C 246 -32.88 15.30 -2.78
CA ALA C 246 -31.60 14.64 -3.03
C ALA C 246 -31.59 14.02 -4.42
N LYS C 247 -30.43 14.05 -5.05
CA LYS C 247 -30.22 13.51 -6.40
C LYS C 247 -29.10 12.48 -6.39
N LEU C 248 -29.19 11.53 -7.31
CA LEU C 248 -28.26 10.41 -7.39
C LEU C 248 -27.58 10.35 -8.74
N PHE C 249 -26.31 9.93 -8.75
CA PHE C 249 -25.55 9.69 -9.99
C PHE C 249 -24.79 8.36 -9.93
N SER C 250 -24.83 7.63 -11.03
CA SER C 250 -24.10 6.35 -11.18
C SER C 250 -22.97 6.51 -12.20
N PHE C 251 -21.75 6.62 -11.68
CA PHE C 251 -20.55 6.82 -12.51
C PHE C 251 -19.90 5.52 -12.95
N ASN C 252 -19.54 5.46 -14.22
CA ASN C 252 -18.76 4.35 -14.74
C ASN C 252 -17.29 4.43 -14.26
N ILE C 253 -16.89 3.46 -13.46
CA ILE C 253 -15.50 3.36 -13.00
C ILE C 253 -14.77 2.15 -13.61
N THR C 254 -15.36 1.52 -14.62
CA THR C 254 -14.79 0.33 -15.28
C THR C 254 -13.42 0.61 -15.87
N ALA C 255 -12.53 -0.35 -15.68
CA ALA C 255 -11.19 -0.32 -16.26
C ALA C 255 -10.61 -1.72 -16.24
N ASP C 256 -9.65 -1.97 -17.12
CA ASP C 256 -8.88 -3.21 -17.10
C ASP C 256 -8.03 -3.24 -15.83
N ASP C 257 -7.45 -2.08 -15.52
CA ASP C 257 -6.52 -1.95 -14.39
C ASP C 257 -7.30 -1.66 -13.10
N HIS C 258 -7.16 -2.58 -12.15
CA HIS C 258 -7.69 -2.46 -10.80
C HIS C 258 -7.41 -1.09 -10.17
N TYR C 259 -6.19 -0.61 -10.33
CA TYR C 259 -5.75 0.68 -9.74
C TYR C 259 -6.41 1.89 -10.40
N GLU C 260 -6.75 1.76 -11.67
CA GLU C 260 -7.52 2.80 -12.39
C GLU C 260 -8.93 2.90 -11.81
N MET C 261 -9.56 1.75 -11.57
CA MET C 261 -10.89 1.70 -10.95
C MET C 261 -10.87 2.39 -9.57
N LEU C 262 -9.84 2.10 -8.79
CA LEU C 262 -9.65 2.75 -7.50
C LEU C 262 -9.45 4.26 -7.59
N ALA C 263 -8.59 4.68 -8.50
CA ALA C 263 -8.34 6.12 -8.76
C ALA C 263 -9.62 6.89 -9.13
N ARG C 264 -10.43 6.31 -10.00
CA ARG C 264 -11.71 6.91 -10.40
C ARG C 264 -12.70 7.02 -9.26
N GLY C 265 -12.88 5.90 -8.56
CA GLY C 265 -13.79 5.84 -7.40
C GLY C 265 -13.42 6.82 -6.29
N GLU C 266 -12.15 6.80 -5.91
CA GLU C 266 -11.61 7.71 -4.87
C GLU C 266 -11.77 9.19 -5.27
N PHE C 267 -11.47 9.50 -6.52
CA PHE C 267 -11.62 10.88 -7.01
C PHE C 267 -13.07 11.35 -6.92
N ILE C 268 -14.00 10.51 -7.37
CA ILE C 268 -15.44 10.84 -7.33
C ILE C 268 -15.91 11.14 -5.90
N LEU C 269 -15.60 10.24 -4.97
CA LEU C 269 -16.08 10.38 -3.58
C LEU C 269 -15.54 11.62 -2.88
N GLU C 270 -14.26 11.91 -3.12
CA GLU C 270 -13.64 13.11 -2.57
C GLU C 270 -14.23 14.38 -3.20
N THR C 271 -14.49 14.33 -4.49
CA THR C 271 -15.06 15.48 -5.22
C THR C 271 -16.50 15.78 -4.77
N PHE C 272 -17.32 14.75 -4.66
CA PHE C 272 -18.72 14.91 -4.22
C PHE C 272 -18.88 15.26 -2.73
N ALA C 273 -17.90 14.86 -1.92
CA ALA C 273 -17.76 15.30 -0.53
C ALA C 273 -18.98 14.94 0.33
N ASP C 274 -19.73 15.93 0.80
CA ASP C 274 -20.99 15.68 1.57
C ASP C 274 -22.10 15.01 0.73
N ASN C 275 -21.96 15.04 -0.58
CA ASN C 275 -22.82 14.27 -1.51
C ASN C 275 -22.23 12.92 -1.93
N ALA C 276 -21.19 12.45 -1.25
CA ALA C 276 -20.54 11.15 -1.61
C ALA C 276 -21.47 9.93 -1.45
N ASP C 277 -22.40 9.97 -0.50
CA ASP C 277 -23.42 8.89 -0.35
C ASP C 277 -24.56 8.93 -1.40
N HIS C 278 -24.51 9.92 -2.30
CA HIS C 278 -25.44 10.03 -3.44
C HIS C 278 -24.90 9.33 -4.69
N ILE C 279 -23.73 8.70 -4.55
CA ILE C 279 -23.00 8.14 -5.70
C ILE C 279 -23.05 6.65 -5.74
N ALA C 280 -23.45 6.13 -6.91
CA ALA C 280 -23.36 4.71 -7.22
C ALA C 280 -22.16 4.56 -8.15
N PHE C 281 -21.60 3.35 -8.18
CA PHE C 281 -20.50 3.01 -9.10
C PHE C 281 -20.95 1.96 -10.08
N LEU C 282 -20.90 2.33 -11.35
CA LEU C 282 -21.28 1.48 -12.46
C LEU C 282 -20.06 0.70 -12.95
N VAL C 283 -20.26 -0.59 -13.14
CA VAL C 283 -19.22 -1.48 -13.67
C VAL C 283 -19.80 -2.28 -14.84
N ASP C 284 -19.11 -2.24 -15.97
CA ASP C 284 -19.45 -3.09 -17.13
C ASP C 284 -19.01 -4.52 -16.81
N GLY C 285 -19.81 -5.17 -15.99
CA GLY C 285 -19.49 -6.46 -15.38
C GLY C 285 -19.37 -7.65 -16.30
N TYR C 286 -20.11 -7.65 -17.41
CA TYR C 286 -20.02 -8.76 -18.37
C TYR C 286 -18.72 -8.67 -19.18
N VAL C 287 -18.44 -7.52 -19.77
CA VAL C 287 -17.22 -7.37 -20.62
C VAL C 287 -15.90 -7.23 -19.85
N ALA C 288 -15.92 -6.50 -18.74
CA ALA C 288 -14.72 -6.36 -17.87
C ALA C 288 -14.48 -7.60 -17.00
N GLY C 289 -15.58 -8.26 -16.66
CA GLY C 289 -15.55 -9.54 -15.93
C GLY C 289 -15.78 -9.47 -14.42
N PRO C 290 -15.92 -10.63 -13.77
CA PRO C 290 -16.04 -10.75 -12.32
C PRO C 290 -14.98 -10.04 -11.49
N ALA C 291 -13.75 -10.05 -11.98
CA ALA C 291 -12.63 -9.36 -11.32
C ALA C 291 -12.90 -7.86 -11.13
N ALA C 292 -13.44 -7.21 -12.17
CA ALA C 292 -13.80 -5.77 -12.11
C ALA C 292 -14.94 -5.51 -11.12
N VAL C 293 -15.94 -6.40 -11.14
CA VAL C 293 -17.10 -6.29 -10.25
C VAL C 293 -16.66 -6.37 -8.78
N THR C 294 -15.82 -7.35 -8.50
CA THR C 294 -15.27 -7.58 -7.16
C THR C 294 -14.38 -6.44 -6.67
N THR C 295 -13.58 -5.88 -7.57
CA THR C 295 -12.79 -4.67 -7.23
C THR C 295 -13.69 -3.58 -6.63
N ALA C 296 -14.77 -3.26 -7.34
CA ALA C 296 -15.74 -2.24 -6.91
C ALA C 296 -16.46 -2.69 -5.63
N ARG C 297 -16.88 -3.94 -5.60
CA ARG C 297 -17.60 -4.52 -4.44
C ARG C 297 -16.78 -4.49 -3.16
N ARG C 298 -15.53 -4.91 -3.25
CA ARG C 298 -14.64 -5.00 -2.07
C ARG C 298 -13.96 -3.69 -1.69
N ALA C 299 -13.57 -2.88 -2.67
CA ALA C 299 -12.96 -1.56 -2.36
C ALA C 299 -13.97 -0.53 -1.90
N PHE C 300 -15.19 -0.59 -2.44
CA PHE C 300 -16.25 0.40 -2.15
C PHE C 300 -17.61 -0.22 -1.73
N PRO C 301 -17.62 -1.02 -0.65
CA PRO C 301 -18.86 -1.70 -0.21
C PRO C 301 -20.03 -0.78 0.19
N LYS C 302 -19.71 0.44 0.59
CA LYS C 302 -20.69 1.46 0.99
C LYS C 302 -21.26 2.30 -0.16
N GLN C 303 -20.84 2.00 -1.38
CA GLN C 303 -21.34 2.70 -2.56
C GLN C 303 -22.11 1.68 -3.41
N TYR C 304 -23.33 2.03 -3.79
CA TYR C 304 -24.22 1.19 -4.59
C TYR C 304 -23.48 0.73 -5.86
N LEU C 305 -23.37 -0.58 -6.02
CA LEU C 305 -22.67 -1.22 -7.14
C LEU C 305 -23.67 -1.55 -8.26
N HIS C 306 -23.56 -0.79 -9.33
CA HIS C 306 -24.46 -0.85 -10.48
C HIS C 306 -23.82 -1.72 -11.57
N TYR C 307 -24.27 -2.96 -11.66
CA TYR C 307 -23.76 -3.91 -12.64
C TYR C 307 -24.44 -3.60 -13.97
N HIS C 308 -23.66 -3.12 -14.93
CA HIS C 308 -24.13 -2.91 -16.30
C HIS C 308 -23.69 -4.15 -17.11
N ARG C 309 -24.63 -4.79 -17.78
CA ARG C 309 -24.39 -6.09 -18.47
C ARG C 309 -24.07 -6.07 -19.98
N ALA C 310 -23.73 -4.90 -20.52
CA ALA C 310 -23.38 -4.69 -21.94
C ALA C 310 -22.52 -5.81 -22.47
N GLY C 311 -22.96 -6.40 -23.57
CA GLY C 311 -22.27 -7.54 -24.19
C GLY C 311 -22.88 -8.90 -23.88
N HIS C 312 -23.67 -8.98 -22.80
CA HIS C 312 -24.28 -10.26 -22.32
C HIS C 312 -25.10 -10.99 -23.39
N GLY C 313 -25.72 -10.23 -24.28
CA GLY C 313 -26.55 -10.75 -25.38
C GLY C 313 -25.87 -11.73 -26.32
N ALA C 314 -24.54 -11.69 -26.36
CA ALA C 314 -23.74 -12.67 -27.12
C ALA C 314 -24.02 -14.11 -26.69
N VAL C 315 -24.32 -14.32 -25.41
CA VAL C 315 -24.65 -15.66 -24.88
C VAL C 315 -26.08 -15.81 -24.36
N THR C 316 -26.59 -14.78 -23.70
CA THR C 316 -27.90 -14.84 -23.04
C THR C 316 -29.08 -14.82 -24.00
N SER C 317 -28.91 -14.30 -25.20
CA SER C 317 -30.00 -14.25 -26.19
C SER C 317 -30.60 -15.64 -26.40
N PRO C 318 -31.95 -15.74 -26.56
CA PRO C 318 -32.56 -17.04 -26.91
C PRO C 318 -32.08 -17.60 -28.25
N GLN C 319 -31.62 -16.71 -29.12
CA GLN C 319 -30.97 -17.09 -30.39
C GLN C 319 -29.70 -17.94 -30.14
N SER C 320 -29.01 -17.65 -29.05
CA SER C 320 -27.84 -18.44 -28.62
C SER C 320 -28.28 -19.73 -27.95
N LYS C 321 -27.65 -20.83 -28.35
CA LYS C 321 -27.84 -22.15 -27.72
C LYS C 321 -26.66 -22.52 -26.79
N ARG C 322 -25.81 -21.53 -26.48
CA ARG C 322 -24.57 -21.75 -25.72
C ARG C 322 -24.49 -20.82 -24.52
N GLY C 323 -23.54 -21.15 -23.65
CA GLY C 323 -23.21 -20.31 -22.50
C GLY C 323 -24.23 -20.41 -21.39
N TYR C 324 -24.88 -19.30 -21.10
CA TYR C 324 -25.90 -19.27 -20.04
C TYR C 324 -26.93 -18.18 -20.33
N THR C 325 -28.07 -18.33 -19.67
CA THR C 325 -29.19 -17.41 -19.85
C THR C 325 -29.01 -16.15 -19.01
N ALA C 326 -29.84 -15.15 -19.28
CA ALA C 326 -29.88 -13.90 -18.51
C ALA C 326 -30.28 -14.14 -17.06
N PHE C 327 -31.10 -15.15 -16.84
CA PHE C 327 -31.50 -15.58 -15.50
C PHE C 327 -30.28 -16.02 -14.66
N VAL C 328 -29.46 -16.88 -15.27
CA VAL C 328 -28.22 -17.39 -14.65
C VAL C 328 -27.23 -16.25 -14.35
N LEU C 329 -27.07 -15.36 -15.32
CA LEU C 329 -26.21 -14.17 -15.19
C LEU C 329 -26.61 -13.32 -13.99
N SER C 330 -27.91 -13.03 -13.92
CA SER C 330 -28.50 -12.21 -12.85
C SER C 330 -28.33 -12.84 -11.47
N LYS C 331 -28.53 -14.16 -11.42
CA LYS C 331 -28.37 -14.91 -10.16
C LYS C 331 -26.92 -14.89 -9.67
N MET C 332 -25.99 -15.06 -10.61
CA MET C 332 -24.55 -14.95 -10.32
C MET C 332 -24.18 -13.56 -9.82
N ALA C 333 -24.73 -12.53 -10.45
CA ALA C 333 -24.47 -11.13 -10.07
C ALA C 333 -24.81 -10.80 -8.63
N ARG C 334 -25.88 -11.40 -8.13
CA ARG C 334 -26.30 -11.22 -6.74
C ARG C 334 -25.24 -11.80 -5.81
N LEU C 335 -24.81 -13.03 -6.11
CA LEU C 335 -23.69 -13.69 -5.37
C LEU C 335 -22.40 -12.85 -5.39
N GLN C 336 -22.10 -12.27 -6.56
CA GLN C 336 -20.91 -11.40 -6.73
C GLN C 336 -20.98 -10.13 -5.93
N GLY C 337 -22.19 -9.66 -5.67
CA GLY C 337 -22.43 -8.47 -4.84
C GLY C 337 -22.92 -7.24 -5.54
N ALA C 338 -23.49 -7.41 -6.71
CA ALA C 338 -24.13 -6.29 -7.41
C ALA C 338 -25.30 -5.75 -6.56
N SER C 339 -25.32 -4.44 -6.38
CA SER C 339 -26.42 -3.76 -5.66
C SER C 339 -27.64 -3.70 -6.56
N GLY C 340 -27.38 -3.60 -7.84
CA GLY C 340 -28.41 -3.67 -8.85
C GLY C 340 -27.83 -4.21 -10.14
N ILE C 341 -28.71 -4.79 -10.95
CA ILE C 341 -28.32 -5.27 -12.28
C ILE C 341 -29.45 -5.00 -13.26
N HIS C 342 -29.06 -4.72 -14.50
CA HIS C 342 -30.00 -4.61 -15.59
C HIS C 342 -30.64 -5.98 -15.81
N THR C 343 -31.97 -6.02 -15.75
CA THR C 343 -32.75 -7.25 -16.01
C THR C 343 -33.52 -7.19 -17.33
N GLY C 344 -33.37 -6.08 -18.04
CA GLY C 344 -34.05 -5.86 -19.29
C GLY C 344 -35.45 -5.36 -19.07
N THR C 345 -36.08 -4.96 -20.18
CA THR C 345 -37.45 -4.42 -20.15
C THR C 345 -38.56 -5.48 -20.25
N MET C 346 -38.20 -6.76 -20.30
CA MET C 346 -39.14 -7.89 -20.28
C MET C 346 -40.15 -7.84 -21.43
N GLY C 347 -39.64 -7.54 -22.62
CA GLY C 347 -40.45 -7.39 -23.83
C GLY C 347 -41.17 -6.06 -24.05
N PHE C 348 -41.01 -5.11 -23.13
CA PHE C 348 -41.68 -3.78 -23.22
C PHE C 348 -40.83 -2.64 -23.80
N GLY C 349 -39.54 -2.88 -24.00
CA GLY C 349 -38.61 -1.88 -24.56
C GLY C 349 -38.03 -2.29 -25.91
N LYS C 350 -36.91 -1.66 -26.27
CA LYS C 350 -36.23 -1.88 -27.58
C LYS C 350 -35.33 -3.12 -27.67
N MET C 351 -34.79 -3.57 -26.55
CA MET C 351 -33.86 -4.71 -26.54
C MET C 351 -34.61 -6.04 -26.46
N GLU C 352 -33.90 -7.13 -26.73
CA GLU C 352 -34.47 -8.49 -26.63
C GLU C 352 -34.86 -8.78 -25.19
N GLY C 353 -36.06 -9.33 -25.02
CA GLY C 353 -36.61 -9.66 -23.70
C GLY C 353 -38.01 -10.25 -23.80
N GLU C 354 -38.41 -10.94 -22.74
CA GLU C 354 -39.72 -11.62 -22.66
C GLU C 354 -40.45 -11.30 -21.35
N ALA C 355 -41.78 -11.37 -21.37
CA ALA C 355 -42.61 -11.13 -20.17
C ALA C 355 -42.29 -12.10 -19.01
N ALA C 356 -41.93 -13.33 -19.35
CA ALA C 356 -41.50 -14.36 -18.36
C ALA C 356 -40.23 -14.01 -17.57
N ASP C 357 -39.46 -13.04 -18.07
CA ASP C 357 -38.25 -12.52 -17.38
C ASP C 357 -38.55 -11.83 -16.02
N ARG C 358 -39.83 -11.63 -15.69
CA ARG C 358 -40.23 -11.17 -14.35
C ARG C 358 -39.66 -12.09 -13.26
N ALA C 359 -39.57 -13.39 -13.56
CA ALA C 359 -38.95 -14.39 -12.65
C ALA C 359 -37.47 -14.07 -12.32
N ILE C 360 -36.78 -13.39 -13.23
CA ILE C 360 -35.40 -12.94 -13.00
C ILE C 360 -35.40 -11.93 -11.85
N ALA C 361 -36.31 -10.96 -11.94
CA ALA C 361 -36.46 -9.93 -10.88
C ALA C 361 -36.69 -10.54 -9.50
N TYR C 362 -37.64 -11.47 -9.43
CA TYR C 362 -37.97 -12.14 -8.15
C TYR C 362 -36.84 -13.02 -7.58
N MET C 363 -36.07 -13.65 -8.46
CA MET C 363 -34.88 -14.41 -8.03
C MET C 363 -33.80 -13.51 -7.38
N ILE C 364 -33.66 -12.30 -7.89
CA ILE C 364 -32.65 -11.33 -7.35
C ILE C 364 -33.12 -10.48 -6.17
N THR C 365 -34.44 -10.33 -6.00
CA THR C 365 -35.02 -9.51 -4.90
C THR C 365 -35.55 -10.27 -3.66
N GLU C 366 -35.93 -11.53 -3.84
CA GLU C 366 -36.58 -12.28 -2.73
C GLU C 366 -35.60 -13.16 -1.99
N ASP C 367 -35.97 -13.49 -0.75
CA ASP C 367 -35.18 -14.41 0.08
C ASP C 367 -35.39 -15.88 -0.34
N ALA C 368 -36.50 -16.14 -1.00
CA ALA C 368 -36.80 -17.46 -1.57
C ALA C 368 -37.48 -17.27 -2.91
N ALA C 369 -37.07 -18.05 -3.90
CA ALA C 369 -37.63 -17.94 -5.25
C ALA C 369 -37.37 -19.19 -6.06
N ASP C 370 -38.19 -19.34 -7.11
CA ASP C 370 -38.10 -20.48 -8.03
C ASP C 370 -37.46 -20.07 -9.35
N GLY C 371 -36.46 -20.83 -9.77
CA GLY C 371 -35.86 -20.67 -11.10
C GLY C 371 -36.63 -21.62 -12.00
N PRO C 372 -36.24 -21.72 -13.29
CA PRO C 372 -36.90 -22.68 -14.18
C PRO C 372 -36.76 -24.15 -13.76
N TYR C 373 -35.68 -24.47 -13.03
CA TYR C 373 -35.42 -25.84 -12.54
C TYR C 373 -35.23 -26.00 -11.05
N PHE C 374 -34.68 -24.99 -10.37
CA PHE C 374 -34.35 -25.10 -8.93
C PHE C 374 -34.95 -24.01 -8.09
N HIS C 375 -35.43 -24.40 -6.91
CA HIS C 375 -35.86 -23.47 -5.87
C HIS C 375 -34.59 -23.02 -5.14
N GLN C 376 -34.51 -21.74 -4.82
CA GLN C 376 -33.33 -21.19 -4.14
C GLN C 376 -33.74 -20.45 -2.89
N GLU C 377 -33.11 -20.83 -1.77
CA GLU C 377 -33.15 -20.09 -0.50
C GLU C 377 -31.87 -19.22 -0.46
N TRP C 378 -32.04 -17.93 -0.19
CA TRP C 378 -30.91 -16.96 -0.15
C TRP C 378 -30.32 -16.73 1.24
N LEU C 379 -30.96 -17.30 2.25
CA LEU C 379 -30.49 -17.27 3.65
C LEU C 379 -30.18 -15.86 4.17
N GLY C 380 -31.03 -14.91 3.79
CA GLY C 380 -30.88 -13.52 4.21
C GLY C 380 -29.84 -12.70 3.47
N MET C 381 -29.24 -13.28 2.41
CA MET C 381 -28.33 -12.52 1.54
C MET C 381 -29.13 -11.35 0.98
N ASN C 382 -28.49 -10.18 0.95
CA ASN C 382 -29.16 -8.96 0.46
C ASN C 382 -29.69 -9.09 -0.96
N PRO C 383 -30.76 -8.34 -1.28
CA PRO C 383 -31.27 -8.35 -2.65
C PRO C 383 -30.45 -7.47 -3.58
N THR C 384 -30.56 -7.78 -4.87
CA THR C 384 -30.03 -6.97 -5.98
C THR C 384 -31.24 -6.32 -6.66
N THR C 385 -31.18 -5.03 -6.88
CA THR C 385 -32.30 -4.28 -7.50
C THR C 385 -32.43 -4.58 -9.00
N PRO C 386 -33.67 -4.76 -9.50
CA PRO C 386 -33.83 -4.83 -10.94
C PRO C 386 -33.71 -3.41 -11.50
N ILE C 387 -32.79 -3.20 -12.43
CA ILE C 387 -32.61 -1.89 -13.10
C ILE C 387 -33.21 -2.06 -14.48
N ILE C 388 -34.18 -1.22 -14.81
CA ILE C 388 -34.97 -1.32 -16.06
C ILE C 388 -34.51 -0.25 -17.02
N SER C 389 -33.98 -0.66 -18.16
CA SER C 389 -33.39 0.25 -19.14
C SER C 389 -33.47 -0.26 -20.56
N GLY C 390 -33.61 0.67 -21.51
CA GLY C 390 -33.60 0.36 -22.95
C GLY C 390 -34.91 0.57 -23.68
N GLY C 391 -35.07 1.77 -24.27
CA GLY C 391 -36.26 2.10 -25.06
C GLY C 391 -37.57 2.17 -24.30
N MET C 392 -37.51 2.66 -23.06
CA MET C 392 -38.69 2.87 -22.22
C MET C 392 -39.08 4.35 -22.26
N ASN C 393 -40.35 4.58 -22.04
CA ASN C 393 -40.90 5.92 -21.89
C ASN C 393 -42.13 5.84 -21.00
N ALA C 394 -42.71 6.98 -20.68
CA ALA C 394 -43.91 7.05 -19.83
C ALA C 394 -45.09 6.20 -20.32
N LEU C 395 -45.23 6.10 -21.64
CA LEU C 395 -46.36 5.38 -22.28
C LEU C 395 -46.25 3.86 -22.12
N ARG C 396 -45.04 3.35 -22.24
CA ARG C 396 -44.76 1.90 -22.10
C ARG C 396 -44.69 1.37 -20.65
N MET C 397 -44.65 2.27 -19.67
CA MET C 397 -44.46 1.93 -18.24
C MET C 397 -45.59 1.18 -17.50
N PRO C 398 -46.85 1.66 -17.63
CA PRO C 398 -47.95 0.96 -16.94
C PRO C 398 -48.09 -0.52 -17.30
N GLY C 399 -47.87 -0.82 -18.57
CA GLY C 399 -47.84 -2.22 -19.05
C GLY C 399 -46.69 -3.03 -18.43
N PHE C 400 -45.52 -2.41 -18.34
CA PHE C 400 -44.34 -3.04 -17.70
C PHE C 400 -44.59 -3.38 -16.24
N PHE C 401 -45.08 -2.41 -15.48
CA PHE C 401 -45.37 -2.61 -14.04
C PHE C 401 -46.45 -3.66 -13.78
N ASP C 402 -47.46 -3.70 -14.64
CA ASP C 402 -48.53 -4.74 -14.57
C ASP C 402 -47.95 -6.15 -14.66
N ASN C 403 -47.05 -6.35 -15.62
CA ASN C 403 -46.38 -7.65 -15.79
C ASN C 403 -45.47 -8.04 -14.61
N LEU C 404 -44.71 -7.07 -14.10
CA LEU C 404 -43.76 -7.30 -12.98
C LEU C 404 -44.46 -7.51 -11.63
N GLY C 405 -45.34 -6.58 -11.31
CA GLY C 405 -46.12 -6.62 -10.04
C GLY C 405 -45.72 -5.64 -8.95
N HIS C 406 -44.64 -4.90 -9.19
CA HIS C 406 -44.16 -3.86 -8.25
C HIS C 406 -43.32 -2.80 -8.95
N SER C 407 -43.10 -1.69 -8.24
CA SER C 407 -42.30 -0.54 -8.75
C SER C 407 -41.12 -0.10 -7.82
N ASN C 408 -40.73 -0.99 -6.92
CA ASN C 408 -39.52 -0.86 -6.09
C ASN C 408 -38.29 -1.19 -6.92
N LEU C 409 -37.90 -0.24 -7.74
CA LEU C 409 -36.86 -0.46 -8.73
C LEU C 409 -36.38 0.86 -9.28
N ILE C 410 -35.30 0.76 -10.05
CA ILE C 410 -34.72 1.88 -10.76
C ILE C 410 -35.08 1.67 -12.23
N MET C 411 -35.56 2.72 -12.87
CA MET C 411 -35.78 2.72 -14.31
C MET C 411 -35.09 3.91 -14.92
N THR C 412 -34.29 3.64 -15.93
CA THR C 412 -33.56 4.67 -16.67
C THR C 412 -34.11 4.73 -18.09
N ALA C 413 -34.56 5.92 -18.47
CA ALA C 413 -35.10 6.19 -19.81
C ALA C 413 -34.38 7.39 -20.42
N GLY C 414 -33.42 7.11 -21.29
CA GLY C 414 -32.64 8.16 -21.97
C GLY C 414 -33.50 8.87 -22.99
N GLY C 415 -33.91 8.12 -23.99
CA GLY C 415 -34.81 8.60 -25.05
C GLY C 415 -36.18 9.01 -24.54
N GLY C 416 -36.67 8.27 -23.56
CA GLY C 416 -37.96 8.59 -22.89
C GLY C 416 -38.01 9.88 -22.09
N ALA C 417 -36.85 10.40 -21.70
CA ALA C 417 -36.74 11.67 -20.96
C ALA C 417 -36.34 12.85 -21.86
N PHE C 418 -35.16 12.75 -22.47
CA PHE C 418 -34.63 13.83 -23.33
C PHE C 418 -35.28 13.94 -24.71
N GLY C 419 -35.98 12.89 -25.11
CA GLY C 419 -36.81 12.90 -26.34
C GLY C 419 -38.21 13.47 -26.15
N HIS C 420 -38.56 13.80 -24.90
CA HIS C 420 -39.84 14.45 -24.57
C HIS C 420 -39.85 15.83 -25.24
N VAL C 421 -40.98 16.20 -25.81
CA VAL C 421 -41.15 17.48 -26.58
C VAL C 421 -40.69 18.74 -25.80
N ASP C 422 -41.11 18.82 -24.55
CA ASP C 422 -40.78 19.92 -23.62
C ASP C 422 -39.38 19.85 -22.96
N GLY C 423 -38.67 18.74 -23.13
CA GLY C 423 -37.30 18.59 -22.61
C GLY C 423 -37.15 17.58 -21.47
N GLY C 424 -35.92 17.51 -20.96
CA GLY C 424 -35.51 16.52 -19.93
C GLY C 424 -36.30 16.51 -18.63
N ALA C 425 -36.45 17.69 -18.04
CA ALA C 425 -37.19 17.85 -16.76
C ALA C 425 -38.62 17.37 -16.88
N ALA C 426 -39.28 17.81 -17.95
CA ALA C 426 -40.67 17.41 -18.26
C ALA C 426 -40.74 15.91 -18.59
N GLY C 427 -39.72 15.43 -19.28
CA GLY C 427 -39.55 13.99 -19.55
C GLY C 427 -39.50 13.18 -18.25
N ALA C 428 -38.69 13.65 -17.31
CA ALA C 428 -38.58 13.00 -15.98
C ALA C 428 -39.92 12.94 -15.25
N LYS C 429 -40.64 14.06 -15.27
CA LYS C 429 -41.98 14.16 -14.65
C LYS C 429 -43.01 13.21 -15.27
N SER C 430 -42.95 13.05 -16.59
CA SER C 430 -43.85 12.09 -17.28
C SER C 430 -43.61 10.63 -16.80
N LEU C 431 -42.35 10.31 -16.54
CA LEU C 431 -41.96 8.97 -15.99
C LEU C 431 -42.49 8.83 -14.57
N ARG C 432 -42.26 9.85 -13.75
CA ARG C 432 -42.81 9.94 -12.38
C ARG C 432 -44.32 9.68 -12.37
N GLN C 433 -45.01 10.46 -13.19
CA GLN C 433 -46.48 10.42 -13.32
C GLN C 433 -47.02 9.07 -13.85
N ALA C 434 -46.32 8.50 -14.81
CA ALA C 434 -46.66 7.17 -15.37
C ALA C 434 -46.70 6.08 -14.30
N GLU C 435 -45.76 6.14 -13.36
CA GLU C 435 -45.74 5.19 -12.22
C GLU C 435 -46.84 5.54 -11.21
N GLN C 436 -47.08 6.83 -11.00
CA GLN C 436 -48.20 7.28 -10.14
C GLN C 436 -49.54 6.77 -10.69
N CYS C 437 -49.70 6.89 -12.00
CA CYS C 437 -50.87 6.38 -12.73
C CYS C 437 -51.08 4.88 -12.51
N TRP C 438 -50.00 4.11 -12.66
CA TRP C 438 -50.04 2.64 -12.42
C TRP C 438 -50.39 2.28 -10.98
N LYS C 439 -49.74 2.97 -10.05
CA LYS C 439 -49.91 2.73 -8.60
C LYS C 439 -51.37 2.94 -8.13
N GLN C 440 -52.02 3.95 -8.69
CA GLN C 440 -53.44 4.29 -8.41
C GLN C 440 -54.48 3.54 -9.26
N GLY C 441 -54.02 2.74 -10.20
CA GLY C 441 -54.90 1.90 -11.04
C GLY C 441 -55.80 2.66 -12.00
N ALA C 442 -55.32 3.81 -12.47
CA ALA C 442 -56.08 4.71 -13.35
C ALA C 442 -55.83 4.39 -14.81
N ASP C 443 -56.72 4.88 -15.66
CA ASP C 443 -56.62 4.73 -17.13
C ASP C 443 -55.62 5.78 -17.62
N PRO C 444 -54.49 5.36 -18.27
CA PRO C 444 -53.48 6.33 -18.73
C PRO C 444 -53.98 7.52 -19.55
N VAL C 445 -54.94 7.27 -20.44
CA VAL C 445 -55.52 8.32 -21.30
C VAL C 445 -56.28 9.35 -20.45
N GLU C 446 -57.09 8.88 -19.51
CA GLU C 446 -57.86 9.77 -18.60
C GLU C 446 -56.97 10.44 -17.55
N PHE C 447 -55.99 9.69 -17.06
CA PHE C 447 -54.97 10.19 -16.11
C PHE C 447 -54.23 11.38 -16.72
N ALA C 448 -53.86 11.24 -17.99
CA ALA C 448 -53.15 12.28 -18.77
C ALA C 448 -53.85 13.65 -18.86
N LYS C 449 -55.18 13.67 -18.83
CA LYS C 449 -55.94 14.95 -18.85
C LYS C 449 -55.54 15.92 -17.72
N ASP C 450 -55.31 15.36 -16.54
CA ASP C 450 -54.97 16.14 -15.33
C ASP C 450 -53.45 16.20 -15.02
N HIS C 451 -52.64 15.66 -15.92
CA HIS C 451 -51.18 15.59 -15.77
C HIS C 451 -50.48 15.95 -17.09
N ARG C 452 -50.12 17.23 -17.20
CA ARG C 452 -49.52 17.83 -18.42
C ARG C 452 -48.37 17.04 -19.03
N GLU C 453 -47.34 16.85 -18.22
CA GLU C 453 -46.07 16.21 -18.66
C GLU C 453 -46.29 14.81 -19.24
N PHE C 454 -47.16 14.05 -18.57
CA PHE C 454 -47.56 12.70 -19.03
C PHE C 454 -48.36 12.77 -20.33
N ALA C 455 -49.28 13.73 -20.42
CA ALA C 455 -50.07 13.97 -21.65
C ALA C 455 -49.19 14.36 -22.84
N ARG C 456 -48.15 15.13 -22.55
CA ARG C 456 -47.18 15.57 -23.56
C ARG C 456 -46.25 14.46 -24.06
N ALA C 457 -46.17 13.36 -23.32
CA ALA C 457 -45.44 12.15 -23.75
C ALA C 457 -46.12 11.46 -24.95
N PHE C 458 -47.45 11.52 -24.99
CA PHE C 458 -48.26 11.00 -26.12
C PHE C 458 -47.90 11.71 -27.43
N GLU C 459 -47.72 13.01 -27.34
CA GLU C 459 -47.29 13.85 -28.46
C GLU C 459 -45.80 13.67 -28.81
N SER C 460 -44.99 13.40 -27.79
CA SER C 460 -43.54 13.17 -27.94
C SER C 460 -43.21 11.87 -28.68
N PHE C 461 -43.99 10.83 -28.38
CA PHE C 461 -43.82 9.48 -28.95
C PHE C 461 -45.15 8.97 -29.56
N PRO C 462 -45.61 9.59 -30.67
CA PRO C 462 -46.93 9.29 -31.28
C PRO C 462 -47.10 7.86 -31.80
N GLN C 463 -46.04 7.28 -32.36
CA GLN C 463 -46.06 5.89 -32.87
C GLN C 463 -46.46 4.93 -31.74
N ASP C 464 -45.82 5.08 -30.58
CA ASP C 464 -46.14 4.29 -29.36
C ASP C 464 -47.54 4.57 -28.83
N ALA C 465 -47.90 5.85 -28.81
CA ALA C 465 -49.23 6.31 -28.36
C ALA C 465 -50.38 5.72 -29.20
N ASP C 466 -50.16 5.58 -30.50
CA ASP C 466 -51.16 4.97 -31.42
C ASP C 466 -51.29 3.43 -31.27
N LYS C 467 -50.19 2.76 -30.98
CA LYS C 467 -50.17 1.29 -30.74
C LYS C 467 -50.80 0.88 -29.40
N LEU C 468 -50.44 1.63 -28.36
CA LEU C 468 -50.85 1.36 -26.97
C LEU C 468 -52.18 1.96 -26.55
N TYR C 469 -52.44 3.17 -27.01
CA TYR C 469 -53.66 3.93 -26.66
C TYR C 469 -54.34 4.42 -27.97
N PRO C 470 -54.90 3.49 -28.79
CA PRO C 470 -55.34 3.71 -30.19
C PRO C 470 -56.00 5.03 -30.62
N ASN C 471 -57.01 5.48 -29.88
CA ASN C 471 -57.74 6.76 -30.19
C ASN C 471 -57.53 7.89 -29.16
N TRP C 472 -56.32 7.96 -28.59
CA TRP C 472 -55.94 8.95 -27.53
C TRP C 472 -56.27 10.42 -27.91
N ARG C 473 -56.28 10.75 -29.21
CA ARG C 473 -56.61 12.10 -29.73
C ARG C 473 -58.09 12.41 -29.46
N MET D 21 -37.13 4.67 -36.47
CA MET D 21 -36.47 5.73 -37.33
C MET D 21 -35.25 5.23 -38.11
N ASP D 22 -35.06 5.84 -39.27
CA ASP D 22 -33.98 5.52 -40.20
C ASP D 22 -32.80 6.47 -39.90
N GLN D 23 -31.70 5.89 -39.44
CA GLN D 23 -30.47 6.64 -39.08
C GLN D 23 -29.30 6.42 -40.06
N SER D 24 -29.61 5.93 -41.27
CA SER D 24 -28.58 5.64 -42.31
C SER D 24 -27.89 6.89 -42.86
N ASN D 25 -28.58 8.01 -42.91
CA ASN D 25 -27.97 9.27 -43.38
C ASN D 25 -26.79 9.72 -42.51
N ARG D 26 -26.95 9.59 -41.20
CA ARG D 26 -25.92 9.97 -40.21
C ARG D 26 -24.86 8.90 -39.94
N TYR D 27 -25.30 7.65 -39.72
CA TYR D 27 -24.40 6.54 -39.32
C TYR D 27 -23.94 5.57 -40.44
N ALA D 28 -24.23 5.91 -41.69
CA ALA D 28 -23.72 5.15 -42.84
C ALA D 28 -23.13 6.11 -43.85
N ASN D 29 -21.93 5.79 -44.30
CA ASN D 29 -21.24 6.49 -45.37
C ASN D 29 -20.46 5.48 -46.19
N LEU D 30 -21.18 4.85 -47.12
CA LEU D 30 -20.61 3.84 -48.02
C LEU D 30 -19.60 4.36 -49.06
N ASN D 31 -19.59 5.67 -49.27
CA ASN D 31 -18.59 6.32 -50.13
C ASN D 31 -17.19 6.44 -49.49
N LEU D 32 -17.07 6.22 -48.18
CA LEU D 32 -15.76 6.17 -47.52
C LEU D 32 -14.99 4.95 -48.03
N LYS D 33 -13.71 5.15 -48.26
CA LYS D 33 -12.82 4.08 -48.75
C LYS D 33 -12.04 3.52 -47.58
N GLU D 34 -12.03 2.20 -47.48
CA GLU D 34 -11.29 1.50 -46.42
C GLU D 34 -9.82 1.85 -46.38
N SER D 35 -9.20 1.90 -47.56
CA SER D 35 -7.77 2.26 -47.71
C SER D 35 -7.43 3.64 -47.14
N GLU D 36 -8.35 4.59 -47.31
CA GLU D 36 -8.19 5.95 -46.76
C GLU D 36 -8.42 6.00 -45.24
N LEU D 37 -9.37 5.21 -44.77
CA LEU D 37 -9.63 5.07 -43.31
C LEU D 37 -8.41 4.47 -42.59
N ILE D 38 -7.81 3.46 -43.20
CA ILE D 38 -6.55 2.86 -42.69
C ILE D 38 -5.40 3.88 -42.76
N ALA D 39 -5.23 4.51 -43.92
CA ALA D 39 -4.16 5.53 -44.14
C ALA D 39 -4.25 6.72 -43.18
N GLY D 40 -5.47 7.13 -42.89
CA GLY D 40 -5.72 8.21 -41.91
C GLY D 40 -5.27 7.92 -40.48
N GLY D 41 -5.29 6.65 -40.10
CA GLY D 41 -4.87 6.20 -38.75
C GLY D 41 -5.70 6.74 -37.57
N ARG D 42 -6.94 7.13 -37.84
CA ARG D 42 -7.86 7.74 -36.85
C ARG D 42 -9.08 6.87 -36.52
N HIS D 43 -9.14 5.66 -37.09
CA HIS D 43 -10.31 4.79 -36.90
C HIS D 43 -9.95 3.35 -36.59
N VAL D 44 -10.66 2.78 -35.62
CA VAL D 44 -10.66 1.34 -35.40
C VAL D 44 -11.71 0.83 -36.39
N LEU D 45 -11.40 -0.25 -37.09
CA LEU D 45 -12.34 -0.86 -38.06
C LEU D 45 -12.75 -2.22 -37.55
N CYS D 46 -14.02 -2.54 -37.65
CA CYS D 46 -14.55 -3.85 -37.23
C CYS D 46 -15.37 -4.45 -38.36
N ALA D 47 -15.16 -5.74 -38.59
CA ALA D 47 -15.87 -6.51 -39.62
C ALA D 47 -16.77 -7.54 -38.93
N TYR D 48 -18.07 -7.43 -39.20
CA TYR D 48 -19.09 -8.31 -38.62
C TYR D 48 -19.89 -9.09 -39.68
N ILE D 49 -20.30 -10.30 -39.31
CA ILE D 49 -21.29 -11.08 -40.07
C ILE D 49 -22.61 -10.88 -39.30
N MET D 50 -23.54 -10.16 -39.93
CA MET D 50 -24.80 -9.74 -39.30
C MET D 50 -26.02 -10.10 -40.15
N LYS D 51 -27.13 -10.38 -39.48
CA LYS D 51 -28.44 -10.64 -40.12
C LYS D 51 -29.54 -9.87 -39.40
N PRO D 52 -30.30 -9.01 -40.13
CA PRO D 52 -31.40 -8.33 -39.46
C PRO D 52 -32.55 -9.26 -39.16
N LYS D 53 -33.27 -8.96 -38.09
CA LYS D 53 -34.51 -9.70 -37.76
C LYS D 53 -35.58 -9.31 -38.77
N ALA D 54 -36.47 -10.24 -39.06
CA ALA D 54 -37.59 -9.96 -39.98
C ALA D 54 -38.54 -8.95 -39.32
N GLY D 55 -39.05 -8.02 -40.11
CA GLY D 55 -40.03 -7.03 -39.64
C GLY D 55 -39.52 -5.69 -39.12
N PHE D 56 -38.27 -5.37 -39.42
CA PHE D 56 -37.67 -4.11 -38.97
C PHE D 56 -37.08 -3.41 -40.21
N GLY D 57 -35.95 -2.73 -40.08
CA GLY D 57 -35.32 -2.05 -41.21
C GLY D 57 -34.59 -3.01 -42.12
N ASN D 58 -34.15 -2.48 -43.25
CA ASN D 58 -33.35 -3.26 -44.22
C ASN D 58 -31.89 -3.43 -43.70
N PHE D 59 -31.03 -4.06 -44.49
CA PHE D 59 -29.64 -4.32 -44.09
C PHE D 59 -28.84 -3.07 -43.70
N ILE D 60 -28.85 -2.07 -44.57
CA ILE D 60 -28.13 -0.79 -44.32
C ILE D 60 -28.74 0.00 -43.14
N GLN D 61 -30.06 -0.02 -43.03
CA GLN D 61 -30.79 0.63 -41.91
C GLN D 61 -30.45 0.00 -40.56
N THR D 62 -30.40 -1.33 -40.56
CA THR D 62 -30.05 -2.11 -39.36
C THR D 62 -28.58 -1.91 -39.00
N ALA D 63 -27.72 -1.89 -40.01
CA ALA D 63 -26.28 -1.64 -39.82
C ALA D 63 -26.02 -0.25 -39.25
N ALA D 64 -26.77 0.74 -39.73
CA ALA D 64 -26.65 2.13 -39.25
C ALA D 64 -27.11 2.25 -37.79
N HIS D 65 -28.19 1.56 -37.46
CA HIS D 65 -28.70 1.50 -36.09
C HIS D 65 -27.68 0.79 -35.16
N PHE D 66 -27.09 -0.29 -35.65
CA PHE D 66 -26.00 -1.04 -34.98
C PHE D 66 -24.82 -0.12 -34.65
N ALA D 67 -24.39 0.63 -35.66
CA ALA D 67 -23.32 1.64 -35.51
C ALA D 67 -23.66 2.73 -34.48
N ALA D 68 -24.91 3.18 -34.51
CA ALA D 68 -25.43 4.19 -33.53
C ALA D 68 -25.43 3.65 -32.09
N GLU D 69 -25.92 2.43 -31.92
CA GLU D 69 -25.95 1.75 -30.60
C GLU D 69 -24.55 1.45 -30.07
N SER D 70 -23.61 1.28 -30.98
CA SER D 70 -22.19 1.01 -30.68
C SER D 70 -21.30 2.26 -30.55
N SER D 71 -21.90 3.45 -30.56
CA SER D 71 -21.14 4.70 -30.47
C SER D 71 -21.87 5.82 -29.75
N THR D 72 -22.56 6.68 -30.50
CA THR D 72 -23.16 7.91 -29.94
C THR D 72 -24.68 7.94 -29.80
N GLY D 73 -25.34 6.94 -30.35
CA GLY D 73 -26.79 7.00 -30.53
C GLY D 73 -27.66 6.22 -29.59
N THR D 74 -28.94 6.29 -29.93
CA THR D 74 -30.01 5.54 -29.29
C THR D 74 -31.14 5.41 -30.35
N ASN D 75 -32.21 4.72 -29.98
CA ASN D 75 -33.40 4.49 -30.86
C ASN D 75 -34.30 5.69 -31.22
N VAL D 76 -34.06 6.84 -30.59
CA VAL D 76 -34.81 8.09 -30.86
C VAL D 76 -33.88 9.31 -30.88
N GLU D 77 -34.36 10.39 -31.47
CA GLU D 77 -33.62 11.65 -31.49
C GLU D 77 -33.71 12.32 -30.11
N VAL D 78 -32.58 12.82 -29.64
CA VAL D 78 -32.48 13.46 -28.31
C VAL D 78 -32.09 14.94 -28.47
N SER D 79 -32.68 15.79 -27.63
CA SER D 79 -32.46 17.26 -27.66
C SER D 79 -31.03 17.70 -27.33
N THR D 80 -30.33 16.89 -26.55
CA THR D 80 -28.94 17.16 -26.13
C THR D 80 -27.88 17.02 -27.24
N THR D 81 -28.18 16.24 -28.28
CA THR D 81 -27.27 16.02 -29.43
C THR D 81 -26.87 17.35 -30.05
N ASP D 82 -25.58 17.62 -29.98
CA ASP D 82 -24.99 18.87 -30.49
C ASP D 82 -24.04 18.54 -31.66
N ASP D 83 -23.38 19.58 -32.17
CA ASP D 83 -22.50 19.52 -33.36
C ASP D 83 -21.31 18.57 -33.23
N PHE D 84 -20.68 18.63 -32.06
CA PHE D 84 -19.46 17.86 -31.77
C PHE D 84 -19.68 16.35 -31.81
N THR D 85 -20.81 15.93 -31.27
CA THR D 85 -21.23 14.50 -31.24
C THR D 85 -21.14 13.79 -32.60
N ARG D 86 -21.56 14.48 -33.65
CA ARG D 86 -21.53 13.88 -35.01
C ARG D 86 -20.14 13.46 -35.48
N GLY D 87 -19.13 14.25 -35.11
CA GLY D 87 -17.72 13.92 -35.46
C GLY D 87 -17.12 12.64 -34.87
N VAL D 88 -17.73 12.14 -33.80
CA VAL D 88 -17.30 10.89 -33.12
C VAL D 88 -18.24 9.68 -33.38
N ASP D 89 -19.22 9.86 -34.27
CA ASP D 89 -20.13 8.76 -34.66
C ASP D 89 -19.35 7.62 -35.31
N ALA D 90 -19.74 6.40 -35.01
CA ALA D 90 -19.20 5.23 -35.71
C ALA D 90 -19.95 5.19 -37.04
N LEU D 91 -19.26 4.77 -38.09
CA LEU D 91 -19.83 4.79 -39.44
C LEU D 91 -19.73 3.46 -40.17
N VAL D 92 -20.85 3.00 -40.69
CA VAL D 92 -20.90 1.84 -41.59
C VAL D 92 -20.31 2.33 -42.91
N TYR D 93 -19.15 1.83 -43.28
CA TYR D 93 -18.46 2.26 -44.51
C TYR D 93 -18.51 1.24 -45.65
N GLU D 94 -18.88 0.01 -45.33
CA GLU D 94 -18.94 -1.07 -46.33
C GLU D 94 -19.98 -2.10 -45.89
N VAL D 95 -20.85 -2.48 -46.83
CA VAL D 95 -21.84 -3.54 -46.62
C VAL D 95 -21.84 -4.49 -47.82
N ASP D 96 -22.09 -5.76 -47.54
CA ASP D 96 -22.28 -6.80 -48.58
C ASP D 96 -23.38 -7.75 -48.08
N GLU D 97 -24.62 -7.35 -48.33
CA GLU D 97 -25.82 -8.05 -47.84
C GLU D 97 -25.90 -9.53 -48.25
N ALA D 98 -25.48 -9.82 -49.46
CA ALA D 98 -25.44 -11.21 -49.98
C ALA D 98 -24.60 -12.15 -49.10
N ASN D 99 -23.48 -11.64 -48.60
CA ASN D 99 -22.58 -12.37 -47.67
C ASN D 99 -22.73 -11.96 -46.20
N SER D 100 -23.79 -11.21 -45.90
CA SER D 100 -24.13 -10.75 -44.54
C SER D 100 -23.03 -9.89 -43.87
N LEU D 101 -22.23 -9.22 -44.68
CA LEU D 101 -21.05 -8.48 -44.21
C LEU D 101 -21.37 -7.02 -43.97
N MET D 102 -20.87 -6.55 -42.83
CA MET D 102 -21.01 -5.17 -42.38
C MET D 102 -19.66 -4.77 -41.78
N LYS D 103 -19.12 -3.64 -42.25
CA LYS D 103 -17.88 -3.07 -41.71
C LYS D 103 -18.15 -1.69 -41.16
N ILE D 104 -17.67 -1.45 -39.94
CA ILE D 104 -17.91 -0.18 -39.20
C ILE D 104 -16.59 0.44 -38.79
N ALA D 105 -16.51 1.77 -38.95
CA ALA D 105 -15.34 2.58 -38.59
C ALA D 105 -15.65 3.35 -37.32
N TYR D 106 -14.84 3.12 -36.29
CA TYR D 106 -15.00 3.74 -34.98
C TYR D 106 -13.90 4.76 -34.77
N PRO D 107 -14.25 6.06 -34.69
CA PRO D 107 -13.22 7.04 -34.37
C PRO D 107 -12.51 6.69 -33.07
N ILE D 108 -11.19 6.75 -33.07
CA ILE D 108 -10.36 6.33 -31.89
C ILE D 108 -10.60 7.12 -30.60
N GLU D 109 -11.14 8.34 -30.73
CA GLU D 109 -11.56 9.20 -29.62
C GLU D 109 -12.72 8.65 -28.78
N LEU D 110 -13.48 7.70 -29.32
CA LEU D 110 -14.55 7.03 -28.56
C LEU D 110 -14.04 6.18 -27.39
N PHE D 111 -12.86 5.60 -27.56
CA PHE D 111 -12.35 4.57 -26.63
C PHE D 111 -11.76 5.18 -25.37
N ASP D 112 -12.15 4.58 -24.24
CA ASP D 112 -11.79 5.06 -22.91
C ASP D 112 -10.30 4.88 -22.67
N ARG D 113 -9.75 5.77 -21.86
CA ARG D 113 -8.31 5.82 -21.55
C ARG D 113 -8.13 5.92 -20.04
N ASN D 114 -7.06 5.35 -19.51
CA ASN D 114 -6.78 5.46 -18.08
C ASN D 114 -6.41 6.90 -17.69
N VAL D 115 -7.03 7.36 -16.62
CA VAL D 115 -6.65 8.59 -15.94
C VAL D 115 -5.20 8.49 -15.42
N ILE D 116 -4.85 7.35 -14.83
CA ILE D 116 -3.54 7.19 -14.17
C ILE D 116 -2.33 7.22 -15.12
N ASP D 117 -2.45 6.60 -16.28
CA ASP D 117 -1.32 6.52 -17.25
C ASP D 117 -1.61 6.79 -18.73
N GLY D 118 -2.83 7.24 -19.05
CA GLY D 118 -3.22 7.52 -20.45
C GLY D 118 -3.27 6.37 -21.42
N ARG D 119 -3.20 5.15 -20.92
CA ARG D 119 -3.17 3.97 -21.76
C ARG D 119 -4.58 3.47 -22.05
N ALA D 120 -4.68 2.66 -23.09
CA ALA D 120 -5.94 2.09 -23.54
C ALA D 120 -6.36 0.92 -22.65
N MET D 121 -7.63 0.58 -22.75
CA MET D 121 -8.23 -0.54 -22.01
C MET D 121 -9.10 -1.33 -22.99
N ILE D 122 -8.94 -2.65 -23.00
CA ILE D 122 -9.72 -3.51 -23.88
C ILE D 122 -11.22 -3.54 -23.49
N ALA D 123 -11.51 -3.31 -22.20
CA ALA D 123 -12.90 -3.24 -21.69
C ALA D 123 -13.76 -2.23 -22.46
N SER D 124 -13.16 -1.10 -22.79
CA SER D 124 -13.83 -0.04 -23.57
C SER D 124 -14.03 -0.45 -25.03
N PHE D 125 -13.01 -1.07 -25.61
CA PHE D 125 -13.09 -1.62 -26.97
C PHE D 125 -14.27 -2.61 -27.09
N LEU D 126 -14.35 -3.51 -26.12
CA LEU D 126 -15.43 -4.51 -26.03
C LEU D 126 -16.82 -3.89 -25.80
N THR D 127 -16.90 -2.94 -24.88
CA THR D 127 -18.15 -2.25 -24.57
C THR D 127 -18.76 -1.57 -25.82
N LEU D 128 -17.95 -0.88 -26.57
CA LEU D 128 -18.42 -0.19 -27.78
C LEU D 128 -18.68 -1.13 -28.95
N THR D 129 -17.69 -1.95 -29.28
CA THR D 129 -17.73 -2.76 -30.50
C THR D 129 -18.50 -4.07 -30.41
N ILE D 130 -18.68 -4.62 -29.22
CA ILE D 130 -19.42 -5.89 -29.05
C ILE D 130 -20.25 -5.92 -27.75
N GLY D 131 -20.76 -4.74 -27.38
CA GLY D 131 -21.51 -4.58 -26.12
C GLY D 131 -23.02 -4.64 -26.30
N ASN D 132 -23.70 -3.51 -26.07
CA ASN D 132 -25.17 -3.41 -26.23
C ASN D 132 -25.71 -3.84 -27.60
N ASN D 133 -24.87 -3.72 -28.63
CA ASN D 133 -25.24 -4.21 -29.99
C ASN D 133 -25.62 -5.71 -30.05
N GLN D 134 -25.15 -6.48 -29.09
CA GLN D 134 -25.47 -7.92 -28.95
C GLN D 134 -26.86 -8.24 -28.39
N GLY D 135 -27.58 -7.24 -27.89
CA GLY D 135 -28.96 -7.42 -27.38
C GLY D 135 -30.06 -6.68 -28.14
N MET D 136 -29.70 -6.08 -29.29
CA MET D 136 -30.64 -5.28 -30.10
C MET D 136 -31.79 -6.13 -30.60
N GLY D 137 -33.00 -5.58 -30.47
CA GLY D 137 -34.23 -6.29 -30.83
C GLY D 137 -34.47 -6.47 -32.32
N ASP D 138 -33.85 -5.61 -33.13
CA ASP D 138 -34.00 -5.65 -34.62
C ASP D 138 -32.88 -6.41 -35.35
N VAL D 139 -31.97 -7.00 -34.57
CA VAL D 139 -30.85 -7.77 -35.12
C VAL D 139 -31.08 -9.22 -34.70
N GLU D 140 -31.03 -10.13 -35.67
CA GLU D 140 -31.12 -11.57 -35.36
C GLU D 140 -29.83 -12.04 -34.70
N TYR D 141 -28.72 -11.69 -35.34
CA TYR D 141 -27.38 -11.95 -34.81
C TYR D 141 -26.33 -11.06 -35.48
N ALA D 142 -25.21 -10.91 -34.79
CA ALA D 142 -24.05 -10.16 -35.27
C ALA D 142 -22.80 -10.65 -34.54
N LYS D 143 -21.79 -11.06 -35.30
CA LYS D 143 -20.54 -11.62 -34.76
C LYS D 143 -19.35 -10.92 -35.41
N MET D 144 -18.38 -10.51 -34.59
CA MET D 144 -17.17 -9.87 -35.10
C MET D 144 -16.18 -10.93 -35.55
N TYR D 145 -15.70 -10.76 -36.78
CA TYR D 145 -14.71 -11.67 -37.40
C TYR D 145 -13.30 -11.11 -37.48
N ASP D 146 -13.17 -9.79 -37.41
CA ASP D 146 -11.87 -9.16 -37.50
C ASP D 146 -12.00 -7.72 -37.03
N PHE D 147 -10.87 -7.16 -36.64
CA PHE D 147 -10.78 -5.74 -36.30
C PHE D 147 -9.42 -5.20 -36.67
N TYR D 148 -9.37 -3.91 -36.99
CA TYR D 148 -8.12 -3.21 -37.31
C TYR D 148 -7.86 -2.14 -36.26
N VAL D 149 -6.63 -2.11 -35.73
CA VAL D 149 -6.20 -1.11 -34.75
C VAL D 149 -5.09 -0.24 -35.36
N PRO D 150 -5.31 1.10 -35.47
CA PRO D 150 -4.28 1.95 -36.06
C PRO D 150 -3.16 2.25 -35.06
N PRO D 151 -1.99 2.73 -35.52
CA PRO D 151 -0.86 3.00 -34.64
C PRO D 151 -1.15 3.84 -33.42
N ALA D 152 -1.92 4.90 -33.61
CA ALA D 152 -2.29 5.85 -32.53
C ALA D 152 -3.04 5.22 -31.35
N TYR D 153 -3.78 4.16 -31.63
CA TYR D 153 -4.51 3.40 -30.59
C TYR D 153 -3.69 2.17 -30.12
N LEU D 154 -3.11 1.46 -31.07
CA LEU D 154 -2.28 0.27 -30.83
C LEU D 154 -1.14 0.49 -29.82
N LYS D 155 -0.42 1.58 -30.00
CA LYS D 155 0.70 1.96 -29.11
C LYS D 155 0.31 2.22 -27.65
N LEU D 156 -0.98 2.46 -27.41
CA LEU D 156 -1.51 2.68 -26.07
C LEU D 156 -1.85 1.39 -25.30
N PHE D 157 -1.75 0.24 -25.96
CA PHE D 157 -2.00 -1.04 -25.30
C PHE D 157 -0.75 -1.57 -24.64
N ASP D 158 -0.92 -2.31 -23.55
CA ASP D 158 0.20 -2.87 -22.78
C ASP D 158 1.11 -3.74 -23.65
N GLY D 159 0.50 -4.68 -24.36
CA GLY D 159 1.24 -5.65 -25.15
C GLY D 159 1.95 -6.64 -24.22
N PRO D 160 2.47 -7.76 -24.75
CA PRO D 160 3.13 -8.69 -23.86
C PRO D 160 4.48 -8.15 -23.37
N SER D 161 4.78 -8.43 -22.11
CA SER D 161 6.08 -8.04 -21.49
C SER D 161 7.07 -9.19 -21.45
N THR D 162 6.55 -10.40 -21.31
CA THR D 162 7.34 -11.63 -21.30
C THR D 162 6.85 -12.47 -22.49
N THR D 163 7.77 -13.16 -23.12
CA THR D 163 7.48 -13.98 -24.32
C THR D 163 8.12 -15.35 -24.15
N ILE D 164 7.92 -16.22 -25.15
CA ILE D 164 8.57 -17.57 -25.21
C ILE D 164 10.10 -17.47 -25.15
N LYS D 165 10.63 -16.38 -25.69
CA LYS D 165 12.06 -16.01 -25.60
C LYS D 165 12.62 -16.18 -24.19
N ASP D 166 11.87 -15.68 -23.22
CA ASP D 166 12.23 -15.74 -21.79
C ASP D 166 12.16 -17.18 -21.24
N LEU D 167 11.25 -17.99 -21.78
CA LEU D 167 11.18 -19.43 -21.44
C LEU D 167 12.34 -20.20 -22.08
N TRP D 168 12.62 -19.93 -23.34
CA TRP D 168 13.79 -20.50 -24.04
C TRP D 168 15.11 -20.20 -23.28
N ARG D 169 15.27 -18.96 -22.84
CA ARG D 169 16.47 -18.54 -22.07
C ARG D 169 16.65 -19.34 -20.80
N VAL D 170 15.56 -19.53 -20.09
CA VAL D 170 15.54 -20.34 -18.85
C VAL D 170 15.89 -21.82 -19.13
N LEU D 171 15.34 -22.36 -20.21
CA LEU D 171 15.66 -23.73 -20.65
C LEU D 171 17.06 -23.93 -21.24
N GLY D 172 17.76 -22.84 -21.55
CA GLY D 172 19.10 -22.91 -22.18
C GLY D 172 19.04 -23.09 -23.69
N ARG D 173 17.90 -22.74 -24.27
CA ARG D 173 17.67 -22.82 -25.71
C ARG D 173 18.05 -21.48 -26.34
N PRO D 174 18.23 -21.46 -27.69
CA PRO D 174 18.49 -20.19 -28.35
C PRO D 174 17.29 -19.29 -28.21
N VAL D 175 17.54 -18.01 -27.99
CA VAL D 175 16.46 -17.02 -27.80
C VAL D 175 15.68 -16.67 -29.09
N ILE D 176 16.25 -17.03 -30.23
CA ILE D 176 15.57 -16.92 -31.53
C ILE D 176 15.39 -18.36 -32.04
N ASN D 177 14.16 -18.73 -32.37
CA ASN D 177 13.79 -20.09 -32.84
C ASN D 177 14.30 -21.19 -31.90
N GLY D 178 14.03 -21.01 -30.61
CA GLY D 178 14.41 -21.96 -29.54
C GLY D 178 13.66 -23.27 -29.54
N GLY D 179 12.58 -23.33 -30.31
CA GLY D 179 11.91 -24.59 -30.57
C GLY D 179 10.79 -24.98 -29.63
N PHE D 180 10.50 -26.28 -29.68
CA PHE D 180 9.34 -26.89 -29.06
C PHE D 180 9.50 -27.09 -27.56
N ILE D 181 8.50 -26.59 -26.81
CA ILE D 181 8.45 -26.75 -25.35
C ILE D 181 7.46 -27.89 -25.09
N VAL D 182 7.98 -28.99 -24.57
CA VAL D 182 7.20 -30.20 -24.31
C VAL D 182 6.48 -29.99 -22.99
N GLY D 183 5.15 -29.96 -23.07
CA GLY D 183 4.35 -29.73 -21.89
C GLY D 183 3.29 -30.77 -21.57
N THR D 184 2.70 -30.59 -20.39
CA THR D 184 1.56 -31.41 -19.98
C THR D 184 0.69 -30.72 -18.95
N ILE D 185 -0.46 -31.34 -18.72
CA ILE D 185 -1.39 -30.96 -17.69
C ILE D 185 -1.43 -32.18 -16.78
N ILE D 186 -1.28 -31.96 -15.48
CA ILE D 186 -1.38 -33.08 -14.52
C ILE D 186 -2.86 -33.39 -14.41
N LYS D 187 -3.19 -34.57 -14.89
CA LYS D 187 -4.52 -35.15 -14.77
C LYS D 187 -4.44 -36.11 -13.59
N PRO D 188 -5.54 -36.36 -12.88
CA PRO D 188 -6.90 -35.82 -13.05
C PRO D 188 -6.96 -34.30 -12.91
N LYS D 189 -7.88 -33.70 -13.64
CA LYS D 189 -8.11 -32.23 -13.66
C LYS D 189 -8.17 -31.63 -12.26
N LEU D 190 -8.87 -32.32 -11.38
CA LEU D 190 -8.95 -32.01 -9.96
C LEU D 190 -9.01 -33.34 -9.23
N GLY D 191 -8.59 -33.34 -7.96
CA GLY D 191 -8.69 -34.53 -7.11
C GLY D 191 -7.41 -35.01 -6.48
N LEU D 192 -6.28 -34.75 -7.13
CA LEU D 192 -4.98 -35.11 -6.56
C LEU D 192 -4.64 -34.23 -5.37
N ARG D 193 -4.16 -34.87 -4.31
CA ARG D 193 -3.68 -34.19 -3.11
C ARG D 193 -2.28 -33.65 -3.41
N PRO D 194 -1.74 -32.72 -2.57
CA PRO D 194 -0.48 -32.05 -2.88
C PRO D 194 0.72 -32.95 -3.24
N GLN D 195 0.99 -33.96 -2.42
CA GLN D 195 2.17 -34.84 -2.67
C GLN D 195 2.01 -35.75 -3.92
N PRO D 196 0.88 -36.47 -4.06
CA PRO D 196 0.62 -37.19 -5.33
C PRO D 196 0.69 -36.31 -6.58
N PHE D 197 0.17 -35.09 -6.48
CA PHE D 197 0.26 -34.09 -7.57
C PHE D 197 1.72 -33.80 -7.90
N ALA D 198 2.49 -33.47 -6.87
CA ALA D 198 3.94 -33.18 -7.01
C ALA D 198 4.76 -34.37 -7.53
N ASN D 199 4.43 -35.58 -7.08
CA ASN D 199 5.07 -36.81 -7.59
C ASN D 199 4.85 -37.02 -9.10
N ALA D 200 3.63 -36.77 -9.55
CA ALA D 200 3.30 -36.79 -10.99
C ALA D 200 4.07 -35.73 -11.79
N CYS D 201 4.29 -34.57 -11.17
CA CYS D 201 5.07 -33.48 -11.81
C CYS D 201 6.51 -33.91 -12.02
N TYR D 202 7.11 -34.42 -10.94
CA TYR D 202 8.48 -34.97 -10.96
C TYR D 202 8.64 -36.01 -12.07
N ASP D 203 7.71 -36.96 -12.12
CA ASP D 203 7.69 -38.03 -13.15
C ASP D 203 7.70 -37.47 -14.56
N PHE D 204 6.77 -36.58 -14.84
CA PHE D 204 6.70 -35.96 -16.17
C PHE D 204 7.98 -35.18 -16.50
N TRP D 205 8.48 -34.43 -15.52
CA TRP D 205 9.68 -33.59 -15.69
C TRP D 205 10.98 -34.35 -16.02
N LEU D 206 11.02 -35.64 -15.70
CA LEU D 206 12.14 -36.52 -16.12
C LEU D 206 12.30 -36.59 -17.64
N GLY D 207 11.18 -36.45 -18.35
CA GLY D 207 11.16 -36.40 -19.83
C GLY D 207 10.72 -35.11 -20.50
N GLY D 208 9.99 -34.24 -19.78
CA GLY D 208 9.41 -33.02 -20.36
C GLY D 208 9.88 -31.71 -19.73
N ASP D 209 9.43 -30.60 -20.33
CA ASP D 209 9.83 -29.25 -19.91
C ASP D 209 8.87 -28.50 -18.98
N PHE D 210 7.60 -28.56 -19.35
CA PHE D 210 6.57 -27.62 -18.91
C PHE D 210 5.35 -28.33 -18.36
N ILE D 211 4.86 -27.86 -17.22
CA ILE D 211 3.62 -28.37 -16.63
C ILE D 211 2.74 -27.16 -16.32
N ASN D 213 -0.99 -25.99 -14.42
CA ASN D 213 -2.17 -26.34 -13.63
C ASN D 213 -3.31 -26.51 -14.63
N ASP D 214 -4.21 -27.43 -14.34
CA ASP D 214 -5.46 -27.49 -15.08
C ASP D 214 -6.23 -26.21 -14.69
N GLU D 215 -7.06 -25.69 -15.59
CA GLU D 215 -7.77 -24.39 -15.38
C GLU D 215 -8.45 -24.14 -14.00
N PRO D 216 -9.12 -25.15 -13.40
CA PRO D 216 -9.74 -24.88 -12.10
C PRO D 216 -8.88 -25.15 -10.86
N GLN D 217 -7.69 -25.73 -11.03
CA GLN D 217 -6.78 -26.06 -9.90
C GLN D 217 -6.31 -24.81 -9.19
N GLY D 218 -6.43 -24.79 -7.88
CA GLY D 218 -5.99 -23.64 -7.08
C GLY D 218 -5.84 -23.95 -5.60
N ASN D 219 -6.86 -23.57 -4.84
CA ASN D 219 -6.88 -23.72 -3.38
C ASN D 219 -8.13 -24.50 -2.96
N GLN D 220 -8.32 -25.66 -3.58
CA GLN D 220 -9.42 -26.55 -3.18
C GLN D 220 -9.11 -27.11 -1.79
N VAL D 221 -10.16 -27.42 -1.04
CA VAL D 221 -10.02 -27.91 0.36
C VAL D 221 -9.19 -29.20 0.53
N PHE D 222 -9.22 -30.05 -0.49
CA PHE D 222 -8.43 -31.32 -0.51
C PHE D 222 -6.98 -31.15 -1.02
N ALA D 223 -6.70 -30.03 -1.66
CA ALA D 223 -5.36 -29.68 -2.18
C ALA D 223 -5.10 -28.20 -1.96
N PRO D 224 -4.82 -27.80 -0.71
CA PRO D 224 -4.60 -26.37 -0.44
C PRO D 224 -3.45 -25.80 -1.25
N PHE D 225 -3.63 -24.56 -1.67
CA PHE D 225 -2.71 -23.83 -2.57
C PHE D 225 -1.29 -23.82 -2.06
N LYS D 226 -1.10 -23.43 -0.81
CA LYS D 226 0.26 -23.32 -0.24
C LYS D 226 0.97 -24.68 -0.12
N ASP D 227 0.23 -25.72 0.26
CA ASP D 227 0.80 -27.09 0.36
C ASP D 227 1.20 -27.61 -1.03
N THR D 228 0.33 -27.37 -2.00
CA THR D 228 0.60 -27.78 -3.39
C THR D 228 1.81 -27.03 -3.98
N VAL D 229 1.82 -25.71 -3.84
CA VAL D 229 2.96 -24.89 -4.35
C VAL D 229 4.31 -25.36 -3.78
N ARG D 230 4.34 -25.60 -2.47
CA ARG D 230 5.57 -26.10 -1.79
C ARG D 230 6.01 -27.49 -2.29
N ALA D 231 5.06 -28.40 -2.45
CA ALA D 231 5.34 -29.74 -2.96
C ALA D 231 5.87 -29.71 -4.40
N VAL D 232 5.26 -28.88 -5.23
CA VAL D 232 5.70 -28.70 -6.64
C VAL D 232 7.11 -28.08 -6.71
N ALA D 233 7.38 -27.11 -5.84
CA ALA D 233 8.71 -26.48 -5.75
C ALA D 233 9.79 -27.50 -5.39
N ASP D 234 9.47 -28.37 -4.45
CA ASP D 234 10.35 -29.49 -4.09
C ASP D 234 10.55 -30.45 -5.27
N ALA D 235 9.45 -30.81 -5.94
CA ALA D 235 9.49 -31.66 -7.13
C ALA D 235 10.35 -31.08 -8.29
N MET D 236 10.23 -29.77 -8.50
CA MET D 236 11.03 -29.06 -9.54
C MET D 236 12.52 -29.16 -9.21
N ARG D 237 12.86 -28.87 -7.97
CA ARG D 237 14.26 -28.95 -7.48
C ARG D 237 14.84 -30.37 -7.67
N ARG D 238 14.07 -31.38 -7.28
CA ARG D 238 14.46 -32.80 -7.45
C ARG D 238 14.63 -33.21 -8.92
N ALA D 239 13.69 -32.80 -9.75
CA ALA D 239 13.72 -33.13 -11.19
C ALA D 239 14.90 -32.47 -11.92
N GLN D 240 15.18 -31.23 -11.54
CA GLN D 240 16.33 -30.46 -12.09
C GLN D 240 17.67 -31.04 -11.64
N ASP D 241 17.76 -31.45 -10.39
CA ASP D 241 18.97 -32.13 -9.85
C ASP D 241 19.24 -33.48 -10.57
N LYS D 242 18.17 -34.22 -10.84
CA LYS D 242 18.28 -35.53 -11.51
C LYS D 242 18.66 -35.40 -12.98
N THR D 243 17.93 -34.55 -13.70
CA THR D 243 18.10 -34.42 -15.16
C THR D 243 19.20 -33.44 -15.59
N GLY D 244 19.54 -32.49 -14.72
CA GLY D 244 20.47 -31.41 -15.06
C GLY D 244 19.90 -30.39 -16.07
N GLU D 245 18.58 -30.39 -16.22
CA GLU D 245 17.86 -29.49 -17.15
C GLU D 245 16.82 -28.67 -16.39
N ALA D 246 16.57 -27.46 -16.86
CA ALA D 246 15.62 -26.55 -16.24
C ALA D 246 14.21 -27.01 -16.55
N LYS D 247 13.32 -26.80 -15.58
CA LYS D 247 11.91 -27.18 -15.69
C LYS D 247 11.02 -25.98 -15.42
N LEU D 248 9.83 -25.99 -16.02
CA LEU D 248 8.90 -24.87 -15.95
C LEU D 248 7.56 -25.30 -15.38
N PHE D 249 6.92 -24.42 -14.62
CA PHE D 249 5.54 -24.63 -14.13
C PHE D 249 4.67 -23.37 -14.33
N SER D 250 3.43 -23.59 -14.80
CA SER D 250 2.44 -22.52 -14.98
C SER D 250 1.32 -22.69 -13.95
N PHE D 251 1.35 -21.85 -12.93
CA PHE D 251 0.36 -21.86 -11.83
C PHE D 251 -0.85 -20.98 -12.09
N ASN D 252 -2.02 -21.53 -11.81
CA ASN D 252 -3.26 -20.77 -11.82
C ASN D 252 -3.34 -19.81 -10.62
N ILE D 253 -3.33 -18.53 -10.90
CA ILE D 253 -3.48 -17.50 -9.87
C ILE D 253 -4.81 -16.75 -10.00
N THR D 254 -5.73 -17.26 -10.82
CA THR D 254 -7.04 -16.62 -11.08
C THR D 254 -7.85 -16.47 -9.81
N ALA D 255 -8.48 -15.32 -9.69
CA ALA D 255 -9.40 -15.01 -8.59
C ALA D 255 -10.27 -13.84 -8.98
N ASP D 256 -11.43 -13.73 -8.33
CA ASP D 256 -12.29 -12.55 -8.47
C ASP D 256 -11.58 -11.36 -7.83
N ASP D 257 -10.97 -11.62 -6.67
CA ASP D 257 -10.31 -10.57 -5.88
C ASP D 257 -8.88 -10.34 -6.36
N HIS D 258 -8.62 -9.13 -6.86
CA HIS D 258 -7.29 -8.65 -7.24
C HIS D 258 -6.20 -8.99 -6.21
N TYR D 259 -6.51 -8.76 -4.95
CA TYR D 259 -5.56 -9.00 -3.84
C TYR D 259 -5.26 -10.50 -3.60
N GLU D 260 -6.23 -11.36 -3.91
CA GLU D 260 -6.03 -12.81 -3.88
C GLU D 260 -5.02 -13.23 -4.97
N MET D 261 -5.19 -12.68 -6.16
CA MET D 261 -4.26 -12.93 -7.28
C MET D 261 -2.83 -12.52 -6.89
N LEU D 262 -2.70 -11.36 -6.26
CA LEU D 262 -1.40 -10.88 -5.76
C LEU D 262 -0.80 -11.79 -4.68
N ALA D 263 -1.62 -12.19 -3.72
CA ALA D 263 -1.21 -13.10 -2.63
C ALA D 263 -0.65 -14.43 -3.19
N ARG D 264 -1.35 -14.98 -4.19
CA ARG D 264 -0.95 -16.24 -4.82
C ARG D 264 0.37 -16.12 -5.56
N GLY D 265 0.44 -15.11 -6.40
CA GLY D 265 1.65 -14.81 -7.19
C GLY D 265 2.89 -14.56 -6.34
N GLU D 266 2.75 -13.69 -5.34
CA GLU D 266 3.84 -13.37 -4.39
C GLU D 266 4.30 -14.59 -3.59
N PHE D 267 3.36 -15.40 -3.13
CA PHE D 267 3.71 -16.63 -2.42
C PHE D 267 4.53 -17.58 -3.31
N ILE D 268 4.08 -17.78 -4.54
CA ILE D 268 4.75 -18.69 -5.48
C ILE D 268 6.20 -18.27 -5.73
N LEU D 269 6.40 -16.99 -6.05
CA LEU D 269 7.73 -16.48 -6.39
C LEU D 269 8.72 -16.57 -5.24
N GLU D 270 8.23 -16.26 -4.05
CA GLU D 270 9.06 -16.36 -2.84
C GLU D 270 9.38 -17.84 -2.52
N THR D 271 8.42 -18.72 -2.71
CA THR D 271 8.60 -20.15 -2.45
C THR D 271 9.60 -20.78 -3.44
N PHE D 272 9.45 -20.47 -4.72
CA PHE D 272 10.37 -21.02 -5.74
C PHE D 272 11.78 -20.41 -5.71
N ALA D 273 11.89 -19.20 -5.18
CA ALA D 273 13.18 -18.56 -4.86
C ALA D 273 14.11 -18.45 -6.07
N ASP D 274 15.24 -19.16 -6.08
CA ASP D 274 16.15 -19.18 -7.25
C ASP D 274 15.53 -19.78 -8.52
N ASN D 275 14.44 -20.52 -8.36
CA ASN D 275 13.63 -21.03 -9.47
C ASN D 275 12.41 -20.14 -9.82
N ALA D 276 12.36 -18.91 -9.30
CA ALA D 276 11.21 -18.00 -9.55
C ALA D 276 11.05 -17.61 -11.02
N ASP D 277 12.15 -17.52 -11.75
CA ASP D 277 12.10 -17.26 -13.22
C ASP D 277 11.66 -18.48 -14.07
N HIS D 278 11.42 -19.62 -13.43
CA HIS D 278 10.89 -20.85 -14.07
C HIS D 278 9.35 -20.89 -14.01
N ILE D 279 8.75 -19.86 -13.45
CA ILE D 279 7.32 -19.80 -13.17
C ILE D 279 6.56 -18.93 -14.14
N ALA D 280 5.51 -19.50 -14.73
CA ALA D 280 4.51 -18.74 -15.48
C ALA D 280 3.29 -18.61 -14.61
N PHE D 281 2.47 -17.61 -14.89
CA PHE D 281 1.20 -17.41 -14.18
C PHE D 281 0.05 -17.57 -15.15
N LEU D 282 -0.80 -18.53 -14.83
CA LEU D 282 -1.99 -18.84 -15.62
C LEU D 282 -3.18 -18.05 -15.11
N VAL D 283 -3.91 -17.45 -16.05
CA VAL D 283 -5.13 -16.71 -15.74
C VAL D 283 -6.24 -17.20 -16.65
N ASP D 284 -7.38 -17.55 -16.05
CA ASP D 284 -8.60 -17.90 -16.79
C ASP D 284 -9.21 -16.59 -17.31
N GLY D 285 -8.60 -16.09 -18.37
CA GLY D 285 -8.87 -14.76 -18.90
C GLY D 285 -10.23 -14.50 -19.50
N TYR D 286 -10.85 -15.53 -20.07
CA TYR D 286 -12.19 -15.37 -20.64
C TYR D 286 -13.25 -15.25 -19.54
N VAL D 287 -13.23 -16.18 -18.59
CA VAL D 287 -14.26 -16.17 -17.51
C VAL D 287 -14.03 -15.13 -16.42
N ALA D 288 -12.77 -14.94 -16.03
CA ALA D 288 -12.42 -13.93 -15.00
C ALA D 288 -12.40 -12.51 -15.58
N GLY D 289 -12.08 -12.43 -16.86
CA GLY D 289 -12.18 -11.20 -17.63
C GLY D 289 -10.87 -10.46 -17.80
N PRO D 290 -10.88 -9.41 -18.64
CA PRO D 290 -9.73 -8.55 -18.86
C PRO D 290 -9.07 -7.98 -17.62
N ALA D 291 -9.89 -7.66 -16.62
CA ALA D 291 -9.42 -7.12 -15.35
C ALA D 291 -8.45 -8.06 -14.66
N ALA D 292 -8.77 -9.36 -14.66
CA ALA D 292 -7.88 -10.40 -14.08
C ALA D 292 -6.57 -10.54 -14.86
N VAL D 293 -6.67 -10.48 -16.17
CA VAL D 293 -5.51 -10.59 -17.07
C VAL D 293 -4.54 -9.44 -16.80
N THR D 294 -5.09 -8.24 -16.74
CA THR D 294 -4.32 -7.01 -16.48
C THR D 294 -3.67 -6.99 -15.09
N THR D 295 -4.37 -7.50 -14.09
CA THR D 295 -3.79 -7.65 -12.74
C THR D 295 -2.47 -8.41 -12.81
N ALA D 296 -2.51 -9.58 -13.44
CA ALA D 296 -1.31 -10.42 -13.64
C ALA D 296 -0.25 -9.74 -14.51
N ARG D 297 -0.72 -9.12 -15.59
CA ARG D 297 0.16 -8.44 -16.54
C ARG D 297 0.93 -7.28 -15.90
N ARG D 298 0.20 -6.46 -15.14
CA ARG D 298 0.79 -5.25 -14.55
C ARG D 298 1.52 -5.50 -13.24
N ALA D 299 1.01 -6.40 -12.42
CA ALA D 299 1.69 -6.73 -11.15
C ALA D 299 2.91 -7.61 -11.35
N PHE D 300 2.88 -8.50 -12.34
CA PHE D 300 3.98 -9.46 -12.59
C PHE D 300 4.47 -9.49 -14.05
N PRO D 301 4.96 -8.35 -14.57
CA PRO D 301 5.39 -8.27 -15.98
C PRO D 301 6.58 -9.16 -16.37
N LYS D 302 7.40 -9.51 -15.39
CA LYS D 302 8.55 -10.41 -15.57
C LYS D 302 8.23 -11.92 -15.48
N GLN D 303 6.96 -12.27 -15.30
CA GLN D 303 6.53 -13.68 -15.23
C GLN D 303 5.61 -13.92 -16.42
N TYR D 304 5.91 -14.96 -17.18
CA TYR D 304 5.15 -15.38 -18.36
C TYR D 304 3.66 -15.50 -18.02
N LEU D 305 2.84 -14.70 -18.70
CA LEU D 305 1.39 -14.65 -18.51
C LEU D 305 0.69 -15.61 -19.48
N HIS D 306 0.16 -16.67 -18.89
CA HIS D 306 -0.48 -17.77 -19.61
C HIS D 306 -2.01 -17.56 -19.60
N TYR D 307 -2.53 -17.07 -20.69
CA TYR D 307 -3.95 -16.81 -20.83
C TYR D 307 -4.62 -18.15 -21.16
N HIS D 308 -5.43 -18.64 -20.23
CA HIS D 308 -6.25 -19.86 -20.43
C HIS D 308 -7.66 -19.35 -20.79
N ARG D 309 -8.19 -19.81 -21.92
CA ARG D 309 -9.46 -19.28 -22.48
C ARG D 309 -10.77 -20.04 -22.17
N ALA D 310 -10.73 -20.92 -21.19
CA ALA D 310 -11.88 -21.73 -20.73
C ALA D 310 -13.17 -20.91 -20.71
N GLY D 311 -14.18 -21.41 -21.40
CA GLY D 311 -15.48 -20.71 -21.54
C GLY D 311 -15.67 -19.96 -22.84
N HIS D 312 -14.59 -19.66 -23.55
CA HIS D 312 -14.62 -18.91 -24.82
C HIS D 312 -15.56 -19.50 -25.87
N GLY D 313 -15.69 -20.82 -25.88
CA GLY D 313 -16.53 -21.56 -26.85
C GLY D 313 -18.00 -21.15 -26.89
N ALA D 314 -18.47 -20.55 -25.80
CA ALA D 314 -19.84 -20.00 -25.73
C ALA D 314 -20.11 -18.98 -26.83
N VAL D 315 -19.09 -18.23 -27.22
CA VAL D 315 -19.21 -17.25 -28.33
C VAL D 315 -18.36 -17.56 -29.58
N THR D 316 -17.15 -18.08 -29.36
CA THR D 316 -16.18 -18.31 -30.47
C THR D 316 -16.51 -19.49 -31.38
N SER D 317 -17.28 -20.45 -30.89
CA SER D 317 -17.67 -21.63 -31.70
C SER D 317 -18.30 -21.18 -33.02
N PRO D 318 -17.98 -21.88 -34.15
CA PRO D 318 -18.68 -21.59 -35.42
C PRO D 318 -20.21 -21.82 -35.35
N GLN D 319 -20.63 -22.67 -34.43
CA GLN D 319 -22.05 -22.87 -34.11
C GLN D 319 -22.70 -21.56 -33.65
N SER D 320 -21.94 -20.73 -32.93
CA SER D 320 -22.42 -19.41 -32.49
C SER D 320 -22.37 -18.41 -33.64
N LYS D 321 -23.45 -17.65 -33.80
CA LYS D 321 -23.53 -16.57 -34.78
C LYS D 321 -23.42 -15.19 -34.10
N ARG D 322 -22.98 -15.20 -32.84
CA ARG D 322 -22.91 -13.99 -32.02
C ARG D 322 -21.53 -13.79 -31.42
N GLY D 323 -21.32 -12.59 -30.88
CA GLY D 323 -20.11 -12.26 -30.15
C GLY D 323 -18.91 -12.05 -31.04
N TYR D 324 -17.91 -12.89 -30.89
CA TYR D 324 -16.69 -12.78 -31.68
C TYR D 324 -16.02 -14.12 -31.84
N THR D 325 -15.18 -14.20 -32.85
CA THR D 325 -14.47 -15.45 -33.17
C THR D 325 -13.24 -15.62 -32.28
N ALA D 326 -12.68 -16.82 -32.32
CA ALA D 326 -11.43 -17.14 -31.60
C ALA D 326 -10.25 -16.31 -32.09
N PHE D 327 -10.29 -15.94 -33.37
CA PHE D 327 -9.30 -15.09 -33.98
C PHE D 327 -9.27 -13.71 -33.31
N VAL D 328 -10.46 -13.13 -33.17
CA VAL D 328 -10.66 -11.82 -32.51
C VAL D 328 -10.18 -11.87 -31.06
N LEU D 329 -10.59 -12.92 -30.35
CA LEU D 329 -10.19 -13.14 -28.96
C LEU D 329 -8.68 -13.15 -28.79
N SER D 330 -8.03 -13.94 -29.64
CA SER D 330 -6.57 -14.11 -29.63
C SER D 330 -5.84 -12.80 -29.92
N LYS D 331 -6.37 -12.04 -30.88
CA LYS D 331 -5.80 -10.74 -31.25
C LYS D 331 -5.91 -9.73 -30.10
N MET D 332 -7.06 -9.72 -29.44
CA MET D 332 -7.27 -8.91 -28.24
C MET D 332 -6.33 -9.29 -27.11
N ALA D 333 -6.12 -10.59 -26.93
CA ALA D 333 -5.22 -11.11 -25.87
C ALA D 333 -3.78 -10.61 -25.97
N ARG D 334 -3.32 -10.46 -27.22
CA ARG D 334 -1.98 -9.94 -27.48
C ARG D 334 -1.88 -8.49 -27.01
N LEU D 335 -2.87 -7.68 -27.40
CA LEU D 335 -3.01 -6.29 -26.93
C LEU D 335 -3.06 -6.17 -25.41
N GLN D 336 -3.80 -7.07 -24.79
CA GLN D 336 -3.92 -7.13 -23.30
C GLN D 336 -2.61 -7.45 -22.61
N GLY D 337 -1.76 -8.20 -23.31
CA GLY D 337 -0.44 -8.58 -22.78
C GLY D 337 -0.21 -10.03 -22.39
N ALA D 338 -1.04 -10.91 -22.91
CA ALA D 338 -0.82 -12.34 -22.73
C ALA D 338 0.54 -12.74 -23.35
N SER D 339 1.33 -13.47 -22.59
CA SER D 339 2.60 -14.02 -23.08
C SER D 339 2.34 -15.20 -23.99
N GLY D 340 1.28 -15.89 -23.68
CA GLY D 340 0.79 -16.99 -24.51
C GLY D 340 -0.70 -17.13 -24.34
N ILE D 341 -1.33 -17.69 -25.36
CA ILE D 341 -2.75 -18.01 -25.30
C ILE D 341 -3.02 -19.33 -26.00
N HIS D 342 -3.99 -20.06 -25.48
CA HIS D 342 -4.49 -21.26 -26.14
C HIS D 342 -5.13 -20.87 -27.46
N THR D 343 -4.65 -21.46 -28.54
CA THR D 343 -5.19 -21.23 -29.91
C THR D 343 -5.95 -22.44 -30.43
N GLY D 344 -6.01 -23.50 -29.62
CA GLY D 344 -6.67 -24.73 -29.98
C GLY D 344 -5.78 -25.60 -30.84
N THR D 345 -6.25 -26.81 -31.07
CA THR D 345 -5.49 -27.84 -31.81
C THR D 345 -5.71 -27.79 -33.33
N MET D 346 -6.51 -26.84 -33.79
CA MET D 346 -6.73 -26.58 -35.24
C MET D 346 -7.27 -27.82 -35.99
N GLY D 347 -8.24 -28.47 -35.36
CA GLY D 347 -8.86 -29.70 -35.88
C GLY D 347 -8.15 -31.02 -35.62
N PHE D 348 -7.02 -30.99 -34.93
CA PHE D 348 -6.18 -32.21 -34.67
C PHE D 348 -6.34 -32.83 -33.30
N GLY D 349 -7.06 -32.16 -32.42
CA GLY D 349 -7.33 -32.66 -31.07
C GLY D 349 -8.81 -32.91 -30.82
N LYS D 350 -9.18 -32.96 -29.54
CA LYS D 350 -10.57 -33.26 -29.10
C LYS D 350 -11.55 -32.08 -29.12
N MET D 351 -11.04 -30.87 -29.02
CA MET D 351 -11.89 -29.67 -28.96
C MET D 351 -12.23 -29.17 -30.36
N GLU D 352 -13.23 -28.31 -30.43
CA GLU D 352 -13.64 -27.69 -31.70
C GLU D 352 -12.52 -26.84 -32.26
N GLY D 353 -12.24 -27.01 -33.54
CA GLY D 353 -11.20 -26.27 -34.23
C GLY D 353 -11.09 -26.67 -35.70
N GLU D 354 -10.44 -25.81 -36.47
CA GLU D 354 -10.26 -25.99 -37.92
C GLU D 354 -8.81 -25.77 -38.32
N ALA D 355 -8.39 -26.39 -39.42
CA ALA D 355 -7.04 -26.22 -39.97
C ALA D 355 -6.70 -24.75 -40.33
N ALA D 356 -7.70 -24.00 -40.79
CA ALA D 356 -7.55 -22.55 -41.11
C ALA D 356 -7.20 -21.67 -39.90
N ASP D 357 -7.39 -22.19 -38.69
CA ASP D 357 -6.98 -21.50 -37.43
C ASP D 357 -5.47 -21.26 -37.28
N ARG D 358 -4.66 -21.85 -38.18
CA ARG D 358 -3.23 -21.52 -38.28
C ARG D 358 -3.01 -20.00 -38.39
N ALA D 359 -3.92 -19.32 -39.09
CA ALA D 359 -3.88 -17.85 -39.24
C ALA D 359 -3.96 -17.11 -37.89
N ILE D 360 -4.60 -17.74 -36.90
CA ILE D 360 -4.67 -17.18 -35.54
C ILE D 360 -3.26 -17.12 -34.97
N ALA D 361 -2.54 -18.24 -35.08
CA ALA D 361 -1.14 -18.33 -34.62
C ALA D 361 -0.25 -17.23 -35.22
N TYR D 362 -0.31 -17.08 -36.53
CA TYR D 362 0.51 -16.06 -37.24
C TYR D 362 0.12 -14.62 -36.89
N MET D 363 -1.15 -14.37 -36.64
CA MET D 363 -1.60 -13.04 -36.17
C MET D 363 -1.01 -12.66 -34.79
N ILE D 364 -0.86 -13.64 -33.92
CA ILE D 364 -0.32 -13.42 -32.57
C ILE D 364 1.21 -13.47 -32.45
N THR D 365 1.88 -14.11 -33.41
CA THR D 365 3.36 -14.26 -33.40
C THR D 365 4.15 -13.32 -34.31
N GLU D 366 3.55 -12.84 -35.38
CA GLU D 366 4.28 -12.03 -36.38
C GLU D 366 4.09 -10.54 -36.16
N ASP D 367 5.05 -9.77 -36.66
CA ASP D 367 4.98 -8.31 -36.62
C ASP D 367 4.00 -7.76 -37.67
N ALA D 368 3.74 -8.55 -38.70
CA ALA D 368 2.75 -8.21 -39.73
C ALA D 368 2.00 -9.48 -40.12
N ALA D 369 0.69 -9.37 -40.24
CA ALA D 369 -0.14 -10.55 -40.57
C ALA D 369 -1.49 -10.13 -41.09
N ASP D 370 -2.12 -11.07 -41.79
CA ASP D 370 -3.43 -10.88 -42.41
C ASP D 370 -4.50 -11.60 -41.61
N GLY D 371 -5.55 -10.88 -41.28
CA GLY D 371 -6.76 -11.48 -40.69
C GLY D 371 -7.67 -11.83 -41.86
N PRO D 372 -8.88 -12.34 -41.57
CA PRO D 372 -9.84 -12.60 -42.65
C PRO D 372 -10.28 -11.36 -43.44
N TYR D 373 -10.26 -10.19 -42.80
CA TYR D 373 -10.63 -8.90 -43.43
C TYR D 373 -9.58 -7.78 -43.41
N PHE D 374 -8.71 -7.75 -42.39
CA PHE D 374 -7.75 -6.66 -42.23
C PHE D 374 -6.32 -7.13 -42.08
N HIS D 375 -5.41 -6.42 -42.73
CA HIS D 375 -3.96 -6.60 -42.53
C HIS D 375 -3.61 -5.80 -41.27
N GLN D 376 -2.76 -6.38 -40.43
CA GLN D 376 -2.35 -5.70 -39.19
C GLN D 376 -0.84 -5.61 -39.08
N GLU D 377 -0.37 -4.38 -38.84
CA GLU D 377 1.03 -4.10 -38.47
C GLU D 377 1.05 -3.97 -36.94
N TRP D 378 1.94 -4.71 -36.29
CA TRP D 378 2.06 -4.71 -34.81
C TRP D 378 3.08 -3.71 -34.24
N LEU D 379 3.84 -3.08 -35.11
CA LEU D 379 4.80 -2.00 -34.75
C LEU D 379 5.80 -2.42 -33.66
N GLY D 380 6.26 -3.66 -33.76
CA GLY D 380 7.22 -4.21 -32.80
C GLY D 380 6.67 -4.64 -31.46
N MET D 381 5.34 -4.62 -31.29
CA MET D 381 4.68 -5.16 -30.10
C MET D 381 5.09 -6.64 -30.00
N ASN D 382 5.44 -7.07 -28.80
CA ASN D 382 5.87 -8.46 -28.57
C ASN D 382 4.85 -9.50 -29.02
N PRO D 383 5.32 -10.69 -29.45
CA PRO D 383 4.41 -11.76 -29.81
C PRO D 383 3.83 -12.47 -28.59
N THR D 384 2.70 -13.12 -28.83
CA THR D 384 2.03 -14.01 -27.88
C THR D 384 2.21 -15.41 -28.42
N THR D 385 2.66 -16.33 -27.58
CA THR D 385 2.90 -17.72 -28.01
C THR D 385 1.60 -18.50 -28.24
N PRO D 386 1.54 -19.30 -29.33
CA PRO D 386 0.41 -20.22 -29.44
C PRO D 386 0.62 -21.38 -28.46
N ILE D 387 -0.33 -21.61 -27.58
CA ILE D 387 -0.28 -22.74 -26.63
C ILE D 387 -1.25 -23.78 -27.17
N ILE D 388 -0.75 -24.98 -27.44
CA ILE D 388 -1.53 -26.07 -28.08
C ILE D 388 -1.93 -27.10 -27.03
N SER D 389 -3.22 -27.27 -26.84
CA SER D 389 -3.75 -28.15 -25.78
C SER D 389 -5.10 -28.72 -26.12
N GLY D 390 -5.35 -29.95 -25.64
CA GLY D 390 -6.65 -30.61 -25.78
C GLY D 390 -6.68 -31.85 -26.68
N GLY D 391 -6.48 -33.02 -26.08
CA GLY D 391 -6.57 -34.28 -26.81
C GLY D 391 -5.46 -34.53 -27.82
N MET D 392 -4.27 -34.05 -27.51
CA MET D 392 -3.08 -34.27 -28.34
C MET D 392 -2.24 -35.40 -27.78
N ASN D 393 -1.51 -36.05 -28.66
CA ASN D 393 -0.54 -37.09 -28.29
C ASN D 393 0.56 -37.11 -29.35
N ALA D 394 1.59 -37.91 -29.12
CA ALA D 394 2.73 -38.04 -30.07
C ALA D 394 2.32 -38.39 -31.52
N LEU D 395 1.27 -39.19 -31.66
CA LEU D 395 0.79 -39.67 -32.97
C LEU D 395 0.14 -38.55 -33.79
N ARG D 396 -0.63 -37.70 -33.12
CA ARG D 396 -1.35 -36.60 -33.76
C ARG D 396 -0.49 -35.35 -34.08
N MET D 397 0.72 -35.31 -33.54
CA MET D 397 1.61 -34.13 -33.63
C MET D 397 2.20 -33.78 -34.99
N PRO D 398 2.77 -34.78 -35.70
CA PRO D 398 3.35 -34.46 -37.02
C PRO D 398 2.37 -33.82 -38.00
N GLY D 399 1.13 -34.30 -37.97
CA GLY D 399 0.04 -33.71 -38.77
C GLY D 399 -0.27 -32.28 -38.37
N PHE D 400 -0.29 -32.03 -37.07
CA PHE D 400 -0.51 -30.67 -36.53
C PHE D 400 0.58 -29.69 -36.99
N PHE D 401 1.83 -30.09 -36.81
CA PHE D 401 2.98 -29.24 -37.19
C PHE D 401 3.04 -28.96 -38.70
N ASP D 402 2.67 -29.95 -39.51
CA ASP D 402 2.58 -29.80 -40.99
C ASP D 402 1.62 -28.70 -41.37
N ASN D 403 0.46 -28.70 -40.75
CA ASN D 403 -0.55 -27.65 -41.00
C ASN D 403 -0.10 -26.25 -40.54
N LEU D 404 0.51 -26.17 -39.36
CA LEU D 404 0.96 -24.88 -38.78
C LEU D 404 2.17 -24.28 -39.50
N GLY D 405 3.20 -25.11 -39.65
CA GLY D 405 4.46 -24.73 -40.34
C GLY D 405 5.66 -24.49 -39.46
N HIS D 406 5.47 -24.55 -38.14
CA HIS D 406 6.55 -24.37 -37.17
C HIS D 406 6.23 -25.04 -35.83
N SER D 407 7.26 -25.19 -35.00
CA SER D 407 7.17 -25.81 -33.66
C SER D 407 7.70 -24.93 -32.49
N ASN D 408 7.82 -23.64 -32.75
CA ASN D 408 8.13 -22.60 -31.74
C ASN D 408 6.89 -22.30 -30.93
N LEU D 409 6.59 -23.20 -30.03
CA LEU D 409 5.35 -23.14 -29.28
C LEU D 409 5.41 -24.05 -28.07
N ILE D 410 4.38 -23.91 -27.25
CA ILE D 410 4.17 -24.77 -26.10
C ILE D 410 3.02 -25.70 -26.47
N MET D 411 3.21 -26.99 -26.22
CA MET D 411 2.14 -27.96 -26.36
C MET D 411 2.01 -28.73 -25.07
N THR D 412 0.78 -28.79 -24.57
CA THR D 412 0.47 -29.51 -23.36
C THR D 412 -0.45 -30.69 -23.70
N ALA D 413 0.00 -31.88 -23.35
CA ALA D 413 -0.74 -33.13 -23.57
C ALA D 413 -0.86 -33.90 -22.26
N GLY D 414 -2.02 -33.78 -21.64
CA GLY D 414 -2.31 -34.45 -20.36
C GLY D 414 -2.48 -35.94 -20.56
N GLY D 415 -3.52 -36.28 -21.31
CA GLY D 415 -3.80 -37.66 -21.70
C GLY D 415 -2.71 -38.29 -22.58
N GLY D 416 -2.13 -37.48 -23.47
CA GLY D 416 -1.01 -37.90 -24.31
C GLY D 416 0.29 -38.26 -23.59
N ALA D 417 0.46 -37.77 -22.36
CA ALA D 417 1.65 -38.06 -21.54
C ALA D 417 1.38 -39.14 -20.48
N PHE D 418 0.45 -38.86 -19.57
CA PHE D 418 0.11 -39.80 -18.48
C PHE D 418 -0.71 -41.03 -18.90
N GLY D 419 -1.30 -40.98 -20.09
CA GLY D 419 -1.98 -42.13 -20.70
C GLY D 419 -1.06 -43.05 -21.49
N HIS D 420 0.22 -42.69 -21.61
CA HIS D 420 1.24 -43.53 -22.26
C HIS D 420 1.40 -44.80 -21.42
N VAL D 421 1.52 -45.94 -22.09
CA VAL D 421 1.59 -47.29 -21.44
C VAL D 421 2.68 -47.39 -20.33
N ASP D 422 3.86 -46.88 -20.66
CA ASP D 422 5.04 -46.85 -19.75
C ASP D 422 5.04 -45.71 -18.70
N GLY D 423 4.11 -44.77 -18.80
CA GLY D 423 3.97 -43.67 -17.80
C GLY D 423 4.32 -42.28 -18.30
N GLY D 424 4.26 -41.32 -17.39
CA GLY D 424 4.44 -39.88 -17.67
C GLY D 424 5.74 -39.46 -18.34
N ALA D 425 6.86 -39.92 -17.78
CA ALA D 425 8.20 -39.61 -18.31
C ALA D 425 8.37 -40.09 -19.74
N ALA D 426 7.97 -41.34 -19.97
CA ALA D 426 7.99 -41.95 -21.31
C ALA D 426 7.02 -41.26 -22.26
N GLY D 427 5.89 -40.86 -21.71
CA GLY D 427 4.89 -40.05 -22.43
C GLY D 427 5.50 -38.74 -22.91
N ALA D 428 6.21 -38.07 -22.01
CA ALA D 428 6.90 -36.80 -22.35
C ALA D 428 7.90 -36.99 -23.48
N LYS D 429 8.69 -38.04 -23.38
CA LYS D 429 9.70 -38.40 -24.41
C LYS D 429 9.08 -38.69 -25.77
N SER D 430 7.93 -39.36 -25.79
CA SER D 430 7.23 -39.62 -27.07
C SER D 430 6.80 -38.31 -27.77
N LEU D 431 6.41 -37.32 -26.96
CA LEU D 431 6.05 -35.97 -27.46
C LEU D 431 7.29 -35.27 -28.02
N ARG D 432 8.37 -35.29 -27.24
CA ARG D 432 9.70 -34.79 -27.67
C ARG D 432 10.10 -35.37 -29.04
N GLN D 433 10.06 -36.70 -29.10
CA GLN D 433 10.46 -37.49 -30.30
C GLN D 433 9.56 -37.23 -31.52
N ALA D 434 8.26 -37.10 -31.26
CA ALA D 434 7.27 -36.78 -32.32
C ALA D 434 7.59 -35.46 -33.04
N GLU D 435 8.03 -34.47 -32.27
CA GLU D 435 8.46 -33.17 -32.86
C GLU D 435 9.82 -33.32 -33.57
N GLN D 436 10.71 -34.12 -32.99
CA GLN D 436 12.02 -34.42 -33.63
C GLN D 436 11.80 -35.09 -34.98
N CYS D 437 10.87 -36.04 -35.01
CA CYS D 437 10.45 -36.73 -36.24
C CYS D 437 9.95 -35.76 -37.30
N TRP D 438 9.07 -34.85 -36.90
CA TRP D 438 8.52 -33.82 -37.81
C TRP D 438 9.60 -32.89 -38.36
N LYS D 439 10.47 -32.43 -37.45
CA LYS D 439 11.55 -31.49 -37.78
C LYS D 439 12.53 -32.05 -38.83
N GLN D 440 12.84 -33.33 -38.72
CA GLN D 440 13.70 -34.06 -39.70
C GLN D 440 13.00 -34.56 -40.99
N GLY D 441 11.68 -34.43 -41.04
CA GLY D 441 10.89 -34.85 -42.21
C GLY D 441 10.86 -36.36 -42.44
N ALA D 442 10.96 -37.11 -41.35
CA ALA D 442 10.96 -38.58 -41.39
C ALA D 442 9.54 -39.12 -41.35
N ASP D 443 9.42 -40.39 -41.76
CA ASP D 443 8.13 -41.11 -41.73
C ASP D 443 7.93 -41.59 -40.29
N PRO D 444 6.83 -41.17 -39.60
CA PRO D 444 6.59 -41.57 -38.22
C PRO D 444 6.71 -43.06 -37.89
N VAL D 445 6.21 -43.90 -38.79
CA VAL D 445 6.25 -45.38 -38.59
C VAL D 445 7.71 -45.88 -38.61
N GLU D 446 8.48 -45.40 -39.58
CA GLU D 446 9.92 -45.76 -39.71
C GLU D 446 10.78 -45.13 -38.62
N PHE D 447 10.45 -43.89 -38.27
CA PHE D 447 11.08 -43.16 -37.17
C PHE D 447 10.93 -43.93 -35.85
N ALA D 448 9.72 -44.42 -35.61
CA ALA D 448 9.37 -45.20 -34.40
C ALA D 448 10.22 -46.46 -34.16
N LYS D 449 10.71 -47.08 -35.23
CA LYS D 449 11.57 -48.29 -35.12
C LYS D 449 12.79 -48.07 -34.23
N ASP D 450 13.38 -46.88 -34.34
CA ASP D 450 14.60 -46.50 -33.58
C ASP D 450 14.38 -45.59 -32.36
N HIS D 451 13.11 -45.37 -32.02
CA HIS D 451 12.71 -44.51 -30.90
C HIS D 451 11.60 -45.19 -30.09
N ARG D 452 12.01 -45.89 -29.02
CA ARG D 452 11.13 -46.71 -28.16
C ARG D 452 9.86 -46.00 -27.70
N GLU D 453 10.05 -44.90 -27.00
CA GLU D 453 8.95 -44.15 -26.36
C GLU D 453 7.87 -43.73 -27.37
N PHE D 454 8.32 -43.25 -28.53
CA PHE D 454 7.43 -42.88 -29.64
C PHE D 454 6.70 -44.12 -30.22
N ALA D 455 7.42 -45.21 -30.38
CA ALA D 455 6.84 -46.50 -30.83
C ALA D 455 5.80 -47.03 -29.87
N ARG D 456 6.05 -46.85 -28.58
CA ARG D 456 5.13 -47.25 -27.50
C ARG D 456 3.85 -46.40 -27.42
N ALA D 457 3.87 -45.22 -28.04
CA ALA D 457 2.67 -44.35 -28.15
C ALA D 457 1.61 -44.98 -29.07
N PHE D 458 2.07 -45.69 -30.10
CA PHE D 458 1.19 -46.45 -31.04
C PHE D 458 0.38 -47.51 -30.30
N GLU D 459 1.04 -48.18 -29.36
CA GLU D 459 0.41 -49.18 -28.48
C GLU D 459 -0.46 -48.54 -27.39
N SER D 460 -0.07 -47.36 -26.93
CA SER D 460 -0.81 -46.60 -25.90
C SER D 460 -2.15 -46.07 -26.40
N PHE D 461 -2.16 -45.62 -27.65
CA PHE D 461 -3.34 -45.04 -28.32
C PHE D 461 -3.60 -45.75 -29.68
N PRO D 462 -3.99 -47.04 -29.64
CA PRO D 462 -4.18 -47.84 -30.87
C PRO D 462 -5.25 -47.36 -31.85
N GLN D 463 -6.35 -46.81 -31.33
CA GLN D 463 -7.42 -46.26 -32.16
C GLN D 463 -6.88 -45.19 -33.10
N ASP D 464 -6.10 -44.27 -32.52
CA ASP D 464 -5.44 -43.17 -33.28
C ASP D 464 -4.39 -43.71 -34.24
N ALA D 465 -3.63 -44.70 -33.78
CA ALA D 465 -2.58 -45.35 -34.58
C ALA D 465 -3.14 -46.04 -35.84
N ASP D 466 -4.32 -46.65 -35.70
CA ASP D 466 -5.00 -47.32 -36.85
C ASP D 466 -5.58 -46.35 -37.88
N LYS D 467 -6.05 -45.20 -37.42
CA LYS D 467 -6.60 -44.15 -38.32
C LYS D 467 -5.52 -43.40 -39.09
N LEU D 468 -4.49 -43.00 -38.35
CA LEU D 468 -3.38 -42.15 -38.86
C LEU D 468 -2.28 -42.90 -39.57
N TYR D 469 -1.93 -44.07 -39.05
CA TYR D 469 -0.86 -44.93 -39.58
C TYR D 469 -1.40 -46.36 -39.83
N PRO D 470 -2.32 -46.54 -40.82
CA PRO D 470 -3.10 -47.78 -41.03
C PRO D 470 -2.41 -49.15 -40.86
N ASN D 471 -1.22 -49.26 -41.43
CA ASN D 471 -0.45 -50.51 -41.44
C ASN D 471 0.77 -50.48 -40.52
N TRP D 472 0.61 -49.85 -39.35
CA TRP D 472 1.73 -49.70 -38.40
C TRP D 472 2.19 -51.00 -37.73
N ARG D 473 1.24 -51.88 -37.37
CA ARG D 473 1.54 -53.16 -36.66
C ARG D 473 2.44 -54.12 -37.45
N ALA D 474 2.18 -54.21 -38.75
CA ALA D 474 2.95 -55.05 -39.68
C ALA D 474 4.43 -54.63 -39.78
N LYS D 475 4.65 -53.33 -39.93
CA LYS D 475 6.01 -52.75 -40.00
C LYS D 475 6.78 -52.62 -38.67
N LEU D 476 6.06 -52.36 -37.58
CA LEU D 476 6.65 -52.06 -36.27
C LEU D 476 6.86 -53.35 -35.47
N LYS D 477 5.87 -54.24 -35.52
CA LYS D 477 5.98 -55.59 -34.95
C LYS D 477 5.62 -56.65 -35.98
N ASP E 22 50.32 -14.99 3.24
CA ASP E 22 50.27 -15.47 1.82
C ASP E 22 49.09 -16.43 1.58
N GLN E 23 48.10 -15.94 0.85
CA GLN E 23 46.87 -16.68 0.51
C GLN E 23 46.77 -17.11 -0.97
N SER E 24 47.90 -17.13 -1.67
CA SER E 24 47.95 -17.48 -3.10
C SER E 24 47.62 -18.93 -3.41
N ASN E 25 47.94 -19.85 -2.50
CA ASN E 25 47.61 -21.28 -2.69
C ASN E 25 46.11 -21.52 -2.81
N ARG E 26 45.35 -20.81 -1.97
CA ARG E 26 43.87 -20.93 -1.92
C ARG E 26 43.13 -20.05 -2.95
N TYR E 27 43.52 -18.78 -3.03
CA TYR E 27 42.82 -17.78 -3.88
C TYR E 27 43.45 -17.46 -5.25
N ALA E 28 44.45 -18.23 -5.66
CA ALA E 28 45.02 -18.13 -7.01
C ALA E 28 45.12 -19.51 -7.63
N ASN E 29 44.64 -19.61 -8.86
CA ASN E 29 44.76 -20.83 -9.67
C ASN E 29 44.98 -20.42 -11.13
N LEU E 30 46.23 -20.12 -11.44
CA LEU E 30 46.64 -19.67 -12.79
C LEU E 30 46.53 -20.73 -13.89
N ASN E 31 46.42 -21.99 -13.48
CA ASN E 31 46.20 -23.11 -14.42
C ASN E 31 44.76 -23.19 -14.96
N LEU E 32 43.82 -22.47 -14.35
CA LEU E 32 42.43 -22.39 -14.88
C LEU E 32 42.45 -21.67 -16.21
N LYS E 33 41.70 -22.19 -17.16
CA LYS E 33 41.59 -21.63 -18.50
C LYS E 33 40.33 -20.76 -18.55
N GLU E 34 40.49 -19.54 -19.05
CA GLU E 34 39.38 -18.59 -19.21
C GLU E 34 38.24 -19.18 -20.05
N SER E 35 38.60 -19.82 -21.14
CA SER E 35 37.63 -20.46 -22.07
C SER E 35 36.75 -21.52 -21.40
N GLU E 36 37.33 -22.26 -20.47
CA GLU E 36 36.61 -23.28 -19.68
C GLU E 36 35.73 -22.64 -18.60
N LEU E 37 36.21 -21.54 -18.02
CA LEU E 37 35.42 -20.79 -17.03
C LEU E 37 34.18 -20.20 -17.69
N ILE E 38 34.35 -19.64 -18.88
CA ILE E 38 33.23 -19.11 -19.69
C ILE E 38 32.28 -20.25 -20.09
N ALA E 39 32.83 -21.32 -20.65
CA ALA E 39 32.05 -22.51 -21.07
C ALA E 39 31.23 -23.15 -19.93
N GLY E 40 31.81 -23.17 -18.75
CA GLY E 40 31.13 -23.70 -17.55
C GLY E 40 29.89 -22.92 -17.13
N GLY E 41 29.87 -21.62 -17.41
CA GLY E 41 28.73 -20.73 -17.09
C GLY E 41 28.40 -20.57 -15.60
N ARG E 42 29.40 -20.81 -14.76
CA ARG E 42 29.25 -20.76 -13.29
C ARG E 42 30.04 -19.62 -12.63
N HIS E 43 30.68 -18.78 -13.41
CA HIS E 43 31.54 -17.72 -12.86
C HIS E 43 31.35 -16.37 -13.52
N VAL E 44 31.29 -15.34 -12.69
CA VAL E 44 31.39 -13.97 -13.17
C VAL E 44 32.91 -13.75 -13.24
N LEU E 45 33.37 -13.13 -14.33
CA LEU E 45 34.80 -12.82 -14.50
C LEU E 45 34.98 -11.33 -14.49
N CYS E 46 36.01 -10.85 -13.78
CA CYS E 46 36.33 -9.42 -13.72
C CYS E 46 37.79 -9.20 -14.09
N ALA E 47 38.03 -8.18 -14.90
CA ALA E 47 39.38 -7.79 -15.35
C ALA E 47 39.73 -6.42 -14.75
N TYR E 48 40.79 -6.41 -13.96
CA TYR E 48 41.27 -5.18 -13.27
C TYR E 48 42.70 -4.79 -13.68
N ILE E 49 42.94 -3.48 -13.67
CA ILE E 49 44.31 -2.91 -13.77
C ILE E 49 44.67 -2.53 -12.31
N MET E 50 45.62 -3.28 -11.75
CA MET E 50 45.99 -3.17 -10.33
C MET E 50 47.50 -2.98 -10.14
N LYS E 51 47.85 -2.25 -9.08
CA LYS E 51 49.27 -2.06 -8.69
C LYS E 51 49.41 -2.25 -7.18
N PRO E 52 50.30 -3.18 -6.73
CA PRO E 52 50.49 -3.31 -5.29
C PRO E 52 51.26 -2.13 -4.71
N LYS E 53 51.00 -1.83 -3.45
CA LYS E 53 51.75 -0.81 -2.72
C LYS E 53 53.12 -1.39 -2.42
N ALA E 54 54.12 -0.50 -2.33
CA ALA E 54 55.48 -0.91 -1.99
C ALA E 54 55.52 -1.38 -0.53
N GLY E 55 56.26 -2.44 -0.26
CA GLY E 55 56.46 -2.97 1.10
C GLY E 55 55.51 -4.05 1.61
N PHE E 56 54.77 -4.68 0.70
CA PHE E 56 53.82 -5.74 1.08
C PHE E 56 54.14 -6.98 0.23
N GLY E 57 53.12 -7.75 -0.18
CA GLY E 57 53.34 -8.93 -1.01
C GLY E 57 53.62 -8.58 -2.45
N ASN E 58 54.00 -9.60 -3.21
CA ASN E 58 54.23 -9.48 -4.67
C ASN E 58 52.88 -9.37 -5.43
N PHE E 59 52.94 -9.30 -6.76
CA PHE E 59 51.73 -9.13 -7.58
C PHE E 59 50.67 -10.23 -7.39
N ILE E 60 51.10 -11.48 -7.49
CA ILE E 60 50.19 -12.64 -7.30
C ILE E 60 49.67 -12.76 -5.85
N GLN E 61 50.52 -12.45 -4.88
CA GLN E 61 50.14 -12.42 -3.44
C GLN E 61 49.09 -11.36 -3.14
N THR E 62 49.29 -10.19 -3.71
CA THR E 62 48.37 -9.04 -3.58
C THR E 62 47.05 -9.33 -4.31
N ALA E 63 47.14 -9.93 -5.48
CA ALA E 63 45.95 -10.34 -6.25
C ALA E 63 45.12 -11.40 -5.51
N ALA E 64 45.80 -12.34 -4.88
CA ALA E 64 45.14 -13.40 -4.09
C ALA E 64 44.43 -12.82 -2.88
N HIS E 65 45.08 -11.87 -2.23
CA HIS E 65 44.51 -11.16 -1.08
C HIS E 65 43.27 -10.35 -1.52
N PHE E 66 43.40 -9.69 -2.67
CA PHE E 66 42.32 -8.93 -3.32
C PHE E 66 41.09 -9.83 -3.56
N ALA E 67 41.35 -10.99 -4.14
CA ALA E 67 40.31 -12.03 -4.37
C ALA E 67 39.65 -12.51 -3.08
N ALA E 68 40.47 -12.69 -2.04
CA ALA E 68 39.98 -13.09 -0.69
C ALA E 68 39.08 -12.01 -0.05
N GLU E 69 39.53 -10.77 -0.11
CA GLU E 69 38.76 -9.61 0.41
C GLU E 69 37.46 -9.37 -0.37
N SER E 70 37.47 -9.76 -1.63
CA SER E 70 36.32 -9.65 -2.54
C SER E 70 35.38 -10.87 -2.56
N SER E 71 35.61 -11.83 -1.67
CA SER E 71 34.77 -13.04 -1.62
C SER E 71 34.59 -13.61 -0.22
N THR E 72 35.43 -14.56 0.17
CA THR E 72 35.24 -15.33 1.42
C THR E 72 36.20 -15.03 2.56
N GLY E 73 37.24 -14.26 2.28
CA GLY E 73 38.36 -14.14 3.21
C GLY E 73 38.46 -12.93 4.09
N THR E 74 39.56 -12.94 4.84
CA THR E 74 40.01 -11.83 5.67
C THR E 74 41.54 -11.95 5.75
N ASN E 75 42.18 -10.99 6.41
CA ASN E 75 43.67 -10.96 6.58
C ASN E 75 44.33 -12.00 7.52
N VAL E 76 43.52 -12.78 8.21
CA VAL E 76 43.93 -13.79 9.21
C VAL E 76 43.15 -15.11 9.01
N GLU E 77 43.73 -16.22 9.44
CA GLU E 77 43.04 -17.51 9.43
C GLU E 77 42.03 -17.55 10.59
N VAL E 78 40.81 -17.98 10.29
CA VAL E 78 39.70 -18.03 11.27
C VAL E 78 39.26 -19.48 11.48
N SER E 79 38.96 -19.83 12.73
CA SER E 79 38.56 -21.20 13.13
C SER E 79 37.23 -21.69 12.51
N THR E 80 36.36 -20.76 12.20
CA THR E 80 35.04 -21.05 11.59
C THR E 80 35.07 -21.52 10.13
N THR E 81 36.13 -21.18 9.39
CA THR E 81 36.30 -21.58 7.96
C THR E 81 36.21 -23.10 7.82
N ASP E 82 35.21 -23.53 7.07
CA ASP E 82 34.94 -24.96 6.84
C ASP E 82 35.24 -25.29 5.37
N ASP E 83 35.02 -26.55 5.01
CA ASP E 83 35.38 -27.00 3.68
C ASP E 83 34.46 -26.48 2.55
N PHE E 84 33.19 -26.22 2.87
CA PHE E 84 32.21 -25.65 1.91
C PHE E 84 32.60 -24.25 1.40
N THR E 85 33.09 -23.43 2.33
CA THR E 85 33.60 -22.07 2.05
C THR E 85 34.60 -22.03 0.88
N ARG E 86 35.49 -23.02 0.84
CA ARG E 86 36.53 -23.12 -0.20
C ARG E 86 35.97 -23.15 -1.64
N GLY E 87 34.85 -23.84 -1.82
CA GLY E 87 34.16 -23.96 -3.13
C GLY E 87 33.55 -22.68 -3.72
N VAL E 88 33.33 -21.68 -2.87
CA VAL E 88 32.79 -20.35 -3.29
C VAL E 88 33.84 -19.22 -3.30
N ASP E 89 35.11 -19.56 -3.09
CA ASP E 89 36.21 -18.58 -3.14
C ASP E 89 36.32 -17.98 -4.52
N ALA E 90 36.60 -16.68 -4.58
CA ALA E 90 36.91 -16.04 -5.85
C ALA E 90 38.35 -16.44 -6.15
N LEU E 91 38.67 -16.62 -7.42
CA LEU E 91 40.01 -17.09 -7.83
C LEU E 91 40.67 -16.23 -8.88
N VAL E 92 41.91 -15.84 -8.61
CA VAL E 92 42.76 -15.15 -9.59
C VAL E 92 43.17 -16.26 -10.56
N TYR E 93 42.71 -16.15 -11.79
CA TYR E 93 42.99 -17.18 -12.82
C TYR E 93 44.00 -16.73 -13.88
N GLU E 94 44.27 -15.44 -13.94
CA GLU E 94 45.18 -14.89 -14.93
C GLU E 94 45.79 -13.62 -14.37
N VAL E 95 47.11 -13.51 -14.50
CA VAL E 95 47.85 -12.28 -14.14
C VAL E 95 48.84 -11.94 -15.25
N ASP E 96 49.06 -10.64 -15.44
CA ASP E 96 50.08 -10.10 -16.34
C ASP E 96 50.68 -8.84 -15.68
N GLU E 97 51.64 -9.08 -14.80
CA GLU E 97 52.29 -8.04 -13.99
C GLU E 97 52.89 -6.88 -14.79
N ALA E 98 53.49 -7.19 -15.94
CA ALA E 98 54.07 -6.18 -16.85
C ALA E 98 53.04 -5.12 -17.31
N ASN E 99 51.82 -5.58 -17.57
CA ASN E 99 50.68 -4.70 -17.92
C ASN E 99 49.68 -4.44 -16.77
N SER E 100 50.09 -4.79 -15.56
CA SER E 100 49.31 -4.56 -14.33
C SER E 100 47.93 -5.25 -14.34
N LEU E 101 47.80 -6.33 -15.09
CA LEU E 101 46.52 -7.02 -15.32
C LEU E 101 46.31 -8.16 -14.35
N MET E 102 45.11 -8.21 -13.81
CA MET E 102 44.64 -9.22 -12.86
C MET E 102 43.21 -9.57 -13.25
N LYS E 103 42.95 -10.86 -13.45
CA LYS E 103 41.62 -11.36 -13.76
C LYS E 103 41.18 -12.30 -12.67
N ILE E 104 39.96 -12.10 -12.18
CA ILE E 104 39.39 -12.88 -11.06
C ILE E 104 38.06 -13.52 -11.46
N ALA E 105 37.88 -14.78 -11.07
CA ALA E 105 36.67 -15.56 -11.32
C ALA E 105 35.87 -15.66 -10.03
N TYR E 106 34.64 -15.17 -10.07
CA TYR E 106 33.73 -15.15 -8.91
C TYR E 106 32.62 -16.16 -9.11
N PRO E 107 32.57 -17.21 -8.29
CA PRO E 107 31.46 -18.16 -8.42
C PRO E 107 30.13 -17.43 -8.27
N ILE E 108 29.19 -17.73 -9.16
CA ILE E 108 27.88 -17.00 -9.21
C ILE E 108 27.02 -17.12 -7.94
N GLU E 109 27.28 -18.16 -7.15
CA GLU E 109 26.65 -18.41 -5.84
C GLU E 109 26.99 -17.36 -4.76
N LEU E 110 28.06 -16.60 -4.95
CA LEU E 110 28.40 -15.50 -4.04
C LEU E 110 27.41 -14.34 -4.06
N PHE E 111 26.80 -14.11 -5.22
CA PHE E 111 25.98 -12.91 -5.43
C PHE E 111 24.60 -13.04 -4.81
N ASP E 112 24.22 -11.98 -4.12
CA ASP E 112 22.95 -11.91 -3.40
C ASP E 112 21.76 -11.92 -4.37
N ARG E 113 20.66 -12.48 -3.91
CA ARG E 113 19.42 -12.65 -4.70
C ARG E 113 18.24 -12.15 -3.87
N ASN E 114 17.22 -11.62 -4.53
CA ASN E 114 16.01 -11.17 -3.83
C ASN E 114 15.22 -12.35 -3.26
N VAL E 115 14.83 -12.21 -2.00
CA VAL E 115 13.88 -13.10 -1.35
C VAL E 115 12.51 -13.05 -2.06
N ILE E 116 12.07 -11.84 -2.44
CA ILE E 116 10.74 -11.67 -3.02
C ILE E 116 10.54 -12.30 -4.40
N ASP E 117 11.53 -12.20 -5.27
CA ASP E 117 11.41 -12.72 -6.65
C ASP E 117 12.60 -13.52 -7.23
N GLY E 118 13.60 -13.82 -6.40
CA GLY E 118 14.77 -14.60 -6.84
C GLY E 118 15.68 -13.97 -7.87
N ARG E 119 15.50 -12.68 -8.11
CA ARG E 119 16.27 -11.97 -9.13
C ARG E 119 17.54 -11.38 -8.54
N ALA E 120 18.46 -11.07 -9.43
CA ALA E 120 19.77 -10.54 -9.06
C ALA E 120 19.66 -9.07 -8.71
N MET E 121 20.69 -8.59 -8.03
CA MET E 121 20.82 -7.18 -7.65
C MET E 121 22.24 -6.72 -7.98
N ILE E 122 22.37 -5.57 -8.63
CA ILE E 122 23.68 -5.01 -8.98
C ILE E 122 24.48 -4.57 -7.74
N ALA E 123 23.75 -4.20 -6.68
CA ALA E 123 24.36 -3.79 -5.39
C ALA E 123 25.33 -4.85 -4.83
N SER E 124 24.92 -6.10 -4.96
CA SER E 124 25.74 -7.24 -4.51
C SER E 124 26.95 -7.45 -5.42
N PHE E 125 26.75 -7.33 -6.72
CA PHE E 125 27.85 -7.39 -7.71
C PHE E 125 28.93 -6.34 -7.38
N LEU E 126 28.47 -5.12 -7.12
CA LEU E 126 29.36 -3.99 -6.74
C LEU E 126 30.06 -4.21 -5.39
N THR E 127 29.32 -4.67 -4.40
CA THR E 127 29.86 -4.92 -3.05
C THR E 127 31.01 -5.93 -3.08
N LEU E 128 30.84 -7.01 -3.81
CA LEU E 128 31.88 -8.04 -3.90
C LEU E 128 33.04 -7.64 -4.81
N THR E 129 32.72 -7.23 -6.03
CA THR E 129 33.74 -7.01 -7.08
C THR E 129 34.46 -5.67 -7.04
N ILE E 130 33.86 -4.66 -6.42
CA ILE E 130 34.48 -3.32 -6.35
C ILE E 130 34.17 -2.60 -5.02
N GLY E 131 34.07 -3.40 -3.95
CA GLY E 131 33.70 -2.89 -2.62
C GLY E 131 34.90 -2.64 -1.72
N ASN E 132 35.01 -3.44 -0.65
CA ASN E 132 36.13 -3.34 0.33
C ASN E 132 37.52 -3.43 -0.29
N ASN E 133 37.63 -4.11 -1.44
CA ASN E 133 38.91 -4.16 -2.18
C ASN E 133 39.48 -2.80 -2.59
N GLN E 134 38.62 -1.78 -2.66
CA GLN E 134 39.02 -0.39 -2.96
C GLN E 134 39.67 0.39 -1.80
N GLY E 135 39.64 -0.17 -0.60
CA GLY E 135 40.30 0.45 0.58
C GLY E 135 41.45 -0.34 1.20
N MET E 136 41.88 -1.40 0.53
CA MET E 136 42.96 -2.28 1.02
C MET E 136 44.26 -1.51 1.18
N GLY E 137 44.92 -1.74 2.30
CA GLY E 137 46.17 -1.04 2.64
C GLY E 137 47.40 -1.47 1.85
N ASP E 138 47.37 -2.67 1.30
CA ASP E 138 48.51 -3.22 0.49
C ASP E 138 48.36 -3.03 -1.02
N VAL E 139 47.30 -2.34 -1.44
CA VAL E 139 47.02 -2.08 -2.85
C VAL E 139 47.15 -0.59 -3.05
N GLU E 140 47.93 -0.19 -4.05
CA GLU E 140 48.07 1.24 -4.40
C GLU E 140 46.78 1.69 -5.08
N TYR E 141 46.38 0.91 -6.08
CA TYR E 141 45.12 1.15 -6.80
C TYR E 141 44.69 -0.12 -7.54
N ALA E 142 43.40 -0.16 -7.86
CA ALA E 142 42.77 -1.25 -8.65
C ALA E 142 41.48 -0.73 -9.26
N LYS E 143 41.37 -0.86 -10.58
CA LYS E 143 40.21 -0.37 -11.35
C LYS E 143 39.71 -1.46 -12.25
N MET E 144 38.40 -1.66 -12.27
CA MET E 144 37.78 -2.67 -13.14
C MET E 144 37.60 -2.10 -14.55
N TYR E 145 38.08 -2.85 -15.53
CA TYR E 145 37.96 -2.48 -16.97
C TYR E 145 36.92 -3.27 -17.75
N ASP E 146 36.54 -4.43 -17.24
CA ASP E 146 35.57 -5.25 -17.94
C ASP E 146 35.09 -6.34 -16.98
N PHE E 147 33.93 -6.89 -17.30
CA PHE E 147 33.38 -8.02 -16.55
C PHE E 147 32.58 -8.90 -17.49
N TYR E 148 32.53 -10.19 -17.16
CA TYR E 148 31.74 -11.17 -17.94
C TYR E 148 30.63 -11.75 -17.06
N VAL E 149 29.42 -11.76 -17.57
CA VAL E 149 28.25 -12.31 -16.86
C VAL E 149 27.73 -13.55 -17.63
N PRO E 150 27.73 -14.75 -16.98
CA PRO E 150 27.25 -15.94 -17.68
C PRO E 150 25.72 -15.97 -17.74
N PRO E 151 25.13 -16.81 -18.64
CA PRO E 151 23.67 -16.89 -18.77
C PRO E 151 22.88 -17.07 -17.47
N ALA E 152 23.37 -17.96 -16.60
CA ALA E 152 22.71 -18.28 -15.33
C ALA E 152 22.54 -17.10 -14.38
N TYR E 153 23.44 -16.13 -14.47
CA TYR E 153 23.38 -14.90 -13.67
C TYR E 153 22.71 -13.76 -14.47
N LEU E 154 23.09 -13.64 -15.75
CA LEU E 154 22.55 -12.61 -16.67
C LEU E 154 21.02 -12.59 -16.76
N LYS E 155 20.44 -13.77 -16.90
CA LYS E 155 18.97 -13.92 -17.00
C LYS E 155 18.20 -13.48 -15.78
N LEU E 156 18.89 -13.37 -14.63
CA LEU E 156 18.29 -12.90 -13.36
C LEU E 156 18.25 -11.38 -13.21
N PHE E 157 18.82 -10.64 -14.14
CA PHE E 157 18.80 -9.18 -14.10
C PHE E 157 17.55 -8.66 -14.82
N ASP E 158 17.08 -7.49 -14.37
CA ASP E 158 15.86 -6.90 -14.93
C ASP E 158 15.97 -6.65 -16.42
N GLY E 159 17.03 -5.98 -16.80
CA GLY E 159 17.24 -5.58 -18.19
C GLY E 159 16.28 -4.45 -18.55
N PRO E 160 16.49 -3.78 -19.69
CA PRO E 160 15.57 -2.71 -20.02
C PRO E 160 14.20 -3.22 -20.44
N SER E 161 13.17 -2.49 -20.03
CA SER E 161 11.76 -2.79 -20.34
CA SER E 161 11.76 -2.81 -20.36
C SER E 161 11.24 -1.96 -21.52
N THR E 162 11.71 -0.73 -21.59
CA THR E 162 11.36 0.23 -22.65
C THR E 162 12.67 0.58 -23.36
N THR E 163 12.59 0.74 -24.67
CA THR E 163 13.75 1.02 -25.54
C THR E 163 13.42 2.19 -26.46
N ILE E 164 14.40 2.59 -27.28
CA ILE E 164 14.23 3.66 -28.31
C ILE E 164 13.08 3.33 -29.29
N LYS E 165 12.90 2.03 -29.53
CA LYS E 165 11.78 1.50 -30.33
C LYS E 165 10.43 2.11 -29.93
N ASP E 166 10.22 2.20 -28.62
CA ASP E 166 9.00 2.78 -28.04
C ASP E 166 8.91 4.31 -28.26
N LEU E 167 10.06 4.98 -28.28
CA LEU E 167 10.13 6.43 -28.61
C LEU E 167 9.89 6.65 -30.10
N TRP E 168 10.49 5.83 -30.94
CA TRP E 168 10.24 5.86 -32.40
C TRP E 168 8.76 5.68 -32.73
N ARG E 169 8.13 4.69 -32.10
CA ARG E 169 6.69 4.42 -32.27
C ARG E 169 5.83 5.65 -31.94
N VAL E 170 6.15 6.32 -30.83
CA VAL E 170 5.45 7.56 -30.41
C VAL E 170 5.65 8.71 -31.41
N LEU E 171 6.88 8.84 -31.91
CA LEU E 171 7.20 9.84 -32.95
C LEU E 171 6.65 9.54 -34.36
N GLY E 172 6.15 8.32 -34.57
CA GLY E 172 5.62 7.91 -35.87
C GLY E 172 6.72 7.46 -36.83
N ARG E 173 7.86 7.10 -36.27
CA ARG E 173 9.03 6.63 -37.03
C ARG E 173 8.95 5.12 -37.17
N PRO E 174 9.71 4.55 -38.11
CA PRO E 174 9.78 3.10 -38.17
C PRO E 174 10.39 2.52 -36.90
N VAL E 175 9.83 1.42 -36.42
CA VAL E 175 10.32 0.79 -35.16
C VAL E 175 11.68 0.09 -35.30
N ILE E 176 12.09 -0.15 -36.55
CA ILE E 176 13.44 -0.67 -36.88
C ILE E 176 14.16 0.46 -37.60
N ASN E 177 15.34 0.83 -37.11
CA ASN E 177 16.15 1.94 -37.68
C ASN E 177 15.33 3.23 -37.85
N GLY E 178 14.63 3.61 -36.79
CA GLY E 178 13.81 4.83 -36.78
C GLY E 178 14.57 6.13 -36.77
N GLY E 179 15.87 6.04 -36.51
CA GLY E 179 16.76 7.17 -36.71
C GLY E 179 16.99 8.09 -35.53
N PHE E 180 17.45 9.28 -35.88
CA PHE E 180 17.95 10.29 -34.96
C PHE E 180 16.84 11.05 -34.24
N ILE E 181 16.95 11.08 -32.91
CA ILE E 181 16.03 11.83 -32.05
C ILE E 181 16.75 13.12 -31.67
N VAL E 182 16.23 14.25 -32.17
CA VAL E 182 16.82 15.56 -31.97
C VAL E 182 16.39 16.05 -30.60
N GLY E 183 17.37 16.22 -29.72
CA GLY E 183 17.08 16.64 -28.35
C GLY E 183 17.80 17.87 -27.86
N THR E 184 17.38 18.31 -26.68
CA THR E 184 18.04 19.40 -25.97
C THR E 184 17.84 19.35 -24.48
N ILE E 185 18.60 20.20 -23.81
CA ILE E 185 18.48 20.47 -22.38
C ILE E 185 18.09 21.93 -22.32
N ILE E 186 17.04 22.26 -21.56
CA ILE E 186 16.67 23.67 -21.36
C ILE E 186 17.70 24.25 -20.41
N LYS E 187 18.49 25.16 -20.95
CA LYS E 187 19.44 25.96 -20.19
C LYS E 187 18.75 27.30 -19.94
N PRO E 188 19.09 28.03 -18.86
CA PRO E 188 20.06 27.72 -17.82
C PRO E 188 19.73 26.44 -17.06
N LYS E 189 20.77 25.75 -16.62
CA LYS E 189 20.68 24.48 -15.86
C LYS E 189 19.65 24.53 -14.74
N LEU E 190 19.66 25.65 -14.03
CA LEU E 190 18.67 25.97 -13.00
C LEU E 190 18.45 27.47 -13.06
N GLY E 191 17.29 27.91 -12.61
CA GLY E 191 16.99 29.36 -12.50
C GLY E 191 15.74 29.82 -13.20
N LEU E 192 15.34 29.12 -14.26
CA LEU E 192 14.12 29.46 -14.97
C LEU E 192 12.89 29.10 -14.14
N ARG E 193 11.95 30.03 -14.10
CA ARG E 193 10.65 29.85 -13.44
C ARG E 193 9.77 28.99 -14.37
N PRO E 194 8.66 28.42 -13.85
CA PRO E 194 7.85 27.46 -14.65
C PRO E 194 7.42 27.91 -16.04
N GLN E 195 6.86 29.11 -16.16
CA GLN E 195 6.37 29.59 -17.48
C GLN E 195 7.50 29.90 -18.49
N PRO E 196 8.54 30.68 -18.09
CA PRO E 196 9.72 30.84 -18.97
C PRO E 196 10.38 29.51 -19.38
N PHE E 197 10.43 28.56 -18.45
CA PHE E 197 10.93 27.19 -18.75
C PHE E 197 10.07 26.54 -19.84
N ALA E 198 8.77 26.56 -19.63
CA ALA E 198 7.81 25.99 -20.60
C ALA E 198 7.81 26.68 -21.97
N ASN E 199 7.97 28.01 -21.97
CA ASN E 199 8.07 28.79 -23.22
C ASN E 199 9.29 28.36 -24.05
N ALA E 200 10.41 28.17 -23.37
CA ALA E 200 11.65 27.65 -24.00
C ALA E 200 11.46 26.24 -24.57
N CYS E 201 10.66 25.42 -23.89
CA CYS E 201 10.34 24.05 -24.36
C CYS E 201 9.55 24.09 -25.65
N TYR E 202 8.48 24.88 -25.62
CA TYR E 202 7.63 25.14 -26.80
C TYR E 202 8.49 25.58 -27.99
N ASP E 203 9.34 26.59 -27.78
CA ASP E 203 10.24 27.15 -28.82
C ASP E 203 11.10 26.04 -29.44
N PHE E 204 11.79 25.29 -28.59
CA PHE E 204 12.63 24.19 -29.08
C PHE E 204 11.82 23.14 -29.86
N TRP E 205 10.66 22.79 -29.32
CA TRP E 205 9.78 21.75 -29.91
C TRP E 205 9.24 22.07 -31.30
N LEU E 206 9.21 23.35 -31.66
CA LEU E 206 8.86 23.78 -33.04
C LEU E 206 9.82 23.21 -34.08
N GLY E 207 11.07 22.98 -33.67
CA GLY E 207 12.10 22.33 -34.51
C GLY E 207 12.63 20.96 -34.07
N GLY E 208 12.50 20.61 -32.79
CA GLY E 208 13.07 19.36 -32.25
C GLY E 208 12.07 18.37 -31.66
N ASP E 209 12.59 17.21 -31.26
CA ASP E 209 11.77 16.08 -30.75
C ASP E 209 11.69 15.96 -29.23
N PHE E 210 12.85 16.05 -28.60
CA PHE E 210 13.10 15.59 -27.24
C PHE E 210 13.71 16.68 -26.36
N ILE E 211 13.17 16.84 -25.16
CA ILE E 211 13.74 17.74 -24.16
C ILE E 211 13.94 16.96 -22.87
N ASN E 213 15.07 17.34 -18.68
CA ASN E 213 15.42 18.19 -17.54
C ASN E 213 16.93 18.14 -17.42
N ASP E 214 17.53 19.24 -17.01
CA ASP E 214 18.93 19.20 -16.59
C ASP E 214 18.97 18.36 -15.29
N GLU E 215 20.09 17.68 -15.05
CA GLU E 215 20.21 16.73 -13.91
C GLU E 215 19.69 17.18 -12.52
N PRO E 216 19.92 18.46 -12.11
CA PRO E 216 19.41 18.88 -10.80
C PRO E 216 18.00 19.47 -10.77
N GLN E 217 17.39 19.71 -11.93
CA GLN E 217 16.03 20.32 -12.02
C GLN E 217 14.97 19.42 -11.42
N GLY E 218 14.14 19.97 -10.55
CA GLY E 218 13.08 19.20 -9.90
C GLY E 218 12.03 20.06 -9.25
N ASN E 219 12.14 20.22 -7.94
CA ASN E 219 11.19 20.94 -7.11
C ASN E 219 11.90 22.03 -6.32
N GLN E 220 12.67 22.85 -7.02
CA GLN E 220 13.32 23.99 -6.39
C GLN E 220 12.25 25.00 -5.99
N VAL E 221 12.51 25.77 -4.94
CA VAL E 221 11.54 26.78 -4.41
C VAL E 221 11.08 27.85 -5.41
N PHE E 222 11.96 28.20 -6.35
CA PHE E 222 11.66 29.18 -7.44
C PHE E 222 10.96 28.57 -8.66
N ALA E 223 10.99 27.25 -8.77
CA ALA E 223 10.35 26.51 -9.88
C ALA E 223 9.75 25.21 -9.31
N PRO E 224 8.62 25.32 -8.60
CA PRO E 224 8.02 24.13 -8.00
C PRO E 224 7.68 23.08 -9.05
N PHE E 225 7.87 21.82 -8.66
CA PHE E 225 7.69 20.65 -9.54
C PHE E 225 6.34 20.58 -10.21
N LYS E 226 5.29 20.72 -9.43
CA LYS E 226 3.93 20.63 -9.99
C LYS E 226 3.61 21.76 -10.98
N ASP E 227 4.04 22.98 -10.66
CA ASP E 227 3.82 24.15 -11.56
C ASP E 227 4.58 23.97 -12.87
N THR E 228 5.82 23.51 -12.77
CA THR E 228 6.66 23.26 -13.94
C THR E 228 6.08 22.13 -14.81
N VAL E 229 5.74 21.01 -14.20
CA VAL E 229 5.16 19.87 -14.94
C VAL E 229 3.90 20.30 -15.74
N ARG E 230 3.01 21.04 -15.08
CA ARG E 230 1.79 21.56 -15.73
C ARG E 230 2.05 22.49 -16.91
N ALA E 231 3.00 23.40 -16.72
CA ALA E 231 3.40 24.35 -17.77
C ALA E 231 4.01 23.64 -18.97
N VAL E 232 4.88 22.67 -18.68
CA VAL E 232 5.49 21.84 -19.76
C VAL E 232 4.43 21.02 -20.53
N ALA E 233 3.47 20.46 -19.80
CA ALA E 233 2.37 19.69 -20.42
C ALA E 233 1.55 20.57 -21.37
N ASP E 234 1.28 21.79 -20.93
CA ASP E 234 0.60 22.78 -21.78
C ASP E 234 1.44 23.12 -23.02
N ALA E 235 2.73 23.35 -22.80
CA ALA E 235 3.70 23.62 -23.90
C ALA E 235 3.79 22.48 -24.93
N MET E 236 3.78 21.24 -24.44
CA MET E 236 3.81 20.04 -25.34
C MET E 236 2.56 20.01 -26.21
N ARG E 237 1.41 20.22 -25.58
CA ARG E 237 0.10 20.23 -26.27
C ARG E 237 0.07 21.29 -27.36
N ARG E 238 0.53 22.49 -27.01
CA ARG E 238 0.61 23.63 -27.97
C ARG E 238 1.57 23.36 -29.12
N ALA E 239 2.74 22.81 -28.79
CA ALA E 239 3.77 22.50 -29.83
C ALA E 239 3.32 21.40 -30.80
N GLN E 240 2.63 20.41 -30.27
CA GLN E 240 2.06 19.30 -31.07
C GLN E 240 0.92 19.76 -31.98
N ASP E 241 0.07 20.63 -31.46
CA ASP E 241 -1.02 21.25 -32.26
C ASP E 241 -0.46 22.11 -33.42
N LYS E 242 0.61 22.84 -33.16
CA LYS E 242 1.23 23.73 -34.16
C LYS E 242 1.98 22.95 -35.24
N THR E 243 2.82 22.02 -34.82
CA THR E 243 3.68 21.26 -35.75
C THR E 243 3.03 20.02 -36.37
N GLY E 244 2.03 19.48 -35.69
CA GLY E 244 1.41 18.20 -36.10
C GLY E 244 2.31 16.97 -35.89
N GLU E 245 3.33 17.12 -35.05
CA GLU E 245 4.31 16.05 -34.74
C GLU E 245 4.34 15.81 -33.24
N ALA E 246 4.61 14.58 -32.86
CA ALA E 246 4.70 14.19 -31.45
C ALA E 246 5.99 14.72 -30.86
N LYS E 247 5.92 15.11 -29.59
CA LYS E 247 7.07 15.64 -28.82
C LYS E 247 7.29 14.83 -27.55
N LEU E 248 8.53 14.78 -27.10
CA LEU E 248 8.94 13.96 -25.95
C LEU E 248 9.58 14.82 -24.87
N PHE E 249 9.35 14.47 -23.62
CA PHE E 249 10.03 15.10 -22.47
C PHE E 249 10.57 14.05 -21.48
N SER E 250 11.78 14.26 -20.99
CA SER E 250 12.43 13.41 -19.97
C SER E 250 12.53 14.19 -18.65
N PHE E 251 11.64 13.84 -17.72
CA PHE E 251 11.58 14.50 -16.39
C PHE E 251 12.46 13.83 -15.34
N ASN E 252 13.17 14.64 -14.58
CA ASN E 252 13.94 14.18 -13.44
C ASN E 252 12.99 13.85 -12.27
N ILE E 253 12.96 12.57 -11.91
CA ILE E 253 12.16 12.11 -10.76
C ILE E 253 13.05 11.62 -9.61
N THR E 254 14.35 11.90 -9.68
CA THR E 254 15.33 11.47 -8.68
C THR E 254 14.99 12.01 -7.29
N ALA E 255 15.18 11.15 -6.30
CA ALA E 255 14.99 11.50 -4.91
C ALA E 255 15.66 10.44 -4.05
N ASP E 256 15.99 10.81 -2.82
CA ASP E 256 16.48 9.86 -1.83
C ASP E 256 15.33 8.92 -1.46
N ASP E 257 14.15 9.51 -1.30
CA ASP E 257 12.97 8.78 -0.84
C ASP E 257 12.25 8.14 -2.02
N HIS E 258 12.18 6.82 -1.97
CA HIS E 258 11.43 5.96 -2.92
C HIS E 258 10.03 6.50 -3.19
N TYR E 259 9.32 6.88 -2.13
CA TYR E 259 7.96 7.40 -2.22
C TYR E 259 7.85 8.77 -2.93
N GLU E 260 8.89 9.57 -2.79
CA GLU E 260 8.98 10.86 -3.51
C GLU E 260 9.10 10.62 -5.01
N MET E 261 9.95 9.67 -5.38
CA MET E 261 10.10 9.27 -6.81
C MET E 261 8.75 8.80 -7.38
N LEU E 262 8.02 7.99 -6.62
CA LEU E 262 6.68 7.54 -7.03
C LEU E 262 5.70 8.69 -7.16
N ALA E 263 5.67 9.58 -6.18
CA ALA E 263 4.79 10.77 -6.22
C ALA E 263 5.02 11.62 -7.47
N ARG E 264 6.29 11.86 -7.80
CA ARG E 264 6.66 12.65 -8.98
C ARG E 264 6.24 11.99 -10.29
N GLY E 265 6.58 10.72 -10.41
CA GLY E 265 6.23 9.92 -11.60
C GLY E 265 4.73 9.85 -11.84
N GLU E 266 3.99 9.51 -10.78
CA GLU E 266 2.51 9.40 -10.84
C GLU E 266 1.86 10.76 -11.21
N PHE E 267 2.35 11.82 -10.60
CA PHE E 267 1.83 13.15 -10.93
C PHE E 267 2.03 13.51 -12.40
N ILE E 268 3.24 13.25 -12.91
CA ILE E 268 3.57 13.55 -14.33
C ILE E 268 2.66 12.80 -15.31
N LEU E 269 2.51 11.50 -15.11
CA LEU E 269 1.69 10.66 -16.01
C LEU E 269 0.23 11.04 -16.04
N GLU E 270 -0.33 11.34 -14.87
CA GLU E 270 -1.70 11.80 -14.76
C GLU E 270 -1.89 13.18 -15.40
N THR E 271 -0.91 14.06 -15.21
CA THR E 271 -0.95 15.42 -15.77
C THR E 271 -0.88 15.41 -17.31
N PHE E 272 0.06 14.64 -17.84
CA PHE E 272 0.21 14.54 -19.32
C PHE E 272 -0.92 13.78 -20.01
N ALA E 273 -1.58 12.88 -19.27
CA ALA E 273 -2.83 12.23 -19.71
C ALA E 273 -2.66 11.45 -21.03
N ASP E 274 -3.31 11.88 -22.11
CA ASP E 274 -3.14 11.24 -23.44
C ASP E 274 -1.72 11.37 -24.02
N ASN E 275 -0.94 12.30 -23.49
CA ASN E 275 0.49 12.43 -23.78
C ASN E 275 1.41 11.70 -22.79
N ALA E 276 0.87 10.83 -21.93
CA ALA E 276 1.70 10.09 -20.92
C ALA E 276 2.75 9.16 -21.52
N ASP E 277 2.46 8.58 -22.69
CA ASP E 277 3.47 7.76 -23.42
C ASP E 277 4.57 8.58 -24.14
N HIS E 278 4.50 9.90 -24.04
CA HIS E 278 5.53 10.82 -24.55
C HIS E 278 6.58 11.16 -23.48
N ILE E 279 6.43 10.56 -22.30
CA ILE E 279 7.24 10.90 -21.14
C ILE E 279 8.29 9.84 -20.82
N ALA E 280 9.53 10.29 -20.68
CA ALA E 280 10.63 9.48 -20.14
C ALA E 280 10.87 9.95 -18.72
N PHE E 281 11.46 9.08 -17.91
CA PHE E 281 11.82 9.42 -16.53
C PHE E 281 13.32 9.37 -16.39
N LEU E 282 13.88 10.51 -16.00
CA LEU E 282 15.31 10.66 -15.77
C LEU E 282 15.64 10.38 -14.32
N VAL E 283 16.70 9.59 -14.13
CA VAL E 283 17.21 9.27 -12.80
C VAL E 283 18.72 9.53 -12.77
N ASP E 284 19.17 10.28 -11.77
CA ASP E 284 20.60 10.52 -11.53
C ASP E 284 21.14 9.24 -10.88
N GLY E 285 21.35 8.25 -11.72
CA GLY E 285 21.68 6.88 -11.30
C GLY E 285 23.00 6.67 -10.62
N TYR E 286 24.01 7.46 -10.95
CA TYR E 286 25.32 7.34 -10.30
C TYR E 286 25.29 7.88 -8.88
N VAL E 287 24.82 9.10 -8.70
CA VAL E 287 24.78 9.73 -7.35
C VAL E 287 23.66 9.22 -6.43
N ALA E 288 22.48 8.98 -6.98
CA ALA E 288 21.35 8.43 -6.18
C ALA E 288 21.49 6.92 -5.94
N GLY E 289 22.13 6.26 -6.88
CA GLY E 289 22.49 4.85 -6.79
C GLY E 289 21.55 3.88 -7.47
N PRO E 290 21.94 2.59 -7.51
CA PRO E 290 21.14 1.50 -8.10
C PRO E 290 19.72 1.37 -7.55
N ALA E 291 19.56 1.65 -6.27
CA ALA E 291 18.24 1.64 -5.62
C ALA E 291 17.24 2.60 -6.28
N ALA E 292 17.71 3.81 -6.61
CA ALA E 292 16.87 4.82 -7.29
C ALA E 292 16.50 4.37 -8.72
N VAL E 293 17.48 3.80 -9.41
CA VAL E 293 17.30 3.32 -10.80
C VAL E 293 16.23 2.25 -10.85
N THR E 294 16.36 1.29 -9.95
CA THR E 294 15.43 0.18 -9.82
C THR E 294 14.01 0.63 -9.42
N THR E 295 13.91 1.61 -8.55
CA THR E 295 12.59 2.19 -8.20
C THR E 295 11.84 2.62 -9.48
N ALA E 296 12.52 3.39 -10.31
CA ALA E 296 11.95 3.86 -11.59
C ALA E 296 11.70 2.71 -12.55
N ARG E 297 12.66 1.81 -12.65
CA ARG E 297 12.57 0.63 -13.54
C ARG E 297 11.39 -0.29 -13.20
N ARG E 298 11.25 -0.59 -11.92
CA ARG E 298 10.20 -1.51 -11.45
C ARG E 298 8.83 -0.87 -11.29
N ALA E 299 8.78 0.36 -10.80
CA ALA E 299 7.48 1.06 -10.63
C ALA E 299 6.91 1.55 -11.97
N PHE E 300 7.78 1.92 -12.90
CA PHE E 300 7.35 2.50 -14.22
C PHE E 300 8.02 1.83 -15.44
N PRO E 301 7.83 0.51 -15.62
CA PRO E 301 8.48 -0.21 -16.72
C PRO E 301 8.07 0.21 -18.15
N LYS E 302 6.88 0.79 -18.27
CA LYS E 302 6.36 1.32 -19.56
C LYS E 302 6.80 2.76 -19.90
N GLN E 303 7.61 3.36 -19.05
CA GLN E 303 8.13 4.71 -19.30
C GLN E 303 9.64 4.58 -19.49
N TYR E 304 10.13 5.16 -20.57
CA TYR E 304 11.56 5.16 -20.92
C TYR E 304 12.38 5.68 -19.73
N LEU E 305 13.29 4.83 -19.24
CA LEU E 305 14.17 5.12 -18.10
C LEU E 305 15.50 5.70 -18.60
N HIS E 306 15.66 6.98 -18.34
CA HIS E 306 16.80 7.78 -18.78
C HIS E 306 17.82 7.88 -17.63
N TYR E 307 18.85 7.07 -17.73
CA TYR E 307 19.91 7.04 -16.71
C TYR E 307 20.85 8.20 -16.98
N HIS E 308 20.86 9.18 -16.09
CA HIS E 308 21.80 10.32 -16.13
C HIS E 308 22.95 9.98 -15.17
N ARG E 309 24.17 10.01 -15.66
CA ARG E 309 25.36 9.55 -14.92
C ARG E 309 26.21 10.60 -14.15
N ALA E 310 25.66 11.79 -13.96
CA ALA E 310 26.31 12.91 -13.23
C ALA E 310 27.06 12.41 -12.00
N GLY E 311 28.33 12.76 -11.92
CA GLY E 311 29.21 12.33 -10.81
C GLY E 311 30.10 11.15 -11.12
N HIS E 312 29.78 10.40 -12.17
CA HIS E 312 30.55 9.19 -12.58
C HIS E 312 32.04 9.46 -12.82
N GLY E 313 32.37 10.65 -13.29
CA GLY E 313 33.76 11.06 -13.58
C GLY E 313 34.74 10.96 -12.42
N ALA E 314 34.21 10.96 -11.20
CA ALA E 314 35.02 10.74 -9.99
C ALA E 314 35.78 9.42 -10.02
N VAL E 315 35.20 8.40 -10.64
CA VAL E 315 35.87 7.08 -10.81
C VAL E 315 36.19 6.70 -12.26
N THR E 316 35.29 7.02 -13.19
CA THR E 316 35.43 6.60 -14.60
C THR E 316 36.50 7.33 -15.40
N SER E 317 36.87 8.53 -14.98
CA SER E 317 37.91 9.31 -15.68
C SER E 317 39.20 8.49 -15.85
N PRO E 318 39.90 8.59 -17.00
CA PRO E 318 41.21 7.94 -17.15
C PRO E 318 42.25 8.47 -16.16
N GLN E 319 42.05 9.69 -15.68
CA GLN E 319 42.85 10.26 -14.57
C GLN E 319 42.76 9.38 -13.28
N SER E 320 41.59 8.79 -13.06
CA SER E 320 41.38 7.87 -11.93
C SER E 320 41.94 6.48 -12.23
N LYS E 321 42.66 5.94 -11.26
CA LYS E 321 43.21 4.58 -11.35
C LYS E 321 42.40 3.61 -10.48
N ARG E 322 41.24 4.06 -10.01
CA ARG E 322 40.41 3.31 -9.06
C ARG E 322 38.98 3.14 -9.58
N GLY E 323 38.27 2.25 -8.91
CA GLY E 323 36.84 2.04 -9.17
C GLY E 323 36.59 1.26 -10.45
N TYR E 324 35.95 1.89 -11.41
CA TYR E 324 35.62 1.24 -12.66
C TYR E 324 35.49 2.26 -13.78
N THR E 325 35.61 1.76 -15.01
CA THR E 325 35.56 2.61 -16.20
C THR E 325 34.11 2.92 -16.60
N ALA E 326 33.97 3.87 -17.50
CA ALA E 326 32.65 4.23 -18.07
C ALA E 326 32.01 3.05 -18.83
N PHE E 327 32.86 2.22 -19.42
CA PHE E 327 32.43 1.01 -20.12
C PHE E 327 31.70 0.05 -19.16
N VAL E 328 32.33 -0.20 -18.03
CA VAL E 328 31.78 -1.05 -16.96
C VAL E 328 30.45 -0.47 -16.42
N LEU E 329 30.44 0.83 -16.15
CA LEU E 329 29.24 1.54 -15.69
C LEU E 329 28.07 1.34 -16.65
N SER E 330 28.34 1.57 -17.92
CA SER E 330 27.34 1.46 -19.01
C SER E 330 26.79 0.04 -19.13
N LYS E 331 27.69 -0.92 -19.02
CA LYS E 331 27.31 -2.34 -19.08
C LYS E 331 26.41 -2.74 -17.90
N MET E 332 26.76 -2.26 -16.72
CA MET E 332 25.93 -2.44 -15.51
C MET E 332 24.56 -1.81 -15.66
N ALA E 333 24.51 -0.61 -16.22
CA ALA E 333 23.25 0.12 -16.44
C ALA E 333 22.24 -0.62 -17.30
N ARG E 334 22.73 -1.34 -18.30
CA ARG E 334 21.88 -2.16 -19.16
C ARG E 334 21.23 -3.28 -18.33
N LEU E 335 22.04 -3.97 -17.53
CA LEU E 335 21.57 -5.00 -16.59
C LEU E 335 20.55 -4.46 -15.60
N GLN E 336 20.79 -3.26 -15.09
CA GLN E 336 19.85 -2.58 -14.15
C GLN E 336 18.52 -2.22 -14.80
N GLY E 337 18.52 -1.99 -16.11
CA GLY E 337 17.31 -1.68 -16.86
C GLY E 337 17.15 -0.29 -17.40
N ALA E 338 18.24 0.44 -17.52
CA ALA E 338 18.22 1.74 -18.14
C ALA E 338 17.78 1.60 -19.61
N SER E 339 16.83 2.43 -20.02
CA SER E 339 16.34 2.47 -21.42
C SER E 339 17.36 3.19 -22.27
N GLY E 340 18.02 4.14 -21.64
CA GLY E 340 19.13 4.85 -22.24
C GLY E 340 20.09 5.32 -21.18
N ILE E 341 21.34 5.49 -21.59
CA ILE E 341 22.36 6.04 -20.69
C ILE E 341 23.26 6.98 -21.49
N HIS E 342 23.73 8.01 -20.81
CA HIS E 342 24.75 8.89 -21.35
C HIS E 342 26.03 8.10 -21.54
N THR E 343 26.54 8.09 -22.76
CA THR E 343 27.80 7.41 -23.10
C THR E 343 28.93 8.41 -23.40
N GLY E 344 28.60 9.70 -23.33
CA GLY E 344 29.54 10.74 -23.60
C GLY E 344 29.63 11.02 -25.08
N THR E 345 30.34 12.08 -25.41
CA THR E 345 30.49 12.54 -26.81
C THR E 345 31.67 11.90 -27.56
N MET E 346 32.39 11.00 -26.90
CA MET E 346 33.49 10.23 -27.51
C MET E 346 34.60 11.11 -28.10
N GLY E 347 34.98 12.12 -27.32
CA GLY E 347 36.00 13.10 -27.71
C GLY E 347 35.55 14.25 -28.60
N PHE E 348 34.27 14.29 -28.97
CA PHE E 348 33.71 15.34 -29.87
C PHE E 348 33.01 16.50 -29.17
N GLY E 349 32.79 16.41 -27.87
CA GLY E 349 32.14 17.46 -27.07
C GLY E 349 33.07 18.06 -26.02
N LYS E 350 32.46 18.71 -25.02
CA LYS E 350 33.20 19.42 -23.95
C LYS E 350 33.74 18.55 -22.80
N MET E 351 33.09 17.42 -22.57
CA MET E 351 33.45 16.53 -21.45
C MET E 351 34.56 15.57 -21.84
N GLU E 352 35.17 14.94 -20.84
CA GLU E 352 36.21 13.93 -21.07
C GLU E 352 35.63 12.73 -21.81
N GLY E 353 36.34 12.29 -22.84
CA GLY E 353 35.91 11.17 -23.68
C GLY E 353 36.91 10.89 -24.80
N GLU E 354 36.82 9.69 -25.36
CA GLU E 354 37.73 9.21 -26.44
C GLU E 354 36.93 8.57 -27.59
N ALA E 355 37.49 8.60 -28.79
CA ALA E 355 36.87 7.99 -29.99
C ALA E 355 36.62 6.47 -29.82
N ALA E 356 37.52 5.80 -29.11
CA ALA E 356 37.39 4.36 -28.78
C ALA E 356 36.15 3.99 -27.91
N ASP E 357 35.55 4.99 -27.27
CA ASP E 357 34.28 4.84 -26.52
C ASP E 357 33.08 4.41 -27.36
N ARG E 358 33.22 4.40 -28.69
CA ARG E 358 32.21 3.82 -29.59
C ARG E 358 31.86 2.38 -29.17
N ALA E 359 32.87 1.64 -28.68
CA ALA E 359 32.69 0.28 -28.17
C ALA E 359 31.69 0.20 -26.99
N ILE E 360 31.58 1.28 -26.23
CA ILE E 360 30.60 1.37 -25.13
C ILE E 360 29.20 1.30 -25.74
N ALA E 361 28.97 2.10 -26.79
CA ALA E 361 27.68 2.13 -27.49
C ALA E 361 27.27 0.74 -28.00
N TYR E 362 28.19 0.06 -28.67
CA TYR E 362 27.93 -1.28 -29.23
C TYR E 362 27.71 -2.36 -28.14
N MET E 363 28.38 -2.24 -27.01
CA MET E 363 28.14 -3.14 -25.85
C MET E 363 26.71 -2.99 -25.28
N ILE E 364 26.19 -1.76 -25.27
CA ILE E 364 24.83 -1.50 -24.76
C ILE E 364 23.68 -1.68 -25.77
N THR E 365 23.99 -1.64 -27.06
CA THR E 365 22.96 -1.78 -28.14
C THR E 365 22.85 -3.16 -28.82
N GLU E 366 23.93 -3.94 -28.82
CA GLU E 366 23.96 -5.20 -29.59
C GLU E 366 23.67 -6.39 -28.72
N ASP E 367 23.23 -7.46 -29.36
CA ASP E 367 22.97 -8.74 -28.67
C ASP E 367 24.27 -9.47 -28.37
N ALA E 368 25.32 -9.15 -29.13
CA ALA E 368 26.66 -9.70 -28.92
C ALA E 368 27.68 -8.61 -29.16
N ALA E 369 28.68 -8.51 -28.31
CA ALA E 369 29.70 -7.47 -28.42
C ALA E 369 30.94 -7.81 -27.63
N ASP E 370 32.03 -7.15 -28.01
CA ASP E 370 33.35 -7.33 -27.39
C ASP E 370 33.68 -6.15 -26.48
N GLY E 371 34.07 -6.47 -25.25
CA GLY E 371 34.59 -5.47 -24.33
C GLY E 371 36.11 -5.48 -24.52
N PRO E 372 36.84 -4.67 -23.74
CA PRO E 372 38.31 -4.72 -23.83
C PRO E 372 38.94 -6.08 -23.49
N TYR E 373 38.27 -6.85 -22.64
CA TYR E 373 38.74 -8.19 -22.21
C TYR E 373 37.79 -9.37 -22.46
N PHE E 374 36.48 -9.14 -22.42
CA PHE E 374 35.48 -10.22 -22.55
C PHE E 374 34.45 -9.99 -23.62
N HIS E 375 34.13 -11.07 -24.33
CA HIS E 375 33.01 -11.07 -25.28
C HIS E 375 31.76 -11.32 -24.45
N GLN E 376 30.68 -10.62 -24.78
CA GLN E 376 29.41 -10.76 -24.03
C GLN E 376 28.25 -11.07 -24.96
N GLU E 377 27.53 -12.14 -24.63
CA GLU E 377 26.25 -12.51 -25.27
C GLU E 377 25.16 -11.99 -24.32
N TRP E 378 24.22 -11.21 -24.85
CA TRP E 378 23.13 -10.61 -24.07
C TRP E 378 21.83 -11.45 -24.01
N LEU E 379 21.79 -12.53 -24.79
CA LEU E 379 20.67 -13.50 -24.79
C LEU E 379 19.31 -12.86 -25.02
N GLY E 380 19.27 -11.88 -25.93
CA GLY E 380 18.04 -11.16 -26.25
C GLY E 380 17.59 -10.10 -25.28
N MET E 381 18.41 -9.80 -24.26
CA MET E 381 18.13 -8.71 -23.32
C MET E 381 18.04 -7.44 -24.14
N ASN E 382 17.05 -6.61 -23.83
CA ASN E 382 16.83 -5.36 -24.59
C ASN E 382 18.05 -4.44 -24.58
N PRO E 383 18.21 -3.63 -25.65
CA PRO E 383 19.29 -2.67 -25.69
C PRO E 383 19.00 -1.42 -24.85
N THR E 384 20.07 -0.76 -24.46
CA THR E 384 20.05 0.54 -23.83
C THR E 384 20.54 1.54 -24.89
N THR E 385 19.81 2.63 -25.08
CA THR E 385 20.17 3.65 -26.09
C THR E 385 21.39 4.47 -25.67
N PRO E 386 22.34 4.73 -26.60
CA PRO E 386 23.37 5.71 -26.28
C PRO E 386 22.76 7.11 -26.34
N ILE E 387 22.87 7.86 -25.25
CA ILE E 387 22.38 9.24 -25.18
C ILE E 387 23.63 10.11 -25.27
N ILE E 388 23.66 10.99 -26.25
CA ILE E 388 24.84 11.83 -26.56
C ILE E 388 24.57 13.25 -26.07
N SER E 389 25.39 13.70 -25.12
CA SER E 389 25.19 15.00 -24.49
C SER E 389 26.48 15.61 -23.99
N GLY E 390 26.55 16.94 -24.03
CA GLY E 390 27.70 17.70 -23.48
C GLY E 390 28.54 18.44 -24.51
N GLY E 391 28.19 19.70 -24.74
CA GLY E 391 28.96 20.55 -25.66
C GLY E 391 28.92 20.16 -27.12
N MET E 392 27.77 19.65 -27.56
CA MET E 392 27.55 19.28 -28.96
C MET E 392 26.77 20.40 -29.63
N ASN E 393 26.97 20.48 -30.93
CA ASN E 393 26.21 21.39 -31.78
C ASN E 393 26.17 20.78 -33.19
N ALA E 394 25.46 21.44 -34.08
CA ALA E 394 25.32 20.98 -35.49
C ALA E 394 26.65 20.77 -36.23
N LEU E 395 27.63 21.61 -35.90
CA LEU E 395 28.96 21.58 -36.54
C LEU E 395 29.79 20.35 -36.16
N ARG E 396 29.71 19.99 -34.89
CA ARG E 396 30.45 18.82 -34.34
C ARG E 396 29.82 17.44 -34.64
N MET E 397 28.58 17.42 -35.11
CA MET E 397 27.81 16.17 -35.32
C MET E 397 28.26 15.20 -36.43
N PRO E 398 28.50 15.70 -37.66
CA PRO E 398 28.94 14.79 -38.74
C PRO E 398 30.19 13.96 -38.41
N GLY E 399 31.14 14.60 -37.73
CA GLY E 399 32.34 13.92 -37.24
C GLY E 399 32.03 12.85 -36.19
N PHE E 400 31.11 13.17 -35.29
CA PHE E 400 30.66 12.21 -34.25
C PHE E 400 30.02 10.96 -34.86
N PHE E 401 29.09 11.19 -35.79
CA PHE E 401 28.38 10.07 -36.46
C PHE E 401 29.32 9.18 -37.28
N ASP E 402 30.31 9.80 -37.93
CA ASP E 402 31.34 9.06 -38.70
C ASP E 402 32.10 8.07 -37.82
N ASN E 403 32.51 8.53 -36.64
CA ASN E 403 33.20 7.67 -35.67
C ASN E 403 32.34 6.53 -35.11
N LEU E 404 31.08 6.84 -34.80
CA LEU E 404 30.14 5.84 -34.21
C LEU E 404 29.67 4.80 -35.23
N GLY E 405 29.19 5.29 -36.37
CA GLY E 405 28.70 4.44 -37.47
C GLY E 405 27.19 4.39 -37.69
N HIS E 406 26.44 5.03 -36.79
CA HIS E 406 24.97 5.10 -36.88
C HIS E 406 24.43 6.33 -36.14
N SER E 407 23.15 6.64 -36.43
CA SER E 407 22.41 7.76 -35.81
C SER E 407 21.09 7.36 -35.12
N ASN E 408 20.93 6.07 -34.82
CA ASN E 408 19.84 5.52 -34.00
C ASN E 408 20.12 5.79 -32.53
N LEU E 409 19.88 7.03 -32.14
CA LEU E 409 20.26 7.50 -30.81
C LEU E 409 19.58 8.81 -30.50
N ILE E 410 19.71 9.21 -29.25
CA ILE E 410 19.22 10.47 -28.76
C ILE E 410 20.45 11.36 -28.56
N MET E 411 20.36 12.58 -29.05
CA MET E 411 21.38 13.57 -28.79
C MET E 411 20.72 14.81 -28.24
N THR E 412 21.25 15.27 -27.11
CA THR E 412 20.78 16.49 -26.46
C THR E 412 21.87 17.55 -26.52
N ALA E 413 21.52 18.69 -27.10
CA ALA E 413 22.43 19.84 -27.22
C ALA E 413 21.76 21.08 -26.66
N GLY E 414 22.13 21.41 -25.43
CA GLY E 414 21.58 22.60 -24.75
C GLY E 414 22.12 23.86 -25.36
N GLY E 415 23.43 24.02 -25.22
CA GLY E 415 24.16 25.15 -25.80
C GLY E 415 24.10 25.17 -27.32
N GLY E 416 24.13 24.00 -27.92
CA GLY E 416 24.00 23.84 -29.39
C GLY E 416 22.66 24.24 -30.00
N ALA E 417 21.62 24.29 -29.17
CA ALA E 417 20.26 24.69 -29.62
C ALA E 417 19.93 26.14 -29.22
N PHE E 418 19.90 26.41 -27.92
CA PHE E 418 19.57 27.77 -27.39
C PHE E 418 20.67 28.82 -27.55
N GLY E 419 21.89 28.37 -27.82
CA GLY E 419 23.01 29.27 -28.15
C GLY E 419 23.08 29.63 -29.64
N HIS E 420 22.19 29.05 -30.44
CA HIS E 420 22.06 29.37 -31.87
C HIS E 420 21.61 30.83 -31.97
N VAL E 421 22.20 31.56 -32.89
CA VAL E 421 21.94 33.02 -33.08
C VAL E 421 20.44 33.39 -33.21
N ASP E 422 19.74 32.62 -34.02
CA ASP E 422 18.28 32.77 -34.30
C ASP E 422 17.34 32.18 -33.23
N GLY E 423 17.88 31.43 -32.27
CA GLY E 423 17.08 30.89 -31.16
C GLY E 423 16.93 29.37 -31.17
N GLY E 424 16.16 28.88 -30.20
CA GLY E 424 15.98 27.44 -29.94
C GLY E 424 15.45 26.59 -31.08
N ALA E 425 14.35 27.04 -31.69
CA ALA E 425 13.70 26.33 -32.82
C ALA E 425 14.67 26.15 -33.98
N ALA E 426 15.34 27.26 -34.32
CA ALA E 426 16.35 27.26 -35.38
C ALA E 426 17.53 26.39 -35.01
N GLY E 427 17.90 26.45 -33.74
CA GLY E 427 18.95 25.58 -33.19
C GLY E 427 18.60 24.11 -33.37
N ALA E 428 17.37 23.75 -33.04
CA ALA E 428 16.88 22.35 -33.22
C ALA E 428 16.97 21.89 -34.68
N LYS E 429 16.53 22.77 -35.58
CA LYS E 429 16.58 22.51 -37.03
C LYS E 429 18.02 22.32 -37.55
N SER E 430 18.97 23.09 -37.02
CA SER E 430 20.39 22.91 -37.41
C SER E 430 20.93 21.52 -37.01
N LEU E 431 20.49 21.01 -35.86
CA LEU E 431 20.82 19.65 -35.39
C LEU E 431 20.19 18.58 -36.31
N ARG E 432 18.90 18.76 -36.59
CA ARG E 432 18.15 17.91 -37.56
C ARG E 432 18.91 17.83 -38.88
N GLN E 433 19.20 19.00 -39.42
CA GLN E 433 19.89 19.15 -40.72
C GLN E 433 21.32 18.56 -40.74
N ALA E 434 22.04 18.75 -39.64
CA ALA E 434 23.40 18.18 -39.47
C ALA E 434 23.42 16.64 -39.61
N GLU E 435 22.41 15.98 -39.06
CA GLU E 435 22.26 14.51 -39.20
C GLU E 435 21.79 14.14 -40.61
N GLN E 436 20.91 14.95 -41.19
CA GLN E 436 20.50 14.78 -42.60
C GLN E 436 21.70 14.88 -43.54
N CYS E 437 22.55 15.87 -43.29
CA CYS E 437 23.82 16.06 -44.02
C CYS E 437 24.71 14.81 -43.95
N TRP E 438 24.88 14.28 -42.74
CA TRP E 438 25.69 13.05 -42.52
C TRP E 438 25.12 11.83 -43.24
N LYS E 439 23.81 11.65 -43.11
CA LYS E 439 23.11 10.50 -43.71
C LYS E 439 23.25 10.47 -45.24
N GLN E 440 23.13 11.64 -45.86
CA GLN E 440 23.28 11.80 -47.33
C GLN E 440 24.73 11.77 -47.84
N GLY E 441 25.70 11.86 -46.93
CA GLY E 441 27.13 11.88 -47.29
C GLY E 441 27.60 13.15 -48.00
N ALA E 442 26.99 14.28 -47.66
CA ALA E 442 27.29 15.59 -48.25
C ALA E 442 28.38 16.33 -47.47
N ASP E 443 28.96 17.34 -48.11
CA ASP E 443 29.98 18.20 -47.51
C ASP E 443 29.23 19.24 -46.64
N PRO E 444 29.49 19.30 -45.32
CA PRO E 444 28.79 20.26 -44.43
C PRO E 444 28.77 21.72 -44.90
N VAL E 445 29.90 22.20 -45.42
CA VAL E 445 30.03 23.59 -45.90
C VAL E 445 29.11 23.83 -47.11
N GLU E 446 29.10 22.90 -48.07
CA GLU E 446 28.23 22.98 -49.26
C GLU E 446 26.76 22.73 -48.94
N PHE E 447 26.53 21.77 -48.04
CA PHE E 447 25.19 21.44 -47.53
C PHE E 447 24.54 22.68 -46.91
N ALA E 448 25.32 23.41 -46.13
CA ALA E 448 24.88 24.66 -45.47
C ALA E 448 24.31 25.76 -46.39
N LYS E 449 24.77 25.84 -47.64
CA LYS E 449 24.18 26.83 -48.63
C LYS E 449 22.67 26.74 -48.78
N ASP E 450 22.20 25.50 -48.84
CA ASP E 450 20.78 25.21 -49.08
C ASP E 450 19.96 25.00 -47.82
N HIS E 451 20.60 25.16 -46.67
CA HIS E 451 19.98 24.92 -45.35
C HIS E 451 20.36 26.03 -44.36
N ARG E 452 19.49 27.03 -44.29
CA ARG E 452 19.72 28.27 -43.51
C ARG E 452 20.14 28.03 -42.08
N GLU E 453 19.32 27.27 -41.36
CA GLU E 453 19.51 27.02 -39.91
C GLU E 453 20.88 26.39 -39.59
N PHE E 454 21.27 25.43 -40.43
CA PHE E 454 22.60 24.80 -40.35
C PHE E 454 23.74 25.78 -40.67
N ALA E 455 23.53 26.60 -41.70
CA ALA E 455 24.52 27.66 -42.08
C ALA E 455 24.70 28.69 -40.98
N ARG E 456 23.60 29.00 -40.30
CA ARG E 456 23.61 29.96 -39.17
C ARG E 456 24.27 29.42 -37.90
N ALA E 457 24.46 28.11 -37.83
CA ALA E 457 25.23 27.47 -36.73
C ALA E 457 26.73 27.81 -36.81
N PHE E 458 27.25 27.96 -38.02
CA PHE E 458 28.65 28.40 -38.28
C PHE E 458 28.91 29.77 -37.65
N GLU E 459 27.94 30.65 -37.81
CA GLU E 459 27.98 32.02 -37.26
C GLU E 459 27.73 32.04 -35.75
N SER E 460 26.90 31.10 -35.28
CA SER E 460 26.58 30.94 -33.84
C SER E 460 27.76 30.47 -33.01
N PHE E 461 28.54 29.56 -33.59
CA PHE E 461 29.72 28.94 -32.95
C PHE E 461 30.97 29.05 -33.86
N PRO E 462 31.49 30.28 -34.06
CA PRO E 462 32.62 30.53 -34.98
C PRO E 462 33.95 29.85 -34.62
N GLN E 463 34.24 29.75 -33.33
CA GLN E 463 35.47 29.07 -32.85
C GLN E 463 35.51 27.63 -33.37
N ASP E 464 34.40 26.92 -33.21
CA ASP E 464 34.23 25.53 -33.73
C ASP E 464 34.25 25.45 -35.26
N ALA E 465 33.58 26.40 -35.89
CA ALA E 465 33.53 26.51 -37.36
C ALA E 465 34.91 26.70 -38.01
N ASP E 466 35.78 27.46 -37.34
CA ASP E 466 37.18 27.68 -37.81
C ASP E 466 38.09 26.46 -37.64
N LYS E 467 37.88 25.70 -36.58
CA LYS E 467 38.68 24.47 -36.32
C LYS E 467 38.30 23.32 -37.23
N LEU E 468 36.99 23.12 -37.37
CA LEU E 468 36.42 21.98 -38.12
C LEU E 468 36.28 22.20 -39.62
N TYR E 469 35.91 23.42 -40.00
CA TYR E 469 35.69 23.79 -41.40
C TYR E 469 36.51 25.04 -41.74
N PRO E 470 37.87 24.92 -41.79
CA PRO E 470 38.81 26.07 -41.89
C PRO E 470 38.47 27.20 -42.87
N ASN E 471 38.04 26.82 -44.07
CA ASN E 471 37.66 27.74 -45.16
C ASN E 471 36.14 27.91 -45.34
N TRP E 472 35.41 27.97 -44.24
CA TRP E 472 33.94 28.15 -44.34
C TRP E 472 33.46 29.55 -44.75
N ARG E 473 34.10 30.59 -44.22
CA ARG E 473 33.72 32.00 -44.46
C ARG E 473 33.68 32.38 -45.94
N ALA E 474 34.57 31.78 -46.72
CA ALA E 474 34.69 32.02 -48.17
C ALA E 474 33.44 31.69 -48.98
N LYS E 475 32.89 30.50 -48.74
CA LYS E 475 31.68 30.01 -49.44
C LYS E 475 30.28 30.54 -49.01
N LEU E 476 30.03 30.66 -47.70
CA LEU E 476 28.69 30.99 -47.16
C LEU E 476 28.73 32.25 -46.29
N ASP F 22 35.29 32.90 -20.92
CA ASP F 22 35.61 33.41 -19.56
C ASP F 22 34.35 33.85 -18.81
N GLN F 23 33.98 33.06 -17.80
CA GLN F 23 32.78 33.29 -16.97
C GLN F 23 33.09 33.76 -15.53
N SER F 24 34.29 34.27 -15.32
CA SER F 24 34.76 34.72 -13.98
C SER F 24 34.04 35.97 -13.46
N ASN F 25 33.62 36.85 -14.35
CA ASN F 25 32.86 38.06 -13.93
C ASN F 25 31.54 37.70 -13.23
N ARG F 26 30.86 36.70 -13.77
CA ARG F 26 29.55 36.23 -13.24
C ARG F 26 29.67 35.22 -12.09
N TYR F 27 30.51 34.20 -12.27
CA TYR F 27 30.63 33.07 -11.30
C TYR F 27 31.79 33.13 -10.30
N ALA F 28 32.49 34.25 -10.24
CA ALA F 28 33.53 34.49 -9.23
C ALA F 28 33.31 35.86 -8.59
N ASN F 29 33.34 35.86 -7.26
CA ASN F 29 33.28 37.09 -6.46
C ASN F 29 34.17 36.89 -5.23
N LEU F 30 35.45 37.14 -5.44
CA LEU F 30 36.48 36.99 -4.38
C LEU F 30 36.40 38.02 -3.24
N ASN F 31 35.67 39.11 -3.47
CA ASN F 31 35.41 40.11 -2.44
C ASN F 31 34.36 39.68 -1.38
N LEU F 32 33.62 38.61 -1.65
CA LEU F 32 32.68 38.05 -0.64
C LEU F 32 33.48 37.51 0.52
N LYS F 33 32.99 37.78 1.73
CA LYS F 33 33.62 37.32 2.97
C LYS F 33 32.94 36.05 3.43
N GLU F 34 33.72 35.03 3.72
CA GLU F 34 33.22 33.74 4.22
C GLU F 34 32.36 33.88 5.47
N SER F 35 32.82 34.71 6.40
CA SER F 35 32.10 34.99 7.67
C SER F 35 30.70 35.57 7.46
N GLU F 36 30.56 36.41 6.45
CA GLU F 36 29.24 36.99 6.06
C GLU F 36 28.35 35.98 5.34
N LEU F 37 28.95 35.11 4.54
CA LEU F 37 28.23 34.03 3.86
C LEU F 37 27.66 33.05 4.89
N ILE F 38 28.46 32.71 5.89
CA ILE F 38 28.03 31.86 7.02
C ILE F 38 26.95 32.56 7.85
N ALA F 39 27.21 33.81 8.23
CA ALA F 39 26.24 34.63 9.01
C ALA F 39 24.88 34.80 8.32
N GLY F 40 24.92 34.96 7.01
CA GLY F 40 23.69 35.08 6.20
C GLY F 40 22.78 33.87 6.22
N GLY F 41 23.38 32.69 6.39
CA GLY F 41 22.63 31.41 6.46
C GLY F 41 21.85 31.02 5.20
N ARG F 42 22.28 31.56 4.05
CA ARG F 42 21.63 31.33 2.74
C ARG F 42 22.49 30.57 1.74
N HIS F 43 23.66 30.11 2.16
CA HIS F 43 24.58 29.40 1.25
C HIS F 43 25.18 28.13 1.82
N VAL F 44 25.23 27.10 0.98
CA VAL F 44 26.02 25.91 1.28
C VAL F 44 27.41 26.28 0.77
N LEU F 45 28.44 25.98 1.54
CA LEU F 45 29.84 26.28 1.14
C LEU F 45 30.55 24.97 0.94
N CYS F 46 31.34 24.87 -0.13
CA CYS F 46 32.14 23.66 -0.42
C CYS F 46 33.59 24.05 -0.67
N ALA F 47 34.50 23.28 -0.09
CA ALA F 47 35.94 23.48 -0.22
C ALA F 47 36.54 22.31 -1.01
N TYR F 48 37.15 22.64 -2.14
CA TYR F 48 37.77 21.65 -3.05
C TYR F 48 39.26 21.87 -3.26
N ILE F 49 39.98 20.76 -3.46
CA ILE F 49 41.37 20.78 -3.92
C ILE F 49 41.28 20.45 -5.43
N MET F 50 41.56 21.44 -6.25
CA MET F 50 41.39 21.38 -7.71
C MET F 50 42.65 21.77 -8.48
N LYS F 51 42.84 21.15 -9.64
CA LYS F 51 43.93 21.47 -10.56
C LYS F 51 43.40 21.60 -11.98
N PRO F 52 43.61 22.77 -12.66
CA PRO F 52 43.18 22.84 -14.05
C PRO F 52 44.06 22.00 -14.97
N LYS F 53 43.47 21.52 -16.06
CA LYS F 53 44.24 20.84 -17.11
C LYS F 53 45.07 21.88 -17.86
N ALA F 54 46.22 21.45 -18.37
CA ALA F 54 47.08 22.33 -19.18
C ALA F 54 46.37 22.64 -20.50
N GLY F 55 46.48 23.88 -20.94
CA GLY F 55 45.91 24.33 -22.23
C GLY F 55 44.50 24.90 -22.25
N PHE F 56 43.99 25.27 -21.09
CA PHE F 56 42.64 25.84 -20.98
C PHE F 56 42.74 27.17 -20.23
N GLY F 57 41.74 27.52 -19.41
CA GLY F 57 41.78 28.77 -18.63
C GLY F 57 42.71 28.67 -17.43
N ASN F 58 42.92 29.81 -16.80
CA ASN F 58 43.71 29.90 -15.57
C ASN F 58 42.91 29.34 -14.36
N PHE F 59 43.50 29.40 -13.16
CA PHE F 59 42.86 28.85 -11.96
C PHE F 59 41.48 29.44 -11.65
N ILE F 60 41.39 30.76 -11.63
CA ILE F 60 40.10 31.48 -11.36
C ILE F 60 39.06 31.26 -12.48
N GLN F 61 39.54 31.23 -13.72
CA GLN F 61 38.68 30.94 -14.90
C GLN F 61 38.08 29.54 -14.85
N THR F 62 38.93 28.58 -14.50
CA THR F 62 38.54 27.17 -14.37
C THR F 62 37.58 26.99 -13.18
N ALA F 63 37.89 27.65 -12.08
CA ALA F 63 37.03 27.64 -10.89
C ALA F 63 35.64 28.23 -11.17
N ALA F 64 35.62 29.31 -11.93
CA ALA F 64 34.35 29.96 -12.34
C ALA F 64 33.51 29.05 -13.23
N HIS F 65 34.18 28.39 -14.15
CA HIS F 65 33.53 27.42 -15.05
C HIS F 65 32.98 26.21 -14.24
N PHE F 66 33.76 25.76 -13.28
CA PHE F 66 33.41 24.70 -12.32
C PHE F 66 32.12 25.07 -11.57
N ALA F 67 32.11 26.28 -11.03
CA ALA F 67 30.93 26.84 -10.35
C ALA F 67 29.69 26.93 -11.26
N ALA F 68 29.91 27.33 -12.51
CA ALA F 68 28.84 27.40 -13.53
C ALA F 68 28.25 26.03 -13.86
N GLU F 69 29.13 25.06 -14.08
CA GLU F 69 28.73 23.66 -14.36
C GLU F 69 28.03 22.99 -13.16
N SER F 70 28.36 23.46 -11.97
CA SER F 70 27.79 22.98 -10.70
C SER F 70 26.54 23.74 -10.24
N SER F 71 26.02 24.63 -11.07
CA SER F 71 24.84 25.41 -10.70
C SER F 71 23.94 25.77 -11.89
N THR F 72 24.13 26.94 -12.48
CA THR F 72 23.18 27.47 -13.48
C THR F 72 23.66 27.48 -14.93
N GLY F 73 24.94 27.18 -15.12
CA GLY F 73 25.58 27.45 -16.39
C GLY F 73 25.83 26.29 -17.31
N THR F 74 26.49 26.67 -18.39
CA THR F 74 26.97 25.75 -19.42
C THR F 74 28.17 26.45 -20.08
N ASN F 75 28.80 25.75 -21.01
CA ASN F 75 29.99 26.27 -21.75
C ASN F 75 29.77 27.41 -22.80
N VAL F 76 28.52 27.77 -23.05
CA VAL F 76 28.12 28.81 -24.03
C VAL F 76 27.01 29.73 -23.42
N GLU F 77 26.92 30.96 -23.93
CA GLU F 77 25.84 31.89 -23.55
C GLU F 77 24.54 31.42 -24.19
N VAL F 78 23.47 31.44 -23.40
CA VAL F 78 22.13 30.99 -23.84
C VAL F 78 21.13 32.16 -23.78
N SER F 79 20.27 32.23 -24.79
CA SER F 79 19.26 33.32 -24.91
C SER F 79 18.19 33.35 -23.80
N THR F 80 17.91 32.19 -23.23
CA THR F 80 16.91 32.03 -22.15
C THR F 80 17.30 32.61 -20.78
N THR F 81 18.61 32.79 -20.54
CA THR F 81 19.12 33.35 -19.26
C THR F 81 18.50 34.72 -18.93
N ASP F 82 17.80 34.78 -17.80
CA ASP F 82 17.12 36.00 -17.30
C ASP F 82 17.79 36.48 -15.99
N ASP F 83 17.23 37.53 -15.38
CA ASP F 83 17.75 38.15 -14.14
C ASP F 83 17.75 37.24 -12.93
N PHE F 84 16.64 36.50 -12.81
CA PHE F 84 16.40 35.63 -11.66
C PHE F 84 17.49 34.58 -11.55
N THR F 85 17.88 34.01 -12.70
CA THR F 85 18.96 33.00 -12.80
C THR F 85 20.26 33.44 -12.13
N ARG F 86 20.64 34.70 -12.33
CA ARG F 86 21.88 35.28 -11.77
C ARG F 86 21.95 35.18 -10.24
N GLY F 87 20.82 35.40 -9.59
CA GLY F 87 20.70 35.33 -8.13
C GLY F 87 20.90 33.96 -7.48
N VAL F 88 20.78 32.90 -8.26
CA VAL F 88 20.99 31.51 -7.80
C VAL F 88 22.31 30.87 -8.31
N ASP F 89 23.16 31.65 -8.96
CA ASP F 89 24.48 31.18 -9.41
C ASP F 89 25.34 30.79 -8.22
N ALA F 90 26.10 29.71 -8.39
CA ALA F 90 27.10 29.33 -7.38
C ALA F 90 28.27 30.28 -7.63
N LEU F 91 28.94 30.67 -6.55
CA LEU F 91 30.04 31.67 -6.65
C LEU F 91 31.32 31.22 -5.99
N VAL F 92 32.41 31.32 -6.75
CA VAL F 92 33.76 31.09 -6.23
C VAL F 92 34.05 32.35 -5.39
N TYR F 93 34.18 32.18 -4.09
CA TYR F 93 34.40 33.30 -3.17
C TYR F 93 35.81 33.38 -2.61
N GLU F 94 36.56 32.29 -2.75
CA GLU F 94 37.92 32.23 -2.24
C GLU F 94 38.72 31.25 -3.10
N VAL F 95 39.92 31.66 -3.48
CA VAL F 95 40.88 30.79 -4.19
C VAL F 95 42.27 30.94 -3.58
N ASP F 96 43.02 29.84 -3.59
CA ASP F 96 44.43 29.82 -3.17
C ASP F 96 45.17 28.84 -4.12
N GLU F 97 45.56 29.37 -5.27
CA GLU F 97 46.19 28.59 -6.35
C GLU F 97 47.45 27.82 -5.94
N ALA F 98 48.26 28.43 -5.08
CA ALA F 98 49.48 27.80 -4.55
C ALA F 98 49.20 26.46 -3.84
N ASN F 99 48.11 26.43 -3.09
CA ASN F 99 47.62 25.22 -2.39
C ASN F 99 46.45 24.50 -3.09
N SER F 100 46.19 24.88 -4.33
CA SER F 100 45.15 24.27 -5.18
C SER F 100 43.73 24.37 -4.60
N LEU F 101 43.49 25.38 -3.77
CA LEU F 101 42.24 25.52 -3.03
C LEU F 101 41.25 26.42 -3.74
N MET F 102 40.01 25.96 -3.77
CA MET F 102 38.88 26.64 -4.39
C MET F 102 37.69 26.43 -3.46
N LYS F 103 37.05 27.53 -3.07
CA LYS F 103 35.84 27.51 -2.23
C LYS F 103 34.69 28.12 -3.00
N ILE F 104 33.56 27.41 -3.01
CA ILE F 104 32.37 27.82 -3.76
C ILE F 104 31.15 27.93 -2.83
N ALA F 105 30.37 28.99 -3.03
CA ALA F 105 29.14 29.25 -2.28
C ALA F 105 27.94 28.94 -3.16
N TYR F 106 27.11 28.02 -2.69
CA TYR F 106 25.91 27.54 -3.41
C TYR F 106 24.67 28.07 -2.72
N PRO F 107 23.90 28.95 -3.38
CA PRO F 107 22.66 29.39 -2.76
C PRO F 107 21.75 28.21 -2.47
N ILE F 108 21.19 28.18 -1.27
CA ILE F 108 20.38 27.01 -0.78
C ILE F 108 19.13 26.69 -1.63
N GLU F 109 18.66 27.69 -2.38
CA GLU F 109 17.53 27.57 -3.30
C GLU F 109 17.82 26.64 -4.52
N LEU F 110 19.08 26.38 -4.81
CA LEU F 110 19.46 25.42 -5.86
C LEU F 110 19.07 23.96 -5.56
N PHE F 111 19.07 23.61 -4.28
CA PHE F 111 18.93 22.22 -3.87
C PHE F 111 17.49 21.74 -3.89
N ASP F 112 17.32 20.56 -4.46
CA ASP F 112 16.01 19.95 -4.66
C ASP F 112 15.37 19.58 -3.33
N ARG F 113 14.06 19.65 -3.30
CA ARG F 113 13.25 19.39 -2.09
C ARG F 113 12.14 18.41 -2.43
N ASN F 114 11.75 17.58 -1.48
CA ASN F 114 10.63 16.65 -1.71
C ASN F 114 9.30 17.40 -1.85
N VAL F 115 8.56 17.02 -2.88
CA VAL F 115 7.15 17.41 -3.03
C VAL F 115 6.30 16.89 -1.86
N ILE F 116 6.54 15.65 -1.44
CA ILE F 116 5.69 15.00 -0.42
C ILE F 116 5.79 15.62 0.98
N ASP F 117 7.00 15.97 1.39
CA ASP F 117 7.22 16.52 2.77
C ASP F 117 8.13 17.76 2.91
N GLY F 118 8.53 18.36 1.80
CA GLY F 118 9.39 19.57 1.82
C GLY F 118 10.79 19.42 2.38
N ARG F 119 11.23 18.19 2.56
CA ARG F 119 12.53 17.92 3.15
C ARG F 119 13.62 17.84 2.07
N ALA F 120 14.85 17.97 2.52
CA ALA F 120 16.01 17.94 1.64
C ALA F 120 16.36 16.52 1.24
N MET F 121 17.15 16.42 0.19
CA MET F 121 17.66 15.13 -0.33
C MET F 121 19.16 15.28 -0.60
N ILE F 122 19.95 14.32 -0.14
CA ILE F 122 21.41 14.35 -0.35
C ILE F 122 21.77 14.15 -1.83
N ALA F 123 20.91 13.44 -2.56
CA ALA F 123 21.09 13.20 -4.01
C ALA F 123 21.27 14.50 -4.81
N SER F 124 20.51 15.50 -4.43
CA SER F 124 20.59 16.84 -5.07
C SER F 124 21.87 17.57 -4.69
N PHE F 125 22.24 17.48 -3.42
CA PHE F 125 23.51 18.04 -2.91
C PHE F 125 24.69 17.47 -3.71
N LEU F 126 24.69 16.16 -3.87
CA LEU F 126 25.72 15.43 -4.65
C LEU F 126 25.73 15.78 -6.14
N THR F 127 24.54 15.83 -6.73
CA THR F 127 24.39 16.17 -8.16
C THR F 127 24.97 17.55 -8.49
N LEU F 128 24.68 18.53 -7.66
CA LEU F 128 25.20 19.89 -7.89
C LEU F 128 26.68 20.05 -7.52
N THR F 129 27.03 19.66 -6.31
CA THR F 129 28.37 19.92 -5.75
C THR F 129 29.47 18.96 -6.16
N ILE F 130 29.13 17.74 -6.58
CA ILE F 130 30.15 16.75 -6.99
C ILE F 130 29.66 15.88 -8.17
N GLY F 131 28.87 16.48 -9.04
CA GLY F 131 28.24 15.78 -10.17
C GLY F 131 29.00 15.93 -11.48
N ASN F 132 28.37 16.62 -12.44
CA ASN F 132 28.98 16.88 -13.76
C ASN F 132 30.35 17.55 -13.72
N ASN F 133 30.62 18.31 -12.66
CA ASN F 133 31.95 18.91 -12.44
C ASN F 133 33.13 17.91 -12.40
N GLN F 134 32.81 16.64 -12.09
CA GLN F 134 33.80 15.54 -12.07
C GLN F 134 34.20 14.98 -13.45
N GLY F 135 33.50 15.38 -14.50
CA GLY F 135 33.85 14.97 -15.88
C GLY F 135 34.29 16.09 -16.82
N MET F 136 34.49 17.28 -16.29
CA MET F 136 34.87 18.48 -17.08
C MET F 136 36.20 18.27 -17.79
N GLY F 137 36.23 18.64 -19.04
CA GLY F 137 37.42 18.45 -19.89
C GLY F 137 38.58 19.39 -19.61
N ASP F 138 38.31 20.53 -18.98
CA ASP F 138 39.35 21.53 -18.64
C ASP F 138 39.88 21.42 -17.20
N VAL F 139 39.41 20.42 -16.47
CA VAL F 139 39.81 20.18 -15.08
C VAL F 139 40.56 18.87 -15.04
N GLU F 140 41.76 18.88 -14.48
CA GLU F 140 42.56 17.65 -14.31
C GLU F 140 41.91 16.80 -13.23
N TYR F 141 41.65 17.44 -12.10
CA TYR F 141 40.96 16.80 -10.97
C TYR F 141 40.39 17.86 -10.02
N ALA F 142 39.42 17.43 -9.24
CA ALA F 142 38.78 18.25 -8.20
C ALA F 142 38.13 17.31 -7.17
N LYS F 143 38.49 17.50 -5.91
CA LYS F 143 38.01 16.66 -4.80
C LYS F 143 37.49 17.55 -3.68
N MET F 144 36.32 17.23 -3.15
CA MET F 144 35.74 17.98 -2.03
C MET F 144 36.33 17.49 -0.71
N TYR F 145 36.82 18.45 0.08
CA TYR F 145 37.41 18.18 1.41
C TYR F 145 36.53 18.57 2.58
N ASP F 146 35.59 19.45 2.35
CA ASP F 146 34.71 19.90 3.42
C ASP F 146 33.54 20.63 2.81
N PHE F 147 32.46 20.70 3.58
CA PHE F 147 31.28 21.48 3.19
C PHE F 147 30.61 22.05 4.43
N TYR F 148 29.94 23.18 4.26
CA TYR F 148 29.18 23.84 5.33
C TYR F 148 27.71 23.88 4.98
N VAL F 149 26.87 23.46 5.91
CA VAL F 149 25.41 23.46 5.75
C VAL F 149 24.79 24.47 6.76
N PRO F 150 24.08 25.52 6.26
CA PRO F 150 23.47 26.49 7.17
C PRO F 150 22.19 25.93 7.80
N PRO F 151 21.70 26.55 8.91
CA PRO F 151 20.50 26.06 9.60
C PRO F 151 19.27 25.82 8.73
N ALA F 152 19.01 26.76 7.83
CA ALA F 152 17.83 26.68 6.94
C ALA F 152 17.80 25.44 6.03
N TYR F 153 18.97 24.91 5.69
CA TYR F 153 19.10 23.71 4.88
C TYR F 153 19.28 22.47 5.77
N LEU F 154 20.14 22.60 6.79
CA LEU F 154 20.43 21.52 7.75
C LEU F 154 19.18 20.91 8.40
N LYS F 155 18.29 21.78 8.86
CA LYS F 155 17.05 21.36 9.53
C LYS F 155 16.09 20.54 8.65
N LEU F 156 16.27 20.63 7.34
CA LEU F 156 15.48 19.87 6.35
C LEU F 156 15.98 18.44 6.11
N PHE F 157 17.11 18.06 6.69
CA PHE F 157 17.64 16.71 6.54
C PHE F 157 17.08 15.81 7.64
N ASP F 158 16.97 14.53 7.30
CA ASP F 158 16.37 13.55 8.22
C ASP F 158 17.10 13.48 9.52
N GLY F 159 18.42 13.30 9.42
CA GLY F 159 19.27 13.13 10.61
C GLY F 159 19.04 11.75 11.19
N PRO F 160 19.91 11.31 12.12
CA PRO F 160 19.66 10.00 12.69
C PRO F 160 18.48 9.97 13.64
N SER F 161 17.73 8.87 13.58
CA SER F 161 16.56 8.62 14.44
CA SER F 161 16.56 8.62 14.44
C SER F 161 16.89 7.75 15.65
N THR F 162 17.79 6.80 15.44
CA THR F 162 18.28 5.88 16.47
C THR F 162 19.78 6.13 16.61
N THR F 163 20.26 6.04 17.84
CA THR F 163 21.67 6.31 18.16
C THR F 163 22.20 5.18 19.03
N ILE F 164 23.47 5.26 19.40
CA ILE F 164 24.13 4.31 20.35
C ILE F 164 23.41 4.25 21.72
N LYS F 165 22.85 5.39 22.11
CA LYS F 165 22.00 5.52 23.31
C LYS F 165 20.97 4.39 23.41
N ASP F 166 20.33 4.13 22.27
CA ASP F 166 19.32 3.06 22.16
C ASP F 166 19.92 1.65 22.28
N LEU F 167 21.15 1.48 21.80
CA LEU F 167 21.89 0.23 21.96
C LEU F 167 22.34 0.03 23.42
N TRP F 168 22.84 1.10 24.03
CA TRP F 168 23.18 1.09 25.48
C TRP F 168 21.98 0.70 26.35
N ARG F 169 20.84 1.31 26.07
CA ARG F 169 19.58 1.01 26.80
C ARG F 169 19.21 -0.49 26.72
N VAL F 170 19.32 -1.05 25.53
CA VAL F 170 19.05 -2.49 25.29
C VAL F 170 20.05 -3.38 26.06
N LEU F 171 21.32 -2.99 26.05
CA LEU F 171 22.37 -3.69 26.81
C LEU F 171 22.30 -3.52 28.34
N GLY F 172 21.48 -2.59 28.83
CA GLY F 172 21.38 -2.30 30.27
C GLY F 172 22.49 -1.39 30.76
N ARG F 173 23.11 -0.67 29.84
CA ARG F 173 24.20 0.29 30.14
C ARG F 173 23.59 1.66 30.41
N PRO F 174 24.37 2.57 31.03
CA PRO F 174 23.88 3.92 31.18
C PRO F 174 23.69 4.59 29.83
N VAL F 175 22.62 5.35 29.68
CA VAL F 175 22.32 6.00 28.39
C VAL F 175 23.24 7.19 28.05
N ILE F 176 23.96 7.68 29.07
CA ILE F 176 25.00 8.70 28.93
C ILE F 176 26.32 8.00 29.23
N ASN F 177 27.26 8.06 28.29
CA ASN F 177 28.59 7.41 28.41
C ASN F 177 28.47 5.94 28.79
N GLY F 178 27.63 5.24 28.05
CA GLY F 178 27.42 3.80 28.26
C GLY F 178 28.56 2.92 27.87
N GLY F 179 29.50 3.50 27.15
CA GLY F 179 30.76 2.83 26.90
C GLY F 179 30.86 1.98 25.65
N PHE F 180 31.84 1.11 25.71
CA PHE F 180 32.31 0.31 24.60
C PHE F 180 31.42 -0.89 24.28
N ILE F 181 31.03 -1.00 23.02
CA ILE F 181 30.23 -2.13 22.53
C ILE F 181 31.20 -3.06 21.82
N VAL F 182 31.39 -4.24 22.41
CA VAL F 182 32.34 -5.24 21.91
C VAL F 182 31.68 -5.99 20.78
N GLY F 183 32.24 -5.86 19.59
CA GLY F 183 31.66 -6.48 18.41
C GLY F 183 32.57 -7.36 17.60
N THR F 184 31.95 -8.04 16.63
CA THR F 184 32.67 -8.84 15.65
C THR F 184 31.92 -9.02 14.34
N ILE F 185 32.64 -9.56 13.38
CA ILE F 185 32.11 -9.97 12.09
C ILE F 185 32.33 -11.49 12.06
N ILE F 186 31.30 -12.25 11.74
CA ILE F 186 31.45 -13.71 11.59
C ILE F 186 32.16 -13.93 10.27
N LYS F 187 33.37 -14.42 10.40
CA LYS F 187 34.19 -14.85 9.27
C LYS F 187 34.01 -16.37 9.18
N PRO F 188 34.16 -16.98 7.99
CA PRO F 188 34.46 -16.39 6.69
C PRO F 188 33.40 -15.42 6.22
N LYS F 189 33.84 -14.41 5.48
CA LYS F 189 32.98 -13.35 4.91
C LYS F 189 31.70 -13.89 4.25
N LEU F 190 31.87 -14.97 3.50
CA LEU F 190 30.77 -15.73 2.90
C LEU F 190 31.19 -17.18 2.91
N GLY F 191 30.23 -18.08 2.89
CA GLY F 191 30.48 -19.53 2.80
C GLY F 191 29.86 -20.37 3.89
N LEU F 192 29.66 -19.79 5.07
CA LEU F 192 29.03 -20.51 6.17
C LEU F 192 27.55 -20.71 5.89
N ARG F 193 27.11 -21.95 6.13
CA ARG F 193 25.70 -22.32 6.03
C ARG F 193 24.98 -21.78 7.27
N PRO F 194 23.62 -21.72 7.26
CA PRO F 194 22.88 -21.11 8.36
C PRO F 194 23.23 -21.57 9.77
N GLN F 195 23.25 -22.88 10.01
CA GLN F 195 23.53 -23.38 11.38
C GLN F 195 24.98 -23.15 11.85
N PRO F 196 25.99 -23.50 11.04
CA PRO F 196 27.39 -23.13 11.39
C PRO F 196 27.59 -21.63 11.65
N PHE F 197 26.93 -20.80 10.83
CA PHE F 197 26.93 -19.34 11.03
C PHE F 197 26.37 -18.97 12.39
N ALA F 198 25.20 -19.50 12.69
CA ALA F 198 24.53 -19.27 13.99
C ALA F 198 25.32 -19.80 15.19
N ASN F 199 25.97 -20.96 15.05
CA ASN F 199 26.84 -21.53 16.11
C ASN F 199 28.02 -20.62 16.45
N ALA F 200 28.64 -20.06 15.42
CA ALA F 200 29.71 -19.06 15.59
C ALA F 200 29.23 -17.78 16.30
N CYS F 201 27.98 -17.40 16.03
CA CYS F 201 27.36 -16.23 16.68
C CYS F 201 27.19 -16.46 18.16
N TYR F 202 26.60 -17.60 18.48
CA TYR F 202 26.43 -18.06 19.86
C TYR F 202 27.77 -18.03 20.63
N ASP F 203 28.79 -18.64 20.05
CA ASP F 203 30.17 -18.68 20.64
C ASP F 203 30.70 -17.29 20.99
N PHE F 204 30.68 -16.41 20.00
CA PHE F 204 31.15 -15.03 20.22
C PHE F 204 30.34 -14.31 21.30
N TRP F 205 29.03 -14.49 21.25
CA TRP F 205 28.07 -13.83 22.18
C TRP F 205 28.25 -14.23 23.66
N LEU F 206 28.87 -15.37 23.92
CA LEU F 206 29.24 -15.77 25.30
C LEU F 206 30.20 -14.77 25.97
N GLY F 207 31.01 -14.09 25.15
CA GLY F 207 31.92 -13.01 25.63
C GLY F 207 31.68 -11.59 25.10
N GLY F 208 30.98 -11.45 23.98
CA GLY F 208 30.77 -10.13 23.34
C GLY F 208 29.32 -9.68 23.22
N ASP F 209 29.16 -8.47 22.72
CA ASP F 209 27.83 -7.81 22.62
C ASP F 209 27.15 -7.86 21.26
N PHE F 210 27.95 -7.57 20.24
CA PHE F 210 27.47 -7.17 18.92
C PHE F 210 28.08 -7.99 17.80
N ILE F 211 27.24 -8.44 16.88
CA ILE F 211 27.69 -9.14 15.67
C ILE F 211 27.06 -8.46 14.46
N ASN F 213 26.56 -8.75 10.16
CA ASN F 213 26.75 -9.48 8.90
C ASN F 213 27.96 -8.84 8.22
N ASP F 214 28.74 -9.67 7.53
CA ASP F 214 29.74 -9.12 6.64
C ASP F 214 28.96 -8.45 5.48
N GLU F 215 29.54 -7.41 4.88
CA GLU F 215 28.83 -6.59 3.85
C GLU F 215 28.04 -7.32 2.74
N PRO F 216 28.58 -8.43 2.17
CA PRO F 216 27.83 -9.11 1.12
C PRO F 216 26.85 -10.21 1.58
N GLN F 217 26.86 -10.57 2.85
CA GLN F 217 25.98 -11.65 3.40
C GLN F 217 24.52 -11.27 3.30
N GLY F 218 23.71 -12.17 2.75
CA GLY F 218 22.27 -11.92 2.61
C GLY F 218 21.45 -13.16 2.35
N ASN F 219 21.10 -13.35 1.09
CA ASN F 219 20.28 -14.47 0.62
C ASN F 219 21.02 -15.24 -0.47
N GLN F 220 22.25 -15.65 -0.16
CA GLN F 220 23.01 -16.51 -1.07
C GLN F 220 22.35 -17.90 -1.10
N VAL F 221 22.47 -18.59 -2.23
CA VAL F 221 21.86 -19.93 -2.43
C VAL F 221 22.26 -21.02 -1.40
N PHE F 222 23.49 -20.91 -0.89
CA PHE F 222 24.03 -21.84 0.16
C PHE F 222 23.67 -21.45 1.60
N ALA F 223 23.22 -20.21 1.78
CA ALA F 223 22.81 -19.68 3.09
C ALA F 223 21.59 -18.77 2.88
N PRO F 224 20.40 -19.36 2.63
CA PRO F 224 19.22 -18.55 2.41
C PRO F 224 18.91 -17.63 3.58
N PHE F 225 18.42 -16.45 3.23
CA PHE F 225 18.15 -15.36 4.19
C PHE F 225 17.24 -15.76 5.34
N LYS F 226 16.12 -16.36 5.01
CA LYS F 226 15.15 -16.76 6.05
C LYS F 226 15.68 -17.85 7.00
N ASP F 227 16.39 -18.82 6.45
CA ASP F 227 17.02 -19.90 7.28
C ASP F 227 18.10 -19.34 8.20
N THR F 228 18.92 -18.44 7.67
CA THR F 228 19.96 -17.78 8.46
C THR F 228 19.37 -16.90 9.57
N VAL F 229 18.41 -16.06 9.22
CA VAL F 229 17.76 -15.17 10.21
C VAL F 229 17.17 -15.98 11.38
N ARG F 230 16.47 -17.06 11.07
CA ARG F 230 15.88 -17.96 12.08
C ARG F 230 16.92 -18.61 13.00
N ALA F 231 18.01 -19.09 12.40
CA ALA F 231 19.10 -19.72 13.16
C ALA F 231 19.79 -18.72 14.08
N VAL F 232 20.04 -17.52 13.58
CA VAL F 232 20.64 -16.43 14.38
C VAL F 232 19.71 -16.04 15.55
N ALA F 233 18.42 -15.95 15.29
CA ALA F 233 17.41 -15.64 16.33
C ALA F 233 17.41 -16.68 17.45
N ASP F 234 17.51 -17.93 17.07
CA ASP F 234 17.65 -19.04 18.03
C ASP F 234 18.97 -18.90 18.83
N ALA F 235 20.07 -18.64 18.12
CA ALA F 235 21.40 -18.43 18.75
C ALA F 235 21.43 -17.26 19.75
N MET F 236 20.76 -16.17 19.40
CA MET F 236 20.65 -14.99 20.30
C MET F 236 19.91 -15.39 21.57
N ARG F 237 18.78 -16.07 21.41
CA ARG F 237 17.94 -16.53 22.54
C ARG F 237 18.74 -17.42 23.48
N ARG F 238 19.47 -18.37 22.91
CA ARG F 238 20.33 -19.30 23.67
C ARG F 238 21.47 -18.58 24.40
N ALA F 239 22.13 -17.64 23.71
CA ALA F 239 23.26 -16.88 24.29
C ALA F 239 22.81 -15.97 25.43
N GLN F 240 21.63 -15.37 25.26
CA GLN F 240 21.02 -14.50 26.29
C GLN F 240 20.58 -15.30 27.53
N ASP F 241 20.01 -16.47 27.30
CA ASP F 241 19.63 -17.40 28.41
C ASP F 241 20.86 -17.88 29.21
N LYS F 242 21.94 -18.15 28.52
CA LYS F 242 23.19 -18.63 29.16
C LYS F 242 23.90 -17.54 29.93
N THR F 243 24.11 -16.40 29.29
CA THR F 243 24.87 -15.27 29.89
C THR F 243 24.06 -14.32 30.78
N GLY F 244 22.76 -14.27 30.57
CA GLY F 244 21.88 -13.31 31.27
C GLY F 244 22.09 -11.86 30.84
N GLU F 245 22.71 -11.67 29.67
CA GLU F 245 23.01 -10.35 29.10
C GLU F 245 22.37 -10.25 27.70
N ALA F 246 21.99 -9.03 27.33
CA ALA F 246 21.38 -8.77 26.02
C ALA F 246 22.46 -8.80 24.95
N LYS F 247 22.08 -9.30 23.78
CA LYS F 247 22.97 -9.41 22.62
C LYS F 247 22.36 -8.69 21.42
N LEU F 248 23.22 -8.22 20.54
CA LEU F 248 22.82 -7.40 19.39
C LEU F 248 23.30 -8.03 18.09
N PHE F 249 22.48 -7.88 17.03
CA PHE F 249 22.87 -8.30 15.68
C PHE F 249 22.54 -7.22 14.63
N SER F 250 23.46 -6.98 13.71
CA SER F 250 23.29 -6.04 12.59
C SER F 250 23.18 -6.81 11.28
N PHE F 251 21.95 -6.91 10.77
CA PHE F 251 21.65 -7.65 9.52
C PHE F 251 21.72 -6.79 8.28
N ASN F 252 22.35 -7.33 7.24
CA ASN F 252 22.37 -6.69 5.93
C ASN F 252 21.00 -6.85 5.24
N ILE F 253 20.34 -5.73 5.01
CA ILE F 253 19.05 -5.70 4.28
C ILE F 253 19.17 -5.00 2.93
N THR F 254 20.40 -4.75 2.48
CA THR F 254 20.68 -4.05 1.22
C THR F 254 20.07 -4.79 0.03
N ALA F 255 19.50 -4.01 -0.88
CA ALA F 255 18.97 -4.50 -2.14
C ALA F 255 18.78 -3.36 -3.10
N ASP F 256 18.75 -3.66 -4.39
CA ASP F 256 18.40 -2.67 -5.41
C ASP F 256 16.94 -2.29 -5.25
N ASP F 257 16.12 -3.30 -4.99
CA ASP F 257 14.67 -3.13 -4.91
C ASP F 257 14.25 -2.73 -3.50
N HIS F 258 13.67 -1.54 -3.43
CA HIS F 258 13.07 -0.96 -2.19
C HIS F 258 12.20 -1.98 -1.44
N TYR F 259 11.36 -2.68 -2.18
CA TYR F 259 10.43 -3.68 -1.62
C TYR F 259 11.14 -4.92 -1.05
N GLU F 260 12.29 -5.28 -1.63
CA GLU F 260 13.13 -6.36 -1.10
C GLU F 260 13.69 -5.96 0.27
N MET F 261 14.17 -4.72 0.36
CA MET F 261 14.70 -4.19 1.64
C MET F 261 13.60 -4.23 2.72
N LEU F 262 12.39 -3.83 2.34
CA LEU F 262 11.24 -3.89 3.26
C LEU F 262 10.90 -5.33 3.68
N ALA F 263 10.88 -6.24 2.72
CA ALA F 263 10.60 -7.68 2.99
C ALA F 263 11.60 -8.27 3.99
N ARG F 264 12.88 -7.97 3.80
CA ARG F 264 13.95 -8.46 4.68
C ARG F 264 13.83 -7.92 6.09
N GLY F 265 13.69 -6.60 6.18
CA GLY F 265 13.53 -5.91 7.47
C GLY F 265 12.33 -6.42 8.25
N GLU F 266 11.18 -6.48 7.59
CA GLU F 266 9.91 -6.95 8.22
C GLU F 266 10.02 -8.40 8.69
N PHE F 267 10.61 -9.25 7.87
CA PHE F 267 10.83 -10.63 8.25
C PHE F 267 11.70 -10.76 9.51
N ILE F 268 12.80 -10.01 9.55
CA ILE F 268 13.73 -10.03 10.70
C ILE F 268 13.04 -9.62 12.00
N LEU F 269 12.34 -8.50 11.98
CA LEU F 269 11.67 -7.97 13.19
C LEU F 269 10.60 -8.89 13.74
N GLU F 270 9.81 -9.47 12.85
CA GLU F 270 8.78 -10.42 13.23
C GLU F 270 9.40 -11.70 13.79
N THR F 271 10.48 -12.17 13.17
CA THR F 271 11.18 -13.39 13.61
C THR F 271 11.83 -13.21 15.00
N PHE F 272 12.53 -12.10 15.19
CA PHE F 272 13.18 -11.82 16.50
C PHE F 272 12.18 -11.51 17.63
N ALA F 273 11.01 -11.00 17.27
CA ALA F 273 9.87 -10.83 18.20
C ALA F 273 10.22 -9.94 19.40
N ASP F 274 10.25 -10.50 20.61
CA ASP F 274 10.65 -9.74 21.84
C ASP F 274 12.11 -9.26 21.81
N ASN F 275 12.92 -9.85 20.93
CA ASN F 275 14.29 -9.40 20.67
C ASN F 275 14.40 -8.48 19.46
N ALA F 276 13.29 -7.96 18.94
CA ALA F 276 13.32 -7.06 17.75
C ALA F 276 14.07 -5.74 17.98
N ASP F 277 14.05 -5.23 19.21
CA ASP F 277 14.84 -4.00 19.56
C ASP F 277 16.35 -4.27 19.74
N HIS F 278 16.78 -5.52 19.58
CA HIS F 278 18.20 -5.92 19.59
C HIS F 278 18.81 -5.92 18.20
N ILE F 279 18.01 -5.53 17.21
CA ILE F 279 18.39 -5.62 15.80
C ILE F 279 18.73 -4.28 15.20
N ALA F 280 19.89 -4.23 14.57
CA ALA F 280 20.29 -3.11 13.72
C ALA F 280 20.12 -3.58 12.29
N PHE F 281 19.97 -2.61 11.39
CA PHE F 281 19.91 -2.88 9.95
C PHE F 281 21.10 -2.27 9.25
N LEU F 282 21.87 -3.13 8.60
CA LEU F 282 23.05 -2.74 7.85
C LEU F 282 22.67 -2.48 6.40
N VAL F 283 23.18 -1.36 5.88
CA VAL F 283 22.97 -0.97 4.49
C VAL F 283 24.33 -0.63 3.87
N ASP F 284 24.61 -1.22 2.72
CA ASP F 284 25.82 -0.91 1.94
C ASP F 284 25.55 0.41 1.23
N GLY F 285 25.66 1.47 2.02
CA GLY F 285 25.24 2.81 1.61
C GLY F 285 26.01 3.47 0.49
N TYR F 286 27.29 3.15 0.37
CA TYR F 286 28.10 3.74 -0.72
C TYR F 286 27.73 3.11 -2.07
N VAL F 287 27.74 1.79 -2.15
CA VAL F 287 27.45 1.09 -3.44
C VAL F 287 25.97 1.06 -3.82
N ALA F 288 25.07 0.86 -2.85
CA ALA F 288 23.61 0.86 -3.12
C ALA F 288 23.05 2.29 -3.27
N GLY F 289 23.69 3.22 -2.58
CA GLY F 289 23.42 4.64 -2.72
C GLY F 289 22.52 5.23 -1.66
N PRO F 290 22.36 6.58 -1.66
CA PRO F 290 21.48 7.29 -0.74
C PRO F 290 20.05 6.81 -0.69
N ALA F 291 19.54 6.38 -1.84
CA ALA F 291 18.17 5.84 -1.94
C ALA F 291 17.94 4.63 -1.04
N ALA F 292 18.92 3.73 -1.01
CA ALA F 292 18.86 2.54 -0.12
C ALA F 292 18.94 2.93 1.35
N VAL F 293 19.80 3.89 1.67
CA VAL F 293 19.98 4.35 3.05
C VAL F 293 18.67 4.94 3.59
N THR F 294 18.06 5.80 2.77
CA THR F 294 16.82 6.45 3.11
C THR F 294 15.64 5.47 3.23
N THR F 295 15.60 4.46 2.38
CA THR F 295 14.60 3.38 2.52
C THR F 295 14.61 2.80 3.94
N ALA F 296 15.79 2.41 4.39
CA ALA F 296 15.98 1.88 5.75
C ALA F 296 15.69 2.92 6.82
N ARG F 297 16.19 4.13 6.61
CA ARG F 297 15.99 5.24 7.57
C ARG F 297 14.53 5.60 7.77
N ARG F 298 13.80 5.73 6.67
CA ARG F 298 12.39 6.14 6.71
C ARG F 298 11.41 5.01 7.01
N ALA F 299 11.67 3.81 6.49
CA ALA F 299 10.80 2.64 6.79
C ALA F 299 11.00 2.10 8.19
N PHE F 300 12.24 2.16 8.69
CA PHE F 300 12.59 1.57 10.02
C PHE F 300 13.36 2.54 10.93
N PRO F 301 12.76 3.70 11.27
CA PRO F 301 13.44 4.70 12.11
C PRO F 301 13.81 4.25 13.54
N LYS F 302 13.08 3.27 14.07
CA LYS F 302 13.32 2.70 15.40
CA LYS F 302 13.33 2.73 15.41
C LYS F 302 14.36 1.58 15.45
N GLN F 303 14.96 1.26 14.32
CA GLN F 303 16.02 0.24 14.24
C GLN F 303 17.32 0.95 13.86
N TYR F 304 18.36 0.71 14.64
CA TYR F 304 19.68 1.29 14.41
C TYR F 304 20.14 1.03 12.97
N LEU F 305 20.41 2.12 12.25
CA LEU F 305 20.82 2.09 10.83
C LEU F 305 22.36 2.12 10.73
N HIS F 306 22.89 0.99 10.32
CA HIS F 306 24.32 0.72 10.25
C HIS F 306 24.79 0.93 8.82
N TYR F 307 25.38 2.08 8.57
CA TYR F 307 25.87 2.44 7.24
C TYR F 307 27.21 1.74 7.06
N HIS F 308 27.25 0.76 6.15
CA HIS F 308 28.51 0.10 5.76
C HIS F 308 28.97 0.79 4.47
N ARG F 309 30.20 1.28 4.47
CA ARG F 309 30.74 2.10 3.36
C ARG F 309 31.56 1.39 2.24
N ALA F 310 31.49 0.07 2.19
CA ALA F 310 32.18 -0.77 1.19
C ALA F 310 32.16 -0.14 -0.19
N GLY F 311 33.34 0.02 -0.79
CA GLY F 311 33.48 0.67 -2.11
C GLY F 311 33.90 2.13 -2.07
N HIS F 312 33.73 2.78 -0.91
CA HIS F 312 34.06 4.22 -0.73
C HIS F 312 35.50 4.58 -1.11
N GLY F 313 36.43 3.65 -0.90
CA GLY F 313 37.85 3.84 -1.19
C GLY F 313 38.20 4.23 -2.64
N ALA F 314 37.29 3.93 -3.56
CA ALA F 314 37.43 4.32 -4.97
C ALA F 314 37.56 5.84 -5.13
N VAL F 315 36.92 6.61 -4.24
CA VAL F 315 37.04 8.08 -4.23
C VAL F 315 37.72 8.67 -2.98
N THR F 316 37.44 8.10 -1.81
CA THR F 316 37.91 8.66 -0.52
C THR F 316 39.40 8.47 -0.25
N SER F 317 40.02 7.47 -0.86
CA SER F 317 41.46 7.21 -0.67
C SER F 317 42.29 8.48 -0.95
N PRO F 318 43.36 8.75 -0.16
CA PRO F 318 44.25 9.88 -0.48
C PRO F 318 44.95 9.73 -1.82
N GLN F 319 45.08 8.49 -2.29
CA GLN F 319 45.56 8.18 -3.65
C GLN F 319 44.65 8.82 -4.73
N SER F 320 43.36 8.90 -4.46
CA SER F 320 42.40 9.57 -5.35
C SER F 320 42.46 11.09 -5.17
N LYS F 321 42.47 11.79 -6.30
CA LYS F 321 42.43 13.26 -6.33
C LYS F 321 41.05 13.78 -6.75
N ARG F 322 40.07 12.87 -6.77
CA ARG F 322 38.72 13.17 -7.27
C ARG F 322 37.66 12.82 -6.23
N GLY F 323 36.46 13.30 -6.51
CA GLY F 323 35.28 12.96 -5.71
C GLY F 323 35.24 13.68 -4.37
N TYR F 324 35.28 12.92 -3.30
CA TYR F 324 35.26 13.50 -1.97
C TYR F 324 35.97 12.61 -0.97
N THR F 325 36.34 13.21 0.15
CA THR F 325 37.08 12.51 1.21
C THR F 325 36.14 11.71 2.09
N ALA F 326 36.72 10.86 2.92
CA ALA F 326 35.99 10.06 3.92
C ALA F 326 35.28 10.95 4.94
N PHE F 327 35.90 12.08 5.23
CA PHE F 327 35.33 13.09 6.13
C PHE F 327 33.97 13.60 5.60
N VAL F 328 33.98 13.99 4.32
CA VAL F 328 32.79 14.46 3.61
C VAL F 328 31.69 13.38 3.60
N LEU F 329 32.09 12.16 3.25
CA LEU F 329 31.17 11.01 3.22
C LEU F 329 30.47 10.82 4.55
N SER F 330 31.27 10.80 5.61
CA SER F 330 30.80 10.62 6.99
C SER F 330 29.83 11.72 7.41
N LYS F 331 30.17 12.95 7.06
CA LYS F 331 29.33 14.10 7.38
C LYS F 331 27.97 14.03 6.66
N MET F 332 28.01 13.62 5.40
CA MET F 332 26.77 13.40 4.61
C MET F 332 25.92 12.30 5.23
N ALA F 333 26.56 11.22 5.68
CA ALA F 333 25.87 10.07 6.28
C ALA F 333 25.06 10.42 7.51
N ARG F 334 25.56 11.37 8.28
CA ARG F 334 24.85 11.86 9.47
C ARG F 334 23.57 12.57 9.04
N LEU F 335 23.70 13.46 8.06
CA LEU F 335 22.53 14.15 7.45
C LEU F 335 21.51 13.18 6.87
N GLN F 336 21.99 12.12 6.22
CA GLN F 336 21.11 11.06 5.66
C GLN F 336 20.37 10.26 6.72
N GLY F 337 20.95 10.16 7.91
CA GLY F 337 20.34 9.47 9.02
C GLY F 337 20.96 8.17 9.48
N ALA F 338 22.21 7.95 9.12
CA ALA F 338 22.92 6.78 9.60
C ALA F 338 23.04 6.85 11.13
N SER F 339 22.70 5.76 11.80
CA SER F 339 22.85 5.66 13.27
C SER F 339 24.32 5.46 13.62
N GLY F 340 25.01 4.78 12.72
CA GLY F 340 26.44 4.61 12.82
C GLY F 340 27.03 4.45 11.44
N ILE F 341 28.30 4.80 11.33
CA ILE F 341 29.04 4.62 10.08
C ILE F 341 30.47 4.18 10.39
N HIS F 342 31.01 3.35 9.52
CA HIS F 342 32.41 2.98 9.58
C HIS F 342 33.25 4.22 9.32
N THR F 343 34.14 4.53 10.26
CA THR F 343 35.08 5.66 10.16
C THR F 343 36.52 5.21 9.94
N GLY F 344 36.72 3.89 9.91
CA GLY F 344 38.03 3.31 9.74
C GLY F 344 38.77 3.24 11.06
N THR F 345 39.90 2.56 11.03
CA THR F 345 40.73 2.34 12.23
C THR F 345 41.75 3.45 12.52
N MET F 346 41.75 4.49 11.69
CA MET F 346 42.59 5.69 11.89
C MET F 346 44.09 5.36 11.94
N GLY F 347 44.52 4.50 11.03
CA GLY F 347 45.91 4.04 10.94
C GLY F 347 46.35 2.97 11.94
N PHE F 348 45.41 2.41 12.71
CA PHE F 348 45.69 1.32 13.70
C PHE F 348 45.30 -0.10 13.25
N GLY F 349 44.60 -0.22 12.12
CA GLY F 349 44.18 -1.52 11.57
C GLY F 349 44.79 -1.82 10.21
N LYS F 350 44.16 -2.74 9.47
CA LYS F 350 44.65 -3.21 8.15
C LYS F 350 44.32 -2.30 6.94
N MET F 351 43.25 -1.53 7.04
CA MET F 351 42.78 -0.68 5.91
C MET F 351 43.47 0.67 5.90
N GLU F 352 43.34 1.38 4.78
CA GLU F 352 43.90 2.75 4.64
C GLU F 352 43.23 3.68 5.64
N GLY F 353 44.05 4.45 6.35
CA GLY F 353 43.56 5.38 7.38
C GLY F 353 44.72 6.13 8.05
N GLU F 354 44.38 7.25 8.67
CA GLU F 354 45.35 8.15 9.34
C GLU F 354 44.87 8.54 10.75
N ALA F 355 45.82 8.83 11.65
CA ALA F 355 45.50 9.28 13.03
C ALA F 355 44.64 10.55 13.08
N ALA F 356 44.86 11.45 12.12
CA ALA F 356 44.06 12.69 11.96
C ALA F 356 42.56 12.46 11.66
N ASP F 357 42.20 11.25 11.24
CA ASP F 357 40.79 10.84 11.02
C ASP F 357 39.93 10.85 12.30
N ARG F 358 40.55 11.03 13.47
CA ARG F 358 39.81 11.26 14.73
C ARG F 358 38.81 12.42 14.59
N ALA F 359 39.18 13.43 13.80
CA ALA F 359 38.30 14.57 13.49
C ALA F 359 36.99 14.15 12.79
N ILE F 360 37.02 13.04 12.05
CA ILE F 360 35.82 12.48 11.41
C ILE F 360 34.84 12.05 12.51
N ALA F 361 35.36 11.33 13.49
CA ALA F 361 34.54 10.86 14.63
C ALA F 361 33.84 12.02 15.35
N TYR F 362 34.62 13.05 15.67
CA TYR F 362 34.08 14.23 16.39
C TYR F 362 33.06 15.03 15.56
N MET F 363 33.26 15.09 14.25
CA MET F 363 32.27 15.74 13.34
C MET F 363 30.91 15.01 13.34
N ILE F 364 30.94 13.68 13.45
CA ILE F 364 29.71 12.87 13.46
C ILE F 364 29.05 12.67 14.84
N THR F 365 29.81 12.86 15.92
CA THR F 365 29.31 12.67 17.32
C THR F 365 28.95 13.95 18.10
N GLU F 366 29.56 15.08 17.75
CA GLU F 366 29.38 16.30 18.54
C GLU F 366 28.35 17.22 17.93
N ASP F 367 27.78 18.07 18.78
CA ASP F 367 26.82 19.10 18.35
C ASP F 367 27.52 20.26 17.65
N ALA F 368 28.81 20.43 17.93
CA ALA F 368 29.64 21.44 17.26
C ALA F 368 31.02 20.85 17.02
N ALA F 369 31.56 21.07 15.84
CA ALA F 369 32.86 20.51 15.47
C ALA F 369 33.49 21.23 14.29
N ASP F 370 34.81 21.10 14.17
CA ASP F 370 35.61 21.72 13.12
C ASP F 370 35.99 20.69 12.08
N GLY F 371 35.73 21.02 10.83
CA GLY F 371 36.23 20.24 9.69
C GLY F 371 37.56 20.84 9.30
N PRO F 372 38.20 20.33 8.23
CA PRO F 372 39.46 20.94 7.78
C PRO F 372 39.33 22.40 7.34
N TYR F 373 38.14 22.79 6.87
CA TYR F 373 37.86 24.17 6.40
C TYR F 373 36.69 24.91 7.08
N PHE F 374 35.67 24.18 7.53
CA PHE F 374 34.46 24.80 8.08
C PHE F 374 34.09 24.27 9.45
N HIS F 375 33.66 25.20 10.32
CA HIS F 375 33.08 24.86 11.61
C HIS F 375 31.62 24.53 11.34
N GLN F 376 31.11 23.48 11.97
CA GLN F 376 29.70 23.07 11.79
C GLN F 376 28.96 22.98 13.11
N GLU F 377 27.81 23.65 13.16
CA GLU F 377 26.83 23.54 14.26
C GLU F 377 25.77 22.57 13.76
N TRP F 378 25.46 21.55 14.56
CA TRP F 378 24.48 20.51 14.21
C TRP F 378 23.05 20.77 14.71
N LEU F 379 22.90 21.80 15.53
CA LEU F 379 21.58 22.26 16.03
C LEU F 379 20.75 21.14 16.70
N GLY F 380 21.44 20.31 17.47
CA GLY F 380 20.82 19.20 18.18
C GLY F 380 20.49 17.97 17.35
N MET F 381 20.92 17.94 16.09
CA MET F 381 20.75 16.76 15.23
C MET F 381 21.48 15.62 15.92
N ASN F 382 20.85 14.46 15.96
CA ASN F 382 21.43 13.29 16.63
C ASN F 382 22.82 12.92 16.10
N PRO F 383 23.67 12.32 16.96
CA PRO F 383 24.95 11.86 16.52
C PRO F 383 24.87 10.54 15.76
N THR F 384 25.89 10.31 14.94
CA THR F 384 26.13 9.05 14.26
C THR F 384 27.34 8.42 14.97
N THR F 385 27.21 7.16 15.34
CA THR F 385 28.29 6.44 16.05
C THR F 385 29.50 6.11 15.14
N PRO F 386 30.73 6.33 15.63
CA PRO F 386 31.87 5.80 14.88
C PRO F 386 31.92 4.27 15.06
N ILE F 387 31.89 3.54 13.96
CA ILE F 387 32.00 2.07 13.99
C ILE F 387 33.43 1.77 13.54
N ILE F 388 34.17 1.06 14.38
CA ILE F 388 35.60 0.78 14.17
C ILE F 388 35.76 -0.67 13.73
N SER F 389 36.28 -0.85 12.52
CA SER F 389 36.39 -2.18 11.92
C SER F 389 37.54 -2.29 10.95
N GLY F 390 38.13 -3.48 10.90
CA GLY F 390 39.20 -3.80 9.93
C GLY F 390 40.58 -4.05 10.51
N GLY F 391 40.88 -5.32 10.80
CA GLY F 391 42.21 -5.70 11.32
C GLY F 391 42.57 -5.20 12.70
N MET F 392 41.58 -5.13 13.57
CA MET F 392 41.77 -4.75 14.98
C MET F 392 41.81 -5.99 15.87
N ASN F 393 42.50 -5.84 17.00
CA ASN F 393 42.53 -6.87 18.06
C ASN F 393 42.77 -6.18 19.40
N ALA F 394 42.74 -6.95 20.49
CA ALA F 394 42.96 -6.42 21.86
C ALA F 394 44.25 -5.62 22.05
N LEU F 395 45.30 -6.03 21.35
CA LEU F 395 46.64 -5.41 21.48
C LEU F 395 46.71 -4.02 20.85
N ARG F 396 46.06 -3.88 19.70
CA ARG F 396 46.00 -2.62 18.95
C ARG F 396 45.03 -1.56 19.53
N MET F 397 44.16 -1.97 20.45
CA MET F 397 43.07 -1.11 20.98
C MET F 397 43.46 0.08 21.89
N PRO F 398 44.31 -0.13 22.93
CA PRO F 398 44.71 0.98 23.79
C PRO F 398 45.33 2.17 23.05
N GLY F 399 46.15 1.86 22.04
CA GLY F 399 46.71 2.87 21.14
C GLY F 399 45.63 3.62 20.35
N PHE F 400 44.66 2.87 19.83
CA PHE F 400 43.51 3.46 19.09
C PHE F 400 42.71 4.42 19.97
N PHE F 401 42.35 3.96 21.17
CA PHE F 401 41.57 4.78 22.12
C PHE F 401 42.32 6.05 22.57
N ASP F 402 43.63 5.93 22.77
CA ASP F 402 44.50 7.08 23.12
C ASP F 402 44.42 8.18 22.08
N ASN F 403 44.53 7.79 20.82
CA ASN F 403 44.41 8.72 19.69
C ASN F 403 43.03 9.37 19.58
N LEU F 404 41.97 8.57 19.74
CA LEU F 404 40.57 9.06 19.63
C LEU F 404 40.14 9.94 20.80
N GLY F 405 40.34 9.41 22.00
CA GLY F 405 40.00 10.13 23.27
C GLY F 405 38.78 9.62 24.02
N HIS F 406 38.08 8.65 23.45
CA HIS F 406 36.91 8.02 24.09
C HIS F 406 36.66 6.61 23.55
N SER F 407 35.80 5.87 24.26
CA SER F 407 35.40 4.49 23.88
C SER F 407 33.87 4.25 23.77
N ASN F 408 33.12 5.34 23.64
CA ASN F 408 31.69 5.34 23.33
C ASN F 408 31.50 5.05 21.85
N LEU F 409 31.64 3.79 21.51
CA LEU F 409 31.64 3.37 20.10
C LEU F 409 31.47 1.87 19.98
N ILE F 410 31.27 1.44 18.75
CA ILE F 410 31.17 0.04 18.39
C ILE F 410 32.46 -0.31 17.68
N MET F 411 33.06 -1.42 18.09
CA MET F 411 34.23 -1.96 17.42
C MET F 411 33.95 -3.41 17.07
N THR F 412 34.16 -3.73 15.80
CA THR F 412 34.01 -5.08 15.28
C THR F 412 35.37 -5.62 14.89
N ALA F 413 35.75 -6.74 15.48
CA ALA F 413 37.02 -7.41 15.22
C ALA F 413 36.74 -8.88 14.84
N GLY F 414 36.72 -9.17 13.54
CA GLY F 414 36.49 -10.54 13.02
C GLY F 414 37.69 -11.42 13.37
N GLY F 415 38.82 -11.05 12.81
CA GLY F 415 40.11 -11.72 13.07
C GLY F 415 40.64 -11.61 14.50
N GLY F 416 40.42 -10.45 15.10
CA GLY F 416 40.77 -10.21 16.52
C GLY F 416 40.01 -11.03 17.56
N ALA F 417 38.86 -11.57 17.17
CA ALA F 417 38.02 -12.42 18.05
C ALA F 417 38.20 -13.91 17.76
N PHE F 418 37.83 -14.30 16.54
CA PHE F 418 37.90 -15.72 16.11
C PHE F 418 39.32 -16.25 15.85
N GLY F 419 40.28 -15.33 15.69
CA GLY F 419 41.72 -15.68 15.58
C GLY F 419 42.45 -15.81 16.91
N HIS F 420 41.74 -15.55 18.01
CA HIS F 420 42.29 -15.72 19.38
C HIS F 420 42.56 -17.23 19.59
N VAL F 421 43.69 -17.55 20.23
CA VAL F 421 44.14 -18.95 20.46
C VAL F 421 43.07 -19.86 21.10
N ASP F 422 42.42 -19.35 22.13
CA ASP F 422 41.36 -20.07 22.88
C ASP F 422 40.01 -20.22 22.07
N GLY F 423 39.65 -19.15 21.39
CA GLY F 423 38.44 -19.13 20.53
C GLY F 423 37.70 -17.81 20.56
N GLY F 424 36.53 -17.79 19.92
CA GLY F 424 35.67 -16.58 19.77
C GLY F 424 35.27 -15.88 21.06
N ALA F 425 34.76 -16.67 22.00
CA ALA F 425 34.31 -16.15 23.31
C ALA F 425 35.47 -15.48 24.08
N ALA F 426 36.60 -16.17 24.13
CA ALA F 426 37.84 -15.63 24.78
C ALA F 426 38.36 -14.41 24.03
N GLY F 427 38.25 -14.47 22.71
CA GLY F 427 38.59 -13.34 21.83
C GLY F 427 37.77 -12.12 22.20
N ALA F 428 36.47 -12.31 22.35
CA ALA F 428 35.55 -11.23 22.75
C ALA F 428 35.95 -10.61 24.10
N LYS F 429 36.26 -11.47 25.07
CA LYS F 429 36.73 -11.04 26.42
C LYS F 429 38.05 -10.24 26.41
N SER F 430 38.98 -10.64 25.56
CA SER F 430 40.25 -9.88 25.40
C SER F 430 40.00 -8.44 24.89
N LEU F 431 39.01 -8.30 24.00
CA LEU F 431 38.58 -6.98 23.48
C LEU F 431 37.97 -6.16 24.61
N ARG F 432 37.05 -6.79 25.34
CA ARG F 432 36.43 -6.18 26.56
C ARG F 432 37.50 -5.65 27.52
N GLN F 433 38.42 -6.54 27.88
CA GLN F 433 39.51 -6.24 28.84
C GLN F 433 40.50 -5.15 28.35
N ALA F 434 40.79 -5.17 27.06
CA ALA F 434 41.65 -4.16 26.42
C ALA F 434 41.11 -2.74 26.62
N GLU F 435 39.81 -2.59 26.50
CA GLU F 435 39.15 -1.31 26.76
C GLU F 435 39.12 -0.99 28.26
N GLN F 436 38.90 -1.99 29.10
CA GLN F 436 38.97 -1.81 30.57
C GLN F 436 40.35 -1.31 30.99
N CYS F 437 41.38 -1.92 30.41
CA CYS F 437 42.78 -1.50 30.61
C CYS F 437 43.02 -0.03 30.25
N TRP F 438 42.53 0.37 29.08
CA TRP F 438 42.64 1.77 28.63
C TRP F 438 41.92 2.74 29.55
N LYS F 439 40.70 2.37 29.92
CA LYS F 439 39.81 3.19 30.77
C LYS F 439 40.42 3.50 32.15
N GLN F 440 41.06 2.49 32.73
CA GLN F 440 41.75 2.61 34.04
C GLN F 440 43.14 3.27 33.97
N GLY F 441 43.68 3.45 32.78
CA GLY F 441 45.02 4.03 32.58
C GLY F 441 46.18 3.14 33.03
N ALA F 442 45.99 1.83 32.89
CA ALA F 442 47.00 0.82 33.27
C ALA F 442 47.94 0.47 32.12
N ASP F 443 49.07 -0.14 32.48
CA ASP F 443 50.06 -0.60 31.49
C ASP F 443 49.56 -1.93 30.93
N PRO F 444 49.31 -2.05 29.59
CA PRO F 444 48.80 -3.32 29.01
C PRO F 444 49.54 -4.61 29.38
N VAL F 445 50.86 -4.55 29.43
CA VAL F 445 51.71 -5.72 29.76
C VAL F 445 51.46 -6.15 31.23
N GLU F 446 51.44 -5.18 32.14
CA GLU F 446 51.16 -5.45 33.57
C GLU F 446 49.69 -5.79 33.84
N PHE F 447 48.79 -5.12 33.13
CA PHE F 447 47.34 -5.42 33.17
C PHE F 447 47.07 -6.88 32.79
N ALA F 448 47.75 -7.34 31.73
CA ALA F 448 47.63 -8.71 31.21
C ALA F 448 47.94 -9.83 32.21
N LYS F 449 48.82 -9.55 33.18
CA LYS F 449 49.16 -10.53 34.25
C LYS F 449 47.93 -11.06 35.00
N ASP F 450 47.01 -10.14 35.30
CA ASP F 450 45.79 -10.43 36.07
C ASP F 450 44.52 -10.67 35.22
N HIS F 451 44.69 -10.70 33.89
CA HIS F 451 43.59 -10.87 32.93
C HIS F 451 43.97 -11.86 31.83
N ARG F 452 43.59 -13.12 32.03
CA ARG F 452 43.95 -14.26 31.16
C ARG F 452 43.73 -14.03 29.68
N GLU F 453 42.48 -13.76 29.33
CA GLU F 453 42.04 -13.63 27.91
C GLU F 453 42.85 -12.55 27.16
N PHE F 454 43.09 -11.43 27.82
CA PHE F 454 43.93 -10.34 27.28
C PHE F 454 45.40 -10.75 27.13
N ALA F 455 45.92 -11.45 28.13
CA ALA F 455 47.30 -12.01 28.09
C ALA F 455 47.48 -13.02 26.96
N ARG F 456 46.44 -13.81 26.74
CA ARG F 456 46.42 -14.81 25.64
C ARG F 456 46.33 -14.21 24.22
N ALA F 457 45.93 -12.94 24.13
CA ALA F 457 45.94 -12.20 22.84
C ALA F 457 47.36 -11.93 22.35
N PHE F 458 48.29 -11.72 23.29
CA PHE F 458 49.75 -11.55 22.99
C PHE F 458 50.30 -12.79 22.27
N GLU F 459 49.89 -13.94 22.76
CA GLU F 459 50.26 -15.24 22.18
C GLU F 459 49.52 -15.53 20.85
N SER F 460 48.29 -15.04 20.76
CA SER F 460 47.45 -15.19 19.54
C SER F 460 47.96 -14.41 18.34
N PHE F 461 48.45 -13.20 18.61
CA PHE F 461 48.96 -12.27 17.58
C PHE F 461 50.40 -11.81 17.88
N PRO F 462 51.40 -12.72 17.67
CA PRO F 462 52.80 -12.45 18.07
C PRO F 462 53.49 -11.29 17.37
N GLN F 463 53.21 -11.14 16.06
CA GLN F 463 53.79 -10.06 15.23
C GLN F 463 53.47 -8.70 15.85
N ASP F 464 52.19 -8.51 16.18
CA ASP F 464 51.68 -7.28 16.79
C ASP F 464 52.22 -7.06 18.22
N ALA F 465 52.27 -8.14 18.99
CA ALA F 465 52.79 -8.09 20.37
C ALA F 465 54.27 -7.67 20.44
N ASP F 466 55.05 -8.12 19.45
CA ASP F 466 56.49 -7.74 19.35
C ASP F 466 56.74 -6.28 18.97
N LYS F 467 55.88 -5.72 18.11
CA LYS F 467 55.99 -4.30 17.70
C LYS F 467 55.51 -3.33 18.75
N LEU F 468 54.37 -3.66 19.34
CA LEU F 468 53.62 -2.81 20.28
C LEU F 468 54.11 -2.88 21.72
N TYR F 469 54.45 -4.09 22.15
CA TYR F 469 54.87 -4.35 23.55
C TYR F 469 56.20 -5.07 23.52
N PRO F 470 57.27 -4.33 23.14
CA PRO F 470 58.55 -4.89 22.71
C PRO F 470 59.16 -6.05 23.51
N ASN F 471 59.17 -5.96 24.84
CA ASN F 471 59.68 -7.05 25.74
C ASN F 471 58.58 -7.69 26.63
N TRP F 472 57.46 -8.03 26.00
CA TRP F 472 56.32 -8.66 26.70
C TRP F 472 56.58 -10.08 27.24
N ARG F 473 57.32 -10.89 26.48
CA ARG F 473 57.61 -12.31 26.83
C ARG F 473 58.35 -12.50 28.16
N ALA F 474 59.32 -11.63 28.39
CA ALA F 474 60.11 -11.62 29.63
C ALA F 474 59.28 -11.33 30.88
N LYS F 475 58.44 -10.31 30.79
CA LYS F 475 57.61 -9.85 31.93
C LYS F 475 56.32 -10.66 32.14
N LEU F 476 55.83 -11.35 31.12
CA LEU F 476 54.55 -12.09 31.16
C LEU F 476 54.63 -13.61 31.21
N LYS F 477 55.34 -14.20 30.25
CA LYS F 477 55.40 -15.65 30.03
C LYS F 477 56.84 -16.13 30.10
#